data_8UB4
#
_entry.id   8UB4
#
_cell.length_a   1.00
_cell.length_b   1.00
_cell.length_c   1.00
_cell.angle_alpha   90.00
_cell.angle_beta   90.00
_cell.angle_gamma   90.00
#
_symmetry.space_group_name_H-M   'P 1'
#
loop_
_entity.id
_entity.type
_entity.pdbx_description
1 polymer 'Cell division control protein 48'
2 polymer Substrate
3 polymer 'UBX domain-containing protein 1'
4 non-polymer [[[(2R,3S,4R,5R)-5-(6-aminopurin-9-yl)-3,4-bis(oxidanyl)oxolan-2-yl]methoxy-oxidanyl-phosphoryl]oxy-oxidanyl-phosphoryl]oxy-tris(fluoranyl)beryllium
5 non-polymer 'MAGNESIUM ION'
6 non-polymer "ADENOSINE-5'-DIPHOSPHATE"
#
loop_
_entity_poly.entity_id
_entity_poly.type
_entity_poly.pdbx_seq_one_letter_code
_entity_poly.pdbx_strand_id
1 'polypeptide(L)'
;MGEEHKPLLDASGVDPREEDKTATAILRRKKKDNMLLVDDAINDDNSVIAINSNTMDKLELFRGDTVLVKGKKRKDTVLI
VLIDDELEDGACRINRVVRNNLRIRLGDLVTIHPCPDIKYATRISVLPIADTIEGITGNLFDVFLKPYFVEAYRPVRKGD
HFVVRGGMRQVEFKVVDVEPEEYAVVAQDTIIHWEGEPINREDEENNMNEVGYDDIGGCRKQMAQIREMVELPLRHPQLF
KAIGIKPPRGVLMYGPPGTGKTLMARAVANETGAFFFLINGPEVMSKMAGESESNLRKAFEEAEKNAPAIIFIDEIDSIA
PKRDKTNGEVERRVVSQLLTLMDGMKARSNVVVIAATNRPNSIDPALRRFGRFDREVDIGIPDATGRLEVLRIHTKNMKL
ADDVDLEALAAETHGYVGADIASLCSEAAMQQIREKMDLIDLDEDEIDAEVLDSLGVTMDNFRFALGNSNPSALRETVVE
SVNVTWDDVGGLDEIKEELKETVEYPVLHPDQYTKFGLSPSKGVLFYGPPGTGKTLLAKAVATEVSANFISVKGPELLSM
WYGESESNIRDIFDKARAAAPTVVFLDELDSIAKARGGSLGDAGGASDRVVNQLLTEMDGMNAKKNVFVIGATNRPDQID
PAILRPGRLDQLIYVPLPDENARLSILNAQLRKTPLEPGLELTAIAKATQGFSGADLLYIVQRAAKYAIKDSIEAHRQHE
AEKEVKVEGEDVEMTDEGAKAEQEPEVDPVPYITKEHFAEAMKTAKRSVSDAELRRYEAYSQQMKASRGQFSNFNFNDAP
LGTTATDNANSNNSAPSGAGAAFGSNAEEDDDLYS
;
A,B,C,D,E,F
2 'polypeptide(L)' AAAAAAAAAAAAAVAVAVAVAA G
3 'polypeptide(L)'
;MAEIPDETIQQFMALTNVSHNIAVQYLSEFGDLNEALNSYYASQTDDQKDRREEAHWNRQQEKALKQEAFSTNSSNKAIN
TEHVGGLCPKPGSSQGSNEYLKRKGSTSPEPTKGSSRSGSGNNSRFMSFSDMVRGQADDDDEDQPRNTFAGGETSGLEVT
DPSDPNSLLKDLLEKARRGGQMGAENGFRDDEDHEMGANRFTGRGFRLGSTIDAADEVVEDNTSQSQRRPEKVTREITFW
KEGFQVADGPLYRYDDPANSFYLSELNQGRAPLKLLDVQFGQEVEVNVYKKLDESYKAPTRKLGGFSGQGQRLGSPIPGE
SSPAEVPKNETPAAQEQPMPDNEPKQGDTSIQIRYANGKREVLHCNSTDTVKFLYEHVTSNANTDPSRNFTLNYAFPIKP
ISNDETTLKDADLLNSVVVQRWA
;
H,I,J
#
loop_
_chem_comp.id
_chem_comp.type
_chem_comp.name
_chem_comp.formula
08T non-polymer [[[(2R,3S,4R,5R)-5-(6-aminopurin-9-yl)-3,4-bis(oxidanyl)oxolan-2-yl]methoxy-oxidanyl-phosphoryl]oxy-oxidanyl-phosphoryl]oxy-tris(fluoranyl)beryllium 'C10 H14 Be F3 N5 O10 P2'
ADP non-polymer ADENOSINE-5'-DIPHOSPHATE 'C10 H15 N5 O10 P2'
MG non-polymer 'MAGNESIUM ION' 'Mg 2'
#
# COMPACT_ATOMS: atom_id res chain seq x y z
N VAL A 211 40.16 -42.86 -3.88
CA VAL A 211 38.71 -42.85 -4.00
C VAL A 211 38.18 -44.26 -3.88
N GLY A 212 37.05 -44.42 -3.21
CA GLY A 212 36.48 -45.73 -3.00
C GLY A 212 35.47 -45.72 -1.87
N TYR A 213 35.01 -46.92 -1.52
CA TYR A 213 34.03 -47.08 -0.46
C TYR A 213 34.55 -46.58 0.89
N ASP A 214 35.88 -46.57 1.06
CA ASP A 214 36.48 -46.20 2.34
C ASP A 214 36.73 -44.71 2.49
N ASP A 215 36.51 -43.92 1.45
CA ASP A 215 36.76 -42.48 1.50
C ASP A 215 35.56 -41.68 1.98
N ILE A 216 34.49 -42.34 2.42
CA ILE A 216 33.27 -41.66 2.84
C ILE A 216 32.83 -42.19 4.20
N GLY A 217 32.44 -41.27 5.08
CA GLY A 217 31.98 -41.65 6.40
C GLY A 217 30.79 -40.81 6.80
N GLY A 218 30.13 -41.25 7.86
CA GLY A 218 28.97 -40.55 8.39
C GLY A 218 27.67 -40.84 7.68
N CYS A 219 27.66 -41.74 6.69
CA CYS A 219 26.46 -42.04 5.91
C CYS A 219 26.32 -43.55 5.74
N ARG A 220 26.43 -44.28 6.85
CA ARG A 220 26.43 -45.75 6.76
C ARG A 220 25.14 -46.26 6.13
N LYS A 221 24.00 -45.80 6.64
CA LYS A 221 22.72 -46.28 6.10
C LYS A 221 22.56 -45.87 4.64
N GLN A 222 22.89 -44.62 4.33
CA GLN A 222 22.78 -44.14 2.95
C GLN A 222 23.75 -44.89 2.05
N MET A 223 24.96 -45.16 2.53
CA MET A 223 25.93 -45.89 1.71
C MET A 223 25.45 -47.31 1.46
N ALA A 224 24.75 -47.90 2.43
CA ALA A 224 24.16 -49.21 2.24
C ALA A 224 23.06 -49.14 1.18
N GLN A 225 22.18 -48.15 1.30
CA GLN A 225 21.07 -48.04 0.37
C GLN A 225 21.60 -47.88 -1.06
N ILE A 226 22.55 -46.97 -1.25
CA ILE A 226 23.08 -46.71 -2.58
C ILE A 226 23.70 -47.99 -3.15
N ARG A 227 24.50 -48.68 -2.33
CA ARG A 227 25.11 -49.92 -2.81
C ARG A 227 24.04 -50.91 -3.21
N GLU A 228 23.02 -51.08 -2.36
CA GLU A 228 21.95 -52.03 -2.65
C GLU A 228 21.19 -51.64 -3.91
N MET A 229 21.17 -50.36 -4.24
CA MET A 229 20.40 -49.85 -5.37
C MET A 229 21.21 -49.80 -6.66
N VAL A 230 22.52 -49.98 -6.60
CA VAL A 230 23.36 -49.85 -7.77
C VAL A 230 24.17 -51.11 -8.07
N GLU A 231 24.36 -52.00 -7.10
CA GLU A 231 25.16 -53.20 -7.26
C GLU A 231 24.31 -54.45 -7.48
N LEU A 232 23.10 -54.47 -6.93
CA LEU A 232 22.21 -55.61 -7.15
C LEU A 232 21.65 -55.62 -8.56
N PRO A 233 21.07 -54.53 -9.08
CA PRO A 233 20.46 -54.57 -10.41
C PRO A 233 21.45 -54.46 -11.56
N LEU A 234 22.75 -54.57 -11.30
CA LEU A 234 23.75 -54.45 -12.36
C LEU A 234 24.70 -55.63 -12.34
N ARG A 235 24.94 -56.21 -11.17
CA ARG A 235 25.83 -57.37 -11.06
C ARG A 235 25.06 -58.67 -11.23
N HIS A 236 24.11 -58.94 -10.33
CA HIS A 236 23.27 -60.14 -10.41
C HIS A 236 21.84 -59.74 -10.06
N PRO A 237 20.96 -59.59 -11.06
CA PRO A 237 19.54 -59.33 -10.80
C PRO A 237 18.67 -60.56 -10.64
N GLN A 238 19.25 -61.75 -10.49
CA GLN A 238 18.44 -62.97 -10.44
C GLN A 238 17.51 -62.96 -9.24
N LEU A 239 17.98 -62.51 -8.08
CA LEU A 239 17.14 -62.52 -6.89
C LEU A 239 15.99 -61.52 -7.02
N PHE A 240 16.21 -60.41 -7.73
CA PHE A 240 15.12 -59.46 -7.96
C PHE A 240 14.01 -60.09 -8.79
N LYS A 241 14.38 -60.86 -9.82
CA LYS A 241 13.37 -61.54 -10.62
C LYS A 241 12.71 -62.65 -9.83
N ALA A 242 13.48 -63.35 -8.98
CA ALA A 242 12.90 -64.44 -8.20
C ALA A 242 11.87 -63.92 -7.21
N ILE A 243 12.21 -62.85 -6.47
CA ILE A 243 11.25 -62.29 -5.52
C ILE A 243 10.11 -61.61 -6.26
N GLY A 244 10.39 -60.99 -7.40
CA GLY A 244 9.35 -60.40 -8.23
C GLY A 244 9.27 -58.90 -8.10
N ILE A 245 10.43 -58.26 -7.94
CA ILE A 245 10.54 -56.80 -7.85
C ILE A 245 11.38 -56.31 -9.02
N LYS A 246 10.88 -55.30 -9.72
CA LYS A 246 11.62 -54.68 -10.80
C LYS A 246 12.51 -53.57 -10.22
N PRO A 247 13.83 -53.66 -10.36
CA PRO A 247 14.68 -52.60 -9.80
C PRO A 247 14.45 -51.28 -10.51
N PRO A 248 14.69 -50.16 -9.83
CA PRO A 248 14.38 -48.86 -10.43
C PRO A 248 15.37 -48.49 -11.52
N ARG A 249 14.92 -47.58 -12.39
CA ARG A 249 15.73 -47.04 -13.48
C ARG A 249 16.15 -45.60 -13.19
N GLY A 250 16.46 -45.30 -11.95
CA GLY A 250 16.86 -43.96 -11.57
C GLY A 250 16.72 -43.72 -10.08
N VAL A 251 17.73 -43.11 -9.47
CA VAL A 251 17.74 -42.85 -8.04
C VAL A 251 18.25 -41.43 -7.80
N LEU A 252 17.43 -40.61 -7.13
CA LEU A 252 17.83 -39.24 -6.87
C LEU A 252 18.47 -39.14 -5.49
N MET A 253 19.45 -38.24 -5.37
CA MET A 253 20.13 -37.94 -4.13
C MET A 253 20.03 -36.44 -3.88
N TYR A 254 19.63 -36.05 -2.67
CA TYR A 254 19.51 -34.64 -2.36
C TYR A 254 20.07 -34.36 -0.97
N GLY A 255 20.06 -33.07 -0.61
CA GLY A 255 20.60 -32.62 0.65
C GLY A 255 21.31 -31.28 0.51
N PRO A 256 21.77 -30.72 1.63
CA PRO A 256 22.45 -29.43 1.58
C PRO A 256 23.77 -29.56 0.85
N PRO A 257 24.28 -28.47 0.27
CA PRO A 257 25.54 -28.54 -0.48
C PRO A 257 26.70 -28.91 0.43
N GLY A 258 27.64 -29.66 -0.14
CA GLY A 258 28.80 -30.10 0.61
C GLY A 258 28.49 -31.21 1.56
N THR A 259 27.97 -32.32 1.04
CA THR A 259 27.66 -33.48 1.88
C THR A 259 28.28 -34.74 1.32
N GLY A 260 28.51 -34.78 0.01
CA GLY A 260 29.18 -35.92 -0.60
C GLY A 260 28.52 -36.44 -1.85
N LYS A 261 27.59 -35.67 -2.41
CA LYS A 261 26.86 -36.11 -3.60
C LYS A 261 27.82 -36.47 -4.73
N THR A 262 28.56 -35.48 -5.24
CA THR A 262 29.49 -35.74 -6.34
C THR A 262 30.55 -36.74 -5.91
N LEU A 263 31.05 -36.59 -4.69
CA LEU A 263 32.00 -37.56 -4.16
C LEU A 263 31.40 -38.96 -4.19
N MET A 264 30.15 -39.09 -3.75
CA MET A 264 29.50 -40.40 -3.75
C MET A 264 29.42 -40.97 -5.17
N ALA A 265 29.09 -40.12 -6.14
CA ALA A 265 28.98 -40.59 -7.51
C ALA A 265 30.33 -41.04 -8.04
N ARG A 266 31.40 -40.31 -7.72
CA ARG A 266 32.72 -40.71 -8.17
C ARG A 266 33.18 -42.00 -7.49
N ALA A 267 32.81 -42.18 -6.23
CA ALA A 267 33.15 -43.42 -5.53
C ALA A 267 32.42 -44.60 -6.14
N VAL A 268 31.16 -44.41 -6.52
CA VAL A 268 30.43 -45.49 -7.19
C VAL A 268 31.03 -45.76 -8.57
N ALA A 269 31.48 -44.70 -9.26
CA ALA A 269 32.04 -44.87 -10.59
C ALA A 269 33.36 -45.64 -10.54
N ASN A 270 34.19 -45.37 -9.53
CA ASN A 270 35.50 -45.98 -9.46
C ASN A 270 35.47 -47.35 -8.78
N GLU A 271 34.90 -47.42 -7.57
CA GLU A 271 34.88 -48.69 -6.85
C GLU A 271 34.08 -49.74 -7.60
N THR A 272 32.96 -49.35 -8.21
CA THR A 272 32.13 -50.26 -8.99
C THR A 272 32.61 -50.25 -10.44
N GLY A 273 32.94 -51.43 -10.96
CA GLY A 273 33.51 -51.55 -12.28
C GLY A 273 32.55 -51.27 -13.43
N ALA A 274 31.30 -50.93 -13.13
CA ALA A 274 30.33 -50.64 -14.18
C ALA A 274 30.80 -49.44 -15.00
N PHE A 275 30.55 -49.50 -16.31
CA PHE A 275 30.86 -48.37 -17.18
C PHE A 275 30.11 -47.13 -16.72
N PHE A 276 30.74 -45.98 -16.90
CA PHE A 276 30.25 -44.71 -16.35
C PHE A 276 30.12 -43.67 -17.45
N PHE A 277 29.18 -42.75 -17.24
CA PHE A 277 28.96 -41.65 -18.17
C PHE A 277 28.45 -40.47 -17.35
N LEU A 278 29.31 -39.47 -17.14
CA LEU A 278 28.96 -38.25 -16.45
C LEU A 278 28.36 -37.25 -17.43
N ILE A 279 27.18 -36.72 -17.08
CA ILE A 279 26.49 -35.71 -17.89
C ILE A 279 26.40 -34.46 -17.03
N ASN A 280 27.32 -33.52 -17.23
CA ASN A 280 27.18 -32.21 -16.59
C ASN A 280 25.85 -31.59 -17.02
N GLY A 281 25.04 -31.22 -16.04
CA GLY A 281 23.70 -30.71 -16.29
C GLY A 281 23.62 -29.68 -17.40
N PRO A 282 24.25 -28.53 -17.20
CA PRO A 282 24.13 -27.43 -18.17
C PRO A 282 24.91 -27.64 -19.46
N GLU A 283 25.53 -28.80 -19.64
CA GLU A 283 26.37 -29.03 -20.80
C GLU A 283 25.67 -29.85 -21.89
N VAL A 284 24.34 -29.96 -21.84
CA VAL A 284 23.63 -30.73 -22.85
C VAL A 284 23.20 -29.90 -24.05
N MET A 285 23.32 -28.57 -23.99
CA MET A 285 22.93 -27.75 -25.13
C MET A 285 24.03 -27.76 -26.19
N SER A 286 23.72 -27.17 -27.35
CA SER A 286 24.61 -27.21 -28.49
C SER A 286 24.43 -25.92 -29.30
N LYS A 287 25.28 -25.76 -30.31
CA LYS A 287 25.30 -24.57 -31.15
C LYS A 287 24.34 -24.67 -32.33
N MET A 288 24.30 -25.81 -33.00
CA MET A 288 23.44 -25.96 -34.17
C MET A 288 21.98 -26.11 -33.74
N ALA A 289 21.09 -25.76 -34.66
CA ALA A 289 19.66 -25.77 -34.37
C ALA A 289 19.18 -27.17 -34.03
N GLY A 290 18.79 -27.39 -32.79
CA GLY A 290 18.24 -28.67 -32.36
C GLY A 290 19.27 -29.77 -32.31
N GLU A 291 20.29 -29.61 -31.47
CA GLU A 291 21.32 -30.63 -31.29
C GLU A 291 21.37 -31.19 -29.87
N SER A 292 20.69 -30.57 -28.90
CA SER A 292 20.66 -31.12 -27.56
C SER A 292 19.95 -32.47 -27.53
N GLU A 293 18.84 -32.58 -28.26
CA GLU A 293 18.12 -33.85 -28.32
C GLU A 293 19.01 -34.94 -28.88
N SER A 294 19.73 -34.65 -29.96
CA SER A 294 20.65 -35.62 -30.53
C SER A 294 21.75 -35.97 -29.53
N ASN A 295 22.21 -34.98 -28.77
CA ASN A 295 23.24 -35.24 -27.78
C ASN A 295 22.75 -36.23 -26.72
N LEU A 296 21.55 -36.00 -26.18
CA LEU A 296 21.02 -36.93 -25.20
C LEU A 296 20.77 -38.31 -25.82
N ARG A 297 20.28 -38.34 -27.05
CA ARG A 297 20.01 -39.62 -27.71
C ARG A 297 21.29 -40.42 -27.87
N LYS A 298 22.36 -39.78 -28.35
CA LYS A 298 23.61 -40.51 -28.53
C LYS A 298 24.25 -40.86 -27.19
N ALA A 299 24.06 -40.02 -26.17
CA ALA A 299 24.55 -40.36 -24.84
C ALA A 299 23.90 -41.64 -24.33
N PHE A 300 22.58 -41.72 -24.43
CA PHE A 300 21.90 -42.93 -23.96
C PHE A 300 22.24 -44.12 -24.84
N GLU A 301 22.40 -43.90 -26.15
CA GLU A 301 22.77 -45.00 -27.03
C GLU A 301 24.14 -45.56 -26.66
N GLU A 302 25.10 -44.68 -26.36
CA GLU A 302 26.43 -45.15 -25.96
C GLU A 302 26.37 -45.83 -24.61
N ALA A 303 25.54 -45.32 -23.69
CA ALA A 303 25.41 -45.97 -22.39
C ALA A 303 24.78 -47.35 -22.50
N GLU A 304 23.90 -47.54 -23.47
CA GLU A 304 23.21 -48.83 -23.60
C GLU A 304 24.05 -49.83 -24.38
N LYS A 305 24.65 -49.40 -25.49
CA LYS A 305 25.28 -50.35 -26.42
C LYS A 305 26.49 -51.04 -25.80
N ASN A 306 27.18 -50.37 -24.87
CA ASN A 306 28.42 -50.92 -24.35
C ASN A 306 28.16 -52.04 -23.34
N ALA A 307 27.30 -51.78 -22.36
CA ALA A 307 27.10 -52.72 -21.27
C ALA A 307 25.95 -52.24 -20.40
N PRO A 308 25.46 -53.06 -19.46
CA PRO A 308 24.50 -52.53 -18.48
C PRO A 308 25.20 -51.57 -17.54
N ALA A 309 25.43 -50.35 -18.03
CA ALA A 309 26.27 -49.37 -17.38
C ALA A 309 25.45 -48.58 -16.35
N ILE A 310 26.07 -47.55 -15.79
CA ILE A 310 25.42 -46.62 -14.87
C ILE A 310 25.80 -45.21 -15.31
N ILE A 311 24.78 -44.36 -15.50
CA ILE A 311 24.99 -43.02 -16.00
C ILE A 311 24.56 -42.02 -14.93
N PHE A 312 25.36 -40.98 -14.75
CA PHE A 312 25.17 -40.03 -13.67
C PHE A 312 24.97 -38.65 -14.26
N ILE A 313 23.81 -38.06 -13.99
CA ILE A 313 23.46 -36.73 -14.49
C ILE A 313 23.60 -35.76 -13.32
N ASP A 314 24.54 -34.83 -13.44
CA ASP A 314 24.81 -33.87 -12.38
C ASP A 314 23.99 -32.61 -12.56
N GLU A 315 23.49 -32.07 -11.45
CA GLU A 315 22.69 -30.84 -11.44
C GLU A 315 21.48 -30.96 -12.37
N ILE A 316 20.62 -31.94 -12.08
CA ILE A 316 19.43 -32.14 -12.90
C ILE A 316 18.54 -30.91 -12.86
N ASP A 317 18.55 -30.17 -11.75
CA ASP A 317 17.71 -28.98 -11.65
C ASP A 317 18.04 -27.98 -12.75
N SER A 318 19.28 -27.98 -13.24
CA SER A 318 19.63 -27.06 -14.31
C SER A 318 18.91 -27.37 -15.62
N ILE A 319 18.45 -28.60 -15.80
CA ILE A 319 17.74 -28.98 -17.02
C ILE A 319 16.43 -29.66 -16.68
N ALA A 320 15.85 -29.34 -15.52
CA ALA A 320 14.55 -29.89 -15.17
C ALA A 320 13.83 -29.00 -14.18
N PRO A 321 13.42 -27.79 -14.58
CA PRO A 321 12.67 -26.92 -13.69
C PRO A 321 11.16 -27.09 -13.84
N LYS A 322 10.45 -26.78 -12.75
CA LYS A 322 9.00 -26.84 -12.77
C LYS A 322 8.45 -25.99 -13.92
N ARG A 323 7.29 -26.41 -14.45
CA ARG A 323 6.71 -25.73 -15.60
C ARG A 323 6.47 -24.26 -15.32
N ASP A 324 6.19 -23.89 -14.07
CA ASP A 324 5.95 -22.49 -13.74
C ASP A 324 7.14 -21.62 -14.12
N LYS A 325 8.36 -22.15 -13.99
CA LYS A 325 9.58 -21.41 -14.27
C LYS A 325 10.15 -21.75 -15.64
N THR A 326 9.29 -21.98 -16.62
CA THR A 326 9.71 -22.31 -17.98
C THR A 326 8.98 -21.38 -18.95
N ASN A 327 9.74 -20.63 -19.73
CA ASN A 327 9.19 -19.75 -20.76
C ASN A 327 9.72 -20.02 -22.15
N GLY A 328 10.96 -20.48 -22.28
CA GLY A 328 11.53 -20.79 -23.58
C GLY A 328 10.92 -22.05 -24.15
N GLU A 329 11.41 -22.42 -25.34
CA GLU A 329 10.93 -23.60 -26.04
C GLU A 329 11.95 -24.72 -26.12
N VAL A 330 13.24 -24.39 -26.13
CA VAL A 330 14.26 -25.44 -26.14
C VAL A 330 14.24 -26.19 -24.82
N GLU A 331 13.95 -25.50 -23.72
CA GLU A 331 13.87 -26.17 -22.43
C GLU A 331 12.81 -27.26 -22.44
N ARG A 332 11.63 -26.94 -22.99
CA ARG A 332 10.58 -27.95 -23.09
C ARG A 332 11.04 -29.13 -23.93
N ARG A 333 11.69 -28.85 -25.06
CA ARG A 333 12.11 -29.93 -25.95
C ARG A 333 13.11 -30.86 -25.26
N VAL A 334 14.12 -30.29 -24.61
CA VAL A 334 15.13 -31.12 -23.97
C VAL A 334 14.54 -31.86 -22.78
N VAL A 335 13.65 -31.22 -22.02
CA VAL A 335 13.02 -31.88 -20.90
C VAL A 335 12.21 -33.07 -21.38
N SER A 336 11.42 -32.88 -22.44
CA SER A 336 10.60 -33.98 -22.95
C SER A 336 11.46 -35.10 -23.52
N GLN A 337 12.57 -34.75 -24.18
CA GLN A 337 13.48 -35.78 -24.66
C GLN A 337 14.04 -36.58 -23.51
N LEU A 338 14.39 -35.91 -22.41
CA LEU A 338 14.92 -36.64 -21.27
C LEU A 338 13.85 -37.50 -20.62
N LEU A 339 12.61 -36.99 -20.58
CA LEU A 339 11.51 -37.79 -20.04
C LEU A 339 11.32 -39.07 -20.84
N THR A 340 11.26 -38.95 -22.17
CA THR A 340 11.00 -40.13 -22.99
C THR A 340 12.19 -41.08 -22.97
N LEU A 341 13.41 -40.56 -22.89
CA LEU A 341 14.56 -41.45 -22.73
C LEU A 341 14.51 -42.19 -21.41
N MET A 342 14.10 -41.51 -20.33
CA MET A 342 14.02 -42.16 -19.03
C MET A 342 12.96 -43.24 -19.03
N ASP A 343 11.80 -42.97 -19.64
CA ASP A 343 10.73 -43.97 -19.66
C ASP A 343 11.14 -45.20 -20.45
N GLY A 344 11.65 -45.00 -21.66
CA GLY A 344 12.07 -46.13 -22.48
C GLY A 344 13.17 -46.91 -21.80
N MET A 345 12.83 -48.10 -21.27
CA MET A 345 13.80 -48.92 -20.54
C MET A 345 13.46 -50.37 -20.81
N LYS A 346 14.20 -50.99 -21.73
CA LYS A 346 14.00 -52.41 -22.00
C LYS A 346 14.42 -53.25 -20.80
N ALA A 347 13.96 -54.50 -20.79
CA ALA A 347 14.29 -55.39 -19.69
C ALA A 347 15.77 -55.78 -19.70
N ARG A 348 16.39 -55.80 -20.88
CA ARG A 348 17.79 -56.18 -21.01
C ARG A 348 18.74 -54.99 -20.89
N SER A 349 18.22 -53.77 -20.76
CA SER A 349 19.11 -52.62 -20.67
C SER A 349 19.97 -52.68 -19.41
N ASN A 350 19.34 -52.86 -18.26
CA ASN A 350 20.05 -52.99 -16.98
C ASN A 350 20.99 -51.82 -16.75
N VAL A 351 20.51 -50.61 -17.06
CA VAL A 351 21.25 -49.37 -16.82
C VAL A 351 20.46 -48.52 -15.85
N VAL A 352 21.16 -47.85 -14.94
CA VAL A 352 20.54 -47.03 -13.90
C VAL A 352 21.09 -45.62 -13.99
N VAL A 353 20.24 -44.67 -13.62
CA VAL A 353 20.55 -43.23 -13.64
C VAL A 353 20.76 -42.78 -12.20
N ILE A 354 21.78 -41.95 -12.00
CA ILE A 354 22.08 -41.34 -10.69
C ILE A 354 21.89 -39.83 -10.82
N ALA A 355 20.93 -39.28 -10.07
CA ALA A 355 20.69 -37.85 -10.06
C ALA A 355 21.18 -37.25 -8.76
N ALA A 356 21.75 -36.06 -8.83
CA ALA A 356 22.32 -35.40 -7.66
C ALA A 356 22.01 -33.91 -7.71
N THR A 357 20.96 -33.49 -7.01
CA THR A 357 20.52 -32.10 -6.99
C THR A 357 20.52 -31.59 -5.56
N ASN A 358 21.13 -30.43 -5.34
CA ASN A 358 21.06 -29.75 -4.05
C ASN A 358 19.81 -28.90 -3.89
N ARG A 359 19.00 -28.75 -4.95
CA ARG A 359 17.78 -27.95 -4.92
C ARG A 359 16.63 -28.85 -5.34
N PRO A 360 16.13 -29.68 -4.42
CA PRO A 360 15.11 -30.66 -4.80
C PRO A 360 13.70 -30.09 -4.92
N ASN A 361 13.42 -28.94 -4.33
CA ASN A 361 12.08 -28.36 -4.36
C ASN A 361 11.80 -27.59 -5.64
N SER A 362 12.75 -27.53 -6.57
CA SER A 362 12.53 -26.82 -7.82
C SER A 362 12.78 -27.75 -8.99
N ILE A 363 12.23 -28.96 -8.93
CA ILE A 363 12.38 -29.96 -9.96
C ILE A 363 11.03 -30.20 -10.64
N ASP A 364 11.07 -30.46 -11.94
CA ASP A 364 9.86 -30.80 -12.67
C ASP A 364 9.23 -32.05 -12.05
N PRO A 365 8.06 -31.95 -11.44
CA PRO A 365 7.48 -33.13 -10.77
C PRO A 365 7.22 -34.29 -11.70
N ALA A 366 7.16 -34.06 -13.02
CA ALA A 366 6.96 -35.16 -13.95
C ALA A 366 8.04 -36.23 -13.81
N LEU A 367 9.24 -35.83 -13.40
CA LEU A 367 10.31 -36.81 -13.23
C LEU A 367 10.11 -37.67 -12.00
N ARG A 368 9.33 -37.22 -11.03
CA ARG A 368 9.13 -37.96 -9.79
C ARG A 368 8.12 -39.09 -9.92
N ARG A 369 7.40 -39.17 -11.04
CA ARG A 369 6.42 -40.23 -11.22
C ARG A 369 7.10 -41.59 -11.23
N PHE A 370 6.34 -42.62 -10.85
CA PHE A 370 6.88 -43.97 -10.82
C PHE A 370 7.36 -44.38 -12.21
N GLY A 371 8.51 -45.02 -12.24
CA GLY A 371 9.14 -45.44 -13.48
C GLY A 371 10.23 -44.51 -13.97
N ARG A 372 10.32 -43.31 -13.42
CA ARG A 372 11.34 -42.34 -13.81
C ARG A 372 12.33 -42.08 -12.68
N PHE A 373 11.83 -41.65 -11.51
CA PHE A 373 12.69 -41.45 -10.34
C PHE A 373 11.84 -41.69 -9.10
N ASP A 374 11.94 -42.90 -8.53
CA ASP A 374 11.12 -43.31 -7.41
C ASP A 374 11.86 -43.35 -6.08
N ARG A 375 13.16 -43.63 -6.08
CA ARG A 375 13.93 -43.81 -4.86
C ARG A 375 14.79 -42.57 -4.58
N GLU A 376 14.43 -41.86 -3.51
CA GLU A 376 15.16 -40.69 -3.06
C GLU A 376 16.20 -41.08 -2.01
N VAL A 377 17.23 -40.24 -1.88
CA VAL A 377 18.32 -40.44 -0.94
C VAL A 377 18.62 -39.14 -0.22
N ASP A 378 17.97 -38.93 0.93
CA ASP A 378 18.20 -37.74 1.74
C ASP A 378 19.55 -37.80 2.42
N ILE A 379 20.60 -37.34 1.74
CA ILE A 379 21.94 -37.30 2.34
C ILE A 379 21.97 -36.10 3.28
N GLY A 380 21.75 -36.35 4.57
CA GLY A 380 21.62 -35.30 5.55
C GLY A 380 22.93 -34.97 6.24
N ILE A 381 22.81 -34.17 7.30
CA ILE A 381 23.99 -33.75 8.08
C ILE A 381 24.38 -34.87 9.03
N PRO A 382 25.66 -35.22 9.13
CA PRO A 382 26.06 -36.31 10.02
C PRO A 382 25.97 -35.88 11.48
N ASP A 383 26.01 -36.88 12.36
CA ASP A 383 26.00 -36.65 13.80
C ASP A 383 27.44 -36.51 14.30
N ALA A 384 27.62 -36.52 15.62
CA ALA A 384 28.96 -36.39 16.18
C ALA A 384 29.86 -37.52 15.72
N THR A 385 29.36 -38.76 15.74
CA THR A 385 30.16 -39.89 15.29
C THR A 385 30.53 -39.74 13.82
N GLY A 386 29.59 -39.30 13.00
CA GLY A 386 29.90 -39.08 11.59
C GLY A 386 30.96 -38.02 11.42
N ARG A 387 30.89 -36.95 12.22
CA ARG A 387 31.90 -35.90 12.12
C ARG A 387 33.27 -36.42 12.53
N LEU A 388 33.32 -37.26 13.59
CA LEU A 388 34.58 -37.87 13.97
C LEU A 388 35.12 -38.75 12.86
N GLU A 389 34.24 -39.52 12.21
CA GLU A 389 34.67 -40.37 11.10
C GLU A 389 35.27 -39.52 9.97
N VAL A 390 34.59 -38.42 9.63
CA VAL A 390 35.10 -37.56 8.56
C VAL A 390 36.44 -36.96 8.97
N LEU A 391 36.57 -36.52 10.22
CA LEU A 391 37.84 -35.97 10.69
C LEU A 391 38.95 -36.99 10.54
N ARG A 392 38.70 -38.23 10.97
CA ARG A 392 39.71 -39.27 10.83
C ARG A 392 40.06 -39.51 9.37
N ILE A 393 39.05 -39.53 8.50
CA ILE A 393 39.29 -39.79 7.08
C ILE A 393 40.19 -38.70 6.50
N HIS A 394 39.90 -37.44 6.82
CA HIS A 394 40.65 -36.34 6.22
C HIS A 394 42.04 -36.18 6.82
N THR A 395 42.21 -36.51 8.09
CA THR A 395 43.47 -36.28 8.79
C THR A 395 44.42 -37.47 8.69
N LYS A 396 44.08 -38.50 7.94
CA LYS A 396 44.90 -39.70 7.86
C LYS A 396 45.99 -39.59 6.79
N ASN A 397 46.34 -38.37 6.37
CA ASN A 397 47.39 -38.19 5.38
C ASN A 397 48.24 -36.97 5.70
N MET A 398 48.43 -36.67 6.98
CA MET A 398 49.22 -35.51 7.38
C MET A 398 49.93 -35.81 8.68
N LYS A 399 51.01 -35.08 8.92
CA LYS A 399 51.80 -35.24 10.14
C LYS A 399 51.05 -34.58 11.28
N LEU A 400 50.44 -35.39 12.14
CA LEU A 400 49.70 -34.92 13.30
C LEU A 400 50.60 -34.92 14.52
N ALA A 401 50.61 -33.82 15.26
CA ALA A 401 51.30 -33.79 16.54
C ALA A 401 50.68 -34.81 17.49
N ASP A 402 51.43 -35.16 18.53
CA ASP A 402 50.94 -36.14 19.49
C ASP A 402 49.70 -35.64 20.23
N ASP A 403 49.61 -34.33 20.44
CA ASP A 403 48.55 -33.74 21.26
C ASP A 403 47.18 -33.78 20.60
N VAL A 404 47.08 -34.23 19.35
CA VAL A 404 45.79 -34.19 18.65
C VAL A 404 44.79 -35.09 19.35
N ASP A 405 43.59 -34.56 19.59
CA ASP A 405 42.47 -35.30 20.18
C ASP A 405 41.24 -34.99 19.34
N LEU A 406 41.04 -35.77 18.28
CA LEU A 406 39.95 -35.50 17.34
C LEU A 406 38.58 -35.69 17.98
N GLU A 407 38.49 -36.47 19.06
CA GLU A 407 37.21 -36.66 19.71
C GLU A 407 36.66 -35.33 20.23
N ALA A 408 37.51 -34.52 20.84
CA ALA A 408 37.07 -33.22 21.32
C ALA A 408 36.66 -32.32 20.15
N LEU A 409 37.43 -32.37 19.05
CA LEU A 409 37.10 -31.55 17.90
C LEU A 409 35.77 -31.95 17.28
N ALA A 410 35.39 -33.22 17.40
CA ALA A 410 34.14 -33.70 16.82
C ALA A 410 32.93 -33.38 17.69
N ALA A 411 33.09 -32.54 18.70
CA ALA A 411 31.98 -32.10 19.53
C ALA A 411 31.71 -30.61 19.43
N GLU A 412 32.70 -29.80 19.08
CA GLU A 412 32.50 -28.36 18.91
C GLU A 412 32.11 -27.99 17.49
N THR A 413 32.44 -28.81 16.50
CA THR A 413 32.07 -28.57 15.11
C THR A 413 30.60 -28.94 14.91
N HIS A 414 29.74 -28.16 15.56
CA HIS A 414 28.32 -28.51 15.62
C HIS A 414 27.69 -28.54 14.23
N GLY A 415 27.66 -27.39 13.56
CA GLY A 415 26.97 -27.27 12.30
C GLY A 415 27.79 -27.64 11.08
N TYR A 416 29.07 -27.98 11.27
CA TYR A 416 29.91 -28.31 10.12
C TYR A 416 29.40 -29.56 9.43
N VAL A 417 29.47 -29.57 8.10
CA VAL A 417 28.99 -30.69 7.30
C VAL A 417 30.02 -31.01 6.23
N GLY A 418 30.57 -32.21 6.28
CA GLY A 418 31.40 -32.67 5.19
C GLY A 418 32.56 -31.75 4.88
N ALA A 419 32.45 -31.05 3.75
CA ALA A 419 33.56 -30.24 3.26
C ALA A 419 34.03 -29.23 4.28
N ASP A 420 33.13 -28.73 5.13
CA ASP A 420 33.55 -27.71 6.09
C ASP A 420 34.60 -28.26 7.04
N ILE A 421 34.44 -29.53 7.46
CA ILE A 421 35.46 -30.13 8.30
C ILE A 421 36.80 -30.10 7.59
N ALA A 422 36.80 -30.42 6.29
CA ALA A 422 38.04 -30.38 5.54
C ALA A 422 38.67 -29.01 5.61
N SER A 423 37.87 -27.94 5.49
CA SER A 423 38.42 -26.61 5.60
C SER A 423 39.16 -26.45 6.91
N LEU A 424 38.55 -26.92 8.00
CA LEU A 424 39.22 -26.84 9.29
C LEU A 424 40.62 -27.42 9.18
N CYS A 425 40.72 -28.64 8.66
CA CYS A 425 42.04 -29.26 8.54
C CYS A 425 42.97 -28.37 7.75
N SER A 426 42.54 -27.93 6.56
CA SER A 426 43.41 -27.08 5.76
C SER A 426 43.80 -25.84 6.53
N GLU A 427 42.84 -25.22 7.21
CA GLU A 427 43.16 -24.00 7.93
C GLU A 427 44.22 -24.26 8.96
N ALA A 428 44.10 -25.37 9.69
CA ALA A 428 45.10 -25.68 10.70
C ALA A 428 46.48 -25.76 10.06
N ALA A 429 46.58 -26.46 8.93
CA ALA A 429 47.87 -26.58 8.28
C ALA A 429 48.47 -25.20 8.04
N MET A 430 47.65 -24.27 7.54
CA MET A 430 48.18 -22.95 7.23
C MET A 430 48.84 -22.33 8.46
N GLN A 431 48.18 -22.41 9.61
CA GLN A 431 48.77 -21.82 10.81
C GLN A 431 50.14 -22.43 11.06
N GLN A 432 50.25 -23.75 10.98
CA GLN A 432 51.53 -24.39 11.17
C GLN A 432 52.52 -23.90 10.13
N ILE A 433 52.08 -23.82 8.87
CA ILE A 433 52.98 -23.35 7.82
C ILE A 433 53.44 -21.93 8.12
N ARG A 434 52.58 -21.13 8.73
CA ARG A 434 52.98 -19.77 9.09
C ARG A 434 53.93 -19.80 10.29
N GLU A 435 53.72 -20.72 11.23
CA GLU A 435 54.54 -20.72 12.43
C GLU A 435 56.00 -21.01 12.08
N LYS A 436 56.24 -21.87 11.10
CA LYS A 436 57.58 -22.24 10.69
C LYS A 436 57.92 -21.70 9.31
N MET A 437 57.22 -20.66 8.86
CA MET A 437 57.51 -20.08 7.56
C MET A 437 58.73 -19.17 7.62
N ASP A 438 58.87 -18.38 8.69
CA ASP A 438 60.02 -17.50 8.82
C ASP A 438 61.33 -18.27 8.83
N LEU A 439 61.32 -19.50 9.33
CA LEU A 439 62.54 -20.30 9.35
C LEU A 439 63.08 -20.49 7.94
N ILE A 440 62.23 -20.89 7.01
CA ILE A 440 62.63 -21.06 5.62
C ILE A 440 63.19 -19.75 5.07
N ALA A 449 64.86 -28.76 4.11
CA ALA A 449 64.68 -30.19 4.33
C ALA A 449 64.40 -30.47 5.80
N GLU A 450 65.31 -30.02 6.67
CA GLU A 450 65.12 -30.19 8.10
C GLU A 450 63.83 -29.51 8.57
N VAL A 451 63.46 -28.40 7.94
CA VAL A 451 62.19 -27.76 8.27
C VAL A 451 61.03 -28.59 7.72
N LEU A 452 61.21 -29.17 6.52
CA LEU A 452 60.12 -29.85 5.86
C LEU A 452 59.64 -31.05 6.68
N ASP A 453 60.58 -31.89 7.12
CA ASP A 453 60.22 -33.08 7.87
C ASP A 453 59.85 -32.76 9.32
N SER A 454 60.20 -31.58 9.81
CA SER A 454 59.84 -31.16 11.16
C SER A 454 58.59 -30.28 11.13
N LEU A 455 57.49 -30.89 10.70
CA LEU A 455 56.22 -30.20 10.57
C LEU A 455 55.13 -31.03 11.25
N GLY A 456 54.51 -30.47 12.27
CA GLY A 456 53.39 -31.13 12.92
C GLY A 456 52.37 -30.14 13.43
N VAL A 457 51.12 -30.31 13.00
CA VAL A 457 50.05 -29.41 13.41
C VAL A 457 49.67 -29.73 14.85
N THR A 458 49.70 -28.72 15.70
CA THR A 458 49.40 -28.91 17.11
C THR A 458 47.93 -28.61 17.37
N MET A 459 47.52 -28.74 18.64
CA MET A 459 46.14 -28.44 19.01
C MET A 459 45.83 -26.96 18.85
N ASP A 460 46.79 -26.09 19.16
CA ASP A 460 46.51 -24.66 19.06
C ASP A 460 46.16 -24.26 17.63
N ASN A 461 46.76 -24.93 16.66
CA ASN A 461 46.41 -24.66 15.27
C ASN A 461 44.94 -24.97 15.00
N PHE A 462 44.47 -26.12 15.49
CA PHE A 462 43.08 -26.49 15.29
C PHE A 462 42.14 -25.56 16.06
N ARG A 463 42.54 -25.15 17.26
CA ARG A 463 41.73 -24.20 18.01
C ARG A 463 41.61 -22.88 17.26
N PHE A 464 42.72 -22.41 16.69
CA PHE A 464 42.69 -21.19 15.89
C PHE A 464 41.79 -21.33 14.67
N ALA A 465 41.91 -22.47 13.97
CA ALA A 465 41.09 -22.69 12.79
C ALA A 465 39.62 -22.73 13.15
N LEU A 466 39.28 -23.36 14.27
CA LEU A 466 37.89 -23.39 14.71
C LEU A 466 37.41 -22.00 15.09
N GLY A 467 38.28 -21.20 15.72
CA GLY A 467 37.91 -19.86 16.09
C GLY A 467 37.79 -18.92 14.90
N ASN A 468 38.33 -19.32 13.74
CA ASN A 468 38.26 -18.52 12.53
C ASN A 468 37.54 -19.28 11.42
N SER A 469 36.43 -19.92 11.75
CA SER A 469 35.65 -20.63 10.75
C SER A 469 34.19 -20.70 11.20
N ASN A 470 33.31 -20.90 10.22
CA ASN A 470 31.88 -21.04 10.47
C ASN A 470 31.33 -22.04 9.47
N PRO A 471 30.18 -22.64 9.76
CA PRO A 471 29.54 -23.49 8.76
C PRO A 471 29.27 -22.72 7.48
N SER A 472 29.41 -23.40 6.34
CA SER A 472 29.20 -22.74 5.05
C SER A 472 27.76 -22.29 4.88
N ALA A 473 26.83 -22.82 5.66
CA ALA A 473 25.44 -22.41 5.54
C ALA A 473 25.19 -21.05 6.19
N LEU A 474 25.98 -20.69 7.19
CA LEU A 474 25.77 -19.46 7.95
C LEU A 474 26.73 -18.35 7.54
N ARG A 475 27.26 -18.40 6.32
CA ARG A 475 28.19 -17.36 5.89
C ARG A 475 27.49 -16.02 5.68
N GLU A 476 26.21 -16.05 5.30
CA GLU A 476 25.48 -14.81 5.08
C GLU A 476 25.16 -14.08 6.39
N THR A 477 25.13 -14.80 7.50
CA THR A 477 24.67 -14.25 8.78
C THR A 477 25.80 -14.31 9.82
N VAL A 478 27.00 -13.93 9.41
CA VAL A 478 28.12 -13.87 10.34
C VAL A 478 27.93 -12.68 11.27
N VAL A 479 28.10 -12.91 12.56
CA VAL A 479 27.96 -11.87 13.58
C VAL A 479 29.34 -11.46 14.07
N GLU A 480 29.55 -10.15 14.19
CA GLU A 480 30.83 -9.65 14.67
C GLU A 480 31.12 -10.18 16.07
N SER A 481 32.36 -10.63 16.27
CA SER A 481 32.74 -11.25 17.54
C SER A 481 32.76 -10.20 18.65
N VAL A 482 31.91 -10.40 19.66
CA VAL A 482 31.86 -9.53 20.83
C VAL A 482 32.22 -10.38 22.05
N ASN A 483 33.23 -9.94 22.79
CA ASN A 483 33.74 -10.69 23.94
C ASN A 483 32.80 -10.50 25.12
N VAL A 484 31.83 -11.41 25.26
CA VAL A 484 30.89 -11.41 26.37
C VAL A 484 30.98 -12.77 27.05
N THR A 485 31.16 -12.77 28.36
CA THR A 485 31.24 -14.00 29.15
C THR A 485 30.15 -14.00 30.21
N TRP A 486 29.99 -15.16 30.86
CA TRP A 486 29.00 -15.27 31.94
C TRP A 486 29.46 -14.56 33.20
N ASP A 487 30.75 -14.27 33.33
CA ASP A 487 31.23 -13.43 34.41
C ASP A 487 31.13 -11.95 34.08
N ASP A 488 30.92 -11.60 32.81
CA ASP A 488 30.70 -10.22 32.43
C ASP A 488 29.29 -9.76 32.78
N VAL A 489 28.33 -10.68 32.79
CA VAL A 489 26.92 -10.34 33.07
C VAL A 489 26.76 -10.39 34.58
N GLY A 490 27.05 -9.27 35.23
CA GLY A 490 26.88 -9.20 36.67
C GLY A 490 25.43 -9.44 37.07
N GLY A 491 25.26 -10.10 38.21
CA GLY A 491 23.93 -10.41 38.70
C GLY A 491 23.24 -11.46 37.85
N LEU A 492 21.96 -11.64 38.13
CA LEU A 492 21.13 -12.59 37.37
C LEU A 492 21.72 -14.00 37.42
N ASP A 493 22.24 -14.38 38.60
CA ASP A 493 22.93 -15.66 38.71
C ASP A 493 21.97 -16.83 38.48
N GLU A 494 20.83 -16.83 39.18
CA GLU A 494 19.89 -17.93 39.03
C GLU A 494 19.27 -17.95 37.64
N ILE A 495 19.07 -16.78 37.03
CA ILE A 495 18.50 -16.76 35.69
C ILE A 495 19.45 -17.38 34.70
N LYS A 496 20.74 -17.03 34.77
CA LYS A 496 21.70 -17.63 33.85
C LYS A 496 21.87 -19.11 34.13
N GLU A 497 21.79 -19.52 35.40
CA GLU A 497 21.88 -20.95 35.71
C GLU A 497 20.70 -21.71 35.08
N GLU A 498 19.50 -21.17 35.22
CA GLU A 498 18.33 -21.81 34.62
C GLU A 498 18.44 -21.84 33.10
N LEU A 499 18.94 -20.75 32.51
CA LEU A 499 19.10 -20.71 31.06
C LEU A 499 20.10 -21.77 30.60
N LYS A 500 21.23 -21.89 31.30
CA LYS A 500 22.20 -22.92 30.95
C LYS A 500 21.58 -24.31 31.08
N GLU A 501 20.83 -24.55 32.15
CA GLU A 501 20.21 -25.86 32.33
C GLU A 501 19.24 -26.15 31.19
N THR A 502 18.47 -25.15 30.76
CA THR A 502 17.50 -25.35 29.71
C THR A 502 18.15 -25.57 28.35
N VAL A 503 19.27 -24.89 28.09
CA VAL A 503 19.84 -24.91 26.75
C VAL A 503 20.89 -26.01 26.55
N GLU A 504 21.62 -26.39 27.60
CA GLU A 504 22.74 -27.31 27.42
C GLU A 504 22.31 -28.77 27.42
N TYR A 505 21.23 -29.10 28.11
CA TYR A 505 20.84 -30.51 28.26
C TYR A 505 20.17 -31.04 26.99
N PRO A 506 19.25 -30.30 26.37
CA PRO A 506 18.64 -30.80 25.13
C PRO A 506 19.64 -30.98 24.00
N VAL A 507 20.76 -30.27 24.03
CA VAL A 507 21.71 -30.30 22.93
C VAL A 507 22.88 -31.24 23.16
N LEU A 508 23.13 -31.66 24.41
CA LEU A 508 24.26 -32.51 24.73
C LEU A 508 23.87 -33.82 25.39
N HIS A 509 22.73 -33.87 26.09
CA HIS A 509 22.29 -35.07 26.80
C HIS A 509 20.98 -35.57 26.20
N PRO A 510 21.02 -36.10 24.97
CA PRO A 510 19.79 -36.69 24.41
C PRO A 510 19.29 -37.87 25.21
N ASP A 511 20.18 -38.60 25.88
CA ASP A 511 19.76 -39.74 26.68
C ASP A 511 18.79 -39.32 27.77
N GLN A 512 19.03 -38.16 28.38
CA GLN A 512 18.11 -37.65 29.40
C GLN A 512 16.74 -37.39 28.79
N TYR A 513 16.69 -36.79 27.60
CA TYR A 513 15.41 -36.54 26.95
C TYR A 513 14.68 -37.83 26.65
N THR A 514 15.40 -38.84 26.14
CA THR A 514 14.77 -40.11 25.82
C THR A 514 14.25 -40.80 27.08
N LYS A 515 15.04 -40.81 28.15
CA LYS A 515 14.62 -41.47 29.38
C LYS A 515 13.44 -40.74 30.01
N PHE A 516 13.43 -39.42 29.95
CA PHE A 516 12.33 -38.65 30.52
C PHE A 516 11.03 -38.93 29.79
N GLY A 517 11.07 -39.00 28.47
CA GLY A 517 9.86 -39.15 27.70
C GLY A 517 9.02 -37.89 27.62
N LEU A 518 9.64 -36.72 27.83
CA LEU A 518 8.94 -35.45 27.83
C LEU A 518 9.52 -34.56 26.75
N SER A 519 8.65 -33.92 25.98
CA SER A 519 9.08 -33.09 24.86
C SER A 519 9.77 -31.84 25.37
N PRO A 520 11.03 -31.58 25.03
CA PRO A 520 11.70 -30.39 25.54
C PRO A 520 11.07 -29.11 25.00
N SER A 521 11.17 -28.06 25.80
CA SER A 521 10.66 -26.76 25.38
C SER A 521 11.51 -26.20 24.25
N LYS A 522 10.86 -25.53 23.31
CA LYS A 522 11.53 -25.00 22.12
C LYS A 522 11.41 -23.49 22.04
N GLY A 523 11.28 -22.81 23.17
CA GLY A 523 11.16 -21.36 23.15
C GLY A 523 11.30 -20.77 24.53
N VAL A 524 11.57 -19.47 24.55
CA VAL A 524 11.66 -18.72 25.80
C VAL A 524 11.47 -17.25 25.47
N LEU A 525 10.88 -16.51 26.41
CA LEU A 525 10.63 -15.08 26.24
C LEU A 525 11.18 -14.34 27.44
N PHE A 526 12.17 -13.48 27.23
CA PHE A 526 12.63 -12.55 28.24
C PHE A 526 11.80 -11.29 28.17
N TYR A 527 11.26 -10.84 29.31
CA TYR A 527 10.58 -9.57 29.34
C TYR A 527 10.91 -8.84 30.64
N GLY A 528 10.86 -7.52 30.56
CA GLY A 528 11.20 -6.66 31.68
C GLY A 528 11.41 -5.24 31.22
N PRO A 529 11.78 -4.35 32.13
CA PRO A 529 11.98 -2.95 31.76
C PRO A 529 13.30 -2.78 31.03
N PRO A 530 13.46 -1.67 30.30
CA PRO A 530 14.70 -1.48 29.55
C PRO A 530 15.90 -1.29 30.47
N GLY A 531 17.06 -1.74 29.99
CA GLY A 531 18.28 -1.59 30.73
C GLY A 531 18.42 -2.58 31.86
N THR A 532 18.21 -3.86 31.56
CA THR A 532 18.31 -4.90 32.59
C THR A 532 19.22 -6.02 32.13
N GLY A 533 19.36 -6.21 30.83
CA GLY A 533 20.35 -7.13 30.30
C GLY A 533 19.78 -8.21 29.41
N LYS A 534 18.58 -7.99 28.86
CA LYS A 534 17.99 -8.98 27.96
C LYS A 534 18.88 -9.19 26.75
N THR A 535 19.23 -8.11 26.05
CA THR A 535 20.16 -8.21 24.94
C THR A 535 21.53 -8.69 25.44
N LEU A 536 21.89 -8.32 26.66
CA LEU A 536 23.16 -8.79 27.21
C LEU A 536 23.14 -10.29 27.43
N LEU A 537 22.02 -10.83 27.93
CA LEU A 537 21.91 -12.28 28.05
C LEU A 537 21.95 -12.96 26.69
N ALA A 538 21.32 -12.34 25.68
CA ALA A 538 21.39 -12.91 24.34
C ALA A 538 22.82 -12.95 23.84
N LYS A 539 23.58 -11.87 24.08
CA LYS A 539 24.98 -11.85 23.67
C LYS A 539 25.77 -12.93 24.41
N ALA A 540 25.52 -13.07 25.71
CA ALA A 540 26.25 -14.07 26.49
C ALA A 540 25.97 -15.48 25.97
N VAL A 541 24.72 -15.77 25.64
CA VAL A 541 24.40 -17.06 25.03
C VAL A 541 25.12 -17.22 23.70
N ALA A 542 25.09 -16.18 22.87
CA ALA A 542 25.74 -16.27 21.56
C ALA A 542 27.22 -16.54 21.70
N THR A 543 27.84 -16.05 22.77
CA THR A 543 29.29 -16.17 22.91
C THR A 543 29.72 -17.48 23.57
N GLU A 544 29.03 -17.93 24.61
CA GLU A 544 29.52 -18.97 25.50
C GLU A 544 28.44 -20.02 25.76
N VAL A 545 27.82 -20.52 24.70
CA VAL A 545 26.86 -21.60 24.84
C VAL A 545 27.28 -22.87 24.12
N SER A 546 28.25 -22.81 23.20
CA SER A 546 28.68 -23.99 22.44
C SER A 546 27.57 -24.47 21.51
N ALA A 547 26.97 -23.53 20.79
CA ALA A 547 25.96 -23.87 19.79
C ALA A 547 25.89 -22.72 18.80
N ASN A 548 25.26 -22.97 17.65
CA ASN A 548 25.15 -21.94 16.65
C ASN A 548 24.20 -20.84 17.13
N PHE A 549 24.28 -19.69 16.47
CA PHE A 549 23.52 -18.52 16.89
C PHE A 549 23.32 -17.63 15.68
N ILE A 550 22.06 -17.36 15.34
CA ILE A 550 21.72 -16.47 14.23
C ILE A 550 20.90 -15.32 14.79
N SER A 551 21.45 -14.11 14.72
CA SER A 551 20.77 -12.92 15.18
C SER A 551 19.93 -12.33 14.04
N VAL A 552 18.69 -12.00 14.35
CA VAL A 552 17.77 -11.40 13.39
C VAL A 552 17.09 -10.22 14.05
N LYS A 553 16.93 -9.13 13.30
CA LYS A 553 16.21 -7.96 13.76
C LYS A 553 14.81 -7.98 13.16
N GLY A 554 13.82 -7.57 13.96
CA GLY A 554 12.44 -7.73 13.57
C GLY A 554 12.12 -7.12 12.23
N PRO A 555 12.15 -5.78 12.16
CA PRO A 555 11.84 -5.12 10.88
C PRO A 555 12.82 -5.44 9.77
N GLU A 556 13.94 -6.09 10.07
CA GLU A 556 14.93 -6.37 9.03
C GLU A 556 14.36 -7.25 7.93
N LEU A 557 13.52 -8.22 8.29
CA LEU A 557 13.03 -9.18 7.31
C LEU A 557 11.96 -8.63 6.39
N LEU A 558 11.13 -7.70 6.87
CA LEU A 558 9.98 -7.26 6.10
C LEU A 558 10.40 -6.60 4.80
N SER A 559 9.60 -6.80 3.76
CA SER A 559 9.88 -6.26 2.43
C SER A 559 8.59 -5.82 1.78
N MET A 560 8.70 -4.84 0.87
CA MET A 560 7.53 -4.29 0.21
C MET A 560 6.86 -5.33 -0.69
N TRP A 561 7.66 -6.13 -1.39
CA TRP A 561 7.13 -6.97 -2.46
C TRP A 561 6.29 -8.10 -1.88
N TYR A 562 5.60 -8.80 -2.77
CA TYR A 562 4.65 -9.84 -2.39
C TYR A 562 5.38 -11.17 -2.26
N GLY A 563 5.34 -11.76 -1.07
CA GLY A 563 6.00 -13.03 -0.82
C GLY A 563 7.33 -12.87 -0.12
N GLU A 564 8.06 -11.80 -0.46
CA GLU A 564 9.41 -11.62 0.04
C GLU A 564 9.50 -11.79 1.56
N SER A 565 8.56 -11.21 2.30
CA SER A 565 8.63 -11.30 3.76
C SER A 565 8.60 -12.75 4.22
N GLU A 566 7.52 -13.46 3.92
CA GLU A 566 7.42 -14.85 4.33
C GLU A 566 8.54 -15.68 3.73
N SER A 567 8.98 -15.35 2.53
CA SER A 567 10.12 -16.04 1.95
C SER A 567 11.37 -15.86 2.81
N ASN A 568 11.54 -14.66 3.38
CA ASN A 568 12.71 -14.40 4.21
C ASN A 568 12.62 -15.17 5.52
N ILE A 569 11.44 -15.21 6.14
CA ILE A 569 11.30 -16.02 7.34
C ILE A 569 11.55 -17.49 7.03
N ARG A 570 11.11 -17.96 5.87
CA ARG A 570 11.34 -19.36 5.52
C ARG A 570 12.83 -19.62 5.32
N ASP A 571 13.53 -18.70 4.65
CA ASP A 571 14.97 -18.88 4.47
C ASP A 571 15.69 -18.87 5.81
N ILE A 572 15.31 -17.96 6.70
CA ILE A 572 15.98 -17.86 7.99
C ILE A 572 15.80 -19.16 8.76
N PHE A 573 14.58 -19.70 8.79
CA PHE A 573 14.38 -20.92 9.55
C PHE A 573 14.97 -22.14 8.84
N ASP A 574 15.06 -22.10 7.51
CA ASP A 574 15.77 -23.16 6.81
C ASP A 574 17.24 -23.17 7.20
N LYS A 575 17.85 -21.98 7.28
CA LYS A 575 19.23 -21.89 7.74
C LYS A 575 19.34 -22.37 9.18
N ALA A 576 18.36 -22.04 10.01
CA ALA A 576 18.36 -22.49 11.39
C ALA A 576 18.32 -24.01 11.47
N ARG A 577 17.50 -24.64 10.64
CA ARG A 577 17.39 -26.09 10.64
C ARG A 577 18.64 -26.75 10.08
N ALA A 578 19.27 -26.13 9.09
CA ALA A 578 20.44 -26.73 8.45
C ALA A 578 21.58 -26.90 9.44
N ALA A 579 21.94 -25.85 10.15
CA ALA A 579 23.02 -25.90 11.13
C ALA A 579 22.52 -26.24 12.53
N ALA A 580 21.78 -27.30 12.64
CA ALA A 580 21.23 -27.71 13.92
C ALA A 580 22.33 -28.37 14.75
N PRO A 581 22.51 -27.98 16.02
CA PRO A 581 21.67 -27.13 16.85
C PRO A 581 21.90 -25.64 16.61
N THR A 582 20.89 -24.81 16.82
CA THR A 582 20.98 -23.38 16.58
C THR A 582 20.12 -22.65 17.61
N VAL A 583 20.37 -21.36 17.77
CA VAL A 583 19.64 -20.51 18.71
C VAL A 583 19.24 -19.23 17.99
N VAL A 584 18.00 -19.16 17.53
CA VAL A 584 17.51 -18.02 16.76
C VAL A 584 16.96 -16.99 17.74
N PHE A 585 17.66 -15.86 17.87
CA PHE A 585 17.29 -14.79 18.79
C PHE A 585 16.41 -13.77 18.08
N LEU A 586 15.12 -13.75 18.42
CA LEU A 586 14.18 -12.75 17.91
C LEU A 586 14.15 -11.58 18.87
N ASP A 587 14.86 -10.51 18.52
CA ASP A 587 14.93 -9.33 19.38
C ASP A 587 13.79 -8.38 19.06
N GLU A 588 13.16 -7.85 20.11
CA GLU A 588 12.05 -6.90 19.97
C GLU A 588 10.91 -7.54 19.17
N LEU A 589 10.29 -8.54 19.78
CA LEU A 589 9.19 -9.25 19.13
C LEU A 589 7.96 -8.38 18.94
N ASP A 590 7.92 -7.18 19.53
CA ASP A 590 6.76 -6.32 19.36
C ASP A 590 6.59 -5.83 17.93
N SER A 591 7.53 -6.14 17.04
CA SER A 591 7.42 -5.75 15.63
C SER A 591 6.94 -6.89 14.74
N ILE A 592 7.30 -8.13 15.05
CA ILE A 592 6.81 -9.28 14.29
C ILE A 592 5.52 -9.82 14.90
N ALA A 593 5.54 -10.13 16.19
CA ALA A 593 4.37 -10.70 16.86
C ALA A 593 3.48 -9.62 17.43
N LYS A 594 3.16 -8.64 16.60
CA LYS A 594 2.27 -7.55 17.02
C LYS A 594 0.83 -8.03 17.06
N ALA A 595 0.05 -7.42 17.93
CA ALA A 595 -1.34 -7.81 18.09
C ALA A 595 -2.13 -7.45 16.84
N ARG A 596 -3.01 -8.36 16.42
CA ARG A 596 -3.80 -8.18 15.20
C ARG A 596 -5.26 -7.88 15.48
N GLY A 597 -5.77 -8.28 16.65
CA GLY A 597 -7.16 -8.04 17.01
C GLY A 597 -7.60 -6.61 16.76
N GLY A 598 -8.72 -6.45 16.05
CA GLY A 598 -9.22 -5.12 15.73
C GLY A 598 -9.86 -5.09 14.36
N SER A 599 -9.46 -4.13 13.53
CA SER A 599 -10.00 -3.97 12.20
C SER A 599 -8.85 -3.86 11.20
N LEU A 600 -9.20 -3.66 9.93
CA LEU A 600 -8.23 -3.56 8.84
C LEU A 600 -8.14 -2.11 8.39
N GLY A 601 -6.94 -1.57 8.39
CA GLY A 601 -6.70 -0.21 7.94
C GLY A 601 -6.05 -0.17 6.57
N ASP A 602 -6.60 -0.95 5.64
CA ASP A 602 -6.05 -1.06 4.29
C ASP A 602 -4.54 -1.28 4.32
N ALA A 603 -4.07 -1.95 5.36
CA ALA A 603 -2.65 -2.28 5.46
C ALA A 603 -2.26 -3.28 4.38
N GLY A 604 -3.13 -4.25 4.11
CA GLY A 604 -2.89 -5.25 3.08
C GLY A 604 -2.86 -6.65 3.63
N GLY A 605 -2.81 -6.81 4.95
CA GLY A 605 -2.77 -8.13 5.54
C GLY A 605 -1.40 -8.76 5.53
N ALA A 606 -0.35 -7.98 5.31
CA ALA A 606 0.99 -8.55 5.30
C ALA A 606 1.45 -8.90 6.71
N SER A 607 1.07 -8.08 7.69
CA SER A 607 1.41 -8.41 9.07
C SER A 607 0.75 -9.73 9.49
N ASP A 608 -0.51 -9.92 9.14
CA ASP A 608 -1.19 -11.16 9.46
C ASP A 608 -0.52 -12.34 8.80
N ARG A 609 -0.14 -12.19 7.53
CA ARG A 609 0.53 -13.29 6.84
C ARG A 609 1.87 -13.61 7.47
N VAL A 610 2.61 -12.58 7.87
CA VAL A 610 3.91 -12.81 8.50
C VAL A 610 3.73 -13.54 9.83
N VAL A 611 2.76 -13.12 10.63
CA VAL A 611 2.53 -13.78 11.91
C VAL A 611 2.11 -15.23 11.70
N ASN A 612 1.26 -15.48 10.70
CA ASN A 612 0.84 -16.85 10.43
C ASN A 612 2.00 -17.70 9.94
N GLN A 613 2.87 -17.12 9.12
CA GLN A 613 4.04 -17.87 8.65
C GLN A 613 4.95 -18.21 9.80
N LEU A 614 5.17 -17.27 10.71
CA LEU A 614 6.03 -17.55 11.86
C LEU A 614 5.40 -18.60 12.76
N LEU A 615 4.08 -18.55 12.95
CA LEU A 615 3.43 -19.53 13.81
C LEU A 615 3.48 -20.92 13.20
N THR A 616 3.23 -21.03 11.88
CA THR A 616 3.28 -22.33 11.24
C THR A 616 4.70 -22.86 11.16
N GLU A 617 5.69 -21.98 11.09
CA GLU A 617 7.08 -22.38 10.95
C GLU A 617 7.78 -22.60 12.28
N MET A 618 7.14 -22.23 13.39
CA MET A 618 7.69 -22.54 14.70
C MET A 618 7.10 -23.81 15.30
N ASP A 619 5.88 -24.17 14.92
CA ASP A 619 5.24 -25.38 15.43
C ASP A 619 5.67 -26.65 14.71
N GLY A 620 6.36 -26.55 13.58
CA GLY A 620 6.74 -27.73 12.82
C GLY A 620 8.14 -28.21 13.11
N MET A 621 8.55 -28.13 14.38
CA MET A 621 9.86 -28.57 14.84
C MET A 621 9.70 -29.82 15.71
N ASN A 622 9.93 -30.98 15.11
CA ASN A 622 9.86 -32.24 15.83
C ASN A 622 11.11 -32.37 16.71
N ALA A 623 11.29 -33.54 17.31
CA ALA A 623 12.45 -33.75 18.17
C ALA A 623 13.74 -33.60 17.37
N LYS A 624 13.79 -34.13 16.16
CA LYS A 624 14.95 -33.94 15.31
C LYS A 624 15.08 -32.47 14.92
N LYS A 625 16.31 -32.05 14.64
CA LYS A 625 16.62 -30.66 14.31
C LYS A 625 16.19 -29.73 15.44
N ASN A 626 16.84 -29.90 16.59
CA ASN A 626 16.53 -29.06 17.74
C ASN A 626 16.88 -27.61 17.47
N VAL A 627 15.89 -26.73 17.57
CA VAL A 627 16.07 -25.31 17.32
C VAL A 627 15.38 -24.56 18.46
N PHE A 628 16.16 -23.89 19.29
CA PHE A 628 15.64 -23.17 20.45
C PHE A 628 15.59 -21.67 20.13
N VAL A 629 14.39 -21.10 20.18
CA VAL A 629 14.16 -19.71 19.81
C VAL A 629 14.09 -18.86 21.07
N ILE A 630 14.95 -17.83 21.15
CA ILE A 630 14.98 -16.92 22.27
C ILE A 630 14.23 -15.65 21.89
N GLY A 631 13.21 -15.31 22.66
CA GLY A 631 12.47 -14.07 22.46
C GLY A 631 12.91 -13.02 23.45
N ALA A 632 12.76 -11.75 23.07
CA ALA A 632 13.12 -10.64 23.95
C ALA A 632 12.29 -9.44 23.53
N THR A 633 11.38 -9.02 24.40
CA THR A 633 10.52 -7.87 24.13
C THR A 633 10.52 -6.93 25.32
N ASN A 634 10.40 -5.64 25.01
CA ASN A 634 10.29 -4.61 26.05
C ASN A 634 8.87 -4.53 26.58
N ARG A 635 7.92 -4.21 25.71
CA ARG A 635 6.53 -4.09 26.10
C ARG A 635 5.87 -5.46 25.97
N PRO A 636 5.59 -6.16 27.09
CA PRO A 636 5.07 -7.53 26.98
C PRO A 636 3.60 -7.59 26.63
N ASP A 637 2.90 -6.45 26.62
CA ASP A 637 1.46 -6.42 26.39
C ASP A 637 1.11 -6.34 24.91
N GLN A 638 2.08 -6.07 24.05
CA GLN A 638 1.85 -5.90 22.63
C GLN A 638 2.06 -7.20 21.85
N ILE A 639 2.60 -8.22 22.50
CA ILE A 639 2.92 -9.48 21.84
C ILE A 639 1.64 -10.27 21.63
N ASP A 640 1.45 -10.77 20.41
CA ASP A 640 0.24 -11.52 20.11
C ASP A 640 0.18 -12.77 20.98
N PRO A 641 -0.99 -13.14 21.50
CA PRO A 641 -1.04 -14.30 22.41
C PRO A 641 -0.77 -15.62 21.72
N ALA A 642 -0.93 -15.71 20.40
CA ALA A 642 -0.67 -16.97 19.71
C ALA A 642 0.72 -17.49 20.02
N ILE A 643 1.71 -16.59 20.03
CA ILE A 643 3.08 -17.01 20.35
C ILE A 643 3.13 -17.62 21.74
N LEU A 644 2.41 -17.04 22.69
CA LEU A 644 2.47 -17.45 24.08
C LEU A 644 1.76 -18.77 24.34
N ARG A 645 1.00 -19.28 23.38
CA ARG A 645 0.27 -20.52 23.60
C ARG A 645 1.24 -21.65 23.94
N PRO A 646 0.91 -22.51 24.91
CA PRO A 646 1.81 -23.62 25.23
C PRO A 646 2.04 -24.51 24.02
N GLY A 647 3.26 -25.03 23.93
CA GLY A 647 3.64 -25.89 22.83
C GLY A 647 4.35 -25.17 21.71
N ARG A 648 4.30 -23.84 21.70
CA ARG A 648 4.95 -23.03 20.67
C ARG A 648 6.02 -22.13 21.25
N LEU A 649 5.73 -21.45 22.36
CA LEU A 649 6.74 -20.68 23.08
C LEU A 649 6.28 -20.63 24.54
N ASP A 650 6.87 -21.49 25.37
CA ASP A 650 6.35 -21.76 26.71
C ASP A 650 7.00 -20.90 27.78
N GLN A 651 8.32 -20.98 27.91
CA GLN A 651 9.00 -20.36 29.04
C GLN A 651 8.91 -18.84 28.99
N LEU A 652 8.63 -18.23 30.15
CA LEU A 652 8.54 -16.78 30.29
C LEU A 652 9.45 -16.34 31.44
N ILE A 653 10.63 -15.85 31.11
CA ILE A 653 11.54 -15.30 32.10
C ILE A 653 11.28 -13.81 32.24
N TYR A 654 11.24 -13.36 33.49
CA TYR A 654 11.05 -11.95 33.84
C TYR A 654 12.35 -11.43 34.44
N VAL A 655 12.88 -10.37 33.86
CA VAL A 655 14.17 -9.80 34.29
C VAL A 655 13.88 -8.57 35.16
N PRO A 656 13.90 -8.69 36.48
CA PRO A 656 13.55 -7.55 37.33
C PRO A 656 14.71 -6.57 37.47
N LEU A 657 14.42 -5.45 38.13
CA LEU A 657 15.45 -4.46 38.38
C LEU A 657 16.41 -4.96 39.45
N PRO A 658 17.70 -4.67 39.33
CA PRO A 658 18.66 -5.21 40.30
C PRO A 658 18.40 -4.67 41.70
N ASP A 659 18.75 -5.48 42.70
CA ASP A 659 18.78 -5.05 44.09
C ASP A 659 20.20 -4.64 44.45
N GLU A 660 20.42 -4.33 45.73
CA GLU A 660 21.71 -3.76 46.14
C GLU A 660 22.84 -4.75 45.88
N ASN A 661 22.63 -6.03 46.18
CA ASN A 661 23.67 -7.01 45.90
C ASN A 661 23.84 -7.19 44.40
N ALA A 662 22.74 -7.24 43.66
CA ALA A 662 22.84 -7.29 42.21
C ALA A 662 23.53 -6.05 41.67
N ARG A 663 23.23 -4.88 42.24
CA ARG A 663 23.87 -3.66 41.78
C ARG A 663 25.38 -3.69 42.02
N LEU A 664 25.81 -4.17 43.18
CA LEU A 664 27.23 -4.33 43.43
C LEU A 664 27.85 -5.30 42.44
N SER A 665 27.16 -6.39 42.14
CA SER A 665 27.66 -7.34 41.14
C SER A 665 27.80 -6.66 39.79
N ILE A 666 26.82 -5.83 39.42
CA ILE A 666 26.88 -5.10 38.16
C ILE A 666 28.12 -4.22 38.13
N LEU A 667 28.35 -3.48 39.21
CA LEU A 667 29.46 -2.55 39.25
C LEU A 667 30.79 -3.29 39.14
N ASN A 668 30.93 -4.41 39.84
CA ASN A 668 32.17 -5.17 39.75
C ASN A 668 32.33 -5.82 38.38
N ALA A 669 31.23 -6.19 37.74
CA ALA A 669 31.32 -6.83 36.43
C ALA A 669 31.64 -5.84 35.33
N GLN A 670 31.26 -4.57 35.51
CA GLN A 670 31.55 -3.56 34.49
C GLN A 670 32.95 -2.99 34.65
N LEU A 671 33.57 -3.12 35.83
CA LEU A 671 34.88 -2.56 36.10
C LEU A 671 35.98 -3.61 36.11
N ARG A 672 35.83 -4.68 35.33
CA ARG A 672 36.87 -5.71 35.32
C ARG A 672 38.18 -5.17 34.76
N LYS A 673 38.13 -4.57 33.57
CA LYS A 673 39.32 -4.04 32.92
C LYS A 673 39.49 -2.55 33.20
N THR A 674 39.46 -2.17 34.47
CA THR A 674 39.51 -0.76 34.83
C THR A 674 40.47 -0.55 36.00
N PRO A 675 41.61 0.11 35.78
CA PRO A 675 42.43 0.53 36.92
C PRO A 675 41.64 1.44 37.85
N LEU A 676 41.71 1.15 39.15
CA LEU A 676 40.92 1.85 40.13
C LEU A 676 41.79 2.23 41.32
N GLU A 677 41.32 3.20 42.08
CA GLU A 677 42.00 3.58 43.31
C GLU A 677 42.02 2.38 44.25
N PRO A 678 43.18 2.00 44.81
CA PRO A 678 43.17 0.88 45.76
C PRO A 678 42.29 1.12 46.97
N GLY A 679 42.23 2.35 47.46
CA GLY A 679 41.38 2.67 48.59
C GLY A 679 39.99 3.06 48.15
N LEU A 680 39.34 2.23 47.34
CA LEU A 680 38.03 2.53 46.78
C LEU A 680 37.08 1.38 47.09
N GLU A 681 35.91 1.72 47.63
CA GLU A 681 34.85 0.76 47.90
C GLU A 681 33.63 1.12 47.07
N LEU A 682 33.03 0.13 46.43
CA LEU A 682 31.89 0.33 45.55
C LEU A 682 30.56 0.05 46.24
N THR A 683 30.59 -0.41 47.49
CA THR A 683 29.35 -0.66 48.22
C THR A 683 28.52 0.62 48.36
N ALA A 684 29.19 1.76 48.52
CA ALA A 684 28.48 3.03 48.70
C ALA A 684 27.61 3.34 47.49
N ILE A 685 28.17 3.23 46.29
CA ILE A 685 27.41 3.53 45.08
C ILE A 685 26.15 2.68 45.03
N ALA A 686 26.30 1.37 45.26
CA ALA A 686 25.13 0.49 45.26
C ALA A 686 24.11 0.91 46.30
N LYS A 687 24.57 1.17 47.53
CA LYS A 687 23.66 1.57 48.58
C LYS A 687 22.91 2.85 48.22
N ALA A 688 23.53 3.72 47.42
CA ALA A 688 22.89 4.98 47.08
C ALA A 688 21.84 4.80 45.99
N THR A 689 22.22 4.22 44.87
CA THR A 689 21.28 3.93 43.79
C THR A 689 20.31 2.85 44.25
N GLN A 690 19.07 3.24 44.54
CA GLN A 690 18.08 2.34 45.08
C GLN A 690 16.94 2.05 44.12
N GLY A 691 16.99 2.58 42.90
CA GLY A 691 15.99 2.26 41.91
C GLY A 691 16.57 2.26 40.51
N PHE A 692 17.88 2.09 40.40
CA PHE A 692 18.58 2.22 39.13
C PHE A 692 18.52 0.91 38.36
N SER A 693 18.99 0.98 37.12
CA SER A 693 19.07 -0.16 36.22
C SER A 693 20.51 -0.32 35.77
N GLY A 694 20.80 -1.45 35.12
CA GLY A 694 22.17 -1.70 34.69
C GLY A 694 22.69 -0.61 33.78
N ALA A 695 21.82 -0.10 32.90
CA ALA A 695 22.23 0.98 32.01
C ALA A 695 22.61 2.23 32.80
N ASP A 696 21.89 2.51 33.89
CA ASP A 696 22.21 3.68 34.71
C ASP A 696 23.58 3.54 35.35
N LEU A 697 23.90 2.35 35.86
CA LEU A 697 25.22 2.13 36.44
C LEU A 697 26.30 2.26 35.38
N LEU A 698 26.04 1.72 34.19
CA LEU A 698 26.99 1.90 33.10
C LEU A 698 27.21 3.38 32.81
N TYR A 699 26.13 4.17 32.82
CA TYR A 699 26.26 5.60 32.59
C TYR A 699 27.09 6.26 33.67
N ILE A 700 26.89 5.87 34.93
CA ILE A 700 27.67 6.46 36.01
C ILE A 700 29.15 6.17 35.82
N VAL A 701 29.48 4.92 35.49
CA VAL A 701 30.88 4.56 35.34
C VAL A 701 31.50 5.27 34.14
N GLN A 702 30.75 5.41 33.06
CA GLN A 702 31.27 6.12 31.89
C GLN A 702 31.48 7.60 32.20
N ARG A 703 30.57 8.21 32.98
CA ARG A 703 30.78 9.59 33.38
C ARG A 703 32.05 9.74 34.21
N ALA A 704 32.27 8.81 35.14
CA ALA A 704 33.50 8.87 35.93
C ALA A 704 34.72 8.73 35.04
N ALA A 705 34.66 7.82 34.08
CA ALA A 705 35.78 7.66 33.16
C ALA A 705 36.02 8.93 32.35
N LYS A 706 34.95 9.60 31.93
CA LYS A 706 35.13 10.82 31.14
C LYS A 706 35.76 11.92 31.98
N TYR A 707 35.35 12.05 33.24
CA TYR A 707 36.01 13.03 34.10
C TYR A 707 37.48 12.68 34.29
N ALA A 708 37.80 11.40 34.45
CA ALA A 708 39.20 10.99 34.57
C ALA A 708 39.98 11.35 33.31
N ILE A 709 39.40 11.12 32.13
CA ILE A 709 40.08 11.44 30.89
C ILE A 709 40.30 12.94 30.79
N LYS A 710 39.30 13.73 31.19
CA LYS A 710 39.46 15.18 31.14
C LYS A 710 40.60 15.62 32.06
N ASP A 711 40.67 15.06 33.26
CA ASP A 711 41.77 15.42 34.16
C ASP A 711 43.10 15.02 33.57
N SER A 712 43.17 13.84 32.94
CA SER A 712 44.41 13.39 32.33
C SER A 712 44.84 14.35 31.23
N ILE A 713 43.91 14.78 30.38
CA ILE A 713 44.26 15.66 29.28
C ILE A 713 44.68 17.03 29.81
N GLU A 714 44.02 17.51 30.86
CA GLU A 714 44.45 18.78 31.44
C GLU A 714 45.85 18.69 32.00
N ALA A 715 46.16 17.59 32.70
CA ALA A 715 47.49 17.42 33.25
C ALA A 715 48.53 17.33 32.14
N HIS A 716 48.22 16.62 31.06
CA HIS A 716 49.14 16.51 29.94
C HIS A 716 49.38 17.87 29.31
N ARG A 717 48.32 18.66 29.15
CA ARG A 717 48.48 19.99 28.58
C ARG A 717 49.34 20.87 29.47
N GLN A 718 49.13 20.81 30.78
CA GLN A 718 49.96 21.59 31.69
C GLN A 718 51.42 21.15 31.61
N HIS A 719 51.66 19.84 31.56
CA HIS A 719 53.03 19.34 31.46
C HIS A 719 53.69 19.80 30.17
N GLU A 720 52.95 19.76 29.05
CA GLU A 720 53.51 20.23 27.79
C GLU A 720 53.82 21.73 27.88
N ALA A 721 52.90 22.51 28.45
CA ALA A 721 53.11 23.95 28.54
C ALA A 721 54.34 24.29 29.36
N GLU A 722 54.50 23.63 30.51
CA GLU A 722 55.68 23.85 31.34
C GLU A 722 56.93 23.20 30.76
N LYS A 723 56.80 22.32 29.77
CA LYS A 723 57.98 21.71 29.17
C LYS A 723 58.87 22.76 28.51
N GLU A 724 58.27 23.62 27.69
CA GLU A 724 59.02 24.71 27.07
C GLU A 724 59.34 25.81 28.08
N VAL A 747 55.17 9.49 35.05
CA VAL A 747 54.95 9.88 33.68
C VAL A 747 53.46 9.93 33.38
N ASP A 748 52.67 9.24 34.20
CA ASP A 748 51.21 9.22 34.06
C ASP A 748 50.57 9.92 35.25
N PRO A 749 50.10 11.16 35.09
CA PRO A 749 49.57 11.88 36.26
C PRO A 749 48.42 11.19 36.95
N VAL A 750 47.51 10.58 36.20
CA VAL A 750 46.34 9.91 36.75
C VAL A 750 46.28 8.49 36.24
N PRO A 751 46.68 7.48 37.03
CA PRO A 751 46.64 6.09 36.55
C PRO A 751 45.40 5.30 36.94
N TYR A 752 44.37 5.93 37.49
CA TYR A 752 43.14 5.21 37.82
C TYR A 752 42.05 6.23 38.12
N ILE A 753 40.81 5.79 37.94
CA ILE A 753 39.65 6.61 38.28
C ILE A 753 39.66 6.84 39.79
N THR A 754 39.87 8.09 40.19
CA THR A 754 40.08 8.39 41.60
C THR A 754 38.75 8.49 42.33
N LYS A 755 38.82 8.85 43.61
CA LYS A 755 37.64 8.93 44.46
C LYS A 755 36.74 10.08 44.05
N GLU A 756 37.31 11.28 43.87
CA GLU A 756 36.52 12.44 43.52
C GLU A 756 35.90 12.29 42.13
N HIS A 757 36.52 11.51 41.26
CA HIS A 757 35.97 11.33 39.93
C HIS A 757 34.62 10.61 40.01
N PHE A 758 34.57 9.51 40.76
CA PHE A 758 33.30 8.85 40.98
C PHE A 758 32.34 9.70 41.79
N ALA A 759 32.85 10.49 42.74
CA ALA A 759 31.97 11.36 43.51
C ALA A 759 31.27 12.37 42.61
N GLU A 760 31.98 12.92 41.64
CA GLU A 760 31.42 13.90 40.73
C GLU A 760 30.60 13.28 39.61
N ALA A 761 30.87 12.02 39.26
CA ALA A 761 30.17 11.41 38.13
C ALA A 761 28.68 11.28 38.37
N MET A 762 28.25 11.13 39.63
CA MET A 762 26.85 10.85 39.91
C MET A 762 26.02 12.12 40.02
N LYS A 763 26.63 13.29 39.86
CA LYS A 763 25.87 14.54 39.90
C LYS A 763 24.87 14.60 38.76
N THR A 764 25.13 13.89 37.66
CA THR A 764 24.23 13.87 36.51
C THR A 764 23.66 12.46 36.30
N ALA A 765 23.54 11.71 37.39
CA ALA A 765 23.03 10.34 37.35
C ALA A 765 21.52 10.36 37.61
N LYS A 766 20.75 10.23 36.54
CA LYS A 766 19.30 10.18 36.61
C LYS A 766 18.84 8.73 36.77
N ARG A 767 17.53 8.55 36.88
CA ARG A 767 16.90 7.23 36.85
C ARG A 767 16.30 6.97 35.48
N SER A 768 16.50 5.76 34.98
CA SER A 768 16.13 5.48 33.58
C SER A 768 14.65 5.15 33.46
N VAL A 769 14.12 4.31 34.34
CA VAL A 769 12.73 3.85 34.29
C VAL A 769 11.93 4.56 35.37
N SER A 770 10.76 5.07 35.00
CA SER A 770 9.89 5.74 35.94
C SER A 770 9.06 4.72 36.71
N ASP A 771 8.13 5.19 37.53
CA ASP A 771 7.35 4.27 38.35
C ASP A 771 6.19 3.64 37.59
N ALA A 772 5.69 4.30 36.54
CA ALA A 772 4.58 3.74 35.79
C ALA A 772 4.98 2.46 35.07
N GLU A 773 6.17 2.46 34.47
CA GLU A 773 6.63 1.25 33.78
C GLU A 773 6.84 0.11 34.75
N LEU A 774 7.43 0.38 35.90
CA LEU A 774 7.59 -0.66 36.91
C LEU A 774 6.22 -1.16 37.36
N ARG A 775 5.26 -0.27 37.50
CA ARG A 775 3.91 -0.66 37.91
C ARG A 775 3.30 -1.61 36.89
N ARG A 776 3.37 -1.27 35.61
CA ARG A 776 2.74 -2.11 34.60
C ARG A 776 3.47 -3.45 34.48
N TYR A 777 4.79 -3.45 34.61
CA TYR A 777 5.52 -4.71 34.57
C TYR A 777 5.17 -5.60 35.75
N GLU A 778 5.03 -5.01 36.94
CA GLU A 778 4.61 -5.79 38.10
C GLU A 778 3.21 -6.33 37.91
N ALA A 779 2.32 -5.53 37.32
CA ALA A 779 0.97 -6.02 37.06
C ALA A 779 0.98 -7.19 36.09
N TYR A 780 1.79 -7.10 35.03
CA TYR A 780 1.90 -8.21 34.10
C TYR A 780 2.47 -9.45 34.78
N SER A 781 3.48 -9.27 35.61
CA SER A 781 4.11 -10.40 36.28
C SER A 781 3.12 -11.09 37.22
N GLN A 782 2.42 -10.31 38.05
CA GLN A 782 1.49 -10.88 39.01
C GLN A 782 0.28 -11.49 38.32
N GLN A 783 -0.13 -10.93 37.19
CA GLN A 783 -1.26 -11.51 36.45
C GLN A 783 -0.94 -12.92 36.00
N MET A 784 0.29 -13.16 35.54
CA MET A 784 0.68 -14.46 35.01
C MET A 784 1.40 -15.28 36.07
N VAL B 211 53.13 -1.50 -11.53
CA VAL B 211 52.32 -1.53 -10.34
C VAL B 211 52.64 -2.79 -9.52
N GLY B 212 53.46 -2.63 -8.49
CA GLY B 212 53.87 -3.73 -7.64
C GLY B 212 53.04 -3.83 -6.39
N TYR B 213 53.57 -4.58 -5.42
CA TYR B 213 52.90 -4.77 -4.14
C TYR B 213 53.09 -3.60 -3.19
N ASP B 214 53.95 -2.64 -3.52
CA ASP B 214 54.18 -1.49 -2.66
C ASP B 214 53.30 -0.31 -3.01
N ASP B 215 52.41 -0.45 -3.98
CA ASP B 215 51.43 0.58 -4.30
C ASP B 215 50.12 0.40 -3.56
N ILE B 216 50.03 -0.59 -2.67
CA ILE B 216 48.81 -0.87 -1.92
C ILE B 216 49.11 -0.67 -0.44
N GLY B 217 48.31 0.17 0.21
CA GLY B 217 48.52 0.49 1.61
C GLY B 217 47.26 0.29 2.41
N GLY B 218 47.46 0.04 3.71
CA GLY B 218 46.36 -0.06 4.65
C GLY B 218 45.70 -1.41 4.75
N CYS B 219 46.15 -2.41 4.00
CA CYS B 219 45.56 -3.73 4.03
C CYS B 219 46.66 -4.79 4.07
N ARG B 220 47.61 -4.63 4.99
CA ARG B 220 48.73 -5.56 5.07
C ARG B 220 48.26 -6.97 5.39
N LYS B 221 47.30 -7.11 6.30
CA LYS B 221 46.83 -8.44 6.66
C LYS B 221 46.21 -9.16 5.47
N GLN B 222 45.30 -8.49 4.77
CA GLN B 222 44.70 -9.09 3.58
C GLN B 222 45.74 -9.32 2.51
N MET B 223 46.70 -8.40 2.40
CA MET B 223 47.78 -8.56 1.43
C MET B 223 48.53 -9.86 1.69
N ALA B 224 48.88 -10.14 2.94
CA ALA B 224 49.55 -11.39 3.25
C ALA B 224 48.65 -12.59 3.01
N GLN B 225 47.37 -12.46 3.35
CA GLN B 225 46.45 -13.57 3.18
C GLN B 225 46.35 -13.98 1.72
N ILE B 226 46.36 -13.02 0.81
CA ILE B 226 46.32 -13.37 -0.61
C ILE B 226 47.71 -13.75 -1.12
N ARG B 227 48.76 -13.14 -0.58
CA ARG B 227 50.11 -13.43 -1.04
C ARG B 227 50.46 -14.89 -0.80
N GLU B 228 50.15 -15.40 0.38
CA GLU B 228 50.48 -16.80 0.66
C GLU B 228 49.77 -17.73 -0.32
N MET B 229 48.45 -17.57 -0.45
CA MET B 229 47.69 -18.48 -1.30
C MET B 229 48.12 -18.39 -2.76
N VAL B 230 48.54 -17.21 -3.21
CA VAL B 230 48.86 -17.08 -4.63
C VAL B 230 50.30 -17.49 -4.93
N GLU B 231 51.24 -17.27 -4.00
CA GLU B 231 52.64 -17.53 -4.27
C GLU B 231 53.10 -18.89 -3.75
N LEU B 232 52.85 -19.20 -2.47
CA LEU B 232 53.42 -20.41 -1.90
C LEU B 232 53.00 -21.66 -2.66
N PRO B 233 51.74 -21.84 -3.04
CA PRO B 233 51.39 -23.00 -3.88
C PRO B 233 51.88 -22.88 -5.31
N LEU B 234 52.44 -21.74 -5.71
CA LEU B 234 52.99 -21.56 -7.04
C LEU B 234 54.45 -21.13 -7.00
N ARG B 235 55.07 -21.15 -5.83
CA ARG B 235 56.49 -20.86 -5.68
C ARG B 235 57.24 -21.98 -5.00
N HIS B 236 56.65 -22.62 -4.00
CA HIS B 236 57.23 -23.78 -3.34
C HIS B 236 56.17 -24.88 -3.22
N PRO B 237 55.74 -25.45 -4.35
CA PRO B 237 54.74 -26.52 -4.28
C PRO B 237 55.24 -27.73 -3.51
N GLN B 238 56.54 -27.98 -3.51
CA GLN B 238 57.07 -29.17 -2.86
C GLN B 238 56.75 -29.15 -1.37
N LEU B 239 56.83 -27.98 -0.75
CA LEU B 239 56.50 -27.87 0.67
C LEU B 239 55.08 -28.34 0.95
N PHE B 240 54.16 -28.07 0.02
CA PHE B 240 52.78 -28.51 0.23
C PHE B 240 52.62 -30.00 0.01
N LYS B 241 53.55 -30.64 -0.68
CA LYS B 241 53.60 -32.11 -0.67
C LYS B 241 54.09 -32.63 0.66
N ALA B 242 54.90 -31.84 1.38
CA ALA B 242 55.44 -32.32 2.65
C ALA B 242 54.39 -32.31 3.74
N ILE B 243 53.55 -31.29 3.78
CA ILE B 243 52.53 -31.23 4.82
C ILE B 243 51.50 -32.33 4.61
N GLY B 244 51.19 -32.66 3.36
CA GLY B 244 50.35 -33.79 3.05
C GLY B 244 49.07 -33.44 2.32
N ILE B 245 48.50 -32.29 2.64
CA ILE B 245 47.20 -31.89 2.10
C ILE B 245 47.41 -30.84 1.02
N LYS B 246 46.36 -30.59 0.24
CA LYS B 246 46.40 -29.58 -0.81
C LYS B 246 45.97 -28.23 -0.27
N PRO B 247 46.41 -27.14 -0.90
CA PRO B 247 46.08 -25.81 -0.40
C PRO B 247 44.74 -25.35 -0.93
N PRO B 248 44.17 -24.29 -0.36
CA PRO B 248 42.97 -23.69 -0.95
C PRO B 248 43.29 -23.08 -2.31
N ARG B 249 42.31 -23.16 -3.21
CA ARG B 249 42.47 -22.67 -4.58
C ARG B 249 41.24 -21.88 -4.99
N GLY B 250 40.79 -20.98 -4.11
CA GLY B 250 39.67 -20.11 -4.42
C GLY B 250 39.51 -19.05 -3.37
N VAL B 251 39.36 -17.79 -3.77
CA VAL B 251 39.29 -16.68 -2.83
C VAL B 251 38.30 -15.66 -3.32
N LEU B 252 37.56 -15.07 -2.39
CA LEU B 252 36.56 -14.05 -2.69
C LEU B 252 36.90 -12.78 -1.92
N MET B 253 37.23 -11.72 -2.64
CA MET B 253 37.48 -10.41 -2.04
C MET B 253 36.19 -9.61 -2.02
N TYR B 254 35.87 -9.03 -0.88
CA TYR B 254 34.66 -8.24 -0.77
C TYR B 254 34.90 -7.04 0.14
N GLY B 255 34.14 -5.98 -0.12
CA GLY B 255 34.22 -4.77 0.66
C GLY B 255 33.59 -3.60 -0.06
N PRO B 256 33.47 -2.46 0.61
CA PRO B 256 32.87 -1.29 -0.02
C PRO B 256 33.64 -0.91 -1.28
N PRO B 257 33.01 -0.17 -2.18
CA PRO B 257 33.70 0.23 -3.41
C PRO B 257 34.82 1.22 -3.14
N GLY B 258 35.81 1.20 -4.02
CA GLY B 258 36.93 2.12 -3.88
C GLY B 258 37.85 1.81 -2.72
N THR B 259 38.18 0.53 -2.52
CA THR B 259 39.04 0.14 -1.42
C THR B 259 40.32 -0.54 -1.86
N GLY B 260 40.37 -1.13 -3.04
CA GLY B 260 41.61 -1.68 -3.56
C GLY B 260 41.50 -3.12 -4.01
N LYS B 261 40.28 -3.59 -4.25
CA LYS B 261 40.10 -4.96 -4.71
C LYS B 261 40.69 -5.16 -6.09
N THR B 262 40.26 -4.34 -7.06
CA THR B 262 40.81 -4.43 -8.40
C THR B 262 42.27 -4.05 -8.42
N LEU B 263 42.67 -3.10 -7.58
CA LEU B 263 44.08 -2.75 -7.48
C LEU B 263 44.91 -3.94 -7.02
N MET B 264 44.41 -4.69 -6.03
CA MET B 264 45.15 -5.85 -5.57
C MET B 264 45.21 -6.92 -6.65
N ALA B 265 44.11 -7.12 -7.38
CA ALA B 265 44.15 -8.08 -8.48
C ALA B 265 45.18 -7.67 -9.52
N ARG B 266 45.26 -6.38 -9.84
CA ARG B 266 46.25 -5.90 -10.79
C ARG B 266 47.67 -6.12 -10.27
N ALA B 267 47.88 -5.89 -8.97
CA ALA B 267 49.19 -6.10 -8.39
C ALA B 267 49.60 -7.57 -8.48
N VAL B 268 48.68 -8.47 -8.16
CA VAL B 268 48.98 -9.89 -8.27
C VAL B 268 49.30 -10.26 -9.71
N ALA B 269 48.52 -9.73 -10.66
CA ALA B 269 48.78 -10.05 -12.05
C ALA B 269 50.14 -9.56 -12.49
N ASN B 270 50.54 -8.37 -12.05
CA ASN B 270 51.80 -7.80 -12.49
C ASN B 270 53.00 -8.49 -11.84
N GLU B 271 52.89 -8.83 -10.56
CA GLU B 271 54.04 -9.34 -9.82
C GLU B 271 54.24 -10.83 -10.03
N THR B 272 53.18 -11.63 -9.85
CA THR B 272 53.31 -13.07 -9.99
C THR B 272 53.60 -13.44 -11.43
N GLY B 273 54.56 -14.34 -11.63
CA GLY B 273 55.01 -14.72 -12.94
C GLY B 273 54.19 -15.77 -13.64
N ALA B 274 53.10 -16.22 -13.02
CA ALA B 274 52.26 -17.25 -13.62
C ALA B 274 51.29 -16.62 -14.62
N PHE B 275 50.63 -17.49 -15.37
CA PHE B 275 49.62 -17.04 -16.33
C PHE B 275 48.46 -16.39 -15.59
N PHE B 276 47.86 -15.38 -16.23
CA PHE B 276 46.77 -14.63 -15.64
C PHE B 276 45.66 -14.47 -16.66
N PHE B 277 44.45 -14.87 -16.27
CA PHE B 277 43.27 -14.80 -17.12
C PHE B 277 42.26 -13.86 -16.48
N LEU B 278 41.70 -12.96 -17.28
CA LEU B 278 40.80 -11.92 -16.80
C LEU B 278 39.41 -12.15 -17.36
N ILE B 279 38.41 -12.14 -16.49
CA ILE B 279 37.01 -12.29 -16.88
C ILE B 279 36.23 -11.17 -16.23
N ASN B 280 35.75 -10.23 -17.04
CA ASN B 280 34.75 -9.28 -16.56
C ASN B 280 33.41 -9.99 -16.44
N GLY B 281 32.56 -9.48 -15.56
CA GLY B 281 31.36 -10.20 -15.19
C GLY B 281 30.44 -10.45 -16.38
N PRO B 282 29.83 -9.38 -16.89
CA PRO B 282 28.90 -9.53 -18.01
C PRO B 282 29.55 -10.02 -19.30
N GLU B 283 30.88 -10.01 -19.40
CA GLU B 283 31.52 -10.32 -20.67
C GLU B 283 31.20 -11.74 -21.14
N VAL B 284 30.95 -12.67 -20.22
CA VAL B 284 30.76 -14.06 -20.60
C VAL B 284 29.48 -14.22 -21.43
N MET B 285 28.45 -13.44 -21.12
CA MET B 285 27.15 -13.64 -21.73
C MET B 285 27.20 -13.38 -23.23
N SER B 286 26.37 -14.12 -23.97
CA SER B 286 26.31 -13.99 -25.42
C SER B 286 24.90 -14.30 -25.88
N LYS B 287 24.65 -14.08 -27.17
CA LYS B 287 23.31 -14.19 -27.73
C LYS B 287 22.97 -15.61 -28.21
N MET B 288 23.93 -16.28 -28.85
CA MET B 288 23.66 -17.61 -29.37
C MET B 288 23.31 -18.57 -28.23
N ALA B 289 22.42 -19.52 -28.52
CA ALA B 289 21.94 -20.43 -27.49
C ALA B 289 23.08 -21.30 -26.98
N GLY B 290 23.14 -21.44 -25.65
CA GLY B 290 24.18 -22.25 -25.04
C GLY B 290 25.58 -21.79 -25.38
N GLU B 291 25.80 -20.47 -25.45
CA GLU B 291 27.11 -19.92 -25.76
C GLU B 291 27.86 -19.42 -24.54
N SER B 292 27.15 -18.96 -23.51
CA SER B 292 27.81 -18.50 -22.30
C SER B 292 28.61 -19.64 -21.66
N GLU B 293 28.00 -20.80 -21.53
CA GLU B 293 28.70 -21.94 -20.95
C GLU B 293 29.89 -22.33 -21.81
N SER B 294 29.74 -22.22 -23.13
CA SER B 294 30.88 -22.49 -24.00
C SER B 294 32.01 -21.51 -23.71
N ASN B 295 31.68 -20.24 -23.48
CA ASN B 295 32.72 -19.26 -23.15
C ASN B 295 33.42 -19.62 -21.85
N LEU B 296 32.65 -19.99 -20.82
CA LEU B 296 33.28 -20.35 -19.55
C LEU B 296 34.16 -21.59 -19.70
N ARG B 297 33.68 -22.59 -20.42
CA ARG B 297 34.50 -23.78 -20.63
C ARG B 297 35.79 -23.43 -21.37
N LYS B 298 35.68 -22.60 -22.41
CA LYS B 298 36.88 -22.22 -23.16
C LYS B 298 37.86 -21.47 -22.27
N ALA B 299 37.35 -20.58 -21.43
CA ALA B 299 38.22 -19.83 -20.53
C ALA B 299 38.97 -20.77 -19.60
N PHE B 300 38.24 -21.66 -18.93
CA PHE B 300 38.89 -22.55 -17.97
C PHE B 300 39.88 -23.47 -18.66
N GLU B 301 39.51 -24.01 -19.83
CA GLU B 301 40.42 -24.91 -20.54
C GLU B 301 41.67 -24.18 -20.99
N GLU B 302 41.53 -22.96 -21.52
CA GLU B 302 42.69 -22.20 -21.95
C GLU B 302 43.60 -21.90 -20.77
N ALA B 303 43.03 -21.54 -19.63
CA ALA B 303 43.85 -21.29 -18.45
C ALA B 303 44.56 -22.55 -18.00
N GLU B 304 43.85 -23.68 -18.00
CA GLU B 304 44.41 -24.89 -17.42
C GLU B 304 45.49 -25.50 -18.31
N LYS B 305 45.29 -25.48 -19.62
CA LYS B 305 46.14 -26.30 -20.50
C LYS B 305 47.58 -25.81 -20.49
N ASN B 306 47.79 -24.50 -20.50
CA ASN B 306 49.13 -23.99 -20.79
C ASN B 306 50.05 -24.05 -19.57
N ALA B 307 49.55 -23.65 -18.41
CA ALA B 307 50.42 -23.47 -17.26
C ALA B 307 49.59 -23.31 -16.00
N PRO B 308 50.18 -23.35 -14.81
CA PRO B 308 49.42 -22.95 -13.62
C PRO B 308 49.08 -21.47 -13.70
N ALA B 309 47.83 -21.15 -13.38
CA ALA B 309 47.27 -19.87 -13.76
C ALA B 309 46.34 -19.34 -12.68
N ILE B 310 46.06 -18.04 -12.78
CA ILE B 310 45.15 -17.35 -11.89
C ILE B 310 44.00 -16.83 -12.74
N ILE B 311 42.79 -17.30 -12.44
CA ILE B 311 41.59 -16.70 -12.99
C ILE B 311 41.20 -15.52 -12.12
N PHE B 312 40.72 -14.45 -12.73
CA PHE B 312 40.19 -13.32 -11.98
C PHE B 312 38.81 -12.97 -12.52
N ILE B 313 37.80 -13.04 -11.65
CA ILE B 313 36.43 -12.72 -12.00
C ILE B 313 36.07 -11.42 -11.30
N ASP B 314 36.03 -10.34 -12.07
CA ASP B 314 35.70 -9.02 -11.56
C ASP B 314 34.19 -8.82 -11.57
N GLU B 315 33.66 -8.32 -10.46
CA GLU B 315 32.21 -8.13 -10.32
C GLU B 315 31.48 -9.45 -10.56
N ILE B 316 31.80 -10.44 -9.72
CA ILE B 316 31.16 -11.75 -9.85
C ILE B 316 29.69 -11.70 -9.51
N ASP B 317 29.25 -10.67 -8.77
CA ASP B 317 27.84 -10.57 -8.41
C ASP B 317 26.94 -10.48 -9.64
N SER B 318 27.48 -10.06 -10.79
CA SER B 318 26.66 -9.94 -11.99
C SER B 318 26.31 -11.30 -12.58
N ILE B 319 27.18 -12.29 -12.40
CA ILE B 319 26.95 -13.61 -12.99
C ILE B 319 26.74 -14.67 -11.92
N ALA B 320 26.10 -14.29 -10.81
CA ALA B 320 25.77 -15.24 -9.74
C ALA B 320 24.53 -14.74 -9.01
N PRO B 321 23.38 -14.75 -9.68
CA PRO B 321 22.16 -14.19 -9.08
C PRO B 321 21.48 -15.08 -8.05
N LYS B 322 22.12 -16.12 -7.55
CA LYS B 322 21.65 -16.98 -6.46
C LYS B 322 20.66 -18.05 -6.92
N ARG B 323 20.22 -18.07 -8.18
CA ARG B 323 19.36 -19.13 -8.71
C ARG B 323 18.07 -19.31 -7.91
N ASP B 324 17.73 -18.39 -7.05
CA ASP B 324 16.52 -18.51 -6.25
C ASP B 324 15.64 -17.28 -6.37
N LYS B 325 16.23 -16.10 -6.47
CA LYS B 325 15.49 -14.89 -6.75
C LYS B 325 15.44 -14.58 -8.23
N THR B 326 16.37 -15.12 -9.01
CA THR B 326 16.34 -14.91 -10.45
C THR B 326 15.19 -15.67 -11.10
N ASN B 327 14.76 -15.18 -12.25
CA ASN B 327 13.70 -15.80 -13.02
C ASN B 327 14.10 -16.06 -14.46
N GLY B 328 15.34 -15.79 -14.84
CA GLY B 328 15.79 -16.05 -16.18
C GLY B 328 16.12 -17.52 -16.38
N GLU B 329 16.63 -17.80 -17.58
CA GLU B 329 17.02 -19.16 -17.95
C GLU B 329 18.52 -19.25 -18.21
N VAL B 330 19.06 -18.42 -19.09
CA VAL B 330 20.49 -18.49 -19.39
C VAL B 330 21.31 -18.27 -18.12
N GLU B 331 20.86 -17.36 -17.26
CA GLU B 331 21.58 -17.10 -16.01
C GLU B 331 21.64 -18.34 -15.14
N ARG B 332 20.51 -19.03 -14.99
CA ARG B 332 20.48 -20.18 -14.12
C ARG B 332 21.28 -21.36 -14.66
N ARG B 333 21.57 -21.40 -15.96
CA ARG B 333 22.48 -22.41 -16.45
C ARG B 333 23.93 -21.96 -16.35
N VAL B 334 24.21 -20.67 -16.47
CA VAL B 334 25.59 -20.23 -16.36
C VAL B 334 26.08 -20.34 -14.93
N VAL B 335 25.19 -20.12 -13.95
CA VAL B 335 25.60 -20.34 -12.56
C VAL B 335 25.92 -21.81 -12.33
N SER B 336 25.09 -22.70 -12.85
CA SER B 336 25.34 -24.13 -12.69
C SER B 336 26.61 -24.55 -13.41
N GLN B 337 26.88 -23.95 -14.57
CA GLN B 337 28.12 -24.27 -15.28
C GLN B 337 29.33 -23.83 -14.47
N LEU B 338 29.25 -22.66 -13.84
CA LEU B 338 30.34 -22.25 -12.95
C LEU B 338 30.51 -23.22 -11.80
N LEU B 339 29.40 -23.65 -11.19
CA LEU B 339 29.48 -24.64 -10.12
C LEU B 339 30.19 -25.91 -10.59
N THR B 340 29.81 -26.41 -11.76
CA THR B 340 30.42 -27.64 -12.27
C THR B 340 31.90 -27.43 -12.55
N LEU B 341 32.27 -26.28 -13.11
CA LEU B 341 33.66 -26.05 -13.45
C LEU B 341 34.52 -25.95 -12.18
N MET B 342 33.97 -25.37 -11.11
CA MET B 342 34.77 -25.16 -9.92
C MET B 342 34.96 -26.44 -9.12
N ASP B 343 34.01 -27.38 -9.19
CA ASP B 343 34.17 -28.67 -8.54
C ASP B 343 33.39 -29.72 -9.32
N GLY B 344 33.93 -30.93 -9.35
CA GLY B 344 33.30 -32.03 -10.06
C GLY B 344 34.35 -33.02 -10.51
N MET B 345 33.99 -33.82 -11.51
CA MET B 345 34.93 -34.76 -12.10
C MET B 345 35.92 -34.00 -12.97
N LYS B 346 37.21 -34.10 -12.64
CA LYS B 346 38.24 -33.33 -13.30
C LYS B 346 37.94 -31.83 -13.20
N ALA B 347 37.93 -31.35 -11.95
CA ALA B 347 37.50 -29.97 -11.69
C ALA B 347 38.62 -28.98 -11.97
N ARG B 348 39.72 -29.07 -11.24
CA ARG B 348 40.78 -28.08 -11.36
C ARG B 348 42.09 -28.69 -10.92
N SER B 349 43.14 -28.45 -11.70
CA SER B 349 44.47 -29.01 -11.44
C SER B 349 45.48 -27.87 -11.44
N ASN B 350 45.83 -27.39 -10.25
CA ASN B 350 46.88 -26.38 -10.08
C ASN B 350 46.55 -25.08 -10.79
N VAL B 351 45.36 -24.53 -10.50
CA VAL B 351 44.97 -23.20 -10.93
C VAL B 351 44.13 -22.59 -9.83
N VAL B 352 44.30 -21.30 -9.60
CA VAL B 352 43.63 -20.63 -8.50
C VAL B 352 42.69 -19.57 -9.06
N VAL B 353 41.57 -19.36 -8.37
CA VAL B 353 40.52 -18.45 -8.81
C VAL B 353 40.34 -17.36 -7.77
N ILE B 354 40.44 -16.11 -8.21
CA ILE B 354 40.16 -14.95 -7.39
C ILE B 354 38.88 -14.30 -7.93
N ALA B 355 38.00 -13.90 -7.03
CA ALA B 355 36.80 -13.18 -7.41
C ALA B 355 36.72 -11.90 -6.60
N ALA B 356 36.12 -10.87 -7.20
CA ALA B 356 35.96 -9.58 -6.51
C ALA B 356 34.49 -9.18 -6.54
N THR B 357 33.99 -8.66 -5.42
CA THR B 357 32.58 -8.27 -5.38
C THR B 357 32.39 -7.14 -4.39
N ASN B 358 31.31 -6.38 -4.60
CA ASN B 358 30.85 -5.38 -3.65
C ASN B 358 29.63 -5.81 -2.86
N ARG B 359 28.95 -6.87 -3.30
CA ARG B 359 27.73 -7.36 -2.67
C ARG B 359 27.88 -8.86 -2.46
N PRO B 360 28.63 -9.27 -1.43
CA PRO B 360 28.82 -10.70 -1.20
C PRO B 360 27.54 -11.43 -0.86
N ASN B 361 26.52 -10.74 -0.35
CA ASN B 361 25.27 -11.39 0.00
C ASN B 361 24.39 -11.69 -1.20
N SER B 362 24.68 -11.09 -2.35
CA SER B 362 23.96 -11.39 -3.58
C SER B 362 24.59 -12.52 -4.37
N ILE B 363 25.30 -13.42 -3.71
CA ILE B 363 26.01 -14.52 -4.35
C ILE B 363 25.31 -15.82 -3.99
N ASP B 364 25.30 -16.75 -4.93
CA ASP B 364 24.69 -18.04 -4.68
C ASP B 364 25.44 -18.73 -3.55
N PRO B 365 24.75 -19.22 -2.51
CA PRO B 365 25.48 -19.89 -1.43
C PRO B 365 26.29 -21.09 -1.88
N ALA B 366 25.87 -21.76 -2.94
CA ALA B 366 26.65 -22.90 -3.42
C ALA B 366 28.05 -22.48 -3.85
N LEU B 367 28.21 -21.24 -4.31
CA LEU B 367 29.53 -20.75 -4.68
C LEU B 367 30.42 -20.50 -3.46
N ARG B 368 29.84 -20.34 -2.27
CA ARG B 368 30.59 -19.99 -1.07
C ARG B 368 30.94 -21.20 -0.24
N ARG B 369 31.18 -22.33 -0.88
CA ARG B 369 31.49 -23.59 -0.22
C ARG B 369 32.96 -23.92 -0.40
N PHE B 370 33.50 -24.71 0.54
CA PHE B 370 34.86 -25.17 0.40
C PHE B 370 35.03 -25.96 -0.89
N GLY B 371 36.16 -25.76 -1.56
CA GLY B 371 36.42 -26.32 -2.86
C GLY B 371 36.15 -25.36 -4.00
N ARG B 372 35.19 -24.45 -3.82
CA ARG B 372 34.87 -23.44 -4.81
C ARG B 372 35.38 -22.07 -4.41
N PHE B 373 34.99 -21.57 -3.24
CA PHE B 373 35.51 -20.32 -2.69
C PHE B 373 35.67 -20.56 -1.19
N ASP B 374 36.87 -20.97 -0.80
CA ASP B 374 37.08 -21.40 0.58
C ASP B 374 37.27 -20.21 1.51
N ARG B 375 37.99 -19.18 1.06
CA ARG B 375 38.36 -18.06 1.92
C ARG B 375 37.80 -16.76 1.38
N GLU B 376 37.24 -15.97 2.29
CA GLU B 376 36.66 -14.67 1.99
C GLU B 376 37.52 -13.61 2.65
N VAL B 377 38.20 -12.81 1.84
CA VAL B 377 38.99 -11.70 2.33
C VAL B 377 38.13 -10.45 2.34
N ASP B 378 38.22 -9.69 3.43
CA ASP B 378 37.40 -8.50 3.64
C ASP B 378 38.31 -7.28 3.56
N ILE B 379 38.32 -6.63 2.41
CA ILE B 379 39.14 -5.45 2.18
C ILE B 379 38.22 -4.25 2.47
N GLY B 380 38.21 -3.81 3.72
CA GLY B 380 37.28 -2.81 4.19
C GLY B 380 37.91 -1.45 4.37
N ILE B 381 37.25 -0.62 5.17
CA ILE B 381 37.68 0.76 5.37
C ILE B 381 39.00 0.78 6.13
N PRO B 382 39.93 1.67 5.82
CA PRO B 382 41.22 1.67 6.52
C PRO B 382 41.17 2.51 7.79
N ASP B 383 42.20 2.34 8.60
CA ASP B 383 42.38 3.12 9.82
C ASP B 383 43.21 4.37 9.53
N ALA B 384 43.44 5.17 10.56
CA ALA B 384 44.24 6.38 10.39
C ALA B 384 45.62 6.05 9.85
N THR B 385 46.25 5.01 10.39
CA THR B 385 47.56 4.62 9.86
C THR B 385 47.45 4.17 8.41
N GLY B 386 46.37 3.46 8.07
CA GLY B 386 46.17 3.06 6.70
C GLY B 386 46.03 4.25 5.77
N ARG B 387 45.27 5.26 6.20
CA ARG B 387 45.13 6.45 5.37
C ARG B 387 46.43 7.21 5.26
N LEU B 388 47.24 7.23 6.32
CA LEU B 388 48.56 7.83 6.21
C LEU B 388 49.41 7.09 5.18
N GLU B 389 49.36 5.77 5.19
CA GLU B 389 50.11 4.99 4.20
C GLU B 389 49.62 5.29 2.79
N VAL B 390 48.31 5.40 2.62
CA VAL B 390 47.77 5.71 1.29
C VAL B 390 48.24 7.09 0.84
N LEU B 391 48.21 8.07 1.75
CA LEU B 391 48.68 9.39 1.39
C LEU B 391 50.15 9.38 0.99
N ARG B 392 50.98 8.65 1.74
CA ARG B 392 52.38 8.56 1.36
C ARG B 392 52.54 7.87 0.01
N ILE B 393 51.70 6.89 -0.30
CA ILE B 393 51.79 6.20 -1.58
C ILE B 393 51.44 7.15 -2.72
N HIS B 394 50.36 7.92 -2.56
CA HIS B 394 49.87 8.73 -3.67
C HIS B 394 50.63 10.03 -3.85
N THR B 395 51.40 10.46 -2.86
CA THR B 395 52.16 11.70 -2.94
C THR B 395 53.66 11.43 -3.07
N LYS B 396 54.04 10.27 -3.58
CA LYS B 396 55.45 9.93 -3.74
C LYS B 396 56.00 10.36 -5.08
N ASN B 397 55.14 10.65 -6.05
CA ASN B 397 55.57 10.99 -7.40
C ASN B 397 55.14 12.39 -7.80
N MET B 398 55.06 13.31 -6.84
CA MET B 398 54.69 14.68 -7.12
C MET B 398 55.58 15.61 -6.32
N LYS B 399 55.54 16.89 -6.66
CA LYS B 399 56.38 17.90 -6.02
C LYS B 399 55.59 18.59 -4.93
N LEU B 400 56.09 18.50 -3.70
CA LEU B 400 55.44 19.09 -2.54
C LEU B 400 56.33 20.16 -1.92
N ALA B 401 55.71 21.20 -1.37
CA ALA B 401 56.42 22.18 -0.59
C ALA B 401 56.73 21.62 0.80
N ASP B 402 57.72 22.23 1.46
CA ASP B 402 58.10 21.76 2.78
C ASP B 402 56.98 21.90 3.80
N ASP B 403 56.04 22.83 3.57
CA ASP B 403 54.97 23.06 4.53
C ASP B 403 54.06 21.86 4.69
N VAL B 404 54.00 20.97 3.69
CA VAL B 404 53.03 19.88 3.72
C VAL B 404 53.31 18.97 4.91
N ASP B 405 52.27 18.63 5.66
CA ASP B 405 52.34 17.72 6.80
C ASP B 405 51.26 16.66 6.63
N LEU B 406 51.67 15.45 6.24
CA LEU B 406 50.71 14.40 5.93
C LEU B 406 50.08 13.78 7.17
N GLU B 407 50.74 13.85 8.32
CA GLU B 407 50.19 13.23 9.52
C GLU B 407 48.89 13.90 9.95
N ALA B 408 48.92 15.23 10.06
CA ALA B 408 47.70 15.96 10.41
C ALA B 408 46.64 15.78 9.34
N LEU B 409 47.05 15.78 8.07
CA LEU B 409 46.09 15.61 6.99
C LEU B 409 45.38 14.28 7.10
N ALA B 410 46.10 13.21 7.41
CA ALA B 410 45.46 11.93 7.63
C ALA B 410 44.59 11.94 8.88
N ALA B 411 45.00 12.70 9.90
CA ALA B 411 44.20 12.76 11.12
C ALA B 411 42.84 13.40 10.86
N GLU B 412 42.81 14.49 10.08
CA GLU B 412 41.55 15.18 9.83
C GLU B 412 40.64 14.43 8.86
N THR B 413 41.18 13.49 8.08
CA THR B 413 40.34 12.63 7.26
C THR B 413 39.68 11.59 8.14
N HIS B 414 38.36 11.43 8.00
CA HIS B 414 37.60 10.63 8.94
C HIS B 414 36.87 9.46 8.32
N GLY B 415 36.56 9.48 7.03
CA GLY B 415 35.83 8.38 6.45
C GLY B 415 36.33 8.00 5.08
N TYR B 416 37.39 8.66 4.60
CA TYR B 416 37.82 8.43 3.24
C TYR B 416 38.41 7.03 3.12
N VAL B 417 38.11 6.37 2.01
CA VAL B 417 38.56 5.02 1.74
C VAL B 417 39.27 5.01 0.40
N GLY B 418 40.54 4.60 0.40
CA GLY B 418 41.22 4.33 -0.84
C GLY B 418 41.17 5.46 -1.85
N ALA B 419 40.40 5.25 -2.92
CA ALA B 419 40.35 6.21 -4.00
C ALA B 419 39.98 7.61 -3.51
N ASP B 420 39.17 7.71 -2.46
CA ASP B 420 38.84 9.03 -1.93
C ASP B 420 40.10 9.82 -1.64
N ILE B 421 41.05 9.23 -0.93
CA ILE B 421 42.31 9.91 -0.64
C ILE B 421 42.95 10.36 -1.94
N ALA B 422 42.99 9.46 -2.93
CA ALA B 422 43.60 9.83 -4.20
C ALA B 422 42.93 11.07 -4.77
N SER B 423 41.61 11.11 -4.75
CA SER B 423 40.92 12.29 -5.28
C SER B 423 41.42 13.54 -4.58
N LEU B 424 41.52 13.49 -3.26
CA LEU B 424 42.00 14.65 -2.52
C LEU B 424 43.31 15.13 -3.11
N CYS B 425 44.28 14.23 -3.27
CA CYS B 425 45.56 14.65 -3.82
C CYS B 425 45.37 15.34 -5.15
N SER B 426 44.62 14.70 -6.06
CA SER B 426 44.38 15.31 -7.36
C SER B 426 43.81 16.71 -7.19
N GLU B 427 42.78 16.84 -6.35
CA GLU B 427 42.16 18.15 -6.17
C GLU B 427 43.20 19.15 -5.69
N ALA B 428 44.01 18.77 -4.72
CA ALA B 428 45.05 19.67 -4.26
C ALA B 428 45.92 20.10 -5.43
N ALA B 429 46.40 19.14 -6.21
CA ALA B 429 47.23 19.49 -7.36
C ALA B 429 46.45 20.40 -8.29
N MET B 430 45.18 20.11 -8.51
CA MET B 430 44.40 20.93 -9.44
C MET B 430 44.38 22.37 -8.95
N GLN B 431 44.26 22.57 -7.64
CA GLN B 431 44.25 23.93 -7.12
C GLN B 431 45.54 24.64 -7.48
N GLN B 432 46.67 23.96 -7.32
CA GLN B 432 47.94 24.57 -7.67
C GLN B 432 47.96 24.94 -9.15
N ILE B 433 47.35 24.11 -10.00
CA ILE B 433 47.34 24.43 -11.42
C ILE B 433 46.57 25.71 -11.68
N ARG B 434 45.52 25.97 -10.91
CA ARG B 434 44.73 27.17 -11.07
C ARG B 434 45.17 28.27 -10.11
N GLU B 435 46.27 28.07 -9.41
CA GLU B 435 46.84 29.09 -8.54
C GLU B 435 47.97 29.86 -9.21
N LYS B 436 48.76 29.22 -10.06
CA LYS B 436 49.88 29.84 -10.74
C LYS B 436 49.67 29.87 -12.24
N MET B 437 48.42 30.11 -12.67
CA MET B 437 48.14 30.37 -14.06
C MET B 437 47.34 31.65 -14.27
N ASP B 438 47.00 32.36 -13.19
CA ASP B 438 46.40 33.69 -13.31
C ASP B 438 47.46 34.76 -13.46
N LEU B 439 48.64 34.57 -12.85
CA LEU B 439 49.73 35.51 -13.04
C LEU B 439 50.37 35.36 -14.40
N ILE B 440 50.27 34.19 -15.02
CA ILE B 440 50.85 33.92 -16.33
C ILE B 440 49.73 33.75 -17.34
N ASP B 441 50.00 34.17 -18.56
CA ASP B 441 49.00 34.12 -19.62
C ASP B 441 48.77 32.67 -20.05
N LEU B 442 47.82 32.49 -20.97
CA LEU B 442 47.49 31.13 -21.41
C LEU B 442 48.63 30.52 -22.20
N ASP B 443 49.33 31.32 -23.00
CA ASP B 443 50.46 30.85 -23.80
C ASP B 443 50.01 29.75 -24.77
N GLU B 444 49.15 30.18 -25.70
CA GLU B 444 48.59 29.23 -26.66
C GLU B 444 49.66 28.47 -27.41
N ASP B 445 50.80 29.12 -27.67
CA ASP B 445 51.85 28.48 -28.45
C ASP B 445 52.62 27.45 -27.62
N GLU B 446 53.05 27.85 -26.42
CA GLU B 446 53.83 26.97 -25.57
C GLU B 446 53.94 27.59 -24.19
N ILE B 447 53.83 26.76 -23.16
CA ILE B 447 53.97 27.22 -21.78
C ILE B 447 55.45 27.33 -21.44
N ASP B 448 55.84 28.45 -20.85
CA ASP B 448 57.24 28.67 -20.54
C ASP B 448 57.71 27.68 -19.47
N ALA B 449 59.03 27.46 -19.44
CA ALA B 449 59.61 26.45 -18.57
C ALA B 449 59.95 26.97 -17.18
N GLU B 450 59.89 28.28 -16.96
CA GLU B 450 60.15 28.81 -15.63
C GLU B 450 59.01 28.48 -14.68
N VAL B 451 57.80 28.31 -15.21
CA VAL B 451 56.67 27.93 -14.38
C VAL B 451 56.54 26.41 -14.28
N LEU B 452 56.95 25.68 -15.32
CA LEU B 452 56.85 24.22 -15.28
C LEU B 452 57.63 23.66 -14.10
N ASP B 453 58.76 24.27 -13.79
CA ASP B 453 59.54 23.94 -12.61
C ASP B 453 59.18 24.88 -11.46
N SER B 454 59.42 24.40 -10.24
CA SER B 454 59.10 25.16 -9.04
C SER B 454 57.60 25.46 -8.94
N LEU B 455 56.80 24.42 -9.19
CA LEU B 455 55.36 24.55 -8.97
C LEU B 455 55.02 24.39 -7.50
N GLY B 456 55.27 23.21 -6.93
CA GLY B 456 55.06 22.99 -5.52
C GLY B 456 53.59 22.92 -5.17
N VAL B 457 53.22 22.05 -4.23
CA VAL B 457 51.86 21.93 -3.75
C VAL B 457 51.86 22.34 -2.27
N THR B 458 51.36 23.54 -1.99
CA THR B 458 51.37 24.05 -0.63
C THR B 458 50.36 23.30 0.22
N MET B 459 50.54 23.43 1.55
CA MET B 459 49.59 22.81 2.47
C MET B 459 48.25 23.50 2.42
N ASP B 460 48.22 24.79 2.09
CA ASP B 460 46.95 25.50 1.96
C ASP B 460 46.11 24.89 0.85
N ASN B 461 46.76 24.45 -0.23
CA ASN B 461 46.01 23.79 -1.30
C ASN B 461 45.36 22.51 -0.79
N PHE B 462 46.08 21.74 0.02
CA PHE B 462 45.51 20.53 0.58
C PHE B 462 44.35 20.84 1.52
N ARG B 463 44.49 21.89 2.33
CA ARG B 463 43.40 22.28 3.22
C ARG B 463 42.17 22.66 2.42
N PHE B 464 42.37 23.44 1.34
CA PHE B 464 41.25 23.84 0.51
C PHE B 464 40.58 22.65 -0.17
N ALA B 465 41.38 21.71 -0.69
CA ALA B 465 40.80 20.54 -1.33
C ALA B 465 40.09 19.65 -0.33
N LEU B 466 40.57 19.62 0.92
CA LEU B 466 39.92 18.83 1.95
C LEU B 466 38.61 19.47 2.39
N GLY B 467 38.54 20.80 2.38
CA GLY B 467 37.32 21.47 2.79
C GLY B 467 36.18 21.35 1.80
N ASN B 468 36.47 20.96 0.56
CA ASN B 468 35.47 20.87 -0.50
C ASN B 468 35.31 19.44 -0.99
N SER B 469 35.38 18.48 -0.06
CA SER B 469 35.21 17.09 -0.42
C SER B 469 34.64 16.33 0.76
N ASN B 470 33.99 15.21 0.46
CA ASN B 470 33.40 14.33 1.45
C ASN B 470 33.64 12.89 1.04
N PRO B 471 33.52 11.94 1.96
CA PRO B 471 33.69 10.54 1.59
C PRO B 471 32.66 10.14 0.54
N SER B 472 33.09 9.27 -0.37
CA SER B 472 32.21 8.87 -1.46
C SER B 472 30.97 8.15 -0.96
N ALA B 473 31.00 7.61 0.27
CA ALA B 473 29.84 6.95 0.82
C ALA B 473 28.73 7.92 1.21
N LEU B 474 29.08 9.18 1.47
CA LEU B 474 28.12 10.17 1.93
C LEU B 474 27.73 11.16 0.85
N ARG B 475 27.92 10.81 -0.42
CA ARG B 475 27.55 11.73 -1.49
C ARG B 475 26.05 11.98 -1.50
N GLU B 476 25.26 10.97 -1.18
CA GLU B 476 23.81 11.14 -1.17
C GLU B 476 23.35 11.98 0.01
N THR B 477 24.05 11.92 1.14
CA THR B 477 23.65 12.63 2.35
C THR B 477 24.49 13.88 2.58
N VAL B 478 24.89 14.55 1.50
CA VAL B 478 25.64 15.79 1.64
C VAL B 478 24.70 16.91 2.05
N VAL B 479 25.07 17.61 3.10
CA VAL B 479 24.28 18.73 3.61
C VAL B 479 24.80 20.01 2.99
N GLU B 480 23.90 20.97 2.78
CA GLU B 480 24.31 22.27 2.28
C GLU B 480 25.28 22.90 3.28
N SER B 481 26.33 23.53 2.75
CA SER B 481 27.37 24.07 3.61
C SER B 481 26.87 25.30 4.35
N VAL B 482 26.35 25.08 5.55
CA VAL B 482 25.91 26.19 6.41
C VAL B 482 27.13 26.77 7.11
N ASN B 483 27.16 28.09 7.23
CA ASN B 483 28.31 28.80 7.79
C ASN B 483 27.90 29.38 9.15
N VAL B 484 28.15 28.60 10.21
CA VAL B 484 28.01 29.09 11.57
C VAL B 484 29.27 28.68 12.33
N THR B 485 29.48 29.31 13.48
CA THR B 485 30.67 29.08 14.27
C THR B 485 30.28 29.09 15.75
N TRP B 486 31.25 28.73 16.59
CA TRP B 486 30.98 28.70 18.02
C TRP B 486 30.74 30.09 18.58
N ASP B 487 31.42 31.10 18.03
CA ASP B 487 31.16 32.47 18.45
C ASP B 487 29.81 32.97 17.97
N ASP B 488 29.20 32.28 16.99
CA ASP B 488 27.87 32.63 16.54
C ASP B 488 26.80 32.26 17.55
N VAL B 489 27.07 31.30 18.43
CA VAL B 489 26.09 30.84 19.41
C VAL B 489 26.33 31.60 20.71
N GLY B 490 25.42 32.51 21.04
CA GLY B 490 25.51 33.24 22.29
C GLY B 490 24.96 32.42 23.46
N GLY B 491 25.60 32.57 24.61
CA GLY B 491 25.19 31.83 25.78
C GLY B 491 25.52 30.35 25.65
N LEU B 492 24.97 29.58 26.57
CA LEU B 492 25.15 28.12 26.56
C LEU B 492 26.62 27.75 26.58
N ASP B 493 27.42 28.51 27.31
CA ASP B 493 28.86 28.26 27.32
C ASP B 493 29.18 26.86 27.85
N GLU B 494 28.57 26.50 28.98
CA GLU B 494 28.85 25.18 29.56
C GLU B 494 28.32 24.07 28.68
N ILE B 495 27.19 24.29 28.00
CA ILE B 495 26.67 23.27 27.11
C ILE B 495 27.56 23.14 25.89
N LYS B 496 28.09 24.26 25.40
CA LYS B 496 29.01 24.19 24.27
C LYS B 496 30.27 23.43 24.64
N GLU B 497 30.79 23.67 25.84
CA GLU B 497 32.02 22.97 26.24
C GLU B 497 31.75 21.50 26.46
N GLU B 498 30.62 21.16 27.08
CA GLU B 498 30.29 19.77 27.30
C GLU B 498 30.12 19.02 25.98
N LEU B 499 29.40 19.63 25.03
CA LEU B 499 29.22 18.98 23.73
C LEU B 499 30.56 18.82 23.02
N LYS B 500 31.39 19.88 23.05
CA LYS B 500 32.67 19.79 22.36
C LYS B 500 33.52 18.68 22.92
N GLU B 501 33.57 18.55 24.26
CA GLU B 501 34.44 17.54 24.83
C GLU B 501 33.87 16.14 24.62
N THR B 502 32.55 15.99 24.73
CA THR B 502 31.96 14.66 24.60
C THR B 502 31.96 14.17 23.16
N VAL B 503 32.13 15.06 22.19
CA VAL B 503 32.28 14.62 20.81
C VAL B 503 33.75 14.45 20.45
N GLU B 504 34.63 15.33 20.94
CA GLU B 504 36.02 15.31 20.52
C GLU B 504 36.88 14.32 21.28
N TYR B 505 36.46 13.84 22.45
CA TYR B 505 37.36 12.97 23.21
C TYR B 505 37.45 11.59 22.60
N PRO B 506 36.35 10.91 22.27
CA PRO B 506 36.49 9.60 21.61
C PRO B 506 37.26 9.65 20.30
N VAL B 507 37.17 10.74 19.55
CA VAL B 507 37.76 10.77 18.22
C VAL B 507 39.22 11.22 18.25
N LEU B 508 39.61 12.01 19.24
CA LEU B 508 40.97 12.54 19.30
C LEU B 508 41.84 11.86 20.34
N HIS B 509 41.26 11.32 21.40
CA HIS B 509 42.00 10.75 22.52
C HIS B 509 41.49 9.35 22.80
N PRO B 510 41.75 8.40 21.90
CA PRO B 510 41.25 7.05 22.11
C PRO B 510 42.14 6.21 23.00
N ASP B 511 43.41 6.59 23.16
CA ASP B 511 44.33 5.80 23.97
C ASP B 511 43.87 5.76 25.42
N GLN B 512 43.32 6.86 25.92
CA GLN B 512 42.89 6.90 27.32
C GLN B 512 41.66 6.02 27.54
N TYR B 513 40.74 6.00 26.57
CA TYR B 513 39.54 5.19 26.74
C TYR B 513 39.89 3.71 26.84
N THR B 514 40.80 3.24 25.99
CA THR B 514 41.24 1.85 26.09
C THR B 514 42.16 1.63 27.28
N LYS B 515 42.84 2.68 27.75
CA LYS B 515 43.61 2.58 28.98
C LYS B 515 42.71 2.29 30.16
N PHE B 516 41.58 3.00 30.25
CA PHE B 516 40.58 2.68 31.26
C PHE B 516 39.68 1.54 30.82
N GLY B 517 39.68 1.20 29.54
CA GLY B 517 38.95 0.03 29.07
C GLY B 517 37.44 0.18 29.12
N LEU B 518 36.93 1.38 28.86
CA LEU B 518 35.49 1.61 28.80
C LEU B 518 35.15 2.41 27.55
N SER B 519 33.97 2.14 27.00
CA SER B 519 33.50 2.87 25.83
C SER B 519 32.94 4.21 26.24
N PRO B 520 32.86 5.16 25.31
CA PRO B 520 32.36 6.50 25.64
C PRO B 520 30.84 6.57 25.56
N SER B 521 30.31 7.70 26.04
CA SER B 521 28.90 8.02 25.84
C SER B 521 28.69 8.47 24.41
N LYS B 522 27.53 8.11 23.85
CA LYS B 522 27.25 8.35 22.44
C LYS B 522 26.12 9.35 22.22
N GLY B 523 24.94 9.09 22.78
CA GLY B 523 23.78 9.86 22.45
C GLY B 523 23.61 11.09 23.32
N VAL B 524 22.77 12.02 22.84
CA VAL B 524 22.41 13.20 23.61
C VAL B 524 21.09 13.73 23.07
N LEU B 525 20.28 14.30 23.95
CA LEU B 525 18.98 14.84 23.59
C LEU B 525 18.84 16.24 24.17
N PHE B 526 18.74 17.24 23.31
CA PHE B 526 18.38 18.59 23.74
C PHE B 526 16.88 18.71 23.85
N TYR B 527 16.42 19.36 24.92
CA TYR B 527 14.99 19.65 25.04
C TYR B 527 14.80 20.97 25.76
N GLY B 528 13.78 21.71 25.35
CA GLY B 528 13.47 23.00 25.93
C GLY B 528 12.44 23.74 25.12
N PRO B 529 12.12 24.97 25.53
CA PRO B 529 11.12 25.75 24.81
C PRO B 529 11.57 26.05 23.40
N PRO B 530 10.64 26.31 22.48
CA PRO B 530 11.03 26.67 21.11
C PRO B 530 11.81 27.98 21.10
N GLY B 531 12.79 28.05 20.20
CA GLY B 531 13.58 29.26 20.06
C GLY B 531 14.59 29.44 21.17
N THR B 532 15.38 28.42 21.43
CA THR B 532 16.41 28.49 22.46
C THR B 532 17.81 28.15 21.96
N GLY B 533 17.95 27.45 20.83
CA GLY B 533 19.26 27.21 20.26
C GLY B 533 19.58 25.75 20.02
N LYS B 534 18.56 24.91 19.91
CA LYS B 534 18.80 23.50 19.66
C LYS B 534 19.32 23.27 18.25
N THR B 535 18.53 23.67 17.24
CA THR B 535 18.99 23.53 15.87
C THR B 535 20.22 24.39 15.62
N LEU B 536 20.34 25.53 16.28
CA LEU B 536 21.54 26.34 16.14
C LEU B 536 22.76 25.59 16.65
N LEU B 537 22.64 24.93 17.80
CA LEU B 537 23.73 24.11 18.29
C LEU B 537 24.07 22.99 17.32
N ALA B 538 23.04 22.36 16.74
CA ALA B 538 23.31 21.30 15.79
C ALA B 538 24.07 21.83 14.59
N LYS B 539 23.72 23.01 14.10
CA LYS B 539 24.45 23.60 12.99
C LYS B 539 25.88 23.94 13.39
N ALA B 540 26.08 24.43 14.61
CA ALA B 540 27.43 24.71 15.08
C ALA B 540 28.27 23.45 15.11
N VAL B 541 27.70 22.35 15.59
CA VAL B 541 28.41 21.07 15.57
C VAL B 541 28.72 20.67 14.14
N ALA B 542 27.75 20.86 13.24
CA ALA B 542 27.97 20.44 11.86
C ALA B 542 29.12 21.20 11.24
N THR B 543 29.26 22.48 11.57
CA THR B 543 30.28 23.30 10.93
C THR B 543 31.65 23.23 11.60
N GLU B 544 31.69 23.08 12.93
CA GLU B 544 32.95 23.16 13.64
C GLU B 544 33.58 21.79 13.88
N VAL B 545 32.80 20.81 14.33
CA VAL B 545 33.35 19.50 14.67
C VAL B 545 33.86 18.80 13.42
N SER B 546 34.96 18.06 13.58
CA SER B 546 35.62 17.44 12.44
C SER B 546 34.89 16.20 11.94
N ALA B 547 34.17 15.49 12.80
CA ALA B 547 33.51 14.26 12.39
C ALA B 547 32.45 14.55 11.32
N ASN B 548 32.14 13.52 10.54
CA ASN B 548 31.14 13.67 9.49
C ASN B 548 29.78 13.95 10.10
N PHE B 549 28.95 14.67 9.35
CA PHE B 549 27.62 15.07 9.77
C PHE B 549 26.58 14.52 8.81
N ILE B 550 25.60 13.81 9.35
CA ILE B 550 24.43 13.36 8.60
C ILE B 550 23.23 14.04 9.25
N SER B 551 22.71 15.07 8.60
CA SER B 551 21.51 15.75 9.08
C SER B 551 20.29 15.07 8.48
N VAL B 552 19.48 14.46 9.32
CA VAL B 552 18.28 13.77 8.88
C VAL B 552 17.08 14.37 9.59
N LYS B 553 16.08 14.77 8.81
CA LYS B 553 14.91 15.41 9.37
C LYS B 553 14.02 14.34 10.01
N GLY B 554 12.92 14.77 10.63
CA GLY B 554 12.07 13.83 11.32
C GLY B 554 11.27 12.91 10.41
N PRO B 555 10.28 13.46 9.70
CA PRO B 555 9.43 12.64 8.83
C PRO B 555 9.99 12.35 7.44
N GLU B 556 11.26 12.65 7.17
CA GLU B 556 11.80 12.36 5.84
C GLU B 556 11.77 10.87 5.53
N LEU B 557 12.06 10.03 6.51
CA LEU B 557 12.32 8.62 6.23
C LEU B 557 11.05 7.78 6.08
N LEU B 558 9.88 8.34 6.36
CA LEU B 558 8.65 7.58 6.20
C LEU B 558 8.31 7.42 4.72
N SER B 559 7.61 6.34 4.41
CA SER B 559 7.26 6.03 3.04
C SER B 559 5.91 5.33 3.00
N MET B 560 5.25 5.46 1.86
CA MET B 560 3.94 4.85 1.69
C MET B 560 4.02 3.34 1.60
N TRP B 561 5.09 2.81 1.03
CA TRP B 561 5.20 1.38 0.82
C TRP B 561 5.48 0.67 2.13
N TYR B 562 5.61 -0.65 2.05
CA TYR B 562 5.69 -1.51 3.22
C TYR B 562 7.15 -1.89 3.43
N GLY B 563 7.73 -1.41 4.53
CA GLY B 563 9.08 -1.78 4.90
C GLY B 563 10.14 -0.76 4.52
N GLU B 564 9.80 0.23 3.72
CA GLU B 564 10.80 1.22 3.31
C GLU B 564 11.12 2.24 4.39
N SER B 565 10.25 2.43 5.38
CA SER B 565 10.63 3.25 6.53
C SER B 565 11.82 2.65 7.25
N GLU B 566 11.70 1.37 7.61
CA GLU B 566 12.77 0.71 8.34
C GLU B 566 13.97 0.48 7.44
N SER B 567 13.75 0.22 6.15
CA SER B 567 14.86 0.09 5.23
C SER B 567 15.63 1.40 5.14
N ASN B 568 14.93 2.53 5.07
CA ASN B 568 15.59 3.81 5.01
C ASN B 568 16.39 4.08 6.28
N ILE B 569 15.82 3.76 7.44
CA ILE B 569 16.56 3.97 8.68
C ILE B 569 17.81 3.10 8.70
N ARG B 570 17.69 1.84 8.26
CA ARG B 570 18.85 0.97 8.25
C ARG B 570 19.92 1.47 7.30
N ASP B 571 19.54 1.98 6.12
CA ASP B 571 20.55 2.53 5.23
C ASP B 571 21.23 3.74 5.84
N ILE B 572 20.47 4.62 6.48
CA ILE B 572 21.08 5.80 7.08
C ILE B 572 22.09 5.39 8.14
N PHE B 573 21.71 4.45 9.00
CA PHE B 573 22.64 4.04 10.06
C PHE B 573 23.81 3.23 9.51
N ASP B 574 23.61 2.49 8.42
CA ASP B 574 24.74 1.81 7.79
C ASP B 574 25.73 2.81 7.22
N LYS B 575 25.23 3.88 6.59
CA LYS B 575 26.12 4.93 6.13
C LYS B 575 26.83 5.58 7.30
N ALA B 576 26.11 5.80 8.41
CA ALA B 576 26.73 6.42 9.57
C ALA B 576 27.85 5.55 10.14
N ARG B 577 27.62 4.24 10.24
CA ARG B 577 28.62 3.35 10.80
C ARG B 577 29.76 3.07 9.82
N ALA B 578 29.54 3.28 8.53
CA ALA B 578 30.62 3.08 7.57
C ALA B 578 31.65 4.21 7.68
N ALA B 579 31.21 5.45 7.53
CA ALA B 579 32.11 6.60 7.60
C ALA B 579 32.22 7.16 9.02
N ALA B 580 32.53 6.32 9.97
CA ALA B 580 32.74 6.79 11.33
C ALA B 580 34.11 7.45 11.46
N PRO B 581 34.27 8.39 12.41
CA PRO B 581 33.28 8.92 13.36
C PRO B 581 32.26 9.81 12.70
N THR B 582 30.99 9.70 13.08
CA THR B 582 29.92 10.44 12.45
C THR B 582 28.96 10.94 13.52
N VAL B 583 28.28 12.04 13.21
CA VAL B 583 27.24 12.60 14.06
C VAL B 583 25.94 12.59 13.27
N VAL B 584 24.90 12.03 13.87
CA VAL B 584 23.59 11.93 13.24
C VAL B 584 22.63 12.80 14.02
N PHE B 585 22.01 13.76 13.34
CA PHE B 585 21.12 14.73 13.96
C PHE B 585 19.68 14.37 13.64
N LEU B 586 18.91 14.05 14.68
CA LEU B 586 17.49 13.70 14.54
C LEU B 586 16.68 14.91 14.99
N ASP B 587 16.25 15.72 14.04
CA ASP B 587 15.47 16.92 14.36
C ASP B 587 14.02 16.54 14.61
N GLU B 588 13.47 17.06 15.72
CA GLU B 588 12.11 16.73 16.15
C GLU B 588 11.96 15.22 16.30
N LEU B 589 12.72 14.67 17.25
CA LEU B 589 12.74 13.23 17.46
C LEU B 589 11.37 12.67 17.82
N ASP B 590 10.45 13.50 18.32
CA ASP B 590 9.13 13.01 18.68
C ASP B 590 8.26 12.73 17.47
N SER B 591 8.70 13.07 16.26
CA SER B 591 7.89 12.81 15.08
C SER B 591 7.97 11.34 14.66
N ILE B 592 9.17 10.75 14.69
CA ILE B 592 9.33 9.36 14.28
C ILE B 592 9.41 8.42 15.48
N ALA B 593 9.85 8.92 16.64
CA ALA B 593 9.98 8.07 17.82
C ALA B 593 8.96 8.53 18.85
N LYS B 594 7.73 8.10 18.66
CA LYS B 594 6.63 8.37 19.58
C LYS B 594 6.33 7.15 20.43
N ALA B 595 5.68 7.37 21.56
CA ALA B 595 5.29 6.29 22.45
C ALA B 595 4.62 5.17 21.67
N ARG B 596 5.00 3.93 21.98
CA ARG B 596 4.49 2.79 21.24
C ARG B 596 3.13 2.37 21.78
N GLY B 597 2.26 1.93 20.88
CA GLY B 597 0.96 1.41 21.28
C GLY B 597 0.05 2.47 21.87
N GLY B 598 0.01 3.66 21.28
CA GLY B 598 -0.86 4.70 21.76
C GLY B 598 -1.99 5.04 20.80
N SER B 599 -1.97 4.41 19.61
CA SER B 599 -2.96 4.68 18.59
C SER B 599 -3.78 3.41 18.36
N LEU B 600 -5.10 3.52 18.55
CA LEU B 600 -5.98 2.39 18.28
C LEU B 600 -6.20 2.20 16.79
N GLY B 601 -6.22 3.28 16.02
CA GLY B 601 -6.32 3.18 14.58
C GLY B 601 -5.05 3.65 13.91
N ASP B 602 -4.38 2.73 13.21
CA ASP B 602 -3.07 3.01 12.65
C ASP B 602 -2.97 2.51 11.21
N ALA B 603 -1.77 2.57 10.64
CA ALA B 603 -1.50 2.14 9.28
C ALA B 603 -0.90 0.75 9.23
N GLY B 604 -1.36 -0.14 10.11
CA GLY B 604 -0.74 -1.44 10.25
C GLY B 604 0.41 -1.48 11.23
N GLY B 605 0.44 -0.57 12.19
CA GLY B 605 1.52 -0.53 13.15
C GLY B 605 2.85 -0.20 12.50
N ALA B 606 2.86 0.82 11.66
CA ALA B 606 4.09 1.22 10.99
C ALA B 606 4.94 2.10 11.89
N SER B 607 4.33 2.99 12.66
CA SER B 607 5.10 3.84 13.57
C SER B 607 5.78 2.99 14.65
N ASP B 608 5.09 1.97 15.15
CA ASP B 608 5.69 1.13 16.17
C ASP B 608 6.85 0.32 15.61
N ARG B 609 6.76 -0.08 14.35
CA ARG B 609 7.86 -0.80 13.72
C ARG B 609 9.02 0.13 13.44
N VAL B 610 8.73 1.39 13.10
CA VAL B 610 9.81 2.36 12.89
C VAL B 610 10.58 2.57 14.19
N VAL B 611 9.86 2.81 15.28
CA VAL B 611 10.54 3.04 16.55
C VAL B 611 11.30 1.79 16.98
N ASN B 612 10.78 0.60 16.69
CA ASN B 612 11.52 -0.60 17.05
C ASN B 612 12.79 -0.72 16.21
N GLN B 613 12.73 -0.34 14.94
CA GLN B 613 13.93 -0.34 14.12
C GLN B 613 14.96 0.64 14.66
N LEU B 614 14.52 1.82 15.08
CA LEU B 614 15.44 2.78 15.69
C LEU B 614 16.09 2.19 16.93
N LEU B 615 15.29 1.56 17.79
CA LEU B 615 15.83 1.02 19.03
C LEU B 615 16.88 -0.04 18.74
N THR B 616 16.56 -0.98 17.85
CA THR B 616 17.52 -2.05 17.56
C THR B 616 18.75 -1.53 16.84
N GLU B 617 18.61 -0.49 16.02
CA GLU B 617 19.74 -0.04 15.21
C GLU B 617 20.71 0.81 16.01
N MET B 618 20.19 1.65 16.91
CA MET B 618 21.08 2.50 17.68
C MET B 618 21.71 1.75 18.85
N ASP B 619 21.17 0.60 19.23
CA ASP B 619 21.75 -0.22 20.29
C ASP B 619 21.27 -1.65 20.09
N GLY B 620 22.16 -2.52 19.65
CA GLY B 620 21.83 -3.91 19.40
C GLY B 620 23.05 -4.78 19.21
N MET B 621 23.00 -5.68 18.24
CA MET B 621 24.12 -6.57 17.91
C MET B 621 25.05 -5.91 16.88
N ASN B 622 25.48 -4.69 17.18
CA ASN B 622 26.34 -3.93 16.30
C ASN B 622 27.80 -4.08 16.72
N ALA B 623 28.68 -3.28 16.13
CA ALA B 623 30.11 -3.34 16.39
C ALA B 623 30.59 -2.25 17.34
N LYS B 624 29.67 -1.47 17.91
CA LYS B 624 30.02 -0.43 18.88
C LYS B 624 31.01 0.56 18.29
N LYS B 625 30.73 1.02 17.07
CA LYS B 625 31.55 2.04 16.45
C LYS B 625 31.19 3.41 16.99
N ASN B 626 31.98 4.42 16.62
CA ASN B 626 31.79 5.78 17.09
C ASN B 626 30.72 6.46 16.25
N VAL B 627 29.47 6.35 16.68
CA VAL B 627 28.35 7.06 16.06
C VAL B 627 27.62 7.81 17.17
N PHE B 628 27.49 9.12 17.01
CA PHE B 628 26.92 10.00 18.02
C PHE B 628 25.57 10.51 17.53
N VAL B 629 24.51 10.12 18.23
CA VAL B 629 23.16 10.53 17.87
C VAL B 629 22.77 11.76 18.69
N ILE B 630 22.35 12.81 17.99
CA ILE B 630 21.88 14.04 18.61
C ILE B 630 20.40 14.18 18.31
N GLY B 631 19.58 14.32 19.35
CA GLY B 631 18.15 14.51 19.20
C GLY B 631 17.76 15.90 19.65
N ALA B 632 16.74 16.46 19.00
CA ALA B 632 16.26 17.81 19.32
C ALA B 632 14.75 17.82 19.24
N THR B 633 14.09 17.89 20.40
CA THR B 633 12.63 17.97 20.44
C THR B 633 12.20 18.95 21.51
N ASN B 634 11.17 19.73 21.21
CA ASN B 634 10.59 20.67 22.17
C ASN B 634 9.39 20.09 22.90
N ARG B 635 9.06 18.82 22.66
CA ARG B 635 8.01 18.12 23.39
C ARG B 635 8.61 16.80 23.84
N PRO B 636 9.44 16.81 24.88
CA PRO B 636 10.12 15.58 25.29
C PRO B 636 9.24 14.61 26.06
N ASP B 637 7.98 14.96 26.31
CA ASP B 637 7.08 14.07 27.03
C ASP B 637 6.53 12.97 26.13
N GLN B 638 6.53 13.17 24.82
CA GLN B 638 5.99 12.21 23.88
C GLN B 638 7.01 11.17 23.43
N ILE B 639 8.27 11.32 23.82
CA ILE B 639 9.31 10.40 23.37
C ILE B 639 9.14 9.07 24.11
N ASP B 640 9.18 7.98 23.38
CA ASP B 640 9.02 6.67 23.99
C ASP B 640 10.08 6.46 25.06
N PRO B 641 9.72 5.89 26.22
CA PRO B 641 10.71 5.79 27.31
C PRO B 641 11.94 4.98 26.94
N ALA B 642 11.80 3.99 26.07
CA ALA B 642 12.95 3.14 25.75
C ALA B 642 14.04 3.92 25.05
N ILE B 643 13.69 4.98 24.33
CA ILE B 643 14.69 5.74 23.60
C ILE B 643 15.56 6.56 24.55
N LEU B 644 15.04 6.91 25.72
CA LEU B 644 15.74 7.78 26.65
C LEU B 644 16.54 7.01 27.69
N ARG B 645 16.59 5.69 27.60
CA ARG B 645 17.43 4.93 28.49
C ARG B 645 18.90 5.21 28.19
N PRO B 646 19.77 5.23 29.19
CA PRO B 646 21.20 5.31 28.90
C PRO B 646 21.62 4.16 28.01
N GLY B 647 22.52 4.45 27.08
CA GLY B 647 22.93 3.51 26.06
C GLY B 647 22.37 3.84 24.70
N ARG B 648 21.26 4.57 24.63
CA ARG B 648 20.71 5.07 23.38
C ARG B 648 20.77 6.59 23.32
N LEU B 649 20.16 7.27 24.28
CA LEU B 649 20.29 8.73 24.44
C LEU B 649 20.41 8.95 25.94
N ASP B 650 21.64 8.93 26.44
CA ASP B 650 21.86 8.90 27.87
C ASP B 650 21.87 10.28 28.51
N GLN B 651 22.26 11.31 27.78
CA GLN B 651 22.42 12.66 28.33
C GLN B 651 21.26 13.53 27.85
N LEU B 652 20.40 13.93 28.78
CA LEU B 652 19.27 14.81 28.50
C LEU B 652 19.65 16.22 28.92
N ILE B 653 19.92 17.08 27.95
CA ILE B 653 20.36 18.44 28.20
C ILE B 653 19.17 19.37 28.04
N TYR B 654 18.86 20.12 29.10
CA TYR B 654 17.81 21.11 29.08
C TYR B 654 18.39 22.45 28.65
N VAL B 655 17.80 23.04 27.62
CA VAL B 655 18.26 24.32 27.08
C VAL B 655 17.28 25.41 27.53
N PRO B 656 17.48 26.04 28.68
CA PRO B 656 16.46 26.93 29.23
C PRO B 656 16.46 28.28 28.52
N LEU B 657 15.57 29.15 28.95
CA LEU B 657 15.57 30.51 28.44
C LEU B 657 16.77 31.27 28.98
N PRO B 658 17.32 32.19 28.22
CA PRO B 658 18.54 32.87 28.67
C PRO B 658 18.29 33.70 29.92
N ASP B 659 19.32 33.81 30.74
CA ASP B 659 19.28 34.68 31.90
C ASP B 659 19.68 36.10 31.48
N GLU B 660 19.77 36.99 32.45
CA GLU B 660 20.07 38.38 32.13
C GLU B 660 21.46 38.51 31.48
N ASN B 661 22.45 37.82 32.02
CA ASN B 661 23.79 37.87 31.45
C ASN B 661 23.89 37.11 30.14
N ALA B 662 22.95 36.22 29.87
CA ALA B 662 22.98 35.45 28.62
C ALA B 662 22.31 36.18 27.47
N ARG B 663 21.29 36.98 27.75
CA ARG B 663 20.64 37.72 26.68
C ARG B 663 21.59 38.74 26.07
N LEU B 664 22.43 39.37 26.91
CA LEU B 664 23.43 40.27 26.37
C LEU B 664 24.41 39.53 25.47
N SER B 665 24.83 38.34 25.88
CA SER B 665 25.72 37.53 25.04
C SER B 665 25.05 37.20 23.72
N ILE B 666 23.77 36.84 23.76
CA ILE B 666 23.06 36.52 22.52
C ILE B 666 23.00 37.75 21.62
N LEU B 667 22.70 38.91 22.19
CA LEU B 667 22.62 40.12 21.39
C LEU B 667 23.95 40.43 20.73
N ASN B 668 25.05 40.30 21.48
CA ASN B 668 26.36 40.53 20.89
C ASN B 668 26.67 39.50 19.81
N ALA B 669 26.26 38.24 20.02
CA ALA B 669 26.49 37.21 19.02
C ALA B 669 25.75 37.53 17.73
N GLN B 670 24.54 38.09 17.84
CA GLN B 670 23.74 38.39 16.67
C GLN B 670 24.13 39.68 15.99
N LEU B 671 24.88 40.54 16.67
CA LEU B 671 25.34 41.81 16.11
C LEU B 671 26.83 41.81 15.83
N ARG B 672 27.45 40.64 15.71
CA ARG B 672 28.89 40.56 15.56
C ARG B 672 29.36 41.02 14.19
N LYS B 673 28.47 41.08 13.20
CA LYS B 673 28.82 41.50 11.85
C LYS B 673 27.99 42.70 11.39
N THR B 674 27.42 43.46 12.33
CA THR B 674 26.55 44.57 12.02
C THR B 674 27.15 45.87 12.55
N PRO B 675 27.20 46.94 11.74
CA PRO B 675 27.68 48.21 12.26
C PRO B 675 26.64 48.88 13.14
N LEU B 676 27.11 49.51 14.22
CA LEU B 676 26.25 50.13 15.20
C LEU B 676 26.79 51.51 15.54
N GLU B 677 25.95 52.31 16.20
CA GLU B 677 26.40 53.59 16.68
C GLU B 677 27.42 53.38 17.80
N PRO B 678 28.22 54.38 18.10
CA PRO B 678 29.22 54.21 19.16
C PRO B 678 28.67 54.35 20.56
N GLY B 679 27.58 55.11 20.71
CA GLY B 679 27.14 55.50 22.03
C GLY B 679 26.11 54.61 22.69
N LEU B 680 25.44 53.75 21.92
CA LEU B 680 24.40 52.93 22.50
C LEU B 680 25.01 51.82 23.36
N GLU B 681 24.15 51.13 24.09
CA GLU B 681 24.56 50.04 24.97
C GLU B 681 23.48 48.97 24.94
N LEU B 682 23.88 47.74 24.65
CA LEU B 682 22.95 46.63 24.60
C LEU B 682 22.62 46.07 25.98
N THR B 683 23.02 46.76 27.05
CA THR B 683 22.66 46.30 28.38
C THR B 683 21.21 46.63 28.72
N ALA B 684 20.71 47.77 28.25
CA ALA B 684 19.32 48.12 28.51
C ALA B 684 18.36 47.13 27.85
N ILE B 685 18.63 46.79 26.58
CA ILE B 685 17.75 45.85 25.87
C ILE B 685 17.69 44.53 26.61
N ALA B 686 18.83 44.03 27.09
CA ALA B 686 18.84 42.78 27.82
C ALA B 686 18.10 42.92 29.15
N LYS B 687 18.39 43.99 29.89
CA LYS B 687 17.74 44.21 31.17
C LYS B 687 16.24 44.36 31.06
N ALA B 688 15.73 44.75 29.89
CA ALA B 688 14.32 45.09 29.75
C ALA B 688 13.47 43.98 29.14
N THR B 689 14.07 42.88 28.70
CA THR B 689 13.28 41.75 28.20
C THR B 689 12.79 40.88 29.35
N GLN B 690 13.71 40.20 30.03
CA GLN B 690 13.41 39.50 31.28
C GLN B 690 12.61 38.22 31.07
N GLY B 691 12.09 37.98 29.87
CA GLY B 691 11.43 36.73 29.59
C GLY B 691 11.58 36.24 28.16
N PHE B 692 12.42 36.92 27.39
CA PHE B 692 12.52 36.65 25.96
C PHE B 692 13.35 35.41 25.70
N SER B 693 13.31 34.95 24.45
CA SER B 693 14.11 33.84 23.96
C SER B 693 15.06 34.36 22.89
N GLY B 694 15.91 33.48 22.37
CA GLY B 694 16.83 33.91 21.33
C GLY B 694 16.12 34.41 20.09
N ALA B 695 15.01 33.75 19.72
CA ALA B 695 14.27 34.16 18.55
C ALA B 695 13.68 35.55 18.73
N ASP B 696 13.24 35.89 19.94
CA ASP B 696 12.65 37.21 20.16
C ASP B 696 13.69 38.31 20.03
N LEU B 697 14.89 38.08 20.57
CA LEU B 697 15.96 39.06 20.40
C LEU B 697 16.34 39.19 18.93
N LEU B 698 16.39 38.06 18.22
CA LEU B 698 16.61 38.13 16.78
C LEU B 698 15.54 38.99 16.11
N TYR B 699 14.29 38.84 16.54
CA TYR B 699 13.21 39.64 15.96
C TYR B 699 13.41 41.11 16.22
N ILE B 700 13.85 41.47 17.43
CA ILE B 700 14.14 42.87 17.72
C ILE B 700 15.22 43.40 16.78
N VAL B 701 16.28 42.62 16.61
CA VAL B 701 17.36 43.07 15.74
C VAL B 701 16.87 43.24 14.31
N GLN B 702 16.04 42.31 13.83
CA GLN B 702 15.53 42.40 12.47
C GLN B 702 14.64 43.63 12.29
N ARG B 703 13.78 43.91 13.28
CA ARG B 703 12.95 45.11 13.19
C ARG B 703 13.81 46.37 13.13
N ALA B 704 14.85 46.43 13.94
CA ALA B 704 15.73 47.58 13.90
C ALA B 704 16.39 47.72 12.53
N ALA B 705 16.84 46.60 11.96
CA ALA B 705 17.46 46.65 10.65
C ALA B 705 16.46 47.11 9.60
N LYS B 706 15.21 46.67 9.72
CA LYS B 706 14.19 47.09 8.75
C LYS B 706 13.96 48.59 8.82
N TYR B 707 13.88 49.14 10.04
CA TYR B 707 13.71 50.59 10.14
C TYR B 707 14.92 51.32 9.59
N ALA B 708 16.12 50.80 9.81
CA ALA B 708 17.30 51.43 9.24
C ALA B 708 17.23 51.43 7.72
N ILE B 709 16.82 50.31 7.13
CA ILE B 709 16.73 50.23 5.68
C ILE B 709 15.66 51.19 5.16
N LYS B 710 14.54 51.29 5.88
CA LYS B 710 13.50 52.23 5.48
C LYS B 710 14.02 53.65 5.47
N ASP B 711 14.75 54.03 6.52
CA ASP B 711 15.30 55.38 6.58
C ASP B 711 16.30 55.61 5.46
N SER B 712 17.13 54.61 5.16
CA SER B 712 18.09 54.75 4.08
C SER B 712 17.38 54.95 2.74
N ILE B 713 16.33 54.17 2.49
CA ILE B 713 15.60 54.30 1.23
C ILE B 713 14.95 55.67 1.14
N GLU B 714 14.35 56.14 2.24
CA GLU B 714 13.71 57.45 2.20
C GLU B 714 14.74 58.55 1.96
N ALA B 715 15.90 58.46 2.61
CA ALA B 715 16.93 59.46 2.38
C ALA B 715 17.41 59.43 0.94
N HIS B 716 17.57 58.24 0.37
CA HIS B 716 17.99 58.15 -1.02
C HIS B 716 16.95 58.78 -1.95
N ARG B 717 15.67 58.53 -1.68
CA ARG B 717 14.61 59.12 -2.50
C ARG B 717 14.62 60.64 -2.38
N GLN B 718 14.81 61.15 -1.17
CA GLN B 718 14.86 62.60 -0.98
C GLN B 718 16.05 63.20 -1.73
N HIS B 719 17.20 62.53 -1.68
CA HIS B 719 18.38 63.04 -2.36
C HIS B 719 18.22 63.00 -3.88
N GLU B 720 17.53 61.97 -4.39
CA GLU B 720 17.28 61.91 -5.82
C GLU B 720 16.25 62.96 -6.25
N ALA B 721 15.28 63.27 -5.40
CA ALA B 721 14.29 64.28 -5.76
C ALA B 721 14.93 65.65 -5.94
N GLU B 722 15.88 66.00 -5.06
CA GLU B 722 16.54 67.28 -5.14
C GLU B 722 17.88 67.16 -5.89
N ASP B 748 26.02 58.06 1.71
CA ASP B 748 25.54 57.08 2.69
C ASP B 748 24.95 57.79 3.90
N PRO B 749 23.69 58.22 3.80
CA PRO B 749 23.08 58.93 4.93
C PRO B 749 23.02 58.11 6.20
N VAL B 750 22.77 56.81 6.09
CA VAL B 750 22.64 55.92 7.24
C VAL B 750 23.74 54.87 7.16
N PRO B 751 24.87 55.09 7.83
CA PRO B 751 25.94 54.08 7.81
C PRO B 751 25.86 53.05 8.91
N TYR B 752 24.95 53.21 9.87
CA TYR B 752 24.85 52.29 10.99
C TYR B 752 23.48 52.48 11.64
N ILE B 753 23.17 51.58 12.57
CA ILE B 753 21.87 51.59 13.23
C ILE B 753 21.90 52.61 14.36
N THR B 754 20.89 53.45 14.42
CA THR B 754 20.79 54.47 15.46
C THR B 754 20.05 53.92 16.67
N LYS B 755 20.20 54.63 17.80
CA LYS B 755 19.51 54.23 19.02
C LYS B 755 18.01 54.33 18.84
N GLU B 756 17.54 55.36 18.14
CA GLU B 756 16.11 55.47 17.87
C GLU B 756 15.59 54.27 17.11
N HIS B 757 16.42 53.65 16.28
CA HIS B 757 15.99 52.49 15.52
C HIS B 757 15.75 51.28 16.41
N PHE B 758 16.39 51.22 17.59
CA PHE B 758 16.04 50.22 18.58
C PHE B 758 14.86 50.67 19.41
N ALA B 759 14.78 51.97 19.70
CA ALA B 759 13.69 52.48 20.53
C ALA B 759 12.34 52.24 19.87
N GLU B 760 12.27 52.41 18.56
CA GLU B 760 11.02 52.22 17.83
C GLU B 760 10.81 50.78 17.38
N ALA B 761 11.83 49.94 17.46
CA ALA B 761 11.70 48.57 17.00
C ALA B 761 11.25 47.61 18.09
N MET B 762 11.36 48.00 19.35
CA MET B 762 10.95 47.16 20.46
C MET B 762 9.56 47.49 20.98
N LYS B 763 8.83 48.36 20.30
CA LYS B 763 7.45 48.63 20.69
C LYS B 763 6.50 47.53 20.22
N THR B 764 6.92 46.70 19.29
CA THR B 764 6.16 45.55 18.81
C THR B 764 6.84 44.24 19.18
N ALA B 765 7.45 44.19 20.37
CA ALA B 765 8.21 43.03 20.82
C ALA B 765 7.43 42.32 21.92
N LYS B 766 7.14 41.05 21.71
CA LYS B 766 6.41 40.24 22.67
C LYS B 766 7.10 38.89 22.87
N ARG B 767 6.91 38.31 24.04
CA ARG B 767 7.48 36.99 24.32
C ARG B 767 6.79 35.92 23.49
N SER B 768 7.57 34.94 23.05
CA SER B 768 7.00 33.86 22.25
C SER B 768 6.35 32.80 23.13
N VAL B 769 7.09 32.27 24.10
CA VAL B 769 6.61 31.18 24.95
C VAL B 769 5.85 31.76 26.12
N SER B 770 4.65 31.23 26.36
CA SER B 770 3.83 31.70 27.48
C SER B 770 4.27 30.99 28.76
N ASP B 771 3.61 31.34 29.87
CA ASP B 771 3.97 30.74 31.15
C ASP B 771 3.50 29.30 31.27
N ALA B 772 2.48 28.90 30.51
CA ALA B 772 2.01 27.52 30.58
C ALA B 772 3.08 26.55 30.09
N GLU B 773 3.65 26.82 28.92
CA GLU B 773 4.70 25.95 28.41
C GLU B 773 5.94 26.03 29.28
N LEU B 774 6.24 27.20 29.83
CA LEU B 774 7.41 27.33 30.69
C LEU B 774 7.28 26.47 31.93
N ARG B 775 6.10 26.49 32.58
CA ARG B 775 5.92 25.64 33.74
C ARG B 775 5.80 24.18 33.37
N ARG B 776 5.34 23.88 32.15
CA ARG B 776 5.34 22.49 31.70
C ARG B 776 6.75 21.95 31.56
N TYR B 777 7.65 22.73 30.96
CA TYR B 777 9.03 22.28 30.83
C TYR B 777 9.74 22.24 32.18
N GLU B 778 9.40 23.17 33.08
CA GLU B 778 9.97 23.12 34.41
C GLU B 778 9.51 21.89 35.17
N ALA B 779 8.24 21.50 35.01
CA ALA B 779 7.76 20.28 35.64
C ALA B 779 8.45 19.05 35.07
N TYR B 780 8.69 19.04 33.76
CA TYR B 780 9.41 17.90 33.18
C TYR B 780 10.83 17.81 33.73
N SER B 781 11.49 18.97 33.87
CA SER B 781 12.82 19.00 34.46
C SER B 781 12.78 18.48 35.90
N GLN B 782 11.77 18.89 36.66
CA GLN B 782 11.67 18.43 38.04
C GLN B 782 11.35 16.95 38.11
N GLN B 783 10.65 16.41 37.11
CA GLN B 783 10.44 14.98 37.09
C GLN B 783 11.76 14.24 36.92
N MET B 784 12.65 14.77 36.06
CA MET B 784 13.98 14.19 35.97
C MET B 784 14.78 14.36 37.25
N LYS B 785 14.67 15.51 37.90
CA LYS B 785 15.40 15.68 39.16
C LYS B 785 14.77 14.90 40.31
N ALA B 786 13.56 14.37 40.11
CA ALA B 786 12.91 13.56 41.13
C ALA B 786 13.72 12.32 41.47
N SER B 787 14.61 11.90 40.59
CA SER B 787 15.56 10.82 40.91
C SER B 787 16.67 11.30 41.82
N ARG B 788 16.72 12.59 42.15
CA ARG B 788 17.76 13.14 43.00
C ARG B 788 17.39 13.07 44.48
N GLY B 789 16.20 12.59 44.80
CA GLY B 789 15.77 12.54 46.19
C GLY B 789 16.46 11.42 46.96
N GLN B 790 16.50 11.61 48.28
CA GLN B 790 17.07 10.61 49.20
C GLN B 790 18.55 10.39 48.93
N PHE B 791 19.23 11.38 48.36
CA PHE B 791 20.67 11.36 48.20
C PHE B 791 21.32 12.32 49.20
N SER B 792 22.60 12.07 49.46
CA SER B 792 23.38 12.85 50.40
C SER B 792 24.79 12.98 49.83
N ASN B 793 25.73 13.40 50.68
CA ASN B 793 27.11 13.49 50.25
C ASN B 793 27.72 12.14 49.93
N PHE B 794 27.06 11.04 50.32
CA PHE B 794 27.50 9.68 50.04
C PHE B 794 29.01 9.55 50.22
N ASN B 795 29.54 10.16 51.28
CA ASN B 795 30.97 10.14 51.53
C ASN B 795 31.46 8.69 51.64
N PHE B 796 32.55 8.39 50.93
CA PHE B 796 33.08 7.04 50.87
C PHE B 796 33.96 6.74 52.07
N VAL C 211 27.62 26.87 -32.30
CA VAL C 211 27.48 27.02 -30.87
C VAL C 211 28.84 26.90 -30.19
N GLY C 212 29.23 27.91 -29.43
CA GLY C 212 30.47 27.89 -28.70
C GLY C 212 30.26 28.04 -27.21
N TYR C 213 31.32 28.36 -26.47
CA TYR C 213 31.19 28.53 -25.03
C TYR C 213 30.59 29.87 -24.64
N ASP C 214 30.46 30.80 -25.59
CA ASP C 214 29.88 32.11 -25.31
C ASP C 214 28.37 32.11 -25.45
N ASP C 215 27.75 30.93 -25.50
CA ASP C 215 26.30 30.81 -25.56
C ASP C 215 25.73 30.15 -24.31
N ILE C 216 26.55 29.94 -23.28
CA ILE C 216 26.11 29.26 -22.07
C ILE C 216 26.19 30.23 -20.90
N GLY C 217 25.92 31.50 -21.17
CA GLY C 217 26.00 32.48 -20.10
C GLY C 217 25.07 32.14 -18.96
N GLY C 218 25.49 32.50 -17.75
CA GLY C 218 24.76 32.23 -16.53
C GLY C 218 25.53 31.37 -15.54
N CYS C 219 26.40 30.50 -16.05
CA CYS C 219 27.22 29.61 -15.21
C CYS C 219 28.66 29.71 -15.70
N ARG C 220 29.40 30.70 -15.21
CA ARG C 220 30.80 30.82 -15.57
C ARG C 220 31.66 29.85 -14.78
N LYS C 221 31.36 29.68 -13.49
CA LYS C 221 32.15 28.79 -12.65
C LYS C 221 32.08 27.36 -13.15
N GLN C 222 30.87 26.87 -13.42
CA GLN C 222 30.73 25.51 -13.94
C GLN C 222 31.39 25.37 -15.31
N MET C 223 31.28 26.40 -16.14
CA MET C 223 31.94 26.36 -17.44
C MET C 223 33.44 26.17 -17.28
N ALA C 224 34.08 26.97 -16.43
CA ALA C 224 35.52 26.82 -16.20
C ALA C 224 35.83 25.46 -15.59
N GLN C 225 34.96 24.99 -14.70
CA GLN C 225 35.20 23.72 -14.03
C GLN C 225 35.19 22.57 -15.03
N ILE C 226 34.31 22.62 -16.03
CA ILE C 226 34.36 21.63 -17.10
C ILE C 226 35.58 21.85 -17.98
N ARG C 227 35.83 23.11 -18.34
CA ARG C 227 36.92 23.45 -19.23
C ARG C 227 38.24 22.91 -18.74
N GLU C 228 38.43 22.87 -17.41
CA GLU C 228 39.72 22.43 -16.90
C GLU C 228 40.10 21.07 -17.48
N MET C 229 39.36 20.02 -17.13
CA MET C 229 39.71 18.69 -17.62
C MET C 229 39.33 18.48 -19.08
N VAL C 230 38.46 19.31 -19.66
CA VAL C 230 38.16 19.10 -21.06
C VAL C 230 39.27 19.63 -21.96
N GLU C 231 39.97 20.68 -21.55
CA GLU C 231 40.95 21.35 -22.39
C GLU C 231 42.38 21.23 -21.90
N LEU C 232 42.64 21.56 -20.63
CA LEU C 232 44.02 21.64 -20.17
C LEU C 232 44.79 20.34 -20.42
N PRO C 233 44.25 19.16 -20.11
CA PRO C 233 45.02 17.93 -20.39
C PRO C 233 45.26 17.69 -21.87
N LEU C 234 44.59 18.42 -22.75
CA LEU C 234 44.84 18.32 -24.18
C LEU C 234 45.62 19.50 -24.74
N ARG C 235 45.40 20.70 -24.22
CA ARG C 235 46.12 21.87 -24.70
C ARG C 235 47.55 21.90 -24.18
N HIS C 236 47.72 21.82 -22.86
CA HIS C 236 49.03 21.87 -22.22
C HIS C 236 49.19 20.63 -21.34
N PRO C 237 49.59 19.50 -21.93
CA PRO C 237 49.86 18.31 -21.11
C PRO C 237 51.13 18.40 -20.29
N GLN C 238 51.96 19.43 -20.52
CA GLN C 238 53.23 19.52 -19.81
C GLN C 238 53.03 19.78 -18.33
N LEU C 239 51.97 20.51 -17.96
CA LEU C 239 51.77 20.85 -16.55
C LEU C 239 51.57 19.61 -15.71
N PHE C 240 50.77 18.66 -16.19
CA PHE C 240 50.44 17.50 -15.39
C PHE C 240 51.64 16.58 -15.25
N LYS C 241 52.44 16.44 -16.30
CA LYS C 241 53.67 15.66 -16.18
C LYS C 241 54.68 16.37 -15.30
N ALA C 242 54.61 17.71 -15.23
CA ALA C 242 55.51 18.44 -14.33
C ALA C 242 55.11 18.25 -12.88
N ILE C 243 53.82 18.31 -12.58
CA ILE C 243 53.37 18.10 -11.21
C ILE C 243 53.20 16.63 -10.88
N GLY C 244 53.12 15.76 -11.89
CA GLY C 244 53.20 14.34 -11.66
C GLY C 244 51.87 13.60 -11.67
N ILE C 245 50.85 14.16 -11.05
CA ILE C 245 49.57 13.47 -10.92
C ILE C 245 48.73 13.70 -12.16
N LYS C 246 47.84 12.75 -12.43
CA LYS C 246 46.97 12.84 -13.59
C LYS C 246 45.75 13.68 -13.27
N PRO C 247 45.12 14.28 -14.28
CA PRO C 247 43.92 15.07 -14.04
C PRO C 247 42.70 14.17 -13.83
N PRO C 248 41.60 14.72 -13.34
CA PRO C 248 40.35 13.94 -13.31
C PRO C 248 39.87 13.63 -14.71
N ARG C 249 39.24 12.47 -14.87
CA ARG C 249 38.66 12.05 -16.13
C ARG C 249 37.23 11.57 -15.94
N GLY C 250 36.49 12.21 -15.03
CA GLY C 250 35.10 11.86 -14.85
C GLY C 250 34.26 13.00 -14.29
N VAL C 251 33.19 13.34 -14.98
CA VAL C 251 32.36 14.49 -14.64
C VAL C 251 30.90 14.08 -14.69
N LEU C 252 30.12 14.61 -13.75
CA LEU C 252 28.67 14.37 -13.74
C LEU C 252 27.97 15.71 -13.55
N MET C 253 27.32 16.20 -14.59
CA MET C 253 26.56 17.45 -14.52
C MET C 253 25.14 17.12 -14.07
N TYR C 254 24.70 17.74 -12.98
CA TYR C 254 23.35 17.53 -12.49
C TYR C 254 22.71 18.88 -12.17
N GLY C 255 21.38 18.89 -12.20
CA GLY C 255 20.62 20.07 -11.90
C GLY C 255 19.20 19.96 -12.39
N PRO C 256 18.37 20.96 -12.10
CA PRO C 256 16.97 20.91 -12.51
C PRO C 256 16.85 20.98 -14.02
N PRO C 257 15.74 20.49 -14.58
CA PRO C 257 15.61 20.46 -16.04
C PRO C 257 15.63 21.86 -16.63
N GLY C 258 16.24 21.97 -17.81
CA GLY C 258 16.27 23.22 -18.52
C GLY C 258 17.29 24.21 -18.01
N THR C 259 18.51 23.75 -17.71
CA THR C 259 19.53 24.61 -17.15
C THR C 259 20.75 24.77 -18.04
N GLY C 260 21.02 23.83 -18.94
CA GLY C 260 22.11 23.98 -19.88
C GLY C 260 23.06 22.79 -19.92
N LYS C 261 22.63 21.65 -19.39
CA LYS C 261 23.49 20.47 -19.38
C LYS C 261 23.74 19.97 -20.80
N THR C 262 22.66 19.68 -21.52
CA THR C 262 22.81 19.24 -22.90
C THR C 262 23.42 20.34 -23.75
N LEU C 263 23.07 21.59 -23.47
CA LEU C 263 23.68 22.70 -24.20
C LEU C 263 25.19 22.72 -24.00
N MET C 264 25.64 22.51 -22.76
CA MET C 264 27.07 22.52 -22.52
C MET C 264 27.75 21.33 -23.19
N ALA C 265 27.11 20.17 -23.19
CA ALA C 265 27.68 19.04 -23.91
C ALA C 265 27.80 19.36 -25.40
N ARG C 266 26.77 19.99 -25.97
CA ARG C 266 26.82 20.36 -27.37
C ARG C 266 27.95 21.35 -27.64
N ALA C 267 28.12 22.33 -26.75
CA ALA C 267 29.19 23.30 -26.93
C ALA C 267 30.56 22.63 -26.85
N VAL C 268 30.73 21.71 -25.91
CA VAL C 268 32.00 20.97 -25.81
C VAL C 268 32.25 20.20 -27.09
N ALA C 269 31.21 19.55 -27.62
CA ALA C 269 31.38 18.79 -28.85
C ALA C 269 31.79 19.69 -30.01
N ASN C 270 31.17 20.86 -30.12
CA ASN C 270 31.47 21.74 -31.24
C ASN C 270 32.83 22.39 -31.10
N GLU C 271 33.28 22.67 -29.88
CA GLU C 271 34.48 23.46 -29.67
C GLU C 271 35.75 22.61 -29.63
N THR C 272 35.71 21.47 -28.93
CA THR C 272 36.92 20.69 -28.74
C THR C 272 37.31 19.95 -30.02
N GLY C 273 38.61 19.83 -30.25
CA GLY C 273 39.11 19.08 -31.37
C GLY C 273 39.21 17.58 -31.15
N ALA C 274 38.87 17.11 -29.95
CA ALA C 274 38.93 15.69 -29.66
C ALA C 274 37.76 14.96 -30.30
N PHE C 275 37.88 13.64 -30.36
CA PHE C 275 36.80 12.81 -30.86
C PHE C 275 35.66 12.79 -29.85
N PHE C 276 34.44 12.93 -30.35
CA PHE C 276 33.24 12.95 -29.52
C PHE C 276 32.37 11.74 -29.84
N PHE C 277 31.78 11.16 -28.80
CA PHE C 277 30.88 10.02 -28.94
C PHE C 277 29.65 10.27 -28.10
N LEU C 278 28.48 10.34 -28.74
CA LEU C 278 27.22 10.62 -28.06
C LEU C 278 26.48 9.31 -27.81
N ILE C 279 26.10 9.09 -26.55
CA ILE C 279 25.32 7.93 -26.15
C ILE C 279 24.08 8.44 -25.44
N ASN C 280 22.91 8.24 -26.05
CA ASN C 280 21.67 8.48 -25.36
C ASN C 280 21.41 7.37 -24.35
N GLY C 281 20.57 7.66 -23.36
CA GLY C 281 20.46 6.77 -22.23
C GLY C 281 19.85 5.43 -22.58
N PRO C 282 18.56 5.40 -22.89
CA PRO C 282 17.94 4.11 -23.27
C PRO C 282 18.18 3.73 -24.71
N GLU C 283 19.42 3.88 -25.19
CA GLU C 283 19.74 3.56 -26.57
C GLU C 283 20.51 2.25 -26.73
N VAL C 284 21.16 1.78 -25.67
CA VAL C 284 22.03 0.61 -25.79
C VAL C 284 21.30 -0.71 -25.61
N MET C 285 20.14 -0.71 -24.97
CA MET C 285 19.50 -1.96 -24.59
C MET C 285 18.78 -2.59 -25.77
N SER C 286 18.92 -3.90 -25.92
CA SER C 286 18.32 -4.65 -27.01
C SER C 286 17.65 -5.90 -26.46
N LYS C 287 16.77 -6.49 -27.28
CA LYS C 287 16.02 -7.65 -26.82
C LYS C 287 16.90 -8.89 -26.71
N MET C 288 17.93 -9.00 -27.54
CA MET C 288 18.78 -10.17 -27.52
C MET C 288 19.48 -10.27 -26.17
N ALA C 289 19.66 -11.49 -25.68
CA ALA C 289 20.29 -11.71 -24.39
C ALA C 289 21.81 -11.54 -24.53
N GLY C 290 22.36 -10.58 -23.81
CA GLY C 290 23.79 -10.33 -23.87
C GLY C 290 24.21 -9.32 -24.91
N GLU C 291 23.32 -8.42 -25.32
CA GLU C 291 23.63 -7.45 -26.36
C GLU C 291 23.80 -6.03 -25.85
N SER C 292 23.12 -5.66 -24.77
CA SER C 292 23.33 -4.33 -24.20
C SER C 292 24.78 -4.14 -23.79
N GLU C 293 25.33 -5.12 -23.06
CA GLU C 293 26.72 -5.01 -22.64
C GLU C 293 27.65 -5.05 -23.85
N SER C 294 27.30 -5.82 -24.87
CA SER C 294 28.08 -5.82 -26.09
C SER C 294 28.06 -4.44 -26.75
N ASN C 295 26.90 -3.78 -26.73
CA ASN C 295 26.82 -2.44 -27.29
C ASN C 295 27.70 -1.46 -26.53
N LEU C 296 27.70 -1.53 -25.20
CA LEU C 296 28.56 -0.65 -24.42
C LEU C 296 30.02 -0.93 -24.71
N ARG C 297 30.40 -2.20 -24.77
CA ARG C 297 31.78 -2.55 -25.07
C ARG C 297 32.19 -1.98 -26.42
N LYS C 298 31.34 -2.16 -27.43
CA LYS C 298 31.67 -1.67 -28.76
C LYS C 298 31.77 -0.15 -28.76
N ALA C 299 30.89 0.53 -28.04
CA ALA C 299 30.95 1.98 -27.99
C ALA C 299 32.27 2.46 -27.41
N PHE C 300 32.66 1.90 -26.27
CA PHE C 300 33.91 2.35 -25.65
C PHE C 300 35.12 1.95 -26.49
N GLU C 301 35.08 0.77 -27.12
CA GLU C 301 36.18 0.37 -27.97
C GLU C 301 36.33 1.31 -29.16
N GLU C 302 35.21 1.68 -29.78
CA GLU C 302 35.28 2.64 -30.88
C GLU C 302 35.80 3.98 -30.40
N ALA C 303 35.37 4.42 -29.21
CA ALA C 303 35.83 5.70 -28.69
C ALA C 303 37.32 5.69 -28.45
N GLU C 304 37.85 4.58 -27.93
CA GLU C 304 39.25 4.54 -27.51
C GLU C 304 40.20 4.12 -28.62
N LYS C 305 39.71 3.46 -29.68
CA LYS C 305 40.61 2.93 -30.69
C LYS C 305 41.19 4.01 -31.59
N ASN C 306 40.56 5.17 -31.69
CA ASN C 306 40.93 6.16 -32.69
C ASN C 306 41.84 7.24 -32.13
N ALA C 307 41.42 7.92 -31.06
CA ALA C 307 42.11 9.12 -30.62
C ALA C 307 41.70 9.43 -29.18
N PRO C 308 42.28 10.45 -28.55
CA PRO C 308 41.79 10.84 -27.22
C PRO C 308 40.40 11.44 -27.31
N ALA C 309 39.39 10.71 -26.84
CA ALA C 309 38.00 10.99 -27.14
C ALA C 309 37.27 11.46 -25.89
N ILE C 310 36.05 11.93 -26.13
CA ILE C 310 35.14 12.34 -25.07
C ILE C 310 33.83 11.59 -25.28
N ILE C 311 33.33 10.96 -24.22
CA ILE C 311 32.10 10.19 -24.28
C ILE C 311 31.07 10.89 -23.41
N PHE C 312 29.98 11.32 -24.03
CA PHE C 312 28.88 11.98 -23.34
C PHE C 312 27.71 11.01 -23.22
N ILE C 313 27.28 10.73 -22.00
CA ILE C 313 26.16 9.85 -21.74
C ILE C 313 25.03 10.71 -21.22
N ASP C 314 24.00 10.89 -22.04
CA ASP C 314 22.87 11.74 -21.68
C ASP C 314 21.79 10.92 -20.99
N GLU C 315 21.19 11.51 -19.97
CA GLU C 315 20.15 10.84 -19.19
C GLU C 315 20.67 9.49 -18.70
N ILE C 316 21.69 9.55 -17.86
CA ILE C 316 22.34 8.33 -17.37
C ILE C 316 21.61 7.70 -16.21
N ASP C 317 20.66 8.41 -15.61
CA ASP C 317 19.92 7.85 -14.48
C ASP C 317 19.03 6.70 -14.88
N SER C 318 18.78 6.50 -16.18
CA SER C 318 17.91 5.44 -16.64
C SER C 318 18.65 4.13 -16.90
N ILE C 319 19.99 4.12 -16.81
CA ILE C 319 20.75 2.90 -17.00
C ILE C 319 21.68 2.69 -15.80
N ALA C 320 21.29 3.16 -14.62
CA ALA C 320 22.05 2.92 -13.40
C ALA C 320 21.11 2.94 -12.20
N PRO C 321 20.22 1.95 -12.10
CA PRO C 321 19.32 1.89 -10.95
C PRO C 321 19.89 1.14 -9.74
N LYS C 322 21.15 1.40 -9.40
CA LYS C 322 21.72 0.97 -8.12
C LYS C 322 21.93 -0.53 -7.95
N ARG C 323 21.46 -1.35 -8.88
CA ARG C 323 21.68 -2.79 -8.79
C ARG C 323 21.07 -3.42 -7.54
N ASP C 324 20.41 -2.64 -6.73
CA ASP C 324 19.90 -3.15 -5.46
C ASP C 324 18.41 -2.89 -5.30
N LYS C 325 17.92 -1.75 -5.78
CA LYS C 325 16.50 -1.48 -5.80
C LYS C 325 15.84 -2.04 -7.04
N THR C 326 16.60 -2.21 -8.12
CA THR C 326 16.08 -2.82 -9.33
C THR C 326 15.96 -4.33 -9.15
N ASN C 327 15.10 -4.93 -9.97
CA ASN C 327 14.81 -6.35 -9.88
C ASN C 327 15.06 -7.09 -11.19
N GLY C 328 15.29 -6.39 -12.28
CA GLY C 328 15.53 -7.05 -13.55
C GLY C 328 16.84 -7.81 -13.53
N GLU C 329 17.22 -8.25 -14.71
CA GLU C 329 18.47 -8.98 -14.90
C GLU C 329 19.39 -8.31 -15.90
N VAL C 330 18.84 -7.73 -16.97
CA VAL C 330 19.68 -6.99 -17.90
C VAL C 330 20.17 -5.70 -17.25
N GLU C 331 19.39 -5.13 -16.33
CA GLU C 331 19.80 -3.90 -15.69
C GLU C 331 21.06 -4.12 -14.87
N ARG C 332 21.08 -5.17 -14.05
CA ARG C 332 22.27 -5.47 -13.27
C ARG C 332 23.48 -5.68 -14.17
N ARG C 333 23.31 -6.43 -15.25
CA ARG C 333 24.45 -6.73 -16.11
C ARG C 333 24.96 -5.47 -16.80
N VAL C 334 24.06 -4.60 -17.26
CA VAL C 334 24.49 -3.37 -17.89
C VAL C 334 25.24 -2.49 -16.90
N VAL C 335 24.71 -2.35 -15.68
CA VAL C 335 25.36 -1.50 -14.70
C VAL C 335 26.73 -2.07 -14.35
N SER C 336 26.82 -3.38 -14.17
CA SER C 336 28.10 -3.99 -13.85
C SER C 336 29.08 -3.82 -15.00
N GLN C 337 28.61 -3.93 -16.24
CA GLN C 337 29.48 -3.72 -17.38
C GLN C 337 30.05 -2.31 -17.37
N LEU C 338 29.19 -1.32 -17.14
CA LEU C 338 29.66 0.06 -17.09
C LEU C 338 30.67 0.24 -15.96
N LEU C 339 30.37 -0.32 -14.79
CA LEU C 339 31.27 -0.17 -13.65
C LEU C 339 32.64 -0.73 -13.95
N THR C 340 32.67 -1.94 -14.50
CA THR C 340 33.96 -2.58 -14.78
C THR C 340 34.69 -1.89 -15.92
N LEU C 341 33.96 -1.32 -16.86
CA LEU C 341 34.59 -0.79 -18.06
C LEU C 341 35.10 0.62 -17.86
N MET C 342 34.49 1.39 -16.97
CA MET C 342 35.02 2.71 -16.67
C MET C 342 36.19 2.65 -15.70
N ASP C 343 36.20 1.68 -14.79
CA ASP C 343 37.30 1.53 -13.84
C ASP C 343 37.43 0.05 -13.46
N GLY C 344 38.18 -0.69 -14.26
CA GLY C 344 38.47 -2.08 -13.99
C GLY C 344 39.90 -2.33 -14.41
N MET C 345 40.37 -3.57 -14.37
CA MET C 345 41.69 -3.85 -14.91
C MET C 345 41.74 -3.37 -16.35
N LYS C 346 42.94 -3.01 -16.81
CA LYS C 346 43.19 -2.46 -18.14
C LYS C 346 43.13 -0.94 -18.05
N ALA C 347 41.96 -0.40 -17.67
CA ALA C 347 41.81 1.03 -17.42
C ALA C 347 41.69 1.81 -18.72
N ARG C 348 41.03 2.96 -18.66
CA ARG C 348 40.87 3.81 -19.82
C ARG C 348 42.18 4.50 -20.16
N SER C 349 42.25 5.06 -21.36
CA SER C 349 43.45 5.75 -21.83
C SER C 349 43.07 6.97 -22.66
N ASN C 350 43.17 8.15 -22.05
CA ASN C 350 42.82 9.40 -22.70
C ASN C 350 41.35 9.47 -23.09
N VAL C 351 40.49 8.76 -22.35
CA VAL C 351 39.05 8.78 -22.58
C VAL C 351 38.41 9.41 -21.35
N VAL C 352 37.80 10.57 -21.54
CA VAL C 352 37.09 11.28 -20.47
C VAL C 352 35.60 11.16 -20.72
N VAL C 353 34.86 10.85 -19.66
CA VAL C 353 33.43 10.55 -19.74
C VAL C 353 32.65 11.67 -19.07
N ILE C 354 31.65 12.20 -19.77
CA ILE C 354 30.76 13.23 -19.25
C ILE C 354 29.36 12.65 -19.17
N ALA C 355 28.64 12.98 -18.11
CA ALA C 355 27.30 12.48 -17.90
C ALA C 355 26.39 13.62 -17.45
N ALA C 356 25.12 13.52 -17.80
CA ALA C 356 24.13 14.51 -17.44
C ALA C 356 22.87 13.82 -16.93
N THR C 357 22.30 14.35 -15.85
CA THR C 357 21.08 13.78 -15.29
C THR C 357 20.33 14.85 -14.53
N ASN C 358 19.03 14.64 -14.39
CA ASN C 358 18.18 15.53 -13.61
C ASN C 358 18.03 15.09 -12.16
N ARG C 359 18.32 13.83 -11.87
CA ARG C 359 18.32 13.34 -10.50
C ARG C 359 19.54 12.47 -10.29
N PRO C 360 20.54 12.94 -9.55
CA PRO C 360 21.74 12.12 -9.34
C PRO C 360 21.60 11.08 -8.24
N ASN C 361 20.67 11.26 -7.30
CA ASN C 361 20.56 10.34 -6.18
C ASN C 361 20.11 8.95 -6.62
N SER C 362 19.47 8.82 -7.78
CA SER C 362 19.07 7.52 -8.30
C SER C 362 20.14 6.93 -9.22
N ILE C 363 21.37 6.89 -8.74
CA ILE C 363 22.49 6.33 -9.49
C ILE C 363 23.29 5.44 -8.55
N ASP C 364 23.93 4.42 -9.12
CA ASP C 364 24.67 3.46 -8.31
C ASP C 364 25.78 4.17 -7.54
N PRO C 365 25.87 4.00 -6.22
CA PRO C 365 26.97 4.63 -5.49
C PRO C 365 28.33 4.24 -6.01
N ALA C 366 28.47 3.04 -6.57
CA ALA C 366 29.74 2.62 -7.12
C ALA C 366 30.14 3.45 -8.33
N LEU C 367 29.20 4.15 -8.95
CA LEU C 367 29.51 5.00 -10.09
C LEU C 367 29.90 6.42 -9.69
N ARG C 368 29.61 6.82 -8.45
CA ARG C 368 29.87 8.17 -7.98
C ARG C 368 31.17 8.26 -7.20
N ARG C 369 32.16 7.51 -7.63
CA ARG C 369 33.45 7.39 -6.96
C ARG C 369 34.55 7.98 -7.83
N PHE C 370 35.64 8.39 -7.19
CA PHE C 370 36.80 8.82 -7.95
C PHE C 370 37.32 7.70 -8.84
N GLY C 371 37.63 8.05 -10.08
CA GLY C 371 38.04 7.06 -11.06
C GLY C 371 36.95 6.77 -12.05
N ARG C 372 35.70 6.76 -11.59
CA ARG C 372 34.54 6.57 -12.45
C ARG C 372 33.87 7.88 -12.80
N PHE C 373 33.43 8.63 -11.79
CA PHE C 373 32.88 9.98 -11.98
C PHE C 373 33.58 10.83 -10.92
N ASP C 374 34.69 11.44 -11.33
CA ASP C 374 35.57 12.09 -10.36
C ASP C 374 34.85 13.20 -9.64
N ARG C 375 34.13 14.05 -10.36
CA ARG C 375 33.57 15.25 -9.76
C ARG C 375 32.19 15.54 -10.32
N GLU C 376 31.32 16.07 -9.46
CA GLU C 376 29.93 16.35 -9.79
C GLU C 376 29.76 17.87 -9.88
N VAL C 377 29.46 18.35 -11.07
CA VAL C 377 29.17 19.76 -11.29
C VAL C 377 27.69 20.00 -11.12
N ASP C 378 27.34 21.08 -10.43
CA ASP C 378 25.96 21.45 -10.16
C ASP C 378 25.59 22.65 -11.02
N ILE C 379 24.87 22.40 -12.11
CA ILE C 379 24.37 23.45 -12.97
C ILE C 379 22.97 23.80 -12.47
N GLY C 380 22.86 24.85 -11.65
CA GLY C 380 21.66 25.17 -10.95
C GLY C 380 20.96 26.39 -11.51
N ILE C 381 20.03 26.92 -10.72
CA ILE C 381 19.18 28.03 -11.16
C ILE C 381 20.01 29.32 -11.19
N PRO C 382 20.01 30.07 -12.29
CA PRO C 382 20.79 31.32 -12.32
C PRO C 382 20.23 32.36 -11.36
N ASP C 383 20.86 33.53 -11.37
CA ASP C 383 20.43 34.67 -10.58
C ASP C 383 20.20 35.85 -11.52
N ALA C 384 20.02 37.04 -10.94
CA ALA C 384 19.70 38.20 -11.76
C ALA C 384 20.76 38.44 -12.83
N THR C 385 22.04 38.40 -12.45
CA THR C 385 23.09 38.58 -13.42
C THR C 385 23.09 37.47 -14.46
N GLY C 386 22.90 36.23 -14.02
CA GLY C 386 22.83 35.12 -14.97
C GLY C 386 21.65 35.26 -15.91
N ARG C 387 20.50 35.66 -15.37
CA ARG C 387 19.34 35.85 -16.23
C ARG C 387 19.58 36.96 -17.25
N LEU C 388 20.25 38.02 -16.83
CA LEU C 388 20.59 39.08 -17.77
C LEU C 388 21.52 38.57 -18.87
N GLU C 389 22.50 37.74 -18.49
CA GLU C 389 23.40 37.17 -19.50
C GLU C 389 22.62 36.30 -20.48
N VAL C 390 21.71 35.48 -19.97
CA VAL C 390 20.91 34.63 -20.86
C VAL C 390 20.06 35.48 -21.79
N LEU C 391 19.47 36.55 -21.26
CA LEU C 391 18.67 37.43 -22.10
C LEU C 391 19.50 38.06 -23.20
N ARG C 392 20.71 38.51 -22.87
CA ARG C 392 21.59 39.06 -23.90
C ARG C 392 21.90 38.01 -24.95
N ILE C 393 22.16 36.78 -24.53
CA ILE C 393 22.52 35.74 -25.49
C ILE C 393 21.37 35.43 -26.42
N HIS C 394 20.15 35.31 -25.89
CA HIS C 394 19.03 34.88 -26.70
C HIS C 394 18.42 36.01 -27.53
N THR C 395 18.80 37.26 -27.29
CA THR C 395 18.30 38.39 -28.06
C THR C 395 19.44 39.05 -28.82
N LYS C 396 20.37 38.24 -29.32
CA LYS C 396 21.51 38.75 -30.07
C LYS C 396 21.34 38.56 -31.57
N ASN C 397 20.39 37.74 -32.00
CA ASN C 397 20.15 37.51 -33.41
C ASN C 397 18.87 38.13 -33.91
N MET C 398 18.00 38.61 -33.02
CA MET C 398 16.76 39.26 -33.41
C MET C 398 16.93 40.77 -33.42
N LYS C 399 16.04 41.45 -34.15
CA LYS C 399 16.08 42.90 -34.31
C LYS C 399 15.08 43.51 -33.33
N LEU C 400 15.61 44.02 -32.22
CA LEU C 400 14.78 44.61 -31.18
C LEU C 400 14.46 46.07 -31.52
N ALA C 401 13.46 46.60 -30.81
CA ALA C 401 13.16 48.02 -30.89
C ALA C 401 14.12 48.80 -29.98
N ASP C 402 14.12 50.12 -30.14
CA ASP C 402 15.00 50.97 -29.37
C ASP C 402 14.53 51.20 -27.94
N ASP C 403 13.28 50.86 -27.63
CA ASP C 403 12.69 51.18 -26.34
C ASP C 403 12.81 50.05 -25.32
N VAL C 404 13.46 48.95 -25.66
CA VAL C 404 13.52 47.78 -24.79
C VAL C 404 14.84 47.79 -24.04
N ASP C 405 14.77 47.69 -22.72
CA ASP C 405 15.92 47.44 -21.87
C ASP C 405 15.84 46.04 -21.30
N LEU C 406 17.00 45.44 -21.07
CA LEU C 406 17.05 44.07 -20.59
C LEU C 406 17.26 43.96 -19.08
N GLU C 407 17.67 45.04 -18.43
CA GLU C 407 17.89 44.98 -16.99
C GLU C 407 16.57 44.80 -16.24
N ALA C 408 15.55 45.55 -16.62
CA ALA C 408 14.25 45.40 -15.97
C ALA C 408 13.69 44.00 -16.19
N LEU C 409 13.84 43.47 -17.39
CA LEU C 409 13.35 42.13 -17.68
C LEU C 409 14.05 41.10 -16.81
N ALA C 410 15.36 41.26 -16.60
CA ALA C 410 16.08 40.33 -15.74
C ALA C 410 15.72 40.53 -14.28
N ALA C 411 15.27 41.74 -13.90
CA ALA C 411 14.89 41.99 -12.53
C ALA C 411 13.55 41.35 -12.20
N GLU C 412 12.53 41.63 -13.02
CA GLU C 412 11.20 41.07 -12.76
C GLU C 412 11.13 39.57 -13.01
N THR C 413 12.07 39.02 -13.78
CA THR C 413 12.14 37.57 -13.96
C THR C 413 12.87 36.96 -12.78
N HIS C 414 12.20 36.08 -12.04
CA HIS C 414 12.70 35.64 -10.74
C HIS C 414 13.14 34.18 -10.73
N GLY C 415 12.25 33.25 -11.06
CA GLY C 415 12.57 31.84 -10.89
C GLY C 415 12.84 31.15 -12.20
N TYR C 416 13.19 31.91 -13.23
CA TYR C 416 13.32 31.36 -14.56
C TYR C 416 14.66 30.65 -14.70
N VAL C 417 14.61 29.41 -15.19
CA VAL C 417 15.77 28.52 -15.16
C VAL C 417 16.67 28.68 -16.36
N GLY C 418 16.39 29.61 -17.26
CA GLY C 418 17.20 29.84 -18.43
C GLY C 418 16.67 29.18 -19.68
N ALA C 419 15.95 28.07 -19.55
CA ALA C 419 15.15 27.58 -20.66
C ALA C 419 13.82 28.32 -20.76
N ASP C 420 13.44 29.04 -19.72
CA ASP C 420 12.25 29.89 -19.76
C ASP C 420 12.54 31.27 -20.35
N ILE C 421 13.79 31.71 -20.33
CA ILE C 421 14.12 32.98 -20.97
C ILE C 421 13.92 32.86 -22.49
N ALA C 422 14.36 31.74 -23.06
CA ALA C 422 14.11 31.52 -24.48
C ALA C 422 12.62 31.47 -24.78
N SER C 423 11.85 30.84 -23.88
CA SER C 423 10.41 30.82 -24.06
C SER C 423 9.83 32.23 -24.04
N LEU C 424 10.29 33.06 -23.12
CA LEU C 424 9.81 34.44 -23.04
C LEU C 424 10.13 35.19 -24.32
N CYS C 425 11.36 35.05 -24.82
CA CYS C 425 11.75 35.74 -26.04
C CYS C 425 10.91 35.28 -27.22
N SER C 426 10.70 33.97 -27.35
CA SER C 426 9.92 33.45 -28.46
C SER C 426 8.47 33.92 -28.37
N GLU C 427 7.91 33.95 -27.17
CA GLU C 427 6.53 34.43 -27.01
C GLU C 427 6.42 35.90 -27.38
N ALA C 428 7.39 36.71 -26.99
CA ALA C 428 7.37 38.12 -27.37
C ALA C 428 7.44 38.26 -28.89
N ALA C 429 8.32 37.49 -29.54
CA ALA C 429 8.41 37.58 -30.98
C ALA C 429 7.11 37.15 -31.65
N MET C 430 6.46 36.12 -31.11
CA MET C 430 5.19 35.67 -31.67
C MET C 430 4.10 36.71 -31.46
N GLN C 431 4.12 37.39 -30.31
CA GLN C 431 3.17 38.48 -30.10
C GLN C 431 3.36 39.57 -31.15
N GLN C 432 4.61 39.94 -31.41
CA GLN C 432 4.86 40.93 -32.47
C GLN C 432 4.37 40.43 -33.82
N ILE C 433 4.66 39.17 -34.13
CA ILE C 433 4.27 38.63 -35.43
C ILE C 433 2.76 38.70 -35.61
N ARG C 434 2.01 38.21 -34.61
CA ARG C 434 0.56 38.21 -34.75
C ARG C 434 0.01 39.62 -34.77
N GLU C 435 0.59 40.51 -33.96
CA GLU C 435 0.11 41.88 -33.93
C GLU C 435 0.26 42.55 -35.28
N LYS C 436 1.39 42.36 -35.94
CA LYS C 436 1.60 42.99 -37.23
C LYS C 436 1.05 42.19 -38.40
N MET C 437 0.62 40.95 -38.19
CA MET C 437 0.00 40.17 -39.26
C MET C 437 -1.52 40.29 -39.28
N ASP C 438 -2.14 40.45 -38.11
CA ASP C 438 -3.61 40.54 -38.09
C ASP C 438 -4.10 41.82 -38.73
N LEU C 439 -3.28 42.87 -38.73
CA LEU C 439 -3.68 44.14 -39.30
C LEU C 439 -3.40 44.19 -40.80
N ILE C 440 -2.15 44.00 -41.19
CA ILE C 440 -1.81 43.96 -42.61
C ILE C 440 -2.34 42.68 -43.22
N ASP C 441 -2.72 42.75 -44.50
CA ASP C 441 -3.38 41.64 -45.15
C ASP C 441 -2.45 40.43 -45.22
N LEU C 442 -3.06 39.25 -45.24
CA LEU C 442 -2.28 38.01 -45.25
C LEU C 442 -1.42 37.91 -46.50
N ASP C 443 -1.98 38.21 -47.66
CA ASP C 443 -1.28 38.12 -48.93
C ASP C 443 -0.68 36.71 -49.09
N GLU C 444 -1.58 35.72 -49.17
CA GLU C 444 -1.14 34.33 -49.20
C GLU C 444 -0.30 34.05 -50.44
N ASP C 445 -0.53 34.76 -51.53
CA ASP C 445 0.24 34.52 -52.75
C ASP C 445 1.72 34.84 -52.53
N GLU C 446 2.02 35.96 -51.87
CA GLU C 446 3.39 36.36 -51.61
C GLU C 446 3.41 37.37 -50.48
N ILE C 447 4.41 37.28 -49.62
CA ILE C 447 4.57 38.20 -48.50
C ILE C 447 5.42 39.37 -48.95
N ASP C 448 4.89 40.58 -48.77
CA ASP C 448 5.60 41.78 -49.20
C ASP C 448 6.81 42.03 -48.31
N ALA C 449 7.83 42.66 -48.88
CA ALA C 449 9.07 42.90 -48.18
C ALA C 449 9.10 44.24 -47.46
N GLU C 450 8.16 45.15 -47.74
CA GLU C 450 8.12 46.41 -47.03
C GLU C 450 7.70 46.23 -45.58
N VAL C 451 7.07 45.10 -45.26
CA VAL C 451 6.68 44.83 -43.88
C VAL C 451 7.81 44.16 -43.11
N LEU C 452 8.63 43.34 -43.78
CA LEU C 452 9.68 42.61 -43.07
C LEU C 452 10.78 43.56 -42.63
N ASP C 453 11.14 44.52 -43.47
CA ASP C 453 12.26 45.41 -43.16
C ASP C 453 11.94 46.33 -41.99
N SER C 454 10.66 46.52 -41.66
CA SER C 454 10.24 47.31 -40.50
C SER C 454 9.33 46.43 -39.67
N LEU C 455 9.94 45.61 -38.81
CA LEU C 455 9.19 44.68 -37.98
C LEU C 455 9.41 44.96 -36.50
N GLY C 456 10.66 44.97 -36.03
CA GLY C 456 10.96 45.38 -34.67
C GLY C 456 10.32 44.51 -33.62
N VAL C 457 10.69 44.72 -32.35
CA VAL C 457 10.06 44.08 -31.21
C VAL C 457 10.04 45.10 -30.09
N THR C 458 8.85 45.53 -29.69
CA THR C 458 8.74 46.60 -28.72
C THR C 458 8.84 46.06 -27.30
N MET C 459 8.96 46.98 -26.35
CA MET C 459 9.01 46.60 -24.94
C MET C 459 7.68 46.02 -24.50
N ASP C 460 6.57 46.59 -25.00
CA ASP C 460 5.26 46.14 -24.59
C ASP C 460 5.06 44.66 -24.88
N ASN C 461 5.65 44.17 -25.98
CA ASN C 461 5.56 42.74 -26.28
C ASN C 461 6.23 41.92 -25.18
N PHE C 462 7.41 42.34 -24.73
CA PHE C 462 8.08 41.62 -23.66
C PHE C 462 7.27 41.69 -22.37
N ARG C 463 6.67 42.85 -22.08
CA ARG C 463 5.85 42.95 -20.88
C ARG C 463 4.68 41.99 -20.96
N PHE C 464 4.04 41.91 -22.13
CA PHE C 464 2.92 41.00 -22.32
C PHE C 464 3.36 39.55 -22.11
N ALA C 465 4.46 39.16 -22.75
CA ALA C 465 4.92 37.79 -22.62
C ALA C 465 5.30 37.46 -21.18
N LEU C 466 5.93 38.42 -20.48
CA LEU C 466 6.29 38.20 -19.09
C LEU C 466 5.06 38.04 -18.21
N GLY C 467 4.03 38.85 -18.44
CA GLY C 467 2.83 38.73 -17.63
C GLY C 467 1.99 37.51 -17.91
N ASN C 468 2.24 36.83 -19.02
CA ASN C 468 1.47 35.67 -19.44
C ASN C 468 2.31 34.41 -19.43
N SER C 469 3.16 34.25 -18.42
CA SER C 469 4.00 33.07 -18.33
C SER C 469 4.47 32.91 -16.89
N ASN C 470 4.99 31.72 -16.60
CA ASN C 470 5.47 31.37 -15.27
C ASN C 470 6.65 30.45 -15.41
N PRO C 471 7.48 30.32 -14.37
CA PRO C 471 8.61 29.40 -14.46
C PRO C 471 8.14 27.97 -14.65
N SER C 472 8.91 27.22 -15.42
CA SER C 472 8.53 25.84 -15.72
C SER C 472 8.46 24.98 -14.46
N ALA C 473 9.17 25.37 -13.40
CA ALA C 473 9.14 24.58 -12.18
C ALA C 473 7.84 24.72 -11.42
N LEU C 474 7.11 25.82 -11.62
CA LEU C 474 5.85 26.06 -10.94
C LEU C 474 4.65 25.89 -11.86
N ARG C 475 4.83 25.19 -12.97
CA ARG C 475 3.73 25.03 -13.92
C ARG C 475 2.62 24.16 -13.35
N GLU C 476 2.96 23.21 -12.49
CA GLU C 476 1.94 22.39 -11.86
C GLU C 476 1.07 23.20 -10.91
N THR C 477 1.68 24.13 -10.17
CA THR C 477 0.99 24.90 -9.14
C THR C 477 0.60 26.30 -9.62
N VAL C 478 0.24 26.45 -10.90
CA VAL C 478 -0.15 27.76 -11.40
C VAL C 478 -1.51 28.13 -10.82
N VAL C 479 -1.62 29.34 -10.30
CA VAL C 479 -2.83 29.82 -9.65
C VAL C 479 -3.70 30.50 -10.70
N GLU C 480 -5.02 30.35 -10.55
CA GLU C 480 -5.94 31.03 -11.46
C GLU C 480 -5.77 32.53 -11.35
N SER C 481 -5.88 33.20 -12.49
CA SER C 481 -5.61 34.64 -12.57
C SER C 481 -6.77 35.40 -11.93
N VAL C 482 -6.60 35.76 -10.66
CA VAL C 482 -7.55 36.64 -9.97
C VAL C 482 -7.09 38.08 -10.16
N ASN C 483 -8.04 39.01 -10.12
CA ASN C 483 -7.77 40.41 -10.39
C ASN C 483 -8.19 41.26 -9.20
N VAL C 484 -7.27 41.47 -8.26
CA VAL C 484 -7.47 42.38 -7.15
C VAL C 484 -6.29 43.33 -7.10
N THR C 485 -6.54 44.54 -6.60
CA THR C 485 -5.50 45.58 -6.55
C THR C 485 -5.54 46.26 -5.19
N TRP C 486 -4.47 47.02 -4.90
CA TRP C 486 -4.42 47.70 -3.61
C TRP C 486 -5.57 48.68 -3.45
N ASP C 487 -6.09 49.21 -4.56
CA ASP C 487 -7.24 50.10 -4.47
C ASP C 487 -8.54 49.34 -4.25
N ASP C 488 -8.55 48.04 -4.49
CA ASP C 488 -9.75 47.25 -4.25
C ASP C 488 -9.97 46.98 -2.77
N VAL C 489 -8.89 47.00 -1.98
CA VAL C 489 -8.96 46.72 -0.55
C VAL C 489 -8.97 48.06 0.18
N GLY C 490 -10.13 48.41 0.74
CA GLY C 490 -10.24 49.63 1.51
C GLY C 490 -9.76 49.47 2.93
N GLY C 491 -9.39 50.59 3.54
CA GLY C 491 -8.86 50.54 4.88
C GLY C 491 -7.55 49.76 4.90
N LEU C 492 -7.12 49.43 6.11
CA LEU C 492 -5.92 48.63 6.31
C LEU C 492 -4.71 49.27 5.65
N ASP C 493 -4.63 50.60 5.73
CA ASP C 493 -3.50 51.29 5.09
C ASP C 493 -2.19 50.92 5.76
N GLU C 494 -2.16 50.91 7.09
CA GLU C 494 -0.95 50.52 7.80
C GLU C 494 -0.60 49.06 7.51
N ILE C 495 -1.60 48.18 7.45
CA ILE C 495 -1.34 46.78 7.15
C ILE C 495 -0.80 46.65 5.74
N LYS C 496 -1.37 47.40 4.80
CA LYS C 496 -0.88 47.36 3.42
C LYS C 496 0.57 47.80 3.36
N GLU C 497 0.91 48.87 4.08
CA GLU C 497 2.29 49.34 4.09
C GLU C 497 3.21 48.28 4.68
N GLU C 498 2.81 47.70 5.81
CA GLU C 498 3.64 46.68 6.45
C GLU C 498 3.90 45.52 5.49
N LEU C 499 2.85 45.05 4.80
CA LEU C 499 3.03 43.92 3.89
C LEU C 499 3.89 44.31 2.70
N LYS C 500 3.68 45.51 2.17
CA LYS C 500 4.48 45.95 1.03
C LYS C 500 5.95 45.99 1.40
N GLU C 501 6.28 46.51 2.57
CA GLU C 501 7.67 46.57 2.98
C GLU C 501 8.22 45.17 3.21
N THR C 502 7.48 44.34 3.95
CA THR C 502 7.97 43.01 4.30
C THR C 502 8.22 42.16 3.06
N VAL C 503 7.50 42.42 1.97
CA VAL C 503 7.67 41.59 0.78
C VAL C 503 8.54 42.24 -0.28
N GLU C 504 8.72 43.56 -0.25
CA GLU C 504 9.49 44.25 -1.28
C GLU C 504 10.92 44.55 -0.87
N TYR C 505 11.16 44.92 0.39
CA TYR C 505 12.51 45.33 0.77
C TYR C 505 13.54 44.24 0.55
N PRO C 506 13.33 42.99 0.97
CA PRO C 506 14.33 41.96 0.71
C PRO C 506 14.58 41.71 -0.76
N VAL C 507 13.63 42.01 -1.63
CA VAL C 507 13.76 41.69 -3.05
C VAL C 507 14.46 42.81 -3.80
N LEU C 508 13.97 44.04 -3.67
CA LEU C 508 14.50 45.13 -4.47
C LEU C 508 15.86 45.62 -3.94
N HIS C 509 16.06 45.59 -2.63
CA HIS C 509 17.25 46.17 -2.01
C HIS C 509 17.98 45.10 -1.19
N PRO C 510 18.55 44.09 -1.85
CA PRO C 510 19.40 43.14 -1.11
C PRO C 510 20.70 43.77 -0.63
N ASP C 511 21.20 44.77 -1.35
CA ASP C 511 22.43 45.43 -0.96
C ASP C 511 22.34 45.99 0.46
N GLN C 512 21.21 46.61 0.80
CA GLN C 512 21.05 47.17 2.13
C GLN C 512 21.15 46.08 3.19
N TYR C 513 20.44 44.98 2.98
CA TYR C 513 20.45 43.91 3.97
C TYR C 513 21.83 43.31 4.13
N THR C 514 22.55 43.13 3.02
CA THR C 514 23.87 42.51 3.13
C THR C 514 24.89 43.45 3.74
N LYS C 515 24.77 44.76 3.50
CA LYS C 515 25.67 45.69 4.18
C LYS C 515 25.35 45.81 5.65
N PHE C 516 24.09 45.61 6.03
CA PHE C 516 23.73 45.60 7.45
C PHE C 516 23.94 44.23 8.08
N GLY C 517 24.29 43.22 7.30
CA GLY C 517 24.66 41.92 7.87
C GLY C 517 23.56 41.26 8.66
N LEU C 518 22.31 41.41 8.22
CA LEU C 518 21.19 40.78 8.91
C LEU C 518 20.21 40.24 7.87
N SER C 519 19.63 39.08 8.17
CA SER C 519 18.70 38.44 7.25
C SER C 519 17.28 38.93 7.50
N PRO C 520 16.51 39.14 6.44
CA PRO C 520 15.19 39.75 6.58
C PRO C 520 14.21 38.83 7.28
N SER C 521 13.18 39.44 7.86
CA SER C 521 12.07 38.68 8.43
C SER C 521 11.16 38.19 7.31
N LYS C 522 10.64 36.98 7.46
CA LYS C 522 9.96 36.28 6.37
C LYS C 522 8.48 36.09 6.62
N GLY C 523 8.10 35.43 7.72
CA GLY C 523 6.73 35.01 7.89
C GLY C 523 5.83 36.09 8.42
N VAL C 524 4.52 35.87 8.28
CA VAL C 524 3.53 36.78 8.84
C VAL C 524 2.19 36.05 8.87
N LEU C 525 1.44 36.28 9.95
CA LEU C 525 0.15 35.65 10.18
C LEU C 525 -0.91 36.72 10.33
N PHE C 526 -2.09 36.47 9.77
CA PHE C 526 -3.25 37.32 9.93
C PHE C 526 -4.29 36.61 10.77
N TYR C 527 -4.80 37.29 11.80
CA TYR C 527 -5.90 36.74 12.57
C TYR C 527 -6.92 37.84 12.84
N GLY C 528 -8.18 37.42 12.95
CA GLY C 528 -9.26 38.34 13.21
C GLY C 528 -10.60 37.69 12.91
N PRO C 529 -11.68 38.41 13.13
CA PRO C 529 -13.01 37.86 12.84
C PRO C 529 -13.16 37.56 11.38
N PRO C 530 -14.06 36.65 11.01
CA PRO C 530 -14.22 36.28 9.60
C PRO C 530 -14.77 37.43 8.78
N GLY C 531 -14.45 37.42 7.50
CA GLY C 531 -14.94 38.44 6.58
C GLY C 531 -14.40 39.82 6.87
N THR C 532 -13.10 39.96 7.11
CA THR C 532 -12.48 41.25 7.37
C THR C 532 -11.46 41.67 6.33
N GLY C 533 -10.92 40.73 5.54
CA GLY C 533 -10.03 41.10 4.46
C GLY C 533 -8.76 40.29 4.37
N LYS C 534 -8.65 39.23 5.16
CA LYS C 534 -7.43 38.43 5.18
C LYS C 534 -7.17 37.81 3.81
N THR C 535 -8.14 37.04 3.31
CA THR C 535 -8.00 36.45 1.98
C THR C 535 -7.94 37.53 0.91
N LEU C 536 -8.65 38.64 1.11
CA LEU C 536 -8.58 39.73 0.15
C LEU C 536 -7.16 40.30 0.08
N LEU C 537 -6.51 40.47 1.23
CA LEU C 537 -5.13 40.92 1.23
C LEU C 537 -4.23 39.90 0.54
N ALA C 538 -4.50 38.61 0.76
CA ALA C 538 -3.72 37.58 0.08
C ALA C 538 -3.86 37.68 -1.43
N LYS C 539 -5.09 37.90 -1.92
CA LYS C 539 -5.30 38.04 -3.35
C LYS C 539 -4.58 39.27 -3.90
N ALA C 540 -4.65 40.39 -3.18
CA ALA C 540 -3.97 41.59 -3.66
C ALA C 540 -2.46 41.37 -3.75
N VAL C 541 -1.89 40.70 -2.75
CA VAL C 541 -0.48 40.35 -2.80
C VAL C 541 -0.19 39.46 -3.99
N ALA C 542 -1.01 38.44 -4.19
CA ALA C 542 -0.74 37.52 -5.29
C ALA C 542 -0.82 38.24 -6.61
N THR C 543 -1.61 39.31 -6.66
CA THR C 543 -1.87 39.97 -7.93
C THR C 543 -0.73 40.90 -8.32
N GLU C 544 -0.45 41.91 -7.50
CA GLU C 544 0.47 42.96 -7.92
C GLU C 544 1.78 43.01 -7.11
N VAL C 545 2.15 41.95 -6.46
CA VAL C 545 3.49 41.84 -5.87
C VAL C 545 4.39 41.17 -6.91
N SER C 546 5.68 41.46 -6.82
CA SER C 546 6.66 41.05 -7.83
C SER C 546 7.39 39.78 -7.44
N ALA C 547 6.70 38.84 -6.80
CA ALA C 547 7.30 37.56 -6.43
C ALA C 547 6.32 36.44 -6.77
N ASN C 548 6.86 35.24 -6.93
CA ASN C 548 6.01 34.10 -7.25
C ASN C 548 5.08 33.78 -6.09
N PHE C 549 3.95 33.19 -6.42
CA PHE C 549 2.89 32.90 -5.44
C PHE C 549 2.57 31.42 -5.45
N ILE C 550 2.49 30.83 -4.26
CA ILE C 550 2.05 29.45 -4.08
C ILE C 550 0.86 29.47 -3.13
N SER C 551 -0.28 28.98 -3.58
CA SER C 551 -1.51 29.00 -2.80
C SER C 551 -1.93 27.57 -2.48
N VAL C 552 -2.25 27.34 -1.21
CA VAL C 552 -2.75 26.04 -0.77
C VAL C 552 -3.95 26.28 0.14
N LYS C 553 -4.97 25.44 0.00
CA LYS C 553 -6.12 25.48 0.89
C LYS C 553 -5.71 24.89 2.23
N GLY C 554 -6.65 24.74 3.15
CA GLY C 554 -6.31 24.32 4.49
C GLY C 554 -5.84 22.88 4.55
N PRO C 555 -6.77 21.94 4.40
CA PRO C 555 -6.39 20.52 4.42
C PRO C 555 -6.07 19.95 3.05
N GLU C 556 -5.85 20.80 2.07
CA GLU C 556 -5.71 20.33 0.70
C GLU C 556 -4.54 19.37 0.52
N LEU C 557 -3.55 19.39 1.42
CA LEU C 557 -2.33 18.60 1.25
C LEU C 557 -2.35 17.30 2.08
N LEU C 558 -3.51 16.81 2.46
CA LEU C 558 -3.62 15.58 3.21
C LEU C 558 -3.90 14.40 2.27
N SER C 559 -3.39 13.23 2.65
CA SER C 559 -3.55 12.02 1.85
C SER C 559 -3.72 10.83 2.78
N MET C 560 -4.41 9.80 2.26
CA MET C 560 -4.66 8.61 3.06
C MET C 560 -3.41 7.78 3.25
N TRP C 561 -2.48 7.84 2.30
CA TRP C 561 -1.28 7.03 2.38
C TRP C 561 -0.38 7.50 3.52
N TYR C 562 0.51 6.61 3.93
CA TYR C 562 1.34 6.84 5.11
C TYR C 562 2.59 7.59 4.69
N GLY C 563 2.79 8.78 5.26
CA GLY C 563 3.94 9.59 4.95
C GLY C 563 3.79 10.44 3.71
N GLU C 564 2.63 10.40 3.05
CA GLU C 564 2.45 11.15 1.82
C GLU C 564 2.14 12.61 2.08
N SER C 565 1.48 12.93 3.19
CA SER C 565 1.23 14.32 3.51
C SER C 565 2.52 15.10 3.69
N GLU C 566 3.48 14.51 4.42
CA GLU C 566 4.77 15.15 4.58
C GLU C 566 5.50 15.26 3.25
N SER C 567 5.34 14.27 2.38
CA SER C 567 5.93 14.36 1.06
C SER C 567 5.36 15.54 0.29
N ASN C 568 4.05 15.76 0.39
CA ASN C 568 3.43 16.89 -0.30
C ASN C 568 3.95 18.20 0.26
N ILE C 569 4.02 18.32 1.58
CA ILE C 569 4.46 19.58 2.18
C ILE C 569 5.92 19.84 1.85
N ARG C 570 6.69 18.79 1.65
CA ARG C 570 8.10 18.95 1.35
C ARG C 570 8.29 19.30 -0.11
N ASP C 571 7.47 18.71 -0.99
CA ASP C 571 7.54 19.04 -2.39
C ASP C 571 7.14 20.49 -2.60
N ILE C 572 6.09 20.95 -1.91
CA ILE C 572 5.66 22.33 -2.10
C ILE C 572 6.71 23.28 -1.55
N PHE C 573 7.34 22.95 -0.43
CA PHE C 573 8.30 23.90 0.10
C PHE C 573 9.61 23.87 -0.68
N ASP C 574 9.83 22.79 -1.45
CA ASP C 574 11.01 22.72 -2.29
C ASP C 574 10.79 23.48 -3.58
N LYS C 575 9.60 23.35 -4.17
CA LYS C 575 9.28 24.21 -5.31
C LYS C 575 9.29 25.67 -4.89
N ALA C 576 8.89 25.97 -3.66
CA ALA C 576 8.94 27.36 -3.19
C ALA C 576 10.38 27.83 -3.05
N ARG C 577 11.27 26.98 -2.53
CA ARG C 577 12.65 27.40 -2.32
C ARG C 577 13.42 27.47 -3.62
N ALA C 578 13.02 26.68 -4.63
CA ALA C 578 13.73 26.70 -5.90
C ALA C 578 13.48 28.00 -6.65
N ALA C 579 12.22 28.40 -6.78
CA ALA C 579 11.84 29.60 -7.51
C ALA C 579 11.65 30.78 -6.57
N ALA C 580 12.72 31.10 -5.85
CA ALA C 580 12.68 32.21 -4.91
C ALA C 580 12.98 33.52 -5.63
N PRO C 581 12.43 34.65 -5.16
CA PRO C 581 11.56 34.81 -3.99
C PRO C 581 10.16 34.26 -4.23
N THR C 582 9.53 33.72 -3.20
CA THR C 582 8.23 33.06 -3.33
C THR C 582 7.40 33.33 -2.09
N VAL C 583 6.13 33.63 -2.29
CA VAL C 583 5.18 33.87 -1.20
C VAL C 583 4.27 32.66 -1.12
N VAL C 584 4.35 31.92 -0.03
CA VAL C 584 3.53 30.74 0.19
C VAL C 584 2.37 31.15 1.09
N PHE C 585 1.16 31.09 0.56
CA PHE C 585 -0.05 31.46 1.30
C PHE C 585 -0.70 30.19 1.84
N LEU C 586 -0.71 30.03 3.16
CA LEU C 586 -1.35 28.91 3.82
C LEU C 586 -2.67 29.40 4.41
N ASP C 587 -3.76 29.21 3.67
CA ASP C 587 -5.07 29.62 4.14
C ASP C 587 -5.57 28.66 5.21
N GLU C 588 -6.10 29.20 6.29
CA GLU C 588 -6.67 28.41 7.39
C GLU C 588 -5.61 27.46 7.96
N LEU C 589 -4.60 28.08 8.57
CA LEU C 589 -3.50 27.31 9.15
C LEU C 589 -4.00 26.34 10.20
N ASP C 590 -5.06 26.69 10.93
CA ASP C 590 -5.53 25.82 12.00
C ASP C 590 -5.95 24.45 11.50
N SER C 591 -6.26 24.31 10.21
CA SER C 591 -6.53 22.99 9.66
C SER C 591 -5.26 22.17 9.55
N ILE C 592 -4.21 22.74 8.96
CA ILE C 592 -3.00 21.99 8.67
C ILE C 592 -2.01 22.00 9.82
N ALA C 593 -2.13 22.92 10.77
CA ALA C 593 -1.17 23.04 11.86
C ALA C 593 -1.94 23.26 13.15
N LYS C 594 -2.12 22.20 13.93
CA LYS C 594 -2.83 22.24 15.19
C LYS C 594 -1.91 21.75 16.30
N ALA C 595 -2.26 22.12 17.53
CA ALA C 595 -1.41 21.78 18.67
C ALA C 595 -1.20 20.28 18.74
N ARG C 596 0.06 19.89 18.95
CA ARG C 596 0.43 18.47 18.94
C ARG C 596 0.00 17.79 20.23
N GLY C 597 -0.43 16.54 20.10
CA GLY C 597 -0.79 15.76 21.27
C GLY C 597 -2.10 16.15 21.90
N GLY C 598 -2.98 16.82 21.16
CA GLY C 598 -4.25 17.26 21.70
C GLY C 598 -5.36 16.24 21.52
N SER C 599 -5.17 15.30 20.60
CA SER C 599 -6.19 14.32 20.28
C SER C 599 -6.05 13.14 21.23
N LEU C 600 -7.04 12.95 22.08
CA LEU C 600 -7.07 11.76 22.93
C LEU C 600 -7.20 10.49 22.09
N GLY C 601 -8.08 10.53 21.09
CA GLY C 601 -8.18 9.46 20.13
C GLY C 601 -7.36 9.78 18.89
N ASP C 602 -6.30 9.02 18.67
CA ASP C 602 -5.36 9.35 17.61
C ASP C 602 -5.89 8.92 16.26
N ALA C 603 -5.57 9.71 15.23
CA ALA C 603 -5.98 9.46 13.86
C ALA C 603 -4.90 8.76 13.06
N GLY C 604 -4.13 7.89 13.71
CA GLY C 604 -2.99 7.25 13.08
C GLY C 604 -1.68 7.95 13.31
N GLY C 605 -1.66 9.05 14.06
CA GLY C 605 -0.44 9.78 14.31
C GLY C 605 0.07 10.43 13.04
N ALA C 606 -0.81 11.18 12.37
CA ALA C 606 -0.48 11.84 11.12
C ALA C 606 -0.39 13.35 11.27
N SER C 607 -1.43 13.98 11.81
CA SER C 607 -1.43 15.43 11.90
C SER C 607 -0.23 15.93 12.69
N ASP C 608 0.16 15.20 13.73
CA ASP C 608 1.37 15.57 14.46
C ASP C 608 2.59 15.53 13.54
N ARG C 609 2.70 14.50 12.71
CA ARG C 609 3.81 14.42 11.79
C ARG C 609 3.75 15.55 10.77
N VAL C 610 2.55 15.91 10.31
CA VAL C 610 2.43 17.00 9.35
C VAL C 610 2.93 18.30 9.97
N VAL C 611 2.51 18.59 11.20
CA VAL C 611 2.95 19.84 11.81
C VAL C 611 4.43 19.80 12.10
N ASN C 612 4.97 18.61 12.37
CA ASN C 612 6.41 18.52 12.59
C ASN C 612 7.16 18.79 11.29
N GLN C 613 6.59 18.32 10.18
CA GLN C 613 7.27 18.54 8.90
C GLN C 613 7.24 20.01 8.56
N LEU C 614 6.14 20.69 8.91
CA LEU C 614 6.10 22.13 8.66
C LEU C 614 7.17 22.81 9.50
N LEU C 615 7.22 22.48 10.79
CA LEU C 615 8.19 23.12 11.66
C LEU C 615 9.58 22.99 11.04
N THR C 616 9.99 21.78 10.67
CA THR C 616 11.34 21.60 10.14
C THR C 616 11.52 22.23 8.77
N GLU C 617 10.44 22.51 8.05
CA GLU C 617 10.58 23.05 6.70
C GLU C 617 10.61 24.57 6.68
N MET C 618 10.10 25.23 7.72
CA MET C 618 10.11 26.69 7.78
C MET C 618 11.32 27.21 8.54
N ASP C 619 11.94 26.39 9.41
CA ASP C 619 13.14 26.80 10.12
C ASP C 619 13.87 25.52 10.55
N GLY C 620 14.80 25.09 9.72
CA GLY C 620 15.64 23.93 10.03
C GLY C 620 16.97 24.01 9.35
N MET C 621 17.45 22.88 8.84
CA MET C 621 18.71 22.81 8.10
C MET C 621 18.46 23.18 6.64
N ASN C 622 18.44 24.48 6.38
CA ASN C 622 18.13 25.01 5.05
C ASN C 622 19.14 26.07 4.67
N ALA C 623 19.01 26.58 3.44
CA ALA C 623 19.95 27.54 2.88
C ALA C 623 19.52 28.99 3.09
N LYS C 624 18.44 29.23 3.83
CA LYS C 624 18.03 30.59 4.18
C LYS C 624 17.71 31.41 2.93
N LYS C 625 16.89 30.85 2.05
CA LYS C 625 16.47 31.57 0.86
C LYS C 625 15.28 32.48 1.18
N ASN C 626 14.94 33.33 0.21
CA ASN C 626 13.88 34.31 0.38
C ASN C 626 12.54 33.63 0.10
N VAL C 627 11.96 33.04 1.14
CA VAL C 627 10.64 32.45 1.07
C VAL C 627 9.80 33.03 2.19
N PHE C 628 8.74 33.73 1.84
CA PHE C 628 7.85 34.35 2.81
C PHE C 628 6.58 33.53 2.93
N VAL C 629 6.15 33.30 4.17
CA VAL C 629 4.98 32.49 4.46
C VAL C 629 3.89 33.40 4.98
N ILE C 630 2.77 33.46 4.25
CA ILE C 630 1.59 34.20 4.66
C ILE C 630 0.62 33.18 5.25
N GLY C 631 0.22 33.40 6.50
CA GLY C 631 -0.79 32.58 7.16
C GLY C 631 -2.03 33.41 7.39
N ALA C 632 -3.19 32.75 7.35
CA ALA C 632 -4.46 33.43 7.60
C ALA C 632 -5.36 32.49 8.37
N THR C 633 -5.83 32.93 9.54
CA THR C 633 -6.72 32.10 10.34
C THR C 633 -7.70 32.98 11.09
N ASN C 634 -8.81 32.38 11.51
CA ASN C 634 -9.76 33.03 12.38
C ASN C 634 -9.95 32.26 13.69
N ARG C 635 -8.98 31.43 14.05
CA ARG C 635 -8.99 30.71 15.32
C ARG C 635 -7.56 30.52 15.78
N PRO C 636 -6.91 31.61 16.21
CA PRO C 636 -5.49 31.51 16.59
C PRO C 636 -5.23 30.62 17.78
N ASP C 637 -6.23 30.41 18.65
CA ASP C 637 -6.00 29.63 19.85
C ASP C 637 -5.66 28.17 19.56
N GLN C 638 -6.03 27.67 18.39
CA GLN C 638 -5.79 26.28 18.01
C GLN C 638 -4.57 26.10 17.13
N ILE C 639 -3.56 26.97 17.29
CA ILE C 639 -2.34 26.89 16.51
C ILE C 639 -1.21 26.39 17.40
N ASP C 640 -0.34 25.58 16.83
CA ASP C 640 0.81 25.08 17.55
C ASP C 640 1.70 26.24 17.98
N PRO C 641 1.99 26.41 19.27
CA PRO C 641 2.77 27.58 19.69
C PRO C 641 4.16 27.62 19.10
N ALA C 642 4.69 26.49 18.63
CA ALA C 642 6.01 26.49 18.01
C ALA C 642 5.98 27.01 16.58
N ILE C 643 4.80 27.23 16.01
CA ILE C 643 4.72 27.86 14.69
C ILE C 643 4.75 29.37 14.79
N LEU C 644 4.35 29.94 15.91
CA LEU C 644 4.28 31.38 16.08
C LEU C 644 5.60 31.99 16.55
N ARG C 645 6.65 31.19 16.64
CA ARG C 645 7.95 31.71 17.06
C ARG C 645 8.52 32.60 15.96
N PRO C 646 9.23 33.67 16.32
CA PRO C 646 9.93 34.46 15.31
C PRO C 646 10.95 33.60 14.57
N GLY C 647 11.06 33.83 13.28
CA GLY C 647 11.81 32.96 12.40
C GLY C 647 10.95 31.95 11.68
N ARG C 648 9.73 31.72 12.17
CA ARG C 648 8.73 30.93 11.46
C ARG C 648 7.55 31.79 11.02
N LEU C 649 6.87 32.45 11.96
CA LEU C 649 5.84 33.43 11.65
C LEU C 649 6.09 34.60 12.61
N ASP C 650 6.96 35.52 12.20
CA ASP C 650 7.37 36.60 13.09
C ASP C 650 6.19 37.49 13.45
N GLN C 651 5.63 38.19 12.47
CA GLN C 651 4.60 39.18 12.71
C GLN C 651 3.23 38.52 12.87
N LEU C 652 2.49 38.93 13.89
CA LEU C 652 1.12 38.50 14.13
C LEU C 652 0.23 39.73 14.00
N ILE C 653 -0.48 39.85 12.88
CA ILE C 653 -1.25 41.04 12.56
C ILE C 653 -2.72 40.75 12.84
N TYR C 654 -3.30 41.56 13.72
CA TYR C 654 -4.73 41.53 13.98
C TYR C 654 -5.44 42.38 12.94
N VAL C 655 -6.39 41.79 12.22
CA VAL C 655 -7.19 42.52 11.25
C VAL C 655 -8.54 42.84 11.89
N PRO C 656 -8.71 44.00 12.51
CA PRO C 656 -9.90 44.25 13.32
C PRO C 656 -11.10 44.63 12.45
N LEU C 657 -12.23 44.82 13.11
CA LEU C 657 -13.42 45.30 12.41
C LEU C 657 -13.23 46.76 12.00
N PRO C 658 -13.72 47.16 10.84
CA PRO C 658 -13.53 48.56 10.42
C PRO C 658 -14.24 49.53 11.35
N ASP C 659 -13.66 50.71 11.49
CA ASP C 659 -14.30 51.83 12.16
C ASP C 659 -14.96 52.71 11.10
N GLU C 660 -15.45 53.89 11.52
CA GLU C 660 -16.25 54.71 10.62
C GLU C 660 -15.47 55.09 9.37
N ASN C 661 -14.25 55.60 9.53
CA ASN C 661 -13.45 55.97 8.38
C ASN C 661 -13.09 54.74 7.55
N ALA C 662 -12.74 53.65 8.22
CA ALA C 662 -12.46 52.41 7.51
C ALA C 662 -13.67 51.93 6.75
N ARG C 663 -14.85 52.02 7.35
CA ARG C 663 -16.07 51.60 6.66
C ARG C 663 -16.33 52.46 5.43
N LEU C 664 -16.12 53.78 5.56
CA LEU C 664 -16.30 54.65 4.40
C LEU C 664 -15.33 54.29 3.29
N SER C 665 -14.07 54.03 3.64
CA SER C 665 -13.10 53.66 2.63
C SER C 665 -13.46 52.32 1.98
N ILE C 666 -13.98 51.39 2.77
CA ILE C 666 -14.39 50.10 2.22
C ILE C 666 -15.53 50.29 1.23
N LEU C 667 -16.51 51.12 1.59
CA LEU C 667 -17.62 51.37 0.69
C LEU C 667 -17.14 52.01 -0.60
N ASN C 668 -16.22 52.97 -0.50
CA ASN C 668 -15.70 53.60 -1.71
C ASN C 668 -14.93 52.60 -2.56
N ALA C 669 -14.18 51.70 -1.91
CA ALA C 669 -13.41 50.71 -2.67
C ALA C 669 -14.33 49.72 -3.38
N GLN C 670 -15.41 49.31 -2.73
CA GLN C 670 -16.29 48.32 -3.35
C GLN C 670 -17.07 48.92 -4.52
N LEU C 671 -17.36 50.22 -4.48
CA LEU C 671 -18.09 50.89 -5.53
C LEU C 671 -17.16 51.63 -6.49
N ARG C 672 -15.95 51.12 -6.70
CA ARG C 672 -15.03 51.78 -7.62
C ARG C 672 -15.62 51.82 -9.03
N LYS C 673 -16.13 50.69 -9.50
CA LYS C 673 -16.73 50.59 -10.83
C LYS C 673 -18.23 50.38 -10.65
N THR C 674 -18.95 51.47 -10.48
CA THR C 674 -20.39 51.41 -10.32
C THR C 674 -21.01 52.78 -10.54
N PRO C 675 -21.99 52.92 -11.44
CA PRO C 675 -22.71 54.19 -11.52
C PRO C 675 -23.54 54.45 -10.27
N LEU C 676 -23.48 55.68 -9.79
CA LEU C 676 -24.22 56.11 -8.62
C LEU C 676 -24.91 57.43 -8.90
N GLU C 677 -25.84 57.80 -8.04
CA GLU C 677 -26.45 59.12 -8.13
C GLU C 677 -25.38 60.18 -7.88
N PRO C 678 -25.44 61.32 -8.57
CA PRO C 678 -24.52 62.41 -8.23
C PRO C 678 -24.66 62.88 -6.80
N GLY C 679 -25.86 62.82 -6.23
CA GLY C 679 -26.13 63.33 -4.91
C GLY C 679 -26.03 62.31 -3.79
N LEU C 680 -25.62 61.09 -4.09
CA LEU C 680 -25.55 60.06 -3.06
C LEU C 680 -24.37 60.30 -2.13
N GLU C 681 -24.62 60.17 -0.83
CA GLU C 681 -23.59 60.30 0.19
C GLU C 681 -23.51 58.99 0.96
N LEU C 682 -22.32 58.40 1.00
CA LEU C 682 -22.10 57.13 1.68
C LEU C 682 -21.70 57.30 3.13
N THR C 683 -21.56 58.54 3.62
CA THR C 683 -21.19 58.75 5.01
C THR C 683 -22.28 58.27 5.95
N ALA C 684 -23.55 58.49 5.59
CA ALA C 684 -24.65 58.06 6.44
C ALA C 684 -24.65 56.54 6.58
N ILE C 685 -24.34 55.83 5.50
CA ILE C 685 -24.28 54.37 5.57
C ILE C 685 -23.19 53.94 6.54
N ALA C 686 -22.02 54.59 6.47
CA ALA C 686 -20.94 54.25 7.38
C ALA C 686 -21.32 54.53 8.82
N LYS C 687 -22.02 55.63 9.07
CA LYS C 687 -22.40 55.96 10.43
C LYS C 687 -23.47 55.02 10.97
N ALA C 688 -24.34 54.53 10.10
CA ALA C 688 -25.48 53.75 10.58
C ALA C 688 -25.07 52.38 11.11
N THR C 689 -23.98 51.81 10.59
CA THR C 689 -23.65 50.43 10.93
C THR C 689 -22.97 50.33 12.29
N GLN C 690 -21.76 50.87 12.41
CA GLN C 690 -21.08 50.97 13.69
C GLN C 690 -20.61 49.63 14.22
N GLY C 691 -20.99 48.52 13.57
CA GLY C 691 -20.55 47.22 14.02
C GLY C 691 -20.35 46.22 12.90
N PHE C 692 -20.41 46.67 11.66
CA PHE C 692 -20.39 45.75 10.53
C PHE C 692 -18.96 45.35 10.19
N SER C 693 -18.84 44.40 9.28
CA SER C 693 -17.58 43.98 8.70
C SER C 693 -17.60 44.29 7.20
N GLY C 694 -16.50 43.98 6.52
CA GLY C 694 -16.46 44.22 5.09
C GLY C 694 -17.49 43.38 4.36
N ALA C 695 -17.71 42.15 4.80
CA ALA C 695 -18.67 41.28 4.15
C ALA C 695 -20.08 41.87 4.23
N ASP C 696 -20.44 42.44 5.37
CA ASP C 696 -21.77 43.00 5.51
C ASP C 696 -21.97 44.20 4.57
N LEU C 697 -20.95 45.03 4.42
CA LEU C 697 -21.05 46.15 3.49
C LEU C 697 -21.18 45.64 2.07
N LEU C 698 -20.42 44.60 1.73
CA LEU C 698 -20.58 44.01 0.41
C LEU C 698 -21.99 43.49 0.20
N TYR C 699 -22.58 42.91 1.25
CA TYR C 699 -23.94 42.40 1.15
C TYR C 699 -24.94 43.53 0.92
N ILE C 700 -24.76 44.65 1.61
CA ILE C 700 -25.62 45.81 1.38
C ILE C 700 -25.51 46.27 -0.07
N VAL C 701 -24.28 46.37 -0.56
CA VAL C 701 -24.07 46.83 -1.92
C VAL C 701 -24.73 45.88 -2.91
N GLN C 702 -24.59 44.57 -2.68
CA GLN C 702 -25.15 43.60 -3.61
C GLN C 702 -26.67 43.63 -3.59
N ARG C 703 -27.29 43.84 -2.43
CA ARG C 703 -28.74 43.91 -2.41
C ARG C 703 -29.24 45.18 -3.10
N ALA C 704 -28.55 46.30 -2.92
CA ALA C 704 -28.91 47.49 -3.67
C ALA C 704 -28.80 47.23 -5.16
N ALA C 705 -27.75 46.55 -5.59
CA ALA C 705 -27.62 46.16 -6.99
C ALA C 705 -28.81 45.33 -7.43
N LYS C 706 -29.18 44.31 -6.63
CA LYS C 706 -30.26 43.43 -7.01
C LYS C 706 -31.56 44.21 -7.20
N TYR C 707 -31.84 45.14 -6.30
CA TYR C 707 -33.04 45.96 -6.49
C TYR C 707 -32.94 46.80 -7.75
N ALA C 708 -31.74 47.28 -8.07
CA ALA C 708 -31.57 48.06 -9.30
C ALA C 708 -31.87 47.22 -10.53
N ILE C 709 -31.33 45.99 -10.59
CA ILE C 709 -31.62 45.12 -11.73
C ILE C 709 -33.09 44.74 -11.76
N LYS C 710 -33.71 44.56 -10.60
CA LYS C 710 -35.13 44.25 -10.57
C LYS C 710 -35.94 45.38 -11.20
N ASP C 711 -35.67 46.61 -10.79
CA ASP C 711 -36.38 47.74 -11.36
C ASP C 711 -36.10 47.87 -12.85
N SER C 712 -34.85 47.65 -13.27
CA SER C 712 -34.53 47.75 -14.69
C SER C 712 -35.28 46.71 -15.50
N ILE C 713 -35.32 45.48 -15.03
CA ILE C 713 -36.04 44.42 -15.73
C ILE C 713 -37.51 44.77 -15.83
N GLU C 714 -38.12 45.16 -14.71
CA GLU C 714 -39.54 45.52 -14.75
C GLU C 714 -39.79 46.64 -15.74
N ALA C 715 -38.97 47.70 -15.69
CA ALA C 715 -39.16 48.83 -16.59
C ALA C 715 -39.05 48.41 -18.05
N HIS C 716 -38.00 47.67 -18.38
CA HIS C 716 -37.81 47.26 -19.77
C HIS C 716 -38.96 46.37 -20.24
N ARG C 717 -39.40 45.45 -19.39
CA ARG C 717 -40.54 44.60 -19.75
C ARG C 717 -41.77 45.44 -20.04
N GLN C 718 -42.08 46.38 -19.15
CA GLN C 718 -43.24 47.24 -19.35
C GLN C 718 -43.09 48.04 -20.64
N HIS C 719 -41.90 48.55 -20.91
CA HIS C 719 -41.67 49.33 -22.12
C HIS C 719 -41.93 48.50 -23.37
N GLU C 720 -41.33 47.31 -23.44
CA GLU C 720 -41.51 46.46 -24.60
C GLU C 720 -42.95 45.97 -24.73
N ALA C 721 -43.66 45.86 -23.60
CA ALA C 721 -45.03 45.38 -23.65
C ALA C 721 -45.93 46.39 -24.34
N GLU C 722 -46.02 47.60 -23.79
CA GLU C 722 -46.86 48.65 -24.35
C GLU C 722 -46.02 49.80 -24.88
N ASP C 748 -32.66 53.34 -21.66
CA ASP C 748 -32.20 52.95 -20.34
C ASP C 748 -32.99 53.68 -19.25
N PRO C 749 -33.97 53.00 -18.65
CA PRO C 749 -34.74 53.65 -17.59
C PRO C 749 -33.88 54.03 -16.39
N VAL C 750 -33.11 53.09 -15.86
CA VAL C 750 -32.27 53.36 -14.70
C VAL C 750 -30.81 53.15 -15.11
N PRO C 751 -30.01 54.22 -15.22
CA PRO C 751 -28.58 54.05 -15.53
C PRO C 751 -27.67 53.96 -14.32
N TYR C 752 -28.20 54.03 -13.11
CA TYR C 752 -27.37 53.99 -11.91
C TYR C 752 -28.23 53.56 -10.73
N ILE C 753 -27.57 53.22 -9.63
CA ILE C 753 -28.26 52.84 -8.41
C ILE C 753 -28.78 54.12 -7.78
N THR C 754 -30.09 54.17 -7.53
CA THR C 754 -30.71 55.36 -7.01
C THR C 754 -30.64 55.38 -5.48
N LYS C 755 -31.21 56.42 -4.89
CA LYS C 755 -31.20 56.55 -3.43
C LYS C 755 -32.09 55.49 -2.80
N GLU C 756 -33.28 55.27 -3.36
CA GLU C 756 -34.23 54.35 -2.76
C GLU C 756 -33.73 52.92 -2.79
N HIS C 757 -32.90 52.57 -3.78
CA HIS C 757 -32.35 51.23 -3.82
C HIS C 757 -31.49 50.97 -2.58
N PHE C 758 -30.62 51.91 -2.24
CA PHE C 758 -29.83 51.77 -1.03
C PHE C 758 -30.70 51.86 0.21
N ALA C 759 -31.73 52.72 0.19
CA ALA C 759 -32.59 52.84 1.35
C ALA C 759 -33.28 51.53 1.67
N GLU C 760 -33.69 50.80 0.64
CA GLU C 760 -34.43 49.56 0.82
C GLU C 760 -33.52 48.35 0.98
N ALA C 761 -32.31 48.40 0.45
CA ALA C 761 -31.40 47.28 0.61
C ALA C 761 -30.83 47.19 2.01
N MET C 762 -30.91 48.27 2.79
CA MET C 762 -30.44 48.26 4.16
C MET C 762 -31.49 47.74 5.15
N LYS C 763 -32.71 47.48 4.68
CA LYS C 763 -33.74 46.98 5.59
C LYS C 763 -33.40 45.58 6.08
N THR C 764 -32.71 44.79 5.26
CA THR C 764 -32.32 43.43 5.62
C THR C 764 -30.84 43.32 5.95
N ALA C 765 -30.25 44.40 6.45
CA ALA C 765 -28.84 44.39 6.83
C ALA C 765 -28.67 43.80 8.22
N LYS C 766 -27.64 42.97 8.37
CA LYS C 766 -27.39 42.29 9.64
C LYS C 766 -25.90 42.21 9.88
N ARG C 767 -25.52 42.19 11.15
CA ARG C 767 -24.14 41.93 11.52
C ARG C 767 -23.82 40.45 11.34
N SER C 768 -22.53 40.17 11.16
CA SER C 768 -22.05 38.81 10.94
C SER C 768 -21.47 38.18 12.20
N VAL C 769 -20.69 38.93 12.96
CA VAL C 769 -20.04 38.41 14.17
C VAL C 769 -20.77 38.99 15.38
N SER C 770 -21.15 38.11 16.30
CA SER C 770 -21.83 38.52 17.51
C SER C 770 -20.81 39.12 18.48
N ASP C 771 -21.26 39.42 19.70
CA ASP C 771 -20.38 39.96 20.72
C ASP C 771 -19.66 38.87 21.51
N ALA C 772 -19.84 37.60 21.14
CA ALA C 772 -19.13 36.51 21.80
C ALA C 772 -17.84 36.15 21.09
N GLU C 773 -17.85 36.21 19.75
CA GLU C 773 -16.61 36.01 19.01
C GLU C 773 -15.73 37.25 19.07
N LEU C 774 -16.33 38.44 18.96
CA LEU C 774 -15.54 39.66 18.98
C LEU C 774 -14.81 39.81 20.31
N ARG C 775 -15.48 39.51 21.41
CA ARG C 775 -14.81 39.56 22.70
C ARG C 775 -13.68 38.54 22.78
N ARG C 776 -13.87 37.37 22.17
CA ARG C 776 -12.80 36.38 22.16
C ARG C 776 -11.58 36.90 21.41
N TYR C 777 -11.79 37.50 20.25
CA TYR C 777 -10.67 38.03 19.48
C TYR C 777 -9.99 39.18 20.22
N GLU C 778 -10.78 40.06 20.84
CA GLU C 778 -10.18 41.15 21.60
C GLU C 778 -9.38 40.63 22.78
N ALA C 779 -9.89 39.61 23.47
CA ALA C 779 -9.16 39.05 24.60
C ALA C 779 -7.85 38.43 24.14
N TYR C 780 -7.87 37.71 23.02
CA TYR C 780 -6.63 37.13 22.51
C TYR C 780 -5.62 38.21 22.14
N SER C 781 -6.11 39.28 21.50
CA SER C 781 -5.22 40.38 21.13
C SER C 781 -4.64 41.06 22.37
N GLN C 782 -5.46 41.22 23.40
CA GLN C 782 -4.98 41.82 24.64
C GLN C 782 -3.96 40.92 25.32
N GLN C 783 -4.15 39.61 25.24
CA GLN C 783 -3.15 38.69 25.78
C GLN C 783 -1.83 38.84 25.06
N MET C 784 -1.87 38.97 23.73
CA MET C 784 -0.64 39.23 23.00
C MET C 784 -0.02 40.57 23.38
N LYS C 785 -0.85 41.60 23.54
CA LYS C 785 -0.31 42.91 23.89
C LYS C 785 0.36 42.89 25.26
N ALA C 786 -0.24 42.21 26.22
CA ALA C 786 0.35 42.11 27.55
C ALA C 786 1.64 41.31 27.53
N SER C 787 1.86 40.49 26.50
CA SER C 787 3.11 39.75 26.38
C SER C 787 4.30 40.68 26.24
N ARG C 788 4.08 41.91 25.79
CA ARG C 788 5.17 42.87 25.65
C ARG C 788 5.43 43.59 26.97
N VAL D 211 -13.40 16.11 -42.67
CA VAL D 211 -13.34 16.94 -41.47
C VAL D 211 -12.26 17.99 -41.62
N GLY D 212 -12.66 19.26 -41.56
CA GLY D 212 -11.72 20.35 -41.70
C GLY D 212 -11.77 21.32 -40.53
N TYR D 213 -11.19 22.50 -40.71
CA TYR D 213 -11.14 23.48 -39.63
C TYR D 213 -12.52 24.05 -39.30
N ASP D 214 -13.48 23.88 -40.20
CA ASP D 214 -14.82 24.43 -40.02
C ASP D 214 -15.76 23.47 -39.30
N ASP D 215 -15.22 22.56 -38.50
CA ASP D 215 -16.01 21.60 -37.76
C ASP D 215 -15.73 21.63 -36.27
N ILE D 216 -14.87 22.53 -35.80
CA ILE D 216 -14.39 22.52 -34.43
C ILE D 216 -14.77 23.84 -33.78
N GLY D 217 -15.94 24.37 -34.14
CA GLY D 217 -16.37 25.63 -33.58
C GLY D 217 -16.48 25.56 -32.06
N GLY D 218 -16.26 26.71 -31.42
CA GLY D 218 -16.36 26.85 -29.98
C GLY D 218 -15.04 27.10 -29.29
N CYS D 219 -13.91 26.95 -29.98
CA CYS D 219 -12.59 27.15 -29.43
C CYS D 219 -11.72 27.96 -30.38
N ARG D 220 -12.25 29.10 -30.85
CA ARG D 220 -11.55 29.86 -31.87
C ARG D 220 -10.17 30.30 -31.40
N LYS D 221 -10.06 30.69 -30.13
CA LYS D 221 -8.77 31.14 -29.60
C LYS D 221 -7.73 30.03 -29.66
N GLN D 222 -8.06 28.86 -29.11
CA GLN D 222 -7.13 27.73 -29.15
C GLN D 222 -6.89 27.28 -30.58
N MET D 223 -7.94 27.31 -31.40
CA MET D 223 -7.76 26.93 -32.80
C MET D 223 -6.71 27.81 -33.46
N ALA D 224 -6.78 29.12 -33.25
CA ALA D 224 -5.77 30.01 -33.82
C ALA D 224 -4.40 29.76 -33.19
N GLN D 225 -4.37 29.51 -31.88
CA GLN D 225 -3.10 29.28 -31.20
C GLN D 225 -2.37 28.10 -31.83
N ILE D 226 -3.10 27.06 -32.20
CA ILE D 226 -2.46 25.90 -32.81
C ILE D 226 -2.19 26.14 -34.29
N ARG D 227 -3.15 26.77 -34.99
CA ARG D 227 -3.01 26.97 -36.42
C ARG D 227 -1.80 27.83 -36.74
N GLU D 228 -1.53 28.84 -35.92
CA GLU D 228 -0.44 29.75 -36.26
C GLU D 228 0.89 28.99 -36.30
N MET D 229 1.17 28.20 -35.27
CA MET D 229 2.45 27.50 -35.22
C MET D 229 2.48 26.33 -36.19
N VAL D 230 1.33 25.72 -36.48
CA VAL D 230 1.34 24.59 -37.41
C VAL D 230 1.39 25.04 -38.87
N GLU D 231 0.97 26.27 -39.18
CA GLU D 231 0.83 26.72 -40.55
C GLU D 231 1.87 27.76 -40.94
N LEU D 232 2.02 28.84 -40.17
CA LEU D 232 2.90 29.91 -40.60
C LEU D 232 4.32 29.44 -40.85
N PRO D 233 4.94 28.63 -40.00
CA PRO D 233 6.30 28.17 -40.32
C PRO D 233 6.38 27.41 -41.62
N LEU D 234 5.28 26.78 -42.04
CA LEU D 234 5.25 26.00 -43.27
C LEU D 234 4.70 26.79 -44.45
N ARG D 235 3.91 27.83 -44.21
CA ARG D 235 3.35 28.64 -45.29
C ARG D 235 4.23 29.85 -45.57
N HIS D 236 4.49 30.66 -44.55
CA HIS D 236 5.31 31.87 -44.68
C HIS D 236 6.48 31.77 -43.71
N PRO D 237 7.59 31.13 -44.12
CA PRO D 237 8.77 31.07 -43.26
C PRO D 237 9.64 32.31 -43.33
N GLN D 238 9.32 33.28 -44.19
CA GLN D 238 10.16 34.46 -44.30
C GLN D 238 10.10 35.32 -43.04
N LEU D 239 8.97 35.30 -42.32
CA LEU D 239 8.84 36.13 -41.13
C LEU D 239 9.85 35.73 -40.07
N PHE D 240 9.93 34.44 -39.77
CA PHE D 240 10.83 33.99 -38.71
C PHE D 240 12.29 34.17 -39.12
N LYS D 241 12.59 34.08 -40.42
CA LYS D 241 13.92 34.44 -40.88
C LYS D 241 14.18 35.92 -40.71
N ALA D 242 13.14 36.75 -40.82
CA ALA D 242 13.32 38.18 -40.60
C ALA D 242 13.58 38.49 -39.14
N ILE D 243 12.88 37.81 -38.23
CA ILE D 243 13.17 37.99 -36.81
C ILE D 243 14.36 37.12 -36.39
N GLY D 244 14.61 36.03 -37.10
CA GLY D 244 15.68 35.13 -36.70
C GLY D 244 15.41 34.42 -35.39
N ILE D 245 14.16 34.06 -35.12
CA ILE D 245 13.78 33.32 -33.93
C ILE D 245 12.97 32.11 -34.36
N LYS D 246 13.29 30.95 -33.82
CA LYS D 246 12.57 29.75 -34.21
C LYS D 246 11.18 29.73 -33.58
N PRO D 247 10.17 29.21 -34.28
CA PRO D 247 8.82 29.17 -33.71
C PRO D 247 8.73 28.10 -32.64
N PRO D 248 7.69 28.15 -31.81
CA PRO D 248 7.39 26.99 -30.96
C PRO D 248 7.18 25.73 -31.80
N ARG D 249 7.61 24.60 -31.25
CA ARG D 249 7.49 23.32 -31.94
C ARG D 249 7.00 22.24 -30.99
N GLY D 250 5.99 22.56 -30.18
CA GLY D 250 5.43 21.60 -29.25
C GLY D 250 4.14 22.10 -28.64
N VAL D 251 3.14 21.23 -28.54
CA VAL D 251 1.84 21.61 -28.00
C VAL D 251 1.36 20.49 -27.09
N LEU D 252 0.72 20.88 -25.98
CA LEU D 252 0.08 19.93 -25.08
C LEU D 252 -1.37 20.36 -24.89
N MET D 253 -2.27 19.74 -25.64
CA MET D 253 -3.69 20.03 -25.54
C MET D 253 -4.28 19.29 -24.36
N TYR D 254 -4.82 20.01 -23.39
CA TYR D 254 -5.43 19.41 -22.22
C TYR D 254 -6.83 19.96 -22.02
N GLY D 255 -7.54 19.37 -21.06
CA GLY D 255 -8.91 19.73 -20.79
C GLY D 255 -9.72 18.50 -20.40
N PRO D 256 -10.99 18.70 -20.07
CA PRO D 256 -11.83 17.58 -19.66
C PRO D 256 -12.15 16.68 -20.84
N PRO D 257 -12.55 15.43 -20.58
CA PRO D 257 -12.79 14.50 -21.68
C PRO D 257 -14.00 14.91 -22.50
N GLY D 258 -13.87 14.80 -23.81
CA GLY D 258 -14.98 15.06 -24.70
C GLY D 258 -15.13 16.52 -25.07
N THR D 259 -14.03 17.18 -25.40
CA THR D 259 -14.06 18.59 -25.73
C THR D 259 -13.63 18.89 -27.15
N GLY D 260 -12.84 18.02 -27.78
CA GLY D 260 -12.49 18.18 -29.18
C GLY D 260 -11.00 18.14 -29.45
N LYS D 261 -10.23 17.56 -28.53
CA LYS D 261 -8.79 17.46 -28.74
C LYS D 261 -8.48 16.52 -29.91
N THR D 262 -9.04 15.32 -29.89
CA THR D 262 -8.82 14.40 -31.00
C THR D 262 -9.43 14.95 -32.28
N LEU D 263 -10.54 15.67 -32.18
CA LEU D 263 -11.12 16.30 -33.35
C LEU D 263 -10.17 17.32 -33.94
N MET D 264 -9.49 18.09 -33.08
CA MET D 264 -8.55 19.07 -33.58
C MET D 264 -7.33 18.41 -34.20
N ALA D 265 -6.90 17.27 -33.66
CA ALA D 265 -5.84 16.51 -34.30
C ALA D 265 -6.27 16.03 -35.68
N ARG D 266 -7.51 15.53 -35.80
CA ARG D 266 -8.01 15.13 -37.11
C ARG D 266 -8.03 16.30 -38.08
N ALA D 267 -8.46 17.48 -37.62
CA ALA D 267 -8.49 18.64 -38.48
C ALA D 267 -7.09 19.00 -38.97
N VAL D 268 -6.13 19.08 -38.05
CA VAL D 268 -4.78 19.46 -38.42
C VAL D 268 -4.15 18.41 -39.32
N ALA D 269 -4.60 17.16 -39.24
CA ALA D 269 -4.08 16.14 -40.13
C ALA D 269 -4.67 16.26 -41.52
N ASN D 270 -6.00 16.38 -41.60
CA ASN D 270 -6.66 16.42 -42.90
C ASN D 270 -6.42 17.72 -43.64
N GLU D 271 -6.02 18.79 -42.94
CA GLU D 271 -5.90 20.09 -43.58
C GLU D 271 -4.50 20.37 -44.10
N THR D 272 -3.48 20.27 -43.25
CA THR D 272 -2.13 20.57 -43.68
C THR D 272 -1.63 19.52 -44.66
N GLY D 273 -0.81 19.97 -45.61
CA GLY D 273 -0.20 19.07 -46.57
C GLY D 273 1.07 18.40 -46.09
N ALA D 274 1.45 18.62 -44.83
CA ALA D 274 2.65 18.03 -44.28
C ALA D 274 2.38 16.60 -43.81
N PHE D 275 3.47 15.84 -43.66
CA PHE D 275 3.35 14.47 -43.24
C PHE D 275 2.79 14.40 -41.82
N PHE D 276 1.88 13.45 -41.61
CA PHE D 276 1.25 13.26 -40.31
C PHE D 276 1.49 11.83 -39.83
N PHE D 277 1.98 11.71 -38.61
CA PHE D 277 2.22 10.42 -37.98
C PHE D 277 1.40 10.33 -36.70
N LEU D 278 0.69 9.22 -36.54
CA LEU D 278 -0.18 9.01 -35.39
C LEU D 278 0.44 7.99 -34.45
N ILE D 279 0.55 8.36 -33.17
CA ILE D 279 1.01 7.46 -32.13
C ILE D 279 -0.05 7.45 -31.03
N ASN D 280 -0.48 6.27 -30.63
CA ASN D 280 -1.36 6.11 -29.49
C ASN D 280 -0.52 5.76 -28.27
N GLY D 281 -1.11 5.92 -27.10
CA GLY D 281 -0.35 5.88 -25.88
C GLY D 281 0.21 4.50 -25.57
N PRO D 282 -0.68 3.57 -25.20
CA PRO D 282 -0.20 2.26 -24.74
C PRO D 282 0.30 1.35 -25.85
N GLU D 283 0.16 1.72 -27.12
CA GLU D 283 0.50 0.80 -28.19
C GLU D 283 2.00 0.72 -28.45
N VAL D 284 2.81 1.57 -27.81
CA VAL D 284 4.25 1.49 -28.00
C VAL D 284 4.85 0.45 -27.07
N MET D 285 4.22 0.22 -25.91
CA MET D 285 4.73 -0.75 -24.97
C MET D 285 4.92 -2.09 -25.65
N SER D 286 5.94 -2.84 -25.24
CA SER D 286 6.25 -4.11 -25.87
C SER D 286 6.69 -5.13 -24.84
N LYS D 287 6.71 -6.38 -25.27
CA LYS D 287 7.07 -7.49 -24.40
C LYS D 287 8.55 -7.46 -24.02
N MET D 288 9.42 -7.30 -25.02
CA MET D 288 10.84 -7.46 -24.81
C MET D 288 11.44 -6.26 -24.11
N ALA D 289 12.61 -6.47 -23.51
CA ALA D 289 13.32 -5.39 -22.85
C ALA D 289 14.12 -4.63 -23.90
N GLY D 290 13.81 -3.35 -24.06
CA GLY D 290 14.51 -2.53 -25.03
C GLY D 290 13.83 -2.45 -26.37
N GLU D 291 12.51 -2.63 -26.42
CA GLU D 291 11.75 -2.56 -27.66
C GLU D 291 10.78 -1.41 -27.72
N SER D 292 10.22 -1.00 -26.58
CA SER D 292 9.40 0.22 -26.56
C SER D 292 10.22 1.41 -27.03
N GLU D 293 11.44 1.55 -26.50
CA GLU D 293 12.30 2.63 -26.92
C GLU D 293 12.65 2.49 -28.40
N SER D 294 12.85 1.27 -28.86
CA SER D 294 13.08 1.05 -30.29
C SER D 294 11.87 1.49 -31.10
N ASN D 295 10.67 1.23 -30.59
CA ASN D 295 9.47 1.65 -31.30
C ASN D 295 9.41 3.17 -31.41
N LEU D 296 9.70 3.88 -30.32
CA LEU D 296 9.71 5.34 -30.39
C LEU D 296 10.78 5.85 -31.33
N ARG D 297 11.97 5.23 -31.31
CA ARG D 297 13.02 5.63 -32.22
C ARG D 297 12.55 5.48 -33.66
N LYS D 298 11.94 4.35 -33.99
CA LYS D 298 11.49 4.13 -35.36
C LYS D 298 10.41 5.14 -35.74
N ALA D 299 9.49 5.43 -34.82
CA ALA D 299 8.44 6.39 -35.12
C ALA D 299 9.02 7.76 -35.43
N PHE D 300 9.89 8.25 -34.56
CA PHE D 300 10.46 9.58 -34.77
C PHE D 300 11.34 9.61 -36.02
N GLU D 301 12.08 8.54 -36.28
CA GLU D 301 12.92 8.50 -37.47
C GLU D 301 12.07 8.54 -38.73
N GLU D 302 10.96 7.81 -38.74
CA GLU D 302 10.06 7.85 -39.88
C GLU D 302 9.47 9.23 -40.05
N ALA D 303 9.10 9.88 -38.93
CA ALA D 303 8.53 11.21 -39.01
C ALA D 303 9.53 12.20 -39.59
N GLU D 304 10.78 12.12 -39.16
CA GLU D 304 11.82 13.03 -39.62
C GLU D 304 12.54 12.51 -40.85
N LYS D 305 12.21 11.32 -41.33
CA LYS D 305 12.97 10.72 -42.41
C LYS D 305 12.79 11.47 -43.71
N ASN D 306 11.57 11.92 -44.00
CA ASN D 306 11.21 12.35 -45.35
C ASN D 306 10.92 13.84 -45.44
N ALA D 307 9.95 14.34 -44.67
CA ALA D 307 9.41 15.67 -44.89
C ALA D 307 9.10 16.36 -43.57
N PRO D 308 8.84 17.67 -43.57
CA PRO D 308 8.29 18.30 -42.37
C PRO D 308 7.02 17.59 -41.95
N ALA D 309 6.98 17.17 -40.69
CA ALA D 309 5.97 16.22 -40.23
C ALA D 309 5.36 16.70 -38.92
N ILE D 310 4.13 16.23 -38.68
CA ILE D 310 3.44 16.44 -37.42
C ILE D 310 3.27 15.08 -36.76
N ILE D 311 3.65 14.99 -35.49
CA ILE D 311 3.44 13.80 -34.68
C ILE D 311 2.36 14.11 -33.66
N PHE D 312 1.52 13.12 -33.36
CA PHE D 312 0.45 13.27 -32.40
C PHE D 312 0.45 12.08 -31.45
N ILE D 313 0.72 12.34 -30.18
CA ILE D 313 0.71 11.32 -29.15
C ILE D 313 -0.59 11.47 -28.38
N ASP D 314 -1.56 10.62 -28.68
CA ASP D 314 -2.84 10.64 -27.98
C ASP D 314 -2.71 9.96 -26.63
N GLU D 315 -3.26 10.58 -25.60
CA GLU D 315 -3.19 10.07 -24.24
C GLU D 315 -1.73 9.84 -23.82
N ILE D 316 -0.96 10.93 -23.84
CA ILE D 316 0.45 10.84 -23.48
C ILE D 316 0.65 10.54 -22.01
N ASP D 317 -0.35 10.81 -21.17
CA ASP D 317 -0.18 10.55 -19.74
C ASP D 317 -0.02 9.07 -19.44
N SER D 318 -0.35 8.20 -20.38
CA SER D 318 -0.21 6.77 -20.17
C SER D 318 1.23 6.29 -20.34
N ILE D 319 2.12 7.12 -20.89
CA ILE D 319 3.52 6.73 -21.05
C ILE D 319 4.43 7.82 -20.48
N ALA D 320 3.91 8.62 -19.55
CA ALA D 320 4.69 9.62 -18.82
C ALA D 320 4.27 9.57 -17.36
N PRO D 321 4.61 8.50 -16.66
CA PRO D 321 4.18 8.35 -15.27
C PRO D 321 4.97 9.17 -14.26
N LYS D 322 5.72 10.17 -14.72
CA LYS D 322 6.47 11.12 -13.91
C LYS D 322 7.81 10.56 -13.43
N ARG D 323 8.12 9.30 -13.68
CA ARG D 323 9.48 8.81 -13.52
C ARG D 323 9.99 8.86 -12.07
N ASP D 324 9.14 9.28 -11.14
CA ASP D 324 9.55 9.39 -9.75
C ASP D 324 8.57 8.63 -8.85
N LYS D 325 7.30 8.65 -9.23
CA LYS D 325 6.26 7.94 -8.52
C LYS D 325 6.02 6.54 -9.05
N THR D 326 6.79 6.11 -10.04
CA THR D 326 6.59 4.81 -10.68
C THR D 326 7.77 3.89 -10.41
N ASN D 327 7.48 2.60 -10.28
CA ASN D 327 8.49 1.60 -9.98
C ASN D 327 8.86 0.72 -11.17
N GLY D 328 8.11 0.79 -12.27
CA GLY D 328 8.43 -0.01 -13.43
C GLY D 328 9.62 0.56 -14.18
N GLU D 329 10.66 -0.25 -14.37
CA GLU D 329 11.86 0.27 -15.02
C GLU D 329 11.64 0.52 -16.50
N VAL D 330 10.76 -0.25 -17.13
CA VAL D 330 10.43 0.01 -18.52
C VAL D 330 9.80 1.38 -18.67
N GLU D 331 8.93 1.75 -17.72
CA GLU D 331 8.33 3.07 -17.75
C GLU D 331 9.39 4.17 -17.67
N ARG D 332 10.34 4.02 -16.75
CA ARG D 332 11.39 5.02 -16.63
C ARG D 332 12.19 5.10 -17.92
N ARG D 333 12.53 3.95 -18.50
CA ARG D 333 13.36 3.97 -19.71
C ARG D 333 12.62 4.64 -20.86
N VAL D 334 11.33 4.34 -21.02
CA VAL D 334 10.59 4.94 -22.13
C VAL D 334 10.42 6.45 -21.91
N VAL D 335 10.22 6.87 -20.66
CA VAL D 335 10.14 8.30 -20.39
C VAL D 335 11.46 8.98 -20.76
N SER D 336 12.58 8.38 -20.34
CA SER D 336 13.88 8.97 -20.65
C SER D 336 14.11 9.02 -22.15
N GLN D 337 13.70 7.97 -22.86
CA GLN D 337 13.87 7.96 -24.30
C GLN D 337 13.04 9.05 -24.96
N LEU D 338 11.82 9.27 -24.46
CA LEU D 338 11.00 10.35 -24.99
C LEU D 338 11.65 11.70 -24.74
N LEU D 339 12.19 11.91 -23.53
CA LEU D 339 12.88 13.16 -23.25
C LEU D 339 14.05 13.37 -24.21
N THR D 340 14.83 12.32 -24.45
CA THR D 340 15.99 12.45 -25.34
C THR D 340 15.56 12.73 -26.78
N LEU D 341 14.48 12.11 -27.22
CA LEU D 341 14.02 12.33 -28.59
C LEU D 341 13.46 13.74 -28.76
N MET D 342 12.77 14.26 -27.75
CA MET D 342 12.16 15.57 -27.86
C MET D 342 13.21 16.67 -27.82
N ASP D 343 14.17 16.57 -26.91
CA ASP D 343 15.16 17.64 -26.73
C ASP D 343 16.48 17.03 -26.27
N GLY D 344 17.40 16.85 -27.21
CA GLY D 344 18.75 16.38 -26.93
C GLY D 344 19.68 16.95 -27.98
N MET D 345 20.94 16.54 -27.93
CA MET D 345 21.85 16.92 -29.00
C MET D 345 21.33 16.39 -30.32
N LYS D 346 21.23 17.27 -31.31
CA LYS D 346 20.55 16.97 -32.56
C LYS D 346 19.11 16.53 -32.27
N ALA D 347 18.36 17.49 -31.72
CA ALA D 347 17.03 17.18 -31.18
C ALA D 347 16.05 16.87 -32.30
N ARG D 348 15.76 17.85 -33.15
CA ARG D 348 14.73 17.71 -34.16
C ARG D 348 15.05 18.66 -35.30
N SER D 349 14.54 18.31 -36.49
CA SER D 349 14.79 19.08 -37.71
C SER D 349 13.45 19.33 -38.38
N ASN D 350 12.83 20.45 -38.04
CA ASN D 350 11.57 20.87 -38.67
C ASN D 350 10.50 19.80 -38.53
N VAL D 351 10.26 19.42 -37.28
CA VAL D 351 9.20 18.48 -36.93
C VAL D 351 8.42 19.08 -35.76
N VAL D 352 7.11 18.87 -35.76
CA VAL D 352 6.23 19.41 -34.73
C VAL D 352 5.52 18.25 -34.04
N VAL D 353 5.40 18.35 -32.72
CA VAL D 353 4.80 17.31 -31.90
C VAL D 353 3.61 17.89 -31.16
N ILE D 354 2.52 17.14 -31.11
CA ILE D 354 1.32 17.51 -30.38
C ILE D 354 0.94 16.37 -29.46
N ALA D 355 0.49 16.70 -28.26
CA ALA D 355 0.02 15.71 -27.30
C ALA D 355 -1.39 16.06 -26.85
N ALA D 356 -2.07 15.07 -26.29
CA ALA D 356 -3.41 15.25 -25.76
C ALA D 356 -3.54 14.45 -24.48
N THR D 357 -4.03 15.09 -23.41
CA THR D 357 -4.15 14.41 -22.13
C THR D 357 -5.30 15.01 -21.34
N ASN D 358 -5.82 14.22 -20.41
CA ASN D 358 -6.84 14.68 -19.48
C ASN D 358 -6.27 15.03 -18.10
N ARG D 359 -5.07 14.57 -17.78
CA ARG D 359 -4.46 14.76 -16.48
C ARG D 359 -3.08 15.37 -16.68
N PRO D 360 -3.00 16.66 -16.97
CA PRO D 360 -1.68 17.28 -17.18
C PRO D 360 -0.78 17.19 -15.98
N ASN D 361 -1.32 17.30 -14.77
CA ASN D 361 -0.48 17.27 -13.58
C ASN D 361 0.23 15.94 -13.43
N SER D 362 -0.29 14.88 -14.02
CA SER D 362 0.36 13.57 -13.99
C SER D 362 1.28 13.36 -15.19
N ILE D 363 2.18 14.33 -15.41
CA ILE D 363 3.16 14.25 -16.47
C ILE D 363 4.52 14.59 -15.88
N ASP D 364 5.56 14.03 -16.45
CA ASP D 364 6.90 14.31 -15.96
C ASP D 364 7.20 15.79 -16.13
N PRO D 365 7.61 16.50 -15.07
CA PRO D 365 7.90 17.93 -15.24
C PRO D 365 8.98 18.20 -16.26
N ALA D 366 9.89 17.25 -16.50
CA ALA D 366 10.90 17.44 -17.52
C ALA D 366 10.30 17.52 -18.92
N LEU D 367 9.08 17.02 -19.11
CA LEU D 367 8.42 17.08 -20.40
C LEU D 367 7.67 18.37 -20.62
N ARG D 368 7.35 19.11 -19.57
CA ARG D 368 6.55 20.32 -19.65
C ARG D 368 7.43 21.57 -19.69
N ARG D 369 8.57 21.46 -20.34
CA ARG D 369 9.54 22.54 -20.46
C ARG D 369 9.56 23.07 -21.88
N PHE D 370 9.99 24.32 -22.02
CA PHE D 370 10.23 24.87 -23.35
C PHE D 370 11.25 24.01 -24.08
N GLY D 371 10.98 23.75 -25.35
CA GLY D 371 11.78 22.87 -26.17
C GLY D 371 11.22 21.47 -26.26
N ARG D 372 10.37 21.07 -25.32
CA ARG D 372 9.64 19.81 -25.41
C ARG D 372 8.14 20.04 -25.58
N PHE D 373 7.52 20.71 -24.62
CA PHE D 373 6.10 21.08 -24.67
C PHE D 373 6.04 22.50 -24.11
N ASP D 374 6.15 23.47 -25.00
CA ASP D 374 6.32 24.86 -24.58
C ASP D 374 5.01 25.60 -24.45
N ARG D 375 4.02 25.30 -25.29
CA ARG D 375 2.73 25.97 -25.25
C ARG D 375 1.65 24.95 -24.92
N GLU D 376 1.11 25.04 -23.72
CA GLU D 376 0.05 24.14 -23.25
C GLU D 376 -1.29 24.81 -23.51
N VAL D 377 -1.96 24.42 -24.57
CA VAL D 377 -3.25 25.00 -24.94
C VAL D 377 -4.34 24.35 -24.10
N ASP D 378 -5.26 25.16 -23.60
CA ASP D 378 -6.35 24.69 -22.75
C ASP D 378 -7.63 24.66 -23.56
N ILE D 379 -8.02 23.47 -24.00
CA ILE D 379 -9.26 23.27 -24.73
C ILE D 379 -10.31 22.84 -23.71
N GLY D 380 -11.01 23.82 -23.13
CA GLY D 380 -11.95 23.59 -22.08
C GLY D 380 -13.40 23.72 -22.51
N ILE D 381 -14.27 23.95 -21.54
CA ILE D 381 -15.72 23.97 -21.79
C ILE D 381 -16.08 25.23 -22.55
N PRO D 382 -16.92 25.18 -23.58
CA PRO D 382 -17.34 26.41 -24.26
C PRO D 382 -18.37 27.17 -23.44
N ASP D 383 -18.61 28.40 -23.87
CA ASP D 383 -19.65 29.25 -23.31
C ASP D 383 -20.90 29.13 -24.17
N ALA D 384 -21.88 30.00 -23.93
CA ALA D 384 -23.12 29.91 -24.69
C ALA D 384 -22.89 30.07 -26.18
N THR D 385 -22.03 31.01 -26.58
CA THR D 385 -21.76 31.21 -27.99
C THR D 385 -21.12 29.98 -28.61
N GLY D 386 -20.16 29.39 -27.90
CA GLY D 386 -19.52 28.18 -28.41
C GLY D 386 -20.50 27.04 -28.54
N ARG D 387 -21.42 26.91 -27.59
CA ARG D 387 -22.41 25.85 -27.67
C ARG D 387 -23.37 26.07 -28.83
N LEU D 388 -23.71 27.33 -29.09
CA LEU D 388 -24.50 27.64 -30.29
C LEU D 388 -23.74 27.25 -31.55
N GLU D 389 -22.45 27.54 -31.60
CA GLU D 389 -21.66 27.15 -32.76
C GLU D 389 -21.65 25.63 -32.93
N VAL D 390 -21.49 24.91 -31.84
CA VAL D 390 -21.47 23.45 -31.92
C VAL D 390 -22.82 22.93 -32.41
N LEU D 391 -23.91 23.47 -31.89
CA LEU D 391 -25.22 23.05 -32.34
C LEU D 391 -25.40 23.31 -33.84
N ARG D 392 -24.99 24.48 -34.30
CA ARG D 392 -25.13 24.79 -35.72
C ARG D 392 -24.26 23.87 -36.56
N ILE D 393 -23.11 23.44 -36.05
CA ILE D 393 -22.25 22.54 -36.80
C ILE D 393 -22.87 21.16 -36.89
N HIS D 394 -23.37 20.64 -35.78
CA HIS D 394 -23.86 19.26 -35.77
C HIS D 394 -25.19 19.12 -36.50
N THR D 395 -26.01 20.17 -36.50
CA THR D 395 -27.31 20.13 -37.17
C THR D 395 -27.25 20.71 -38.57
N LYS D 396 -26.11 20.57 -39.23
CA LYS D 396 -25.95 21.11 -40.58
C LYS D 396 -26.29 20.09 -41.65
N ASN D 397 -26.17 18.80 -41.35
CA ASN D 397 -26.43 17.76 -42.33
C ASN D 397 -27.78 17.10 -42.16
N MET D 398 -28.38 17.18 -40.98
CA MET D 398 -29.70 16.62 -40.74
C MET D 398 -30.77 17.66 -41.06
N LYS D 399 -31.93 17.18 -41.46
CA LYS D 399 -33.03 18.04 -41.87
C LYS D 399 -33.94 18.30 -40.69
N LEU D 400 -34.20 19.57 -40.40
CA LEU D 400 -34.97 19.98 -39.24
C LEU D 400 -36.38 20.38 -39.66
N ALA D 401 -37.16 20.82 -38.68
CA ALA D 401 -38.50 21.33 -38.92
C ALA D 401 -38.46 22.85 -38.97
N ASP D 402 -39.55 23.42 -39.50
CA ASP D 402 -39.62 24.88 -39.60
C ASP D 402 -39.61 25.53 -38.23
N ASP D 403 -40.34 24.96 -37.26
CA ASP D 403 -40.48 25.55 -35.94
C ASP D 403 -39.39 25.00 -35.01
N VAL D 404 -38.15 25.40 -35.31
CA VAL D 404 -37.00 25.03 -34.50
C VAL D 404 -36.08 26.24 -34.40
N ASP D 405 -35.58 26.50 -33.20
CA ASP D 405 -34.58 27.53 -32.99
C ASP D 405 -33.42 26.93 -32.22
N LEU D 406 -32.23 27.47 -32.46
CA LEU D 406 -31.02 27.01 -31.77
C LEU D 406 -30.50 28.01 -30.75
N GLU D 407 -30.94 29.27 -30.80
CA GLU D 407 -30.49 30.25 -29.82
C GLU D 407 -31.04 29.91 -28.44
N ALA D 408 -32.35 29.66 -28.35
CA ALA D 408 -32.94 29.28 -27.07
C ALA D 408 -32.40 27.93 -26.60
N LEU D 409 -32.27 26.99 -27.53
CA LEU D 409 -31.74 25.68 -27.17
C LEU D 409 -30.30 25.79 -26.67
N ALA D 410 -29.50 26.64 -27.31
CA ALA D 410 -28.13 26.83 -26.86
C ALA D 410 -28.09 27.53 -25.51
N ALA D 411 -28.99 28.48 -25.28
CA ALA D 411 -28.95 29.23 -24.03
C ALA D 411 -29.41 28.37 -22.86
N GLU D 412 -30.41 27.51 -23.07
CA GLU D 412 -30.88 26.67 -21.98
C GLU D 412 -29.80 25.69 -21.52
N THR D 413 -29.07 25.11 -22.47
CA THR D 413 -27.97 24.23 -22.12
C THR D 413 -26.89 25.00 -21.37
N HIS D 414 -26.39 24.43 -20.27
CA HIS D 414 -25.40 25.11 -19.44
C HIS D 414 -24.07 24.36 -19.36
N GLY D 415 -24.08 23.10 -18.96
CA GLY D 415 -22.86 22.39 -18.68
C GLY D 415 -22.40 21.45 -19.77
N TYR D 416 -23.18 21.31 -20.84
CA TYR D 416 -22.85 20.37 -21.89
C TYR D 416 -21.60 20.82 -22.64
N VAL D 417 -20.61 19.94 -22.72
CA VAL D 417 -19.33 20.24 -23.35
C VAL D 417 -19.19 19.37 -24.59
N GLY D 418 -19.03 20.00 -25.74
CA GLY D 418 -18.66 19.28 -26.93
C GLY D 418 -19.53 18.10 -27.26
N ALA D 419 -18.98 16.90 -27.09
CA ALA D 419 -19.68 15.68 -27.47
C ALA D 419 -21.05 15.58 -26.82
N ASP D 420 -21.21 16.11 -25.61
CA ASP D 420 -22.53 16.07 -24.98
C ASP D 420 -23.58 16.64 -25.92
N ILE D 421 -23.34 17.83 -26.46
CA ILE D 421 -24.28 18.43 -27.39
C ILE D 421 -24.54 17.47 -28.54
N ALA D 422 -23.47 16.89 -29.09
CA ALA D 422 -23.66 15.95 -30.20
C ALA D 422 -24.63 14.86 -29.80
N SER D 423 -24.41 14.27 -28.62
CA SER D 423 -25.32 13.20 -28.18
C SER D 423 -26.75 13.70 -28.17
N LEU D 424 -26.97 14.90 -27.63
CA LEU D 424 -28.31 15.44 -27.61
C LEU D 424 -28.93 15.40 -28.99
N CYS D 425 -28.21 15.89 -29.99
CA CYS D 425 -28.76 15.88 -31.34
C CYS D 425 -29.17 14.48 -31.72
N SER D 426 -28.25 13.52 -31.59
CA SER D 426 -28.58 12.15 -31.96
C SER D 426 -29.79 11.69 -31.17
N GLU D 427 -29.81 11.93 -29.86
CA GLU D 427 -30.92 11.46 -29.06
C GLU D 427 -32.22 12.04 -29.59
N ALA D 428 -32.23 13.34 -29.89
CA ALA D 428 -33.43 13.96 -30.41
C ALA D 428 -33.89 13.25 -31.67
N ALA D 429 -32.95 12.98 -32.58
CA ALA D 429 -33.35 12.32 -33.83
C ALA D 429 -34.04 11.00 -33.53
N MET D 430 -33.53 10.24 -32.56
CA MET D 430 -34.14 8.94 -32.27
C MET D 430 -35.62 9.10 -31.94
N GLN D 431 -35.96 10.13 -31.17
CA GLN D 431 -37.36 10.30 -30.82
C GLN D 431 -38.21 10.36 -32.09
N GLN D 432 -37.76 11.13 -33.06
CA GLN D 432 -38.50 11.27 -34.31
C GLN D 432 -38.71 9.90 -34.95
N ILE D 433 -37.65 9.09 -35.01
CA ILE D 433 -37.80 7.76 -35.59
C ILE D 433 -38.79 6.93 -34.79
N ARG D 434 -38.70 6.98 -33.45
CA ARG D 434 -39.68 6.22 -32.70
C ARG D 434 -41.04 6.91 -32.67
N GLU D 435 -41.11 8.17 -33.11
CA GLU D 435 -42.40 8.82 -33.27
C GLU D 435 -43.13 8.31 -34.50
N LYS D 436 -42.41 8.07 -35.59
CA LYS D 436 -42.98 7.63 -36.85
C LYS D 436 -42.48 6.24 -37.26
N MET D 437 -42.12 5.41 -36.28
CA MET D 437 -41.73 4.03 -36.55
C MET D 437 -42.86 3.05 -36.28
N ASP D 438 -43.80 3.39 -35.41
CA ASP D 438 -44.94 2.53 -35.12
C ASP D 438 -46.16 2.85 -35.97
N LEU D 439 -46.26 4.08 -36.46
CA LEU D 439 -47.36 4.45 -37.34
C LEU D 439 -47.19 3.91 -38.75
N ILE D 440 -45.96 3.54 -39.13
CA ILE D 440 -45.70 2.99 -40.46
C ILE D 440 -44.73 1.83 -40.35
N ASP D 448 -40.57 2.94 -47.34
CA ASP D 448 -41.21 3.70 -48.41
C ASP D 448 -40.59 5.09 -48.52
N ALA D 449 -40.63 5.66 -49.73
CA ALA D 449 -40.06 6.98 -49.96
C ALA D 449 -41.01 8.10 -49.58
N GLU D 450 -42.24 7.80 -49.21
CA GLU D 450 -43.22 8.83 -48.86
C GLU D 450 -43.08 9.29 -47.42
N VAL D 451 -42.24 8.63 -46.62
CA VAL D 451 -42.01 9.05 -45.25
C VAL D 451 -40.62 9.62 -45.04
N LEU D 452 -39.64 9.26 -45.89
CA LEU D 452 -38.30 9.82 -45.74
C LEU D 452 -38.29 11.31 -46.04
N ASP D 453 -39.01 11.72 -47.09
CA ASP D 453 -39.05 13.14 -47.43
C ASP D 453 -39.69 13.96 -46.32
N SER D 454 -40.81 13.48 -45.77
CA SER D 454 -41.50 14.17 -44.68
C SER D 454 -41.12 13.56 -43.34
N LEU D 455 -39.83 13.65 -43.01
CA LEU D 455 -39.32 13.16 -41.73
C LEU D 455 -39.11 14.29 -40.73
N GLY D 456 -38.27 15.25 -41.07
CA GLY D 456 -38.09 16.43 -40.23
C GLY D 456 -37.64 16.11 -38.83
N VAL D 457 -37.45 17.16 -38.02
CA VAL D 457 -37.16 17.01 -36.59
C VAL D 457 -37.83 18.17 -35.88
N THR D 458 -38.84 17.88 -35.07
CA THR D 458 -39.59 18.93 -34.40
C THR D 458 -38.82 19.46 -33.19
N MET D 459 -39.24 20.64 -32.73
CA MET D 459 -38.63 21.23 -31.55
C MET D 459 -38.93 20.42 -30.29
N ASP D 460 -40.13 19.84 -30.22
CA ASP D 460 -40.48 19.05 -29.05
C ASP D 460 -39.53 17.87 -28.89
N ASN D 461 -39.02 17.33 -29.99
CA ASN D 461 -38.04 16.27 -29.90
C ASN D 461 -36.79 16.75 -29.18
N PHE D 462 -36.32 17.95 -29.54
CA PHE D 462 -35.15 18.50 -28.87
C PHE D 462 -35.43 18.78 -27.41
N ARG D 463 -36.63 19.27 -27.10
CA ARG D 463 -36.98 19.51 -25.71
C ARG D 463 -36.94 18.22 -24.91
N PHE D 464 -37.50 17.15 -25.47
CA PHE D 464 -37.50 15.86 -24.79
C PHE D 464 -36.08 15.36 -24.57
N ALA D 465 -35.25 15.39 -25.62
CA ALA D 465 -33.88 14.92 -25.48
C ALA D 465 -33.09 15.76 -24.49
N LEU D 466 -33.41 17.06 -24.41
CA LEU D 466 -32.71 17.94 -23.46
C LEU D 466 -33.11 17.61 -22.03
N GLY D 467 -34.41 17.44 -21.78
CA GLY D 467 -34.85 17.09 -20.44
C GLY D 467 -34.41 15.72 -19.99
N ASN D 468 -34.06 14.85 -20.94
CA ASN D 468 -33.68 13.47 -20.65
C ASN D 468 -32.18 13.25 -20.77
N SER D 469 -31.38 14.28 -20.50
CA SER D 469 -29.93 14.17 -20.63
C SER D 469 -29.26 15.12 -19.65
N ASN D 470 -28.02 14.81 -19.33
CA ASN D 470 -27.18 15.59 -18.43
C ASN D 470 -25.78 15.66 -18.99
N PRO D 471 -24.99 16.66 -18.59
CA PRO D 471 -23.61 16.72 -19.07
C PRO D 471 -22.82 15.51 -18.60
N SER D 472 -21.89 15.07 -19.45
CA SER D 472 -21.12 13.87 -19.14
C SER D 472 -20.34 14.01 -17.85
N ALA D 473 -19.92 15.23 -17.51
CA ALA D 473 -19.20 15.44 -16.26
C ALA D 473 -20.03 15.00 -15.06
N LEU D 474 -21.31 15.37 -15.05
CA LEU D 474 -22.19 15.07 -13.91
C LEU D 474 -22.96 13.78 -14.13
N ARG D 475 -22.25 12.70 -14.44
CA ARG D 475 -22.87 11.38 -14.52
C ARG D 475 -22.96 10.71 -13.16
N GLU D 476 -21.94 10.88 -12.32
CA GLU D 476 -21.95 10.25 -11.00
C GLU D 476 -22.98 10.90 -10.08
N THR D 477 -23.19 12.21 -10.23
CA THR D 477 -24.08 12.97 -9.36
C THR D 477 -25.45 13.21 -9.99
N VAL D 478 -25.95 12.25 -10.76
CA VAL D 478 -27.26 12.41 -11.38
C VAL D 478 -28.34 12.24 -10.33
N VAL D 479 -29.27 13.17 -10.29
CA VAL D 479 -30.39 13.13 -9.36
C VAL D 479 -31.56 12.42 -10.02
N GLU D 480 -32.25 11.59 -9.24
CA GLU D 480 -33.39 10.87 -9.79
C GLU D 480 -34.48 11.83 -10.22
N SER D 481 -35.28 11.41 -11.19
CA SER D 481 -36.29 12.26 -11.81
C SER D 481 -37.47 12.42 -10.86
N VAL D 482 -37.31 13.35 -9.91
CA VAL D 482 -38.39 13.77 -9.03
C VAL D 482 -39.03 15.00 -9.62
N ASN D 483 -40.35 15.01 -9.70
CA ASN D 483 -41.10 16.06 -10.40
C ASN D 483 -41.93 16.83 -9.39
N VAL D 484 -41.47 18.03 -9.03
CA VAL D 484 -42.19 18.94 -8.16
C VAL D 484 -42.19 20.31 -8.83
N THR D 485 -43.38 20.83 -9.13
CA THR D 485 -43.52 22.11 -9.81
C THR D 485 -43.78 23.21 -8.80
N TRP D 486 -43.59 24.46 -9.24
CA TRP D 486 -43.83 25.60 -8.37
C TRP D 486 -45.25 25.63 -7.86
N ASP D 487 -46.20 25.08 -8.63
CA ASP D 487 -47.58 25.03 -8.18
C ASP D 487 -47.77 24.03 -7.05
N ASP D 488 -46.88 23.06 -6.92
CA ASP D 488 -46.99 22.07 -5.85
C ASP D 488 -46.57 22.61 -4.50
N VAL D 489 -45.98 23.81 -4.45
CA VAL D 489 -45.52 24.42 -3.21
C VAL D 489 -46.54 25.48 -2.81
N GLY D 490 -47.31 25.19 -1.75
CA GLY D 490 -48.29 26.14 -1.26
C GLY D 490 -47.71 27.08 -0.22
N GLY D 491 -48.23 28.30 -0.22
CA GLY D 491 -47.70 29.31 0.67
C GLY D 491 -46.29 29.69 0.25
N LEU D 492 -45.64 30.46 1.12
CA LEU D 492 -44.26 30.88 0.89
C LEU D 492 -44.11 31.61 -0.45
N ASP D 493 -45.10 32.43 -0.80
CA ASP D 493 -45.05 33.12 -2.08
C ASP D 493 -43.87 34.07 -2.15
N GLU D 494 -43.66 34.87 -1.09
CA GLU D 494 -42.53 35.79 -1.07
C GLU D 494 -41.21 35.03 -1.10
N ILE D 495 -41.12 33.94 -0.35
CA ILE D 495 -39.90 33.14 -0.37
C ILE D 495 -39.70 32.53 -1.75
N LYS D 496 -40.77 32.04 -2.36
CA LYS D 496 -40.65 31.45 -3.70
C LYS D 496 -40.10 32.46 -4.68
N GLU D 497 -40.72 33.64 -4.73
CA GLU D 497 -40.30 34.63 -5.72
C GLU D 497 -38.91 35.17 -5.42
N GLU D 498 -38.57 35.35 -4.14
CA GLU D 498 -37.23 35.81 -3.81
C GLU D 498 -36.17 34.78 -4.20
N LEU D 499 -36.46 33.50 -3.95
CA LEU D 499 -35.52 32.45 -4.35
C LEU D 499 -35.38 32.39 -5.86
N LYS D 500 -36.49 32.52 -6.59
CA LYS D 500 -36.41 32.55 -8.04
C LYS D 500 -35.55 33.71 -8.51
N GLU D 501 -35.77 34.90 -7.94
CA GLU D 501 -35.00 36.06 -8.34
C GLU D 501 -33.52 35.82 -8.10
N THR D 502 -33.16 35.46 -6.87
CA THR D 502 -31.75 35.32 -6.54
C THR D 502 -31.10 34.16 -7.28
N VAL D 503 -31.89 33.23 -7.80
CA VAL D 503 -31.32 32.15 -8.59
C VAL D 503 -31.08 32.59 -10.02
N GLU D 504 -32.14 33.01 -10.72
CA GLU D 504 -32.04 33.17 -12.17
C GLU D 504 -31.84 34.60 -12.65
N TYR D 505 -31.69 35.59 -11.77
CA TYR D 505 -31.22 36.86 -12.29
C TYR D 505 -29.79 36.76 -12.79
N PRO D 506 -28.89 36.13 -12.04
CA PRO D 506 -27.51 36.01 -12.54
C PRO D 506 -27.40 35.30 -13.88
N VAL D 507 -28.31 34.39 -14.19
CA VAL D 507 -28.15 33.55 -15.37
C VAL D 507 -28.89 34.13 -16.57
N LEU D 508 -30.05 34.75 -16.34
CA LEU D 508 -30.83 35.27 -17.46
C LEU D 508 -30.45 36.70 -17.83
N HIS D 509 -29.94 37.47 -16.87
CA HIS D 509 -29.57 38.87 -17.10
C HIS D 509 -28.20 39.14 -16.51
N PRO D 510 -27.15 38.56 -17.10
CA PRO D 510 -25.79 38.91 -16.66
C PRO D 510 -25.32 40.25 -17.19
N ASP D 511 -25.89 40.72 -18.30
CA ASP D 511 -25.49 42.02 -18.83
C ASP D 511 -25.77 43.12 -17.83
N GLN D 512 -26.88 43.01 -17.10
CA GLN D 512 -27.17 44.00 -16.06
C GLN D 512 -26.09 43.99 -14.99
N TYR D 513 -25.70 42.80 -14.54
CA TYR D 513 -24.72 42.72 -13.46
C TYR D 513 -23.38 43.29 -13.90
N THR D 514 -22.96 42.98 -15.13
CA THR D 514 -21.69 43.55 -15.61
C THR D 514 -21.82 45.04 -15.87
N LYS D 515 -23.00 45.52 -16.22
CA LYS D 515 -23.20 46.96 -16.37
C LYS D 515 -23.02 47.66 -15.03
N PHE D 516 -23.58 47.10 -13.97
CA PHE D 516 -23.44 47.69 -12.65
C PHE D 516 -22.10 47.35 -11.99
N GLY D 517 -21.36 46.40 -12.54
CA GLY D 517 -20.04 46.08 -12.02
C GLY D 517 -20.03 45.50 -10.63
N LEU D 518 -21.01 44.65 -10.31
CA LEU D 518 -21.06 43.99 -9.01
C LEU D 518 -21.43 42.53 -9.22
N SER D 519 -20.97 41.69 -8.30
CA SER D 519 -21.27 40.27 -8.34
C SER D 519 -22.58 39.99 -7.61
N PRO D 520 -23.25 38.89 -7.94
CA PRO D 520 -24.51 38.57 -7.28
C PRO D 520 -24.30 37.80 -5.98
N SER D 521 -25.37 37.73 -5.20
CA SER D 521 -25.40 36.89 -4.02
C SER D 521 -25.55 35.43 -4.42
N LYS D 522 -24.91 34.54 -3.67
CA LYS D 522 -24.83 33.15 -4.05
C LYS D 522 -25.53 32.22 -3.08
N GLY D 523 -25.26 32.33 -1.79
CA GLY D 523 -25.72 31.34 -0.84
C GLY D 523 -27.07 31.67 -0.23
N VAL D 524 -27.77 30.62 0.19
CA VAL D 524 -29.04 30.73 0.91
C VAL D 524 -29.08 29.63 1.96
N LEU D 525 -29.75 29.90 3.07
CA LEU D 525 -29.92 28.91 4.13
C LEU D 525 -31.34 28.97 4.65
N PHE D 526 -32.12 27.90 4.40
CA PHE D 526 -33.43 27.75 5.00
C PHE D 526 -33.29 27.09 6.36
N TYR D 527 -33.94 27.68 7.36
CA TYR D 527 -34.01 27.05 8.68
C TYR D 527 -35.40 27.22 9.25
N GLY D 528 -35.83 26.23 10.04
CA GLY D 528 -37.13 26.26 10.66
C GLY D 528 -37.54 24.92 11.21
N PRO D 529 -38.77 24.83 11.73
CA PRO D 529 -39.22 23.55 12.28
C PRO D 529 -39.29 22.50 11.20
N PRO D 530 -39.18 21.22 11.57
CA PRO D 530 -39.25 20.17 10.56
C PRO D 530 -40.64 20.07 9.95
N GLY D 531 -40.67 19.73 8.66
CA GLY D 531 -41.93 19.59 7.96
C GLY D 531 -42.54 20.92 7.58
N THR D 532 -41.80 21.75 6.87
CA THR D 532 -42.28 23.07 6.45
C THR D 532 -42.09 23.35 4.98
N GLY D 533 -41.16 22.69 4.30
CA GLY D 533 -41.02 22.86 2.87
C GLY D 533 -39.61 23.17 2.41
N LYS D 534 -38.63 22.97 3.30
CA LYS D 534 -37.25 23.23 2.93
C LYS D 534 -36.81 22.29 1.82
N THR D 535 -36.88 20.98 2.08
CA THR D 535 -36.55 20.02 1.04
C THR D 535 -37.53 20.12 -0.13
N LEU D 536 -38.77 20.51 0.14
CA LEU D 536 -39.71 20.73 -0.95
C LEU D 536 -39.27 21.87 -1.84
N LEU D 537 -38.80 22.97 -1.25
CA LEU D 537 -38.27 24.06 -2.05
C LEU D 537 -37.03 23.63 -2.82
N ALA D 538 -36.20 22.80 -2.22
CA ALA D 538 -35.05 22.28 -2.95
C ALA D 538 -35.50 21.47 -4.16
N LYS D 539 -36.50 20.63 -3.99
CA LYS D 539 -37.03 19.86 -5.12
C LYS D 539 -37.57 20.80 -6.19
N ALA D 540 -38.32 21.82 -5.79
CA ALA D 540 -38.90 22.73 -6.77
C ALA D 540 -37.81 23.45 -7.55
N VAL D 541 -36.74 23.87 -6.88
CA VAL D 541 -35.63 24.49 -7.57
C VAL D 541 -34.99 23.50 -8.53
N ALA D 542 -34.80 22.27 -8.09
CA ALA D 542 -34.17 21.27 -8.96
C ALA D 542 -35.01 21.01 -10.20
N THR D 543 -36.33 21.16 -10.10
CA THR D 543 -37.22 20.82 -11.20
C THR D 543 -37.45 21.98 -12.16
N GLU D 544 -37.51 23.22 -11.67
CA GLU D 544 -37.94 24.36 -12.46
C GLU D 544 -36.90 25.46 -12.46
N VAL D 545 -35.64 25.09 -12.69
CA VAL D 545 -34.55 26.05 -12.84
C VAL D 545 -33.58 25.53 -13.90
N SER D 546 -33.04 26.46 -14.70
CA SER D 546 -32.20 26.06 -15.81
C SER D 546 -30.84 25.55 -15.35
N ALA D 547 -30.30 26.09 -14.28
CA ALA D 547 -28.97 25.70 -13.83
C ALA D 547 -28.95 24.25 -13.36
N ASN D 548 -27.76 23.65 -13.42
CA ASN D 548 -27.61 22.26 -13.02
C ASN D 548 -27.75 22.12 -11.51
N PHE D 549 -28.25 20.96 -11.08
CA PHE D 549 -28.46 20.65 -9.67
C PHE D 549 -27.51 19.55 -9.24
N ILE D 550 -26.83 19.77 -8.12
CA ILE D 550 -26.00 18.75 -7.49
C ILE D 550 -26.53 18.58 -6.07
N SER D 551 -27.34 17.56 -5.86
CA SER D 551 -27.86 17.26 -4.54
C SER D 551 -26.80 16.54 -3.71
N VAL D 552 -26.73 16.90 -2.43
CA VAL D 552 -25.79 16.28 -1.50
C VAL D 552 -26.54 15.97 -0.22
N LYS D 553 -26.33 14.76 0.29
CA LYS D 553 -26.93 14.37 1.56
C LYS D 553 -26.02 14.83 2.69
N GLY D 554 -26.49 14.69 3.92
CA GLY D 554 -25.80 15.30 5.04
C GLY D 554 -24.43 14.69 5.29
N PRO D 555 -24.39 13.47 5.81
CA PRO D 555 -23.10 12.81 6.02
C PRO D 555 -22.57 12.04 4.82
N GLU D 556 -23.10 12.28 3.63
CA GLU D 556 -22.77 11.41 2.51
C GLU D 556 -21.30 11.49 2.14
N LEU D 557 -20.66 12.63 2.35
CA LEU D 557 -19.30 12.83 1.87
C LEU D 557 -18.23 12.32 2.81
N LEU D 558 -18.57 12.01 4.06
CA LEU D 558 -17.56 11.57 5.01
C LEU D 558 -16.99 10.22 4.63
N SER D 559 -15.77 9.97 5.13
CA SER D 559 -15.07 8.72 4.90
C SER D 559 -14.19 8.43 6.12
N MET D 560 -13.77 7.17 6.23
CA MET D 560 -12.95 6.74 7.35
C MET D 560 -11.47 7.00 7.11
N TRP D 561 -11.04 7.03 5.85
CA TRP D 561 -9.66 7.26 5.52
C TRP D 561 -9.26 8.69 5.87
N TYR D 562 -7.96 8.89 6.02
CA TYR D 562 -7.42 10.19 6.41
C TYR D 562 -7.24 11.05 5.17
N GLY D 563 -7.82 12.25 5.21
CA GLY D 563 -7.71 13.16 4.09
C GLY D 563 -8.59 12.81 2.91
N GLU D 564 -9.64 12.03 3.13
CA GLU D 564 -10.61 11.71 2.08
C GLU D 564 -11.94 12.40 2.26
N SER D 565 -12.33 12.73 3.49
CA SER D 565 -13.54 13.50 3.69
C SER D 565 -13.44 14.88 3.05
N GLU D 566 -12.22 15.39 2.90
CA GLU D 566 -12.00 16.68 2.26
C GLU D 566 -11.84 16.55 0.75
N SER D 567 -11.24 15.46 0.28
CA SER D 567 -11.13 15.24 -1.15
C SER D 567 -12.50 15.13 -1.80
N ASN D 568 -13.46 14.53 -1.10
CA ASN D 568 -14.81 14.44 -1.64
C ASN D 568 -15.42 15.82 -1.82
N ILE D 569 -15.29 16.68 -0.81
CA ILE D 569 -15.82 18.04 -0.91
C ILE D 569 -15.15 18.77 -2.05
N ARG D 570 -13.83 18.66 -2.14
CA ARG D 570 -13.11 19.33 -3.22
C ARG D 570 -13.61 18.84 -4.57
N ASP D 571 -13.80 17.53 -4.72
CA ASP D 571 -14.22 16.99 -6.00
C ASP D 571 -15.62 17.48 -6.39
N ILE D 572 -16.57 17.45 -5.45
CA ILE D 572 -17.92 17.88 -5.80
C ILE D 572 -17.94 19.37 -6.11
N PHE D 573 -17.13 20.16 -5.40
CA PHE D 573 -17.13 21.59 -5.70
C PHE D 573 -16.43 21.89 -7.01
N ASP D 574 -15.40 21.13 -7.37
CA ASP D 574 -14.80 21.30 -8.69
C ASP D 574 -15.77 20.92 -9.78
N LYS D 575 -16.55 19.86 -9.57
CA LYS D 575 -17.57 19.50 -10.55
C LYS D 575 -18.61 20.60 -10.68
N ALA D 576 -19.05 21.16 -9.55
CA ALA D 576 -20.02 22.24 -9.59
C ALA D 576 -19.47 23.46 -10.31
N ARG D 577 -18.20 23.80 -10.04
CA ARG D 577 -17.62 25.00 -10.62
C ARG D 577 -17.32 24.81 -12.10
N ALA D 578 -17.08 23.59 -12.54
CA ALA D 578 -16.82 23.34 -13.96
C ALA D 578 -18.09 23.54 -14.78
N ALA D 579 -19.19 22.95 -14.33
CA ALA D 579 -20.46 23.04 -15.05
C ALA D 579 -21.32 24.18 -14.52
N ALA D 580 -20.75 25.37 -14.46
CA ALA D 580 -21.52 26.50 -13.96
C ALA D 580 -22.50 26.98 -15.03
N PRO D 581 -23.61 27.59 -14.64
CA PRO D 581 -24.10 27.80 -13.27
C PRO D 581 -24.58 26.51 -12.65
N THR D 582 -24.49 26.39 -11.32
CA THR D 582 -24.84 25.16 -10.65
C THR D 582 -25.43 25.50 -9.28
N VAL D 583 -26.35 24.67 -8.83
CA VAL D 583 -26.98 24.83 -7.53
C VAL D 583 -26.60 23.62 -6.69
N VAL D 584 -25.81 23.84 -5.66
CA VAL D 584 -25.37 22.79 -4.75
C VAL D 584 -26.26 22.83 -3.52
N PHE D 585 -27.03 21.78 -3.30
CA PHE D 585 -27.97 21.72 -2.18
C PHE D 585 -27.36 20.83 -1.10
N LEU D 586 -26.82 21.45 -0.06
CA LEU D 586 -26.30 20.73 1.09
C LEU D 586 -27.41 20.61 2.13
N ASP D 587 -27.88 19.39 2.35
CA ASP D 587 -29.01 19.14 3.24
C ASP D 587 -28.48 18.76 4.61
N GLU D 588 -29.04 19.37 5.65
CA GLU D 588 -28.62 19.15 7.03
C GLU D 588 -27.14 19.51 7.21
N LEU D 589 -26.87 20.81 7.03
CA LEU D 589 -25.53 21.30 7.28
C LEU D 589 -25.08 21.10 8.72
N ASP D 590 -26.02 20.90 9.64
CA ASP D 590 -25.65 20.80 11.04
C ASP D 590 -24.74 19.61 11.29
N SER D 591 -24.66 18.66 10.36
CA SER D 591 -23.78 17.52 10.53
C SER D 591 -22.36 17.85 10.11
N ILE D 592 -22.16 18.29 8.86
CA ILE D 592 -20.82 18.56 8.38
C ILE D 592 -20.25 19.85 8.96
N ALA D 593 -21.09 20.82 9.32
CA ALA D 593 -20.59 22.08 9.87
C ALA D 593 -20.22 21.91 11.34
N LYS D 594 -21.20 21.63 12.19
CA LYS D 594 -20.98 21.33 13.61
C LYS D 594 -20.04 22.33 14.28
N ALA D 595 -20.20 23.60 13.96
CA ALA D 595 -19.68 24.72 14.76
C ALA D 595 -18.15 24.70 14.92
N ARG D 596 -17.45 23.81 14.25
CA ARG D 596 -15.98 23.74 14.35
C ARG D 596 -15.52 23.81 15.80
N GLY D 597 -16.22 23.09 16.68
CA GLY D 597 -15.91 23.06 18.10
C GLY D 597 -15.07 21.84 18.42
N GLY D 598 -13.95 22.08 19.12
CA GLY D 598 -13.07 21.00 19.48
C GLY D 598 -13.74 19.95 20.37
N SER D 599 -13.53 18.68 20.05
CA SER D 599 -14.13 17.58 20.81
C SER D 599 -13.08 16.65 21.41
N LEU D 600 -11.80 17.04 21.38
CA LEU D 600 -10.73 16.26 22.00
C LEU D 600 -10.71 14.83 21.48
N GLY D 601 -10.72 14.69 20.16
CA GLY D 601 -10.69 13.37 19.55
C GLY D 601 -10.39 13.46 18.07
N ASP D 602 -10.07 12.31 17.50
CA ASP D 602 -9.80 12.25 16.06
C ASP D 602 -11.04 12.59 15.25
N ALA D 603 -12.22 12.22 15.77
CA ALA D 603 -13.45 12.64 15.11
C ALA D 603 -13.56 14.16 15.10
N GLY D 604 -13.19 14.81 16.20
CA GLY D 604 -13.14 16.26 16.21
C GLY D 604 -12.18 16.81 15.18
N GLY D 605 -11.00 16.19 15.06
CA GLY D 605 -10.04 16.67 14.08
C GLY D 605 -10.58 16.55 12.66
N ALA D 606 -11.18 15.41 12.33
CA ALA D 606 -11.71 15.23 10.98
C ALA D 606 -12.88 16.17 10.72
N SER D 607 -13.75 16.37 11.71
CA SER D 607 -14.90 17.23 11.53
C SER D 607 -14.54 18.71 11.55
N ASP D 608 -13.34 19.06 12.03
CA ASP D 608 -12.84 20.41 11.85
C ASP D 608 -12.15 20.57 10.51
N ARG D 609 -11.44 19.54 10.06
CA ARG D 609 -10.77 19.63 8.77
C ARG D 609 -11.79 19.73 7.64
N VAL D 610 -12.90 19.00 7.76
CA VAL D 610 -13.93 19.08 6.73
C VAL D 610 -14.55 20.47 6.70
N VAL D 611 -14.80 21.06 7.87
CA VAL D 611 -15.35 22.40 7.92
C VAL D 611 -14.39 23.40 7.30
N ASN D 612 -13.10 23.26 7.59
CA ASN D 612 -12.12 24.19 7.02
C ASN D 612 -12.04 24.04 5.51
N GLN D 613 -12.11 22.81 5.01
CA GLN D 613 -12.13 22.62 3.56
C GLN D 613 -13.35 23.28 2.95
N LEU D 614 -14.52 23.12 3.58
CA LEU D 614 -15.71 23.76 3.08
C LEU D 614 -15.55 25.28 3.07
N LEU D 615 -14.99 25.83 4.14
CA LEU D 615 -14.79 27.27 4.23
C LEU D 615 -13.93 27.76 3.09
N THR D 616 -12.82 27.08 2.83
CA THR D 616 -11.91 27.54 1.79
C THR D 616 -12.41 27.22 0.39
N GLU D 617 -13.37 26.31 0.25
CA GLU D 617 -13.90 26.00 -1.07
C GLU D 617 -15.03 26.92 -1.46
N MET D 618 -15.87 27.35 -0.52
CA MET D 618 -16.98 28.23 -0.88
C MET D 618 -16.51 29.67 -1.06
N ASP D 619 -15.64 30.16 -0.19
CA ASP D 619 -15.05 31.50 -0.31
C ASP D 619 -13.55 31.40 -0.07
N GLY D 620 -12.80 31.16 -1.15
CA GLY D 620 -11.36 31.11 -1.07
C GLY D 620 -10.72 31.82 -2.24
N MET D 621 -9.62 31.27 -2.76
CA MET D 621 -8.95 31.82 -3.94
C MET D 621 -9.45 31.06 -5.15
N ASN D 622 -10.58 31.51 -5.70
CA ASN D 622 -11.19 30.89 -6.87
C ASN D 622 -11.61 31.96 -7.86
N ALA D 623 -12.21 31.53 -8.96
CA ALA D 623 -12.57 32.42 -10.07
C ALA D 623 -13.94 33.07 -9.90
N LYS D 624 -14.63 32.84 -8.78
CA LYS D 624 -15.93 33.46 -8.53
C LYS D 624 -16.98 33.07 -9.57
N LYS D 625 -16.88 31.86 -10.13
CA LYS D 625 -17.89 31.40 -11.07
C LYS D 625 -19.23 31.22 -10.36
N ASN D 626 -20.30 31.31 -11.14
CA ASN D 626 -21.65 31.21 -10.59
C ASN D 626 -21.91 29.84 -9.96
N VAL D 627 -21.96 29.78 -8.64
CA VAL D 627 -22.31 28.56 -7.93
C VAL D 627 -23.10 28.95 -6.69
N PHE D 628 -24.37 28.54 -6.64
CA PHE D 628 -25.27 28.91 -5.56
C PHE D 628 -25.42 27.75 -4.60
N VAL D 629 -25.02 27.96 -3.35
CA VAL D 629 -25.10 26.93 -2.33
C VAL D 629 -26.39 27.14 -1.55
N ILE D 630 -27.22 26.10 -1.51
CA ILE D 630 -28.47 26.12 -0.75
C ILE D 630 -28.31 25.17 0.42
N GLY D 631 -28.51 25.67 1.62
CA GLY D 631 -28.45 24.87 2.83
C GLY D 631 -29.83 24.77 3.44
N ALA D 632 -30.09 23.66 4.11
CA ALA D 632 -31.38 23.41 4.75
C ALA D 632 -31.14 22.73 6.08
N THR D 633 -31.42 23.44 7.17
CA THR D 633 -31.20 22.89 8.50
C THR D 633 -32.42 23.16 9.37
N ASN D 634 -32.48 22.48 10.51
CA ASN D 634 -33.48 22.76 11.53
C ASN D 634 -32.85 22.91 12.91
N ARG D 635 -31.52 22.98 12.99
CA ARG D 635 -30.81 23.27 14.24
C ARG D 635 -29.69 24.24 13.91
N PRO D 636 -30.03 25.50 13.58
CA PRO D 636 -29.02 26.43 13.09
C PRO D 636 -28.10 26.95 14.19
N ASP D 637 -28.36 26.62 15.45
CA ASP D 637 -27.49 27.07 16.52
C ASP D 637 -26.16 26.33 16.52
N GLN D 638 -26.07 25.20 15.83
CA GLN D 638 -24.86 24.39 15.78
C GLN D 638 -24.17 24.50 14.43
N ILE D 639 -24.20 25.68 13.83
CA ILE D 639 -23.49 25.98 12.59
C ILE D 639 -22.35 26.92 12.92
N ASP D 640 -21.20 26.67 12.31
CA ASP D 640 -20.04 27.51 12.55
C ASP D 640 -20.37 28.93 12.11
N PRO D 641 -20.12 29.95 12.94
CA PRO D 641 -20.38 31.32 12.49
C PRO D 641 -19.24 31.88 11.65
N ALA D 642 -18.72 31.04 10.76
CA ALA D 642 -17.92 31.48 9.64
C ALA D 642 -18.47 30.97 8.33
N ILE D 643 -19.45 30.06 8.36
CA ILE D 643 -20.19 29.69 7.17
C ILE D 643 -21.32 30.69 6.91
N LEU D 644 -21.82 31.34 7.95
CA LEU D 644 -23.03 32.13 7.84
C LEU D 644 -22.78 33.58 7.46
N ARG D 645 -21.54 34.05 7.48
CA ARG D 645 -21.30 35.44 7.12
C ARG D 645 -21.49 35.64 5.62
N PRO D 646 -21.85 36.85 5.18
CA PRO D 646 -22.14 37.05 3.77
C PRO D 646 -20.93 36.77 2.90
N GLY D 647 -21.20 36.29 1.69
CA GLY D 647 -20.20 35.75 0.82
C GLY D 647 -20.19 34.24 0.78
N ARG D 648 -20.74 33.60 1.82
CA ARG D 648 -20.93 32.16 1.83
C ARG D 648 -22.41 31.79 1.85
N LEU D 649 -23.14 32.24 2.89
CA LEU D 649 -24.55 31.94 3.08
C LEU D 649 -25.27 33.22 3.52
N ASP D 650 -25.07 34.29 2.76
CA ASP D 650 -25.57 35.60 3.17
C ASP D 650 -27.07 35.58 3.50
N GLN D 651 -27.86 34.89 2.69
CA GLN D 651 -29.31 34.86 2.88
C GLN D 651 -29.68 33.84 3.95
N LEU D 652 -30.37 34.29 4.99
CA LEU D 652 -30.79 33.44 6.11
C LEU D 652 -32.31 33.48 6.16
N ILE D 653 -32.95 32.56 5.47
CA ILE D 653 -34.41 32.54 5.34
C ILE D 653 -34.99 31.62 6.40
N TYR D 654 -35.99 32.12 7.12
CA TYR D 654 -36.72 31.35 8.11
C TYR D 654 -38.05 30.92 7.51
N VAL D 655 -38.32 29.61 7.55
CA VAL D 655 -39.56 29.06 7.00
C VAL D 655 -40.46 28.74 8.19
N PRO D 656 -41.48 29.55 8.49
CA PRO D 656 -42.27 29.33 9.71
C PRO D 656 -43.41 28.35 9.50
N LEU D 657 -44.16 28.10 10.56
CA LEU D 657 -45.36 27.29 10.44
C LEU D 657 -46.42 28.06 9.67
N PRO D 658 -47.08 27.45 8.69
CA PRO D 658 -48.03 28.21 7.86
C PRO D 658 -49.14 28.83 8.70
N ASP D 659 -49.57 30.02 8.28
CA ASP D 659 -50.74 30.67 8.87
C ASP D 659 -52.01 30.16 8.18
N GLU D 660 -53.15 30.72 8.56
CA GLU D 660 -54.42 30.21 8.07
C GLU D 660 -54.48 30.28 6.55
N ASN D 661 -54.16 31.45 5.97
CA ASN D 661 -54.14 31.56 4.52
C ASN D 661 -53.10 30.63 3.92
N ALA D 662 -51.94 30.54 4.56
CA ALA D 662 -50.91 29.63 4.07
C ALA D 662 -51.38 28.18 4.13
N ARG D 663 -52.08 27.82 5.20
CA ARG D 663 -52.60 26.46 5.30
C ARG D 663 -53.61 26.19 4.20
N LEU D 664 -54.48 27.16 3.91
CA LEU D 664 -55.43 26.98 2.82
C LEU D 664 -54.71 26.80 1.50
N SER D 665 -53.68 27.60 1.26
CA SER D 665 -52.91 27.46 0.02
C SER D 665 -52.22 26.10 -0.04
N ILE D 666 -51.76 25.61 1.10
CA ILE D 666 -51.10 24.30 1.12
C ILE D 666 -52.09 23.21 0.78
N LEU D 667 -53.29 23.28 1.35
CA LEU D 667 -54.30 22.28 1.04
C LEU D 667 -54.68 22.33 -0.43
N ASN D 668 -54.80 23.52 -1.00
CA ASN D 668 -55.13 23.61 -2.42
C ASN D 668 -54.00 23.09 -3.29
N ALA D 669 -52.75 23.31 -2.88
CA ALA D 669 -51.63 22.79 -3.65
C ALA D 669 -51.56 21.27 -3.57
N GLN D 670 -51.85 20.70 -2.40
CA GLN D 670 -51.76 19.25 -2.25
C GLN D 670 -52.88 18.55 -3.00
N LEU D 671 -54.06 19.15 -3.09
CA LEU D 671 -55.19 18.59 -3.83
C LEU D 671 -55.25 19.09 -5.26
N ARG D 672 -54.11 19.43 -5.85
CA ARG D 672 -54.11 19.95 -7.22
C ARG D 672 -54.67 18.93 -8.20
N LYS D 673 -54.30 17.66 -8.04
CA LYS D 673 -54.79 16.58 -8.90
C LYS D 673 -55.56 15.60 -8.01
N THR D 674 -56.82 15.89 -7.79
CA THR D 674 -57.68 14.99 -7.01
C THR D 674 -59.15 15.30 -7.28
N PRO D 675 -59.94 14.33 -7.73
CA PRO D 675 -61.39 14.53 -7.78
C PRO D 675 -61.92 14.93 -6.41
N LEU D 676 -62.68 16.03 -6.38
CA LEU D 676 -63.30 16.51 -5.16
C LEU D 676 -64.76 16.82 -5.42
N GLU D 677 -65.58 16.67 -4.38
CA GLU D 677 -66.99 17.00 -4.50
C GLU D 677 -67.15 18.50 -4.72
N PRO D 678 -68.14 18.91 -5.51
CA PRO D 678 -68.38 20.35 -5.66
C PRO D 678 -68.68 21.05 -4.34
N GLY D 679 -69.25 20.35 -3.37
CA GLY D 679 -69.65 20.98 -2.13
C GLY D 679 -68.63 20.87 -1.01
N LEU D 680 -67.35 21.03 -1.34
CA LEU D 680 -66.28 20.96 -0.36
C LEU D 680 -65.87 22.36 0.06
N GLU D 681 -65.60 22.53 1.36
CA GLU D 681 -65.23 23.81 1.94
C GLU D 681 -63.91 23.62 2.67
N LEU D 682 -62.80 23.75 1.94
CA LEU D 682 -61.48 23.56 2.52
C LEU D 682 -61.16 24.61 3.57
N THR D 683 -61.84 25.75 3.57
CA THR D 683 -61.56 26.78 4.56
C THR D 683 -61.81 26.27 5.97
N ALA D 684 -62.82 25.41 6.15
CA ALA D 684 -63.14 24.93 7.49
C ALA D 684 -62.03 24.05 8.03
N ILE D 685 -61.56 23.09 7.23
CA ILE D 685 -60.47 22.25 7.66
C ILE D 685 -59.17 23.02 7.82
N ALA D 686 -59.02 24.14 7.11
CA ALA D 686 -57.78 24.90 7.18
C ALA D 686 -57.74 25.81 8.41
N LYS D 687 -58.89 26.34 8.81
CA LYS D 687 -58.93 27.26 9.94
C LYS D 687 -58.92 26.54 11.28
N ALA D 688 -59.22 25.24 11.31
CA ALA D 688 -59.37 24.50 12.56
C ALA D 688 -58.10 23.73 12.92
N THR D 689 -56.93 24.22 12.52
CA THR D 689 -55.66 23.58 12.85
C THR D 689 -54.80 24.44 13.76
N GLN D 690 -54.44 25.64 13.30
CA GLN D 690 -53.86 26.68 14.16
C GLN D 690 -52.45 26.37 14.64
N GLY D 691 -51.97 25.15 14.41
CA GLY D 691 -50.63 24.81 14.84
C GLY D 691 -49.93 23.81 13.96
N PHE D 692 -50.53 23.50 12.82
CA PHE D 692 -50.08 22.36 12.02
C PHE D 692 -48.95 22.78 11.09
N SER D 693 -48.39 21.80 10.41
CA SER D 693 -47.36 21.99 9.41
C SER D 693 -47.84 21.39 8.10
N GLY D 694 -47.07 21.61 7.04
CA GLY D 694 -47.46 21.07 5.75
C GLY D 694 -47.53 19.55 5.77
N ALA D 695 -46.63 18.92 6.53
CA ALA D 695 -46.65 17.47 6.63
C ALA D 695 -47.94 16.98 7.29
N ASP D 696 -48.43 17.71 8.30
CA ASP D 696 -49.66 17.31 8.95
C ASP D 696 -50.85 17.38 7.99
N LEU D 697 -50.91 18.43 7.19
CA LEU D 697 -51.98 18.53 6.20
C LEU D 697 -51.87 17.42 5.18
N LEU D 698 -50.64 17.10 4.76
CA LEU D 698 -50.44 15.96 3.89
C LEU D 698 -50.97 14.69 4.52
N TYR D 699 -50.69 14.49 5.81
CA TYR D 699 -51.18 13.30 6.50
C TYR D 699 -52.70 13.25 6.53
N ILE D 700 -53.35 14.38 6.75
CA ILE D 700 -54.81 14.41 6.72
C ILE D 700 -55.30 14.01 5.35
N VAL D 701 -54.66 14.54 4.29
CA VAL D 701 -55.06 14.18 2.94
C VAL D 701 -54.89 12.69 2.71
N GLN D 702 -53.77 12.13 3.18
CA GLN D 702 -53.53 10.70 2.99
C GLN D 702 -54.58 9.86 3.69
N ARG D 703 -54.95 10.23 4.91
CA ARG D 703 -55.97 9.47 5.62
C ARG D 703 -57.33 9.57 4.93
N ALA D 704 -57.69 10.76 4.45
CA ALA D 704 -58.93 10.89 3.70
C ALA D 704 -58.91 10.00 2.47
N ALA D 705 -57.79 9.99 1.74
CA ALA D 705 -57.67 9.14 0.57
C ALA D 705 -57.80 7.67 0.95
N LYS D 706 -57.20 7.27 2.07
CA LYS D 706 -57.23 5.86 2.45
C LYS D 706 -58.64 5.44 2.84
N TYR D 707 -59.39 6.30 3.52
CA TYR D 707 -60.79 5.98 3.79
C TYR D 707 -61.59 5.90 2.50
N ALA D 708 -61.31 6.79 1.56
CA ALA D 708 -61.99 6.71 0.26
C ALA D 708 -61.67 5.39 -0.43
N ILE D 709 -60.42 4.93 -0.33
CA ILE D 709 -60.04 3.66 -0.95
C ILE D 709 -60.76 2.51 -0.28
N LYS D 710 -60.84 2.54 1.05
CA LYS D 710 -61.60 1.53 1.77
C LYS D 710 -63.03 1.46 1.25
N ASP D 711 -63.69 2.62 1.16
CA ASP D 711 -65.08 2.64 0.70
C ASP D 711 -65.18 2.13 -0.73
N SER D 712 -64.26 2.52 -1.60
CA SER D 712 -64.32 2.11 -2.98
C SER D 712 -64.15 0.60 -3.11
N ILE D 713 -63.19 0.04 -2.39
CA ILE D 713 -62.97 -1.41 -2.48
C ILE D 713 -64.15 -2.17 -1.90
N GLU D 714 -64.71 -1.67 -0.80
CA GLU D 714 -65.88 -2.32 -0.22
C GLU D 714 -67.05 -2.32 -1.21
N ALA D 715 -67.32 -1.16 -1.83
CA ALA D 715 -68.40 -1.08 -2.79
C ALA D 715 -68.15 -1.97 -3.99
N HIS D 716 -66.90 -2.03 -4.46
CA HIS D 716 -66.58 -2.87 -5.61
C HIS D 716 -66.79 -4.34 -5.27
N ARG D 717 -66.33 -4.77 -4.10
CA ARG D 717 -66.51 -6.16 -3.69
C ARG D 717 -67.99 -6.49 -3.55
N GLN D 718 -68.78 -5.58 -2.97
CA GLN D 718 -70.21 -5.82 -2.88
C GLN D 718 -70.85 -5.89 -4.27
N HIS D 719 -70.40 -5.04 -5.20
CA HIS D 719 -70.98 -5.03 -6.52
C HIS D 719 -70.73 -6.34 -7.25
N GLU D 720 -69.51 -6.88 -7.13
CA GLU D 720 -69.23 -8.18 -7.72
C GLU D 720 -69.86 -9.32 -6.93
N ALA D 721 -70.16 -9.10 -5.64
CA ALA D 721 -70.83 -10.13 -4.86
C ALA D 721 -72.24 -10.39 -5.37
N GLU D 722 -72.99 -9.32 -5.62
CA GLU D 722 -74.33 -9.44 -6.21
C GLU D 722 -74.46 -8.56 -7.45
N ASP D 748 -67.75 2.67 -10.88
CA ASP D 748 -67.35 3.83 -10.08
C ASP D 748 -68.42 4.18 -9.04
N PRO D 749 -68.38 3.52 -7.89
CA PRO D 749 -69.35 3.86 -6.84
C PRO D 749 -69.08 5.21 -6.20
N VAL D 750 -67.81 5.54 -5.97
CA VAL D 750 -67.43 6.85 -5.44
C VAL D 750 -66.24 7.36 -6.26
N PRO D 751 -66.41 8.43 -7.05
CA PRO D 751 -65.28 8.92 -7.85
C PRO D 751 -64.53 10.07 -7.21
N TYR D 752 -65.01 10.58 -6.07
CA TYR D 752 -64.39 11.71 -5.41
C TYR D 752 -64.45 11.51 -3.90
N ILE D 753 -63.56 12.20 -3.21
CA ILE D 753 -63.52 12.16 -1.76
C ILE D 753 -64.62 13.08 -1.20
N THR D 754 -65.42 12.55 -0.29
CA THR D 754 -66.56 13.26 0.25
C THR D 754 -66.16 14.06 1.49
N LYS D 755 -67.12 14.83 2.01
CA LYS D 755 -66.88 15.62 3.22
C LYS D 755 -66.63 14.71 4.41
N GLU D 756 -67.49 13.70 4.60
CA GLU D 756 -67.35 12.82 5.75
C GLU D 756 -66.03 12.06 5.71
N HIS D 757 -65.46 11.86 4.51
CA HIS D 757 -64.15 11.24 4.44
C HIS D 757 -63.11 12.11 5.12
N PHE D 758 -63.09 13.40 4.79
CA PHE D 758 -62.18 14.32 5.46
C PHE D 758 -62.47 14.41 6.94
N ALA D 759 -63.75 14.40 7.33
CA ALA D 759 -64.07 14.47 8.75
C ALA D 759 -63.51 13.26 9.49
N GLU D 760 -63.67 12.07 8.93
CA GLU D 760 -63.16 10.87 9.57
C GLU D 760 -61.63 10.89 9.63
N ALA D 761 -60.99 11.36 8.56
CA ALA D 761 -59.53 11.48 8.60
C ALA D 761 -59.08 12.50 9.64
N MET D 762 -59.88 13.55 9.85
CA MET D 762 -59.54 14.60 10.79
C MET D 762 -59.89 14.25 12.23
N LYS D 763 -60.66 13.18 12.46
CA LYS D 763 -60.94 12.80 13.84
C LYS D 763 -59.68 12.46 14.62
N THR D 764 -58.59 12.14 13.92
CA THR D 764 -57.30 11.85 14.57
C THR D 764 -56.22 12.69 13.88
N ALA D 765 -55.84 13.80 14.51
CA ALA D 765 -54.79 14.67 14.02
C ALA D 765 -53.56 14.55 14.92
N LYS D 766 -52.44 15.09 14.43
CA LYS D 766 -51.15 14.90 15.08
C LYS D 766 -50.58 16.21 15.63
N ARG D 767 -50.38 17.22 14.79
CA ARG D 767 -49.66 18.43 15.17
C ARG D 767 -48.28 18.05 15.72
N SER D 768 -47.46 17.50 14.82
CA SER D 768 -46.23 16.84 15.24
C SER D 768 -45.29 17.81 15.96
N VAL D 769 -45.11 19.00 15.41
CA VAL D 769 -44.18 19.95 16.04
C VAL D 769 -44.71 20.33 17.41
N SER D 770 -43.86 20.17 18.42
CA SER D 770 -44.24 20.44 19.80
C SER D 770 -44.07 21.94 20.10
N ASP D 771 -44.43 22.33 21.32
CA ASP D 771 -44.35 23.73 21.69
C ASP D 771 -42.97 24.14 22.17
N ALA D 772 -42.16 23.18 22.64
CA ALA D 772 -40.81 23.53 23.08
C ALA D 772 -39.89 23.78 21.89
N GLU D 773 -39.97 22.93 20.86
CA GLU D 773 -39.22 23.18 19.64
C GLU D 773 -39.66 24.49 19.01
N LEU D 774 -40.96 24.73 18.97
CA LEU D 774 -41.46 25.99 18.42
C LEU D 774 -40.95 27.18 19.20
N ARG D 775 -40.91 27.07 20.53
CA ARG D 775 -40.35 28.15 21.34
C ARG D 775 -38.89 28.37 21.01
N ARG D 776 -38.13 27.28 20.81
CA ARG D 776 -36.71 27.42 20.50
C ARG D 776 -36.51 28.14 19.16
N TYR D 777 -37.28 27.74 18.14
CA TYR D 777 -37.15 28.39 16.85
C TYR D 777 -37.58 29.86 16.91
N GLU D 778 -38.64 30.15 17.66
CA GLU D 778 -39.07 31.54 17.81
C GLU D 778 -37.99 32.36 18.50
N ALA D 779 -37.35 31.80 19.52
CA ALA D 779 -36.28 32.52 20.21
C ALA D 779 -35.11 32.78 19.28
N TYR D 780 -34.74 31.78 18.48
CA TYR D 780 -33.63 31.96 17.54
C TYR D 780 -33.96 33.02 16.50
N SER D 781 -35.18 33.02 15.98
CA SER D 781 -35.60 34.04 15.02
C SER D 781 -35.61 35.41 15.68
N GLN D 782 -36.02 35.48 16.95
CA GLN D 782 -36.01 36.75 17.66
C GLN D 782 -34.59 37.27 17.83
N GLN D 783 -33.65 36.37 18.10
CA GLN D 783 -32.26 36.78 18.19
C GLN D 783 -31.76 37.32 16.85
N MET D 784 -32.14 36.66 15.75
CA MET D 784 -31.75 37.17 14.45
C MET D 784 -32.37 38.54 14.18
N LYS D 785 -33.61 38.76 14.60
CA LYS D 785 -34.22 40.07 14.39
C LYS D 785 -33.57 41.14 15.27
N ALA D 786 -33.17 40.77 16.48
CA ALA D 786 -32.44 41.69 17.34
C ALA D 786 -31.04 41.95 16.83
N SER D 787 -30.50 41.08 15.98
CA SER D 787 -29.22 41.34 15.34
C SER D 787 -29.31 42.51 14.35
N ARG D 788 -30.52 42.98 14.03
CA ARG D 788 -30.71 44.21 13.29
C ARG D 788 -30.79 45.43 14.20
N GLY D 789 -30.48 45.27 15.49
CA GLY D 789 -30.63 46.35 16.43
C GLY D 789 -29.76 47.54 16.09
N GLN D 790 -30.19 48.70 16.61
CA GLN D 790 -29.55 49.98 16.34
C GLN D 790 -29.72 50.42 14.90
N PHE D 791 -30.66 49.81 14.17
CA PHE D 791 -30.97 50.20 12.79
C PHE D 791 -32.39 50.73 12.78
N SER D 792 -32.53 52.04 12.93
CA SER D 792 -33.83 52.69 12.86
C SER D 792 -34.18 52.92 11.40
N ASN D 793 -35.24 53.70 11.15
CA ASN D 793 -35.60 54.05 9.78
C ASN D 793 -34.42 54.77 9.12
N PHE D 794 -34.05 54.31 7.93
CA PHE D 794 -32.87 54.82 7.25
C PHE D 794 -33.20 56.15 6.59
N ASN D 795 -32.80 57.24 7.23
CA ASN D 795 -33.10 58.59 6.77
C ASN D 795 -31.81 59.35 6.50
N PHE D 796 -31.90 60.32 5.61
CA PHE D 796 -30.75 61.14 5.25
C PHE D 796 -30.90 62.56 5.77
N VAL E 211 -31.04 -17.85 -26.72
CA VAL E 211 -30.61 -17.90 -28.11
C VAL E 211 -31.49 -17.00 -28.96
N GLY E 212 -32.71 -16.75 -28.49
CA GLY E 212 -33.65 -15.88 -29.16
C GLY E 212 -34.29 -14.89 -28.20
N TYR E 213 -35.10 -14.00 -28.77
CA TYR E 213 -35.78 -13.00 -27.97
C TYR E 213 -36.90 -13.60 -27.14
N ASP E 214 -37.46 -14.74 -27.55
CA ASP E 214 -38.51 -15.40 -26.78
C ASP E 214 -37.99 -15.90 -25.44
N ASP E 215 -36.69 -15.97 -25.24
CA ASP E 215 -36.11 -16.38 -23.97
C ASP E 215 -35.90 -15.22 -23.01
N ILE E 216 -36.46 -14.05 -23.32
CA ILE E 216 -36.31 -12.86 -22.49
C ILE E 216 -37.61 -12.63 -21.75
N GLY E 217 -37.51 -12.47 -20.43
CA GLY E 217 -38.67 -12.23 -19.61
C GLY E 217 -38.46 -11.15 -18.58
N GLY E 218 -39.33 -10.14 -18.58
CA GLY E 218 -39.31 -9.07 -17.62
C GLY E 218 -38.61 -7.82 -18.10
N CYS E 219 -37.57 -7.95 -18.91
CA CYS E 219 -36.83 -6.80 -19.43
C CYS E 219 -37.46 -6.35 -20.75
N ARG E 220 -38.69 -5.84 -20.64
CA ARG E 220 -39.44 -5.44 -21.83
C ARG E 220 -38.87 -4.15 -22.41
N LYS E 221 -38.85 -3.07 -21.62
CA LYS E 221 -38.43 -1.78 -22.15
C LYS E 221 -36.96 -1.82 -22.57
N GLN E 222 -36.09 -2.41 -21.76
CA GLN E 222 -34.68 -2.47 -22.11
C GLN E 222 -34.45 -3.32 -23.34
N MET E 223 -35.13 -4.47 -23.43
CA MET E 223 -34.98 -5.31 -24.60
C MET E 223 -35.43 -4.58 -25.86
N ALA E 224 -36.57 -3.87 -25.78
CA ALA E 224 -37.04 -3.13 -26.94
C ALA E 224 -36.06 -2.02 -27.32
N GLN E 225 -35.51 -1.33 -26.33
CA GLN E 225 -34.55 -0.28 -26.60
C GLN E 225 -33.33 -0.82 -27.34
N ILE E 226 -32.72 -1.89 -26.81
CA ILE E 226 -31.54 -2.45 -27.43
C ILE E 226 -31.88 -3.02 -28.81
N ARG E 227 -33.03 -3.67 -28.92
CA ARG E 227 -33.46 -4.18 -30.22
C ARG E 227 -33.49 -3.06 -31.24
N GLU E 228 -34.08 -1.93 -30.87
CA GLU E 228 -34.14 -0.79 -31.79
C GLU E 228 -32.73 -0.33 -32.15
N MET E 229 -31.89 -0.10 -31.14
CA MET E 229 -30.58 0.49 -31.39
C MET E 229 -29.71 -0.42 -32.26
N VAL E 230 -29.92 -1.73 -32.18
CA VAL E 230 -29.09 -2.64 -32.97
C VAL E 230 -29.72 -2.98 -34.32
N GLU E 231 -31.04 -2.90 -34.44
CA GLU E 231 -31.70 -3.31 -35.68
C GLU E 231 -31.88 -2.14 -36.64
N LEU E 232 -32.24 -0.96 -36.15
CA LEU E 232 -32.48 0.17 -37.04
C LEU E 232 -31.30 0.46 -37.96
N PRO E 233 -30.06 0.53 -37.49
CA PRO E 233 -28.95 0.82 -38.41
C PRO E 233 -28.51 -0.37 -39.24
N LEU E 234 -28.98 -1.57 -38.93
CA LEU E 234 -28.68 -2.75 -39.73
C LEU E 234 -29.79 -3.08 -40.70
N ARG E 235 -31.06 -2.97 -40.28
CA ARG E 235 -32.16 -3.29 -41.17
C ARG E 235 -32.34 -2.21 -42.23
N HIS E 236 -32.31 -0.95 -41.83
CA HIS E 236 -32.54 0.18 -42.74
C HIS E 236 -31.50 1.26 -42.51
N PRO E 237 -30.25 1.02 -42.91
CA PRO E 237 -29.28 2.13 -42.90
C PRO E 237 -29.74 3.31 -43.73
N GLN E 238 -30.47 3.07 -44.81
CA GLN E 238 -30.91 4.17 -45.66
C GLN E 238 -31.80 5.14 -44.89
N LEU E 239 -32.51 4.66 -43.87
CA LEU E 239 -33.28 5.56 -43.02
C LEU E 239 -32.36 6.55 -42.31
N PHE E 240 -31.26 6.06 -41.75
CA PHE E 240 -30.33 6.94 -41.06
C PHE E 240 -29.61 7.87 -42.02
N LYS E 241 -29.36 7.40 -43.25
CA LYS E 241 -28.82 8.30 -44.26
C LYS E 241 -29.83 9.40 -44.59
N ALA E 242 -31.11 9.04 -44.65
CA ALA E 242 -32.14 10.04 -44.95
C ALA E 242 -32.20 11.08 -43.84
N ILE E 243 -32.17 10.65 -42.59
CA ILE E 243 -32.18 11.61 -41.49
C ILE E 243 -30.79 12.22 -41.27
N GLY E 244 -29.75 11.60 -41.82
CA GLY E 244 -28.43 12.20 -41.83
C GLY E 244 -27.71 12.26 -40.50
N ILE E 245 -27.75 11.18 -39.72
CA ILE E 245 -26.89 11.03 -38.55
C ILE E 245 -26.55 9.55 -38.39
N LYS E 246 -25.67 9.26 -37.43
CA LYS E 246 -25.35 7.90 -37.06
C LYS E 246 -25.85 7.62 -35.63
N PRO E 247 -26.16 6.38 -35.30
CA PRO E 247 -26.62 6.08 -33.94
C PRO E 247 -25.46 6.01 -32.97
N PRO E 248 -25.72 5.83 -31.69
CA PRO E 248 -24.64 5.61 -30.74
C PRO E 248 -24.25 4.14 -30.65
N ARG E 249 -22.97 3.85 -30.84
CA ARG E 249 -22.47 2.47 -30.78
C ARG E 249 -21.78 2.29 -29.44
N GLY E 250 -22.59 2.01 -28.42
CA GLY E 250 -22.07 1.75 -27.10
C GLY E 250 -23.18 1.54 -26.09
N VAL E 251 -23.07 0.51 -25.26
CA VAL E 251 -24.04 0.25 -24.21
C VAL E 251 -23.29 -0.12 -22.93
N LEU E 252 -23.77 0.38 -21.80
CA LEU E 252 -23.25 0.01 -20.48
C LEU E 252 -24.39 -0.56 -19.64
N MET E 253 -24.42 -1.88 -19.51
CA MET E 253 -25.39 -2.56 -18.65
C MET E 253 -24.89 -2.53 -17.21
N TYR E 254 -25.74 -2.11 -16.28
CA TYR E 254 -25.40 -2.14 -14.88
C TYR E 254 -26.57 -2.73 -14.09
N GLY E 255 -26.24 -3.52 -13.08
CA GLY E 255 -27.23 -4.19 -12.28
C GLY E 255 -26.62 -5.35 -11.52
N PRO E 256 -27.43 -6.07 -10.76
CA PRO E 256 -26.92 -7.21 -9.98
C PRO E 256 -26.48 -8.33 -10.90
N PRO E 257 -25.65 -9.24 -10.43
CA PRO E 257 -25.17 -10.33 -11.30
C PRO E 257 -26.23 -11.41 -11.47
N GLY E 258 -26.34 -11.90 -12.69
CA GLY E 258 -27.31 -12.94 -12.99
C GLY E 258 -28.68 -12.39 -13.32
N THR E 259 -28.72 -11.44 -14.26
CA THR E 259 -29.96 -10.77 -14.63
C THR E 259 -30.08 -10.69 -16.14
N GLY E 260 -29.67 -11.74 -16.84
CA GLY E 260 -29.92 -11.81 -18.27
C GLY E 260 -29.10 -10.87 -19.10
N LYS E 261 -28.02 -10.30 -18.55
CA LYS E 261 -27.19 -9.40 -19.34
C LYS E 261 -26.57 -10.13 -20.51
N THR E 262 -25.75 -11.15 -20.22
CA THR E 262 -25.11 -11.90 -21.28
C THR E 262 -26.13 -12.60 -22.16
N LEU E 263 -27.19 -13.12 -21.55
CA LEU E 263 -28.22 -13.78 -22.34
C LEU E 263 -28.86 -12.80 -23.31
N MET E 264 -29.19 -11.59 -22.85
CA MET E 264 -29.79 -10.61 -23.73
C MET E 264 -28.84 -10.21 -24.84
N ALA E 265 -27.56 -10.00 -24.51
CA ALA E 265 -26.59 -9.62 -25.53
C ALA E 265 -26.49 -10.69 -26.60
N ARG E 266 -26.36 -11.96 -26.20
CA ARG E 266 -26.24 -13.03 -27.19
C ARG E 266 -27.54 -13.21 -27.96
N ALA E 267 -28.68 -12.99 -27.32
CA ALA E 267 -29.95 -13.08 -28.05
C ALA E 267 -30.02 -12.02 -29.14
N VAL E 268 -29.63 -10.79 -28.82
CA VAL E 268 -29.60 -9.74 -29.84
C VAL E 268 -28.62 -10.10 -30.94
N ALA E 269 -27.47 -10.66 -30.58
CA ALA E 269 -26.47 -11.02 -31.59
C ALA E 269 -26.98 -12.14 -32.50
N ASN E 270 -27.79 -13.04 -31.96
CA ASN E 270 -28.23 -14.19 -32.74
C ASN E 270 -29.43 -13.85 -33.61
N GLU E 271 -30.39 -13.12 -33.06
CA GLU E 271 -31.58 -12.79 -33.84
C GLU E 271 -31.26 -11.84 -34.97
N THR E 272 -30.19 -11.05 -34.84
CA THR E 272 -29.72 -10.16 -35.88
C THR E 272 -28.38 -10.70 -36.37
N GLY E 273 -28.37 -11.22 -37.59
CA GLY E 273 -27.16 -11.84 -38.13
C GLY E 273 -25.94 -10.97 -37.95
N ALA E 274 -25.01 -11.41 -37.10
CA ALA E 274 -23.84 -10.62 -36.75
C ALA E 274 -22.77 -11.56 -36.22
N PHE E 275 -21.73 -11.00 -35.63
CA PHE E 275 -20.68 -11.76 -34.97
C PHE E 275 -20.58 -11.32 -33.52
N PHE E 276 -20.53 -12.29 -32.61
CA PHE E 276 -20.50 -12.02 -31.18
C PHE E 276 -19.16 -12.49 -30.64
N PHE E 277 -18.41 -11.57 -30.04
CA PHE E 277 -17.11 -11.87 -29.45
C PHE E 277 -17.19 -11.54 -27.97
N LEU E 278 -16.89 -12.53 -27.13
CA LEU E 278 -16.97 -12.37 -25.69
C LEU E 278 -15.57 -12.11 -25.15
N ILE E 279 -15.46 -11.13 -24.26
CA ILE E 279 -14.22 -10.81 -23.57
C ILE E 279 -14.49 -10.79 -22.09
N ASN E 280 -13.68 -11.50 -21.32
CA ASN E 280 -13.77 -11.50 -19.88
C ASN E 280 -12.82 -10.45 -19.30
N GLY E 281 -13.22 -9.86 -18.19
CA GLY E 281 -12.44 -8.81 -17.59
C GLY E 281 -11.10 -9.32 -17.10
N PRO E 282 -11.12 -10.15 -16.06
CA PRO E 282 -9.86 -10.71 -15.55
C PRO E 282 -9.14 -11.58 -16.55
N GLU E 283 -9.85 -12.15 -17.53
CA GLU E 283 -9.21 -13.06 -18.46
C GLU E 283 -8.12 -12.37 -19.27
N VAL E 284 -8.41 -11.17 -19.77
CA VAL E 284 -7.45 -10.49 -20.64
C VAL E 284 -6.38 -9.76 -19.85
N MET E 285 -6.62 -9.50 -18.56
CA MET E 285 -5.62 -8.85 -17.73
C MET E 285 -4.40 -9.74 -17.58
N SER E 286 -3.21 -9.15 -17.69
CA SER E 286 -1.96 -9.90 -17.63
C SER E 286 -0.97 -9.17 -16.73
N LYS E 287 -0.28 -9.93 -15.89
CA LYS E 287 0.74 -9.36 -15.03
C LYS E 287 1.94 -8.86 -15.83
N MET E 288 2.25 -9.53 -16.93
CA MET E 288 3.41 -9.20 -17.75
C MET E 288 3.13 -7.89 -18.51
N ALA E 289 4.21 -7.24 -18.94
CA ALA E 289 4.12 -5.89 -19.48
C ALA E 289 3.97 -5.90 -21.00
N GLY E 290 3.00 -5.13 -21.49
CA GLY E 290 2.74 -5.02 -22.91
C GLY E 290 1.86 -6.10 -23.48
N GLU E 291 1.16 -6.86 -22.65
CA GLU E 291 0.35 -7.98 -23.10
C GLU E 291 -1.13 -7.71 -23.10
N SER E 292 -1.66 -7.07 -22.05
CA SER E 292 -3.10 -6.82 -21.99
C SER E 292 -3.55 -5.95 -23.15
N GLU E 293 -2.93 -4.78 -23.33
CA GLU E 293 -3.35 -3.90 -24.41
C GLU E 293 -3.17 -4.56 -25.76
N SER E 294 -2.17 -5.42 -25.93
CA SER E 294 -2.03 -6.15 -27.18
C SER E 294 -3.22 -7.08 -27.39
N ASN E 295 -3.67 -7.75 -26.33
CA ASN E 295 -4.85 -8.61 -26.44
C ASN E 295 -6.08 -7.80 -26.83
N LEU E 296 -6.28 -6.64 -26.21
CA LEU E 296 -7.41 -5.80 -26.58
C LEU E 296 -7.32 -5.37 -28.04
N ARG E 297 -6.13 -4.96 -28.47
CA ARG E 297 -5.96 -4.50 -29.85
C ARG E 297 -6.30 -5.61 -30.83
N LYS E 298 -5.78 -6.82 -30.58
CA LYS E 298 -6.02 -7.91 -31.53
C LYS E 298 -7.49 -8.33 -31.51
N ALA E 299 -8.12 -8.30 -30.33
CA ALA E 299 -9.54 -8.63 -30.26
C ALA E 299 -10.36 -7.64 -31.09
N PHE E 300 -10.11 -6.35 -30.91
CA PHE E 300 -10.84 -5.36 -31.68
C PHE E 300 -10.55 -5.50 -33.18
N GLU E 301 -9.31 -5.83 -33.52
CA GLU E 301 -8.95 -5.95 -34.93
C GLU E 301 -9.69 -7.11 -35.58
N GLU E 302 -9.68 -8.29 -34.93
CA GLU E 302 -10.37 -9.42 -35.51
C GLU E 302 -11.88 -9.21 -35.52
N ALA E 303 -12.42 -8.49 -34.54
CA ALA E 303 -13.84 -8.14 -34.60
C ALA E 303 -14.13 -7.24 -35.79
N GLU E 304 -13.26 -6.27 -36.04
CA GLU E 304 -13.44 -5.38 -37.19
C GLU E 304 -13.25 -6.12 -38.51
N LYS E 305 -12.52 -7.24 -38.50
CA LYS E 305 -12.32 -7.99 -39.74
C LYS E 305 -13.60 -8.71 -40.16
N ASN E 306 -14.43 -9.11 -39.20
CA ASN E 306 -15.66 -9.82 -39.52
C ASN E 306 -16.73 -8.83 -40.00
N ALA E 307 -17.94 -9.32 -40.19
CA ALA E 307 -19.08 -8.51 -40.57
C ALA E 307 -19.47 -7.60 -39.41
N PRO E 308 -20.48 -6.75 -39.56
CA PRO E 308 -21.01 -6.03 -38.40
C PRO E 308 -21.12 -6.91 -37.18
N ALA E 309 -20.47 -6.53 -36.09
CA ALA E 309 -20.28 -7.40 -34.95
C ALA E 309 -20.62 -6.68 -33.66
N ILE E 310 -20.81 -7.46 -32.61
CA ILE E 310 -21.16 -6.97 -31.28
C ILE E 310 -20.12 -7.52 -30.31
N ILE E 311 -19.24 -6.66 -29.85
CA ILE E 311 -18.28 -7.03 -28.81
C ILE E 311 -18.94 -6.89 -27.46
N PHE E 312 -18.63 -7.80 -26.54
CA PHE E 312 -19.21 -7.79 -25.20
C PHE E 312 -18.09 -7.91 -24.19
N ILE E 313 -17.92 -6.89 -23.36
CA ILE E 313 -16.93 -6.88 -22.30
C ILE E 313 -17.68 -7.14 -20.99
N ASP E 314 -17.42 -8.29 -20.39
CA ASP E 314 -18.05 -8.66 -19.13
C ASP E 314 -17.19 -8.21 -17.97
N GLU E 315 -17.83 -7.63 -16.96
CA GLU E 315 -17.14 -7.16 -15.76
C GLU E 315 -16.05 -6.14 -16.13
N ILE E 316 -16.50 -5.05 -16.76
CA ILE E 316 -15.56 -4.04 -17.22
C ILE E 316 -14.98 -3.24 -16.07
N ASP E 317 -15.68 -3.19 -14.93
CA ASP E 317 -15.19 -2.40 -13.81
C ASP E 317 -13.89 -2.96 -13.25
N SER E 318 -13.58 -4.22 -13.51
CA SER E 318 -12.29 -4.77 -13.10
C SER E 318 -11.14 -4.23 -13.93
N ILE E 319 -11.41 -3.67 -15.10
CA ILE E 319 -10.37 -3.10 -15.95
C ILE E 319 -10.60 -1.62 -16.22
N ALA E 320 -11.33 -0.93 -15.34
CA ALA E 320 -11.50 0.53 -15.42
C ALA E 320 -11.47 1.09 -14.01
N PRO E 321 -10.29 1.17 -13.40
CA PRO E 321 -10.20 1.68 -12.03
C PRO E 321 -10.17 3.20 -11.93
N LYS E 322 -10.53 3.91 -12.99
CA LYS E 322 -10.70 5.36 -13.04
C LYS E 322 -9.36 6.11 -13.15
N ARG E 323 -8.22 5.44 -13.07
CA ARG E 323 -6.91 6.09 -13.15
C ARG E 323 -6.78 7.20 -12.11
N ASP E 324 -7.51 7.10 -11.00
CA ASP E 324 -7.48 8.11 -9.96
C ASP E 324 -6.93 7.56 -8.66
N LYS E 325 -7.53 6.49 -8.12
CA LYS E 325 -7.04 5.84 -6.91
C LYS E 325 -6.19 4.63 -7.21
N THR E 326 -6.01 4.27 -8.48
CA THR E 326 -5.20 3.10 -8.82
C THR E 326 -3.72 3.39 -8.56
N ASN E 327 -2.97 2.34 -8.29
CA ASN E 327 -1.54 2.43 -8.03
C ASN E 327 -0.69 1.78 -9.11
N GLY E 328 -1.08 0.60 -9.59
CA GLY E 328 -0.32 -0.05 -10.63
C GLY E 328 -0.42 0.70 -11.94
N GLU E 329 0.42 0.28 -12.90
CA GLU E 329 0.54 0.95 -14.18
C GLU E 329 -0.15 0.21 -15.31
N VAL E 330 -0.31 -1.11 -15.20
CA VAL E 330 -0.93 -1.87 -16.28
C VAL E 330 -2.38 -1.47 -16.44
N GLU E 331 -3.10 -1.29 -15.32
CA GLU E 331 -4.53 -1.02 -15.41
C GLU E 331 -4.79 0.32 -16.09
N ARG E 332 -4.02 1.35 -15.77
CA ARG E 332 -4.23 2.64 -16.43
C ARG E 332 -3.85 2.58 -17.89
N ARG E 333 -2.83 1.80 -18.25
CA ARG E 333 -2.48 1.66 -19.65
C ARG E 333 -3.58 0.96 -20.43
N VAL E 334 -4.20 -0.07 -19.86
CA VAL E 334 -5.29 -0.73 -20.57
C VAL E 334 -6.51 0.17 -20.64
N VAL E 335 -6.74 1.00 -19.62
CA VAL E 335 -7.82 1.98 -19.71
C VAL E 335 -7.57 2.93 -20.87
N SER E 336 -6.33 3.42 -20.99
CA SER E 336 -6.00 4.31 -22.11
C SER E 336 -6.15 3.59 -23.43
N GLN E 337 -5.83 2.30 -23.48
CA GLN E 337 -5.99 1.55 -24.71
C GLN E 337 -7.46 1.43 -25.10
N LEU E 338 -8.32 1.19 -24.12
CA LEU E 338 -9.76 1.18 -24.40
C LEU E 338 -10.22 2.54 -24.91
N LEU E 339 -9.78 3.62 -24.26
CA LEU E 339 -10.16 4.95 -24.69
C LEU E 339 -9.75 5.18 -26.14
N THR E 340 -8.54 4.77 -26.51
CA THR E 340 -8.09 4.95 -27.88
C THR E 340 -8.88 4.09 -28.85
N LEU E 341 -9.15 2.84 -28.47
CA LEU E 341 -9.83 1.92 -29.40
C LEU E 341 -11.24 2.39 -29.68
N MET E 342 -11.96 2.82 -28.64
CA MET E 342 -13.35 3.21 -28.84
C MET E 342 -13.47 4.57 -29.50
N ASP E 343 -12.60 5.52 -29.15
CA ASP E 343 -12.67 6.88 -29.67
C ASP E 343 -11.27 7.35 -30.03
N GLY E 344 -11.06 7.61 -31.31
CA GLY E 344 -9.77 8.08 -31.79
C GLY E 344 -9.86 8.32 -33.27
N MET E 345 -8.71 8.64 -33.87
CA MET E 345 -8.66 8.76 -35.32
C MET E 345 -8.99 7.42 -35.96
N LYS E 346 -10.04 7.39 -36.77
CA LYS E 346 -10.59 6.14 -37.30
C LYS E 346 -11.10 5.26 -36.15
N ALA E 347 -12.03 5.82 -35.38
CA ALA E 347 -12.43 5.20 -34.12
C ALA E 347 -13.03 3.83 -34.35
N ARG E 348 -14.01 3.73 -35.24
CA ARG E 348 -14.76 2.48 -35.40
C ARG E 348 -15.54 2.56 -36.70
N SER E 349 -15.73 1.40 -37.33
CA SER E 349 -16.45 1.29 -38.60
C SER E 349 -17.43 0.14 -38.51
N ASN E 350 -18.69 0.47 -38.19
CA ASN E 350 -19.78 -0.50 -38.18
C ASN E 350 -19.49 -1.63 -37.19
N VAL E 351 -19.37 -1.26 -35.92
CA VAL E 351 -19.20 -2.21 -34.83
C VAL E 351 -19.97 -1.69 -33.62
N VAL E 352 -20.54 -2.60 -32.86
CA VAL E 352 -21.28 -2.27 -31.65
C VAL E 352 -20.51 -2.82 -30.45
N VAL E 353 -20.43 -2.02 -29.40
CA VAL E 353 -19.71 -2.38 -28.18
C VAL E 353 -20.69 -2.36 -27.01
N ILE E 354 -20.69 -3.41 -26.22
CA ILE E 354 -21.52 -3.53 -25.03
C ILE E 354 -20.62 -3.92 -23.87
N ALA E 355 -20.89 -3.36 -22.71
CA ALA E 355 -20.17 -3.70 -21.50
C ALA E 355 -21.18 -4.02 -20.40
N ALA E 356 -20.74 -4.83 -19.43
CA ALA E 356 -21.59 -5.22 -18.32
C ALA E 356 -20.82 -5.03 -17.03
N THR E 357 -21.52 -4.53 -16.00
CA THR E 357 -20.89 -4.26 -14.72
C THR E 357 -21.96 -4.32 -13.63
N ASN E 358 -21.49 -4.38 -12.38
CA ASN E 358 -22.37 -4.30 -11.22
C ASN E 358 -22.38 -2.93 -10.59
N ARG E 359 -21.21 -2.30 -10.44
CA ARG E 359 -21.09 -0.95 -9.90
C ARG E 359 -20.58 -0.03 -11.01
N PRO E 360 -21.43 0.79 -11.62
CA PRO E 360 -20.97 1.61 -12.74
C PRO E 360 -20.26 2.88 -12.34
N ASN E 361 -20.31 3.26 -11.06
CA ASN E 361 -19.64 4.49 -10.64
C ASN E 361 -18.13 4.32 -10.57
N SER E 362 -17.63 3.09 -10.46
CA SER E 362 -16.19 2.83 -10.44
C SER E 362 -15.65 2.64 -11.86
N ILE E 363 -15.95 3.60 -12.73
CA ILE E 363 -15.48 3.59 -14.11
C ILE E 363 -14.85 4.94 -14.40
N ASP E 364 -13.89 4.95 -15.32
CA ASP E 364 -13.27 6.21 -15.70
C ASP E 364 -14.34 7.12 -16.29
N PRO E 365 -14.45 8.37 -15.83
CA PRO E 365 -15.42 9.28 -16.46
C PRO E 365 -15.22 9.42 -17.95
N ALA E 366 -13.99 9.28 -18.44
CA ALA E 366 -13.76 9.35 -19.88
C ALA E 366 -14.44 8.20 -20.61
N LEU E 367 -14.75 7.11 -19.92
CA LEU E 367 -15.39 5.97 -20.56
C LEU E 367 -16.89 6.17 -20.73
N ARG E 368 -17.52 6.94 -19.83
CA ARG E 368 -18.97 7.12 -19.83
C ARG E 368 -19.41 8.29 -20.71
N ARG E 369 -18.62 8.64 -21.70
CA ARG E 369 -18.90 9.76 -22.59
C ARG E 369 -19.54 9.28 -23.88
N PHE E 370 -20.20 10.21 -24.57
CA PHE E 370 -20.79 9.90 -25.86
C PHE E 370 -19.73 9.41 -26.84
N GLY E 371 -20.11 8.47 -27.67
CA GLY E 371 -19.17 7.85 -28.60
C GLY E 371 -18.57 6.60 -28.00
N ARG E 372 -18.01 6.71 -26.80
CA ARG E 372 -17.48 5.53 -26.12
C ARG E 372 -18.60 4.67 -25.57
N PHE E 373 -19.38 5.22 -24.64
CA PHE E 373 -20.57 4.54 -24.09
C PHE E 373 -21.67 5.59 -24.03
N ASP E 374 -22.42 5.73 -25.12
CA ASP E 374 -23.40 6.81 -25.20
C ASP E 374 -24.55 6.59 -24.22
N ARG E 375 -25.13 5.40 -24.20
CA ARG E 375 -26.31 5.12 -23.40
C ARG E 375 -25.99 4.09 -22.32
N GLU E 376 -26.73 4.15 -21.23
CA GLU E 376 -26.47 3.33 -20.04
C GLU E 376 -27.79 2.72 -19.60
N VAL E 377 -28.04 1.48 -20.04
CA VAL E 377 -29.28 0.79 -19.70
C VAL E 377 -29.18 0.21 -18.31
N ASP E 378 -30.31 0.18 -17.60
CA ASP E 378 -30.39 -0.32 -16.24
C ASP E 378 -31.21 -1.61 -16.23
N ILE E 379 -30.57 -2.72 -15.90
CA ILE E 379 -31.26 -4.01 -15.82
C ILE E 379 -31.26 -4.45 -14.36
N GLY E 380 -32.34 -4.12 -13.65
CA GLY E 380 -32.46 -4.44 -12.24
C GLY E 380 -33.21 -5.74 -12.02
N ILE E 381 -33.55 -5.98 -10.76
CA ILE E 381 -34.28 -7.20 -10.40
C ILE E 381 -35.67 -7.14 -11.02
N PRO E 382 -36.15 -8.20 -11.66
CA PRO E 382 -37.46 -8.14 -12.29
C PRO E 382 -38.57 -8.13 -11.25
N ASP E 383 -39.74 -7.68 -11.70
CA ASP E 383 -40.92 -7.58 -10.85
C ASP E 383 -41.70 -8.89 -10.91
N ALA E 384 -42.91 -8.90 -10.33
CA ALA E 384 -43.68 -10.13 -10.25
C ALA E 384 -44.04 -10.65 -11.63
N THR E 385 -44.53 -9.78 -12.51
CA THR E 385 -44.93 -10.22 -13.83
C THR E 385 -43.72 -10.69 -14.64
N GLY E 386 -42.62 -9.96 -14.57
CA GLY E 386 -41.42 -10.40 -15.27
C GLY E 386 -40.88 -11.70 -14.72
N ARG E 387 -40.96 -11.89 -13.40
CA ARG E 387 -40.50 -13.13 -12.81
C ARG E 387 -41.38 -14.29 -13.23
N LEU E 388 -42.69 -14.06 -13.34
CA LEU E 388 -43.59 -15.09 -13.87
C LEU E 388 -43.23 -15.42 -15.31
N GLU E 389 -42.94 -14.40 -16.12
CA GLU E 389 -42.55 -14.65 -17.50
C GLU E 389 -41.29 -15.51 -17.56
N VAL E 390 -40.29 -15.18 -16.74
CA VAL E 390 -39.06 -15.95 -16.72
C VAL E 390 -39.34 -17.39 -16.30
N LEU E 391 -40.18 -17.56 -15.27
CA LEU E 391 -40.44 -18.90 -14.76
C LEU E 391 -41.15 -19.75 -15.81
N ARG E 392 -42.14 -19.18 -16.51
CA ARG E 392 -42.82 -19.94 -17.54
C ARG E 392 -41.89 -20.19 -18.73
N ILE E 393 -41.00 -19.26 -19.03
CA ILE E 393 -40.05 -19.47 -20.12
C ILE E 393 -39.17 -20.66 -19.82
N HIS E 394 -38.66 -20.75 -18.59
CA HIS E 394 -37.81 -21.88 -18.24
C HIS E 394 -38.59 -23.18 -18.20
N THR E 395 -39.78 -23.18 -17.58
CA THR E 395 -40.55 -24.40 -17.44
C THR E 395 -41.24 -24.84 -18.73
N LYS E 396 -41.23 -24.02 -19.78
CA LYS E 396 -41.89 -24.42 -21.02
C LYS E 396 -41.27 -25.70 -21.59
N ASN E 397 -39.94 -25.78 -21.62
CA ASN E 397 -39.30 -27.01 -22.08
C ASN E 397 -39.61 -28.17 -21.16
N MET E 398 -39.59 -27.94 -19.84
CA MET E 398 -39.91 -28.99 -18.90
C MET E 398 -41.37 -29.41 -19.04
N LYS E 399 -41.63 -30.70 -18.86
CA LYS E 399 -42.99 -31.21 -18.76
C LYS E 399 -43.52 -30.96 -17.35
N LEU E 400 -44.65 -30.26 -17.25
CA LEU E 400 -45.22 -29.85 -15.98
C LEU E 400 -46.42 -30.74 -15.67
N ALA E 401 -46.40 -31.38 -14.51
CA ALA E 401 -47.56 -32.15 -14.07
C ALA E 401 -48.66 -31.23 -13.58
N ASP E 402 -49.87 -31.76 -13.52
CA ASP E 402 -51.01 -30.99 -13.07
C ASP E 402 -50.85 -30.65 -11.58
N ASP E 403 -51.78 -29.84 -11.07
CA ASP E 403 -51.82 -29.41 -9.68
C ASP E 403 -50.72 -28.41 -9.35
N VAL E 404 -50.07 -27.84 -10.35
CA VAL E 404 -49.00 -26.86 -10.16
C VAL E 404 -49.44 -25.57 -10.82
N ASP E 405 -49.34 -24.47 -10.09
CA ASP E 405 -49.75 -23.15 -10.56
C ASP E 405 -48.55 -22.22 -10.55
N LEU E 406 -48.33 -21.53 -11.67
CA LEU E 406 -47.15 -20.68 -11.79
C LEU E 406 -47.31 -19.37 -11.03
N GLU E 407 -48.55 -18.87 -10.89
CA GLU E 407 -48.75 -17.60 -10.22
C GLU E 407 -48.28 -17.64 -8.78
N ALA E 408 -48.65 -18.71 -8.06
CA ALA E 408 -48.24 -18.81 -6.67
C ALA E 408 -46.73 -18.98 -6.54
N LEU E 409 -46.12 -19.76 -7.43
CA LEU E 409 -44.68 -19.94 -7.38
C LEU E 409 -43.93 -18.68 -7.80
N ALA E 410 -44.58 -17.77 -8.50
CA ALA E 410 -43.96 -16.49 -8.82
C ALA E 410 -44.12 -15.51 -7.68
N ALA E 411 -45.28 -15.53 -7.01
CA ALA E 411 -45.49 -14.67 -5.86
C ALA E 411 -44.59 -15.06 -4.70
N GLU E 412 -44.39 -16.38 -4.49
CA GLU E 412 -43.60 -16.82 -3.34
C GLU E 412 -42.12 -16.50 -3.54
N THR E 413 -41.62 -16.62 -4.76
CA THR E 413 -40.21 -16.35 -5.05
C THR E 413 -40.03 -14.85 -5.26
N HIS E 414 -40.26 -14.10 -4.18
CA HIS E 414 -40.29 -12.64 -4.29
C HIS E 414 -38.89 -12.05 -4.47
N GLY E 415 -37.91 -12.57 -3.75
CA GLY E 415 -36.60 -11.93 -3.71
C GLY E 415 -35.54 -12.63 -4.54
N TYR E 416 -35.94 -13.20 -5.67
CA TYR E 416 -35.04 -13.97 -6.52
C TYR E 416 -34.65 -13.14 -7.73
N VAL E 417 -33.35 -13.13 -8.05
CA VAL E 417 -32.85 -12.20 -9.06
C VAL E 417 -33.35 -12.59 -10.45
N GLY E 418 -33.38 -13.88 -10.74
CA GLY E 418 -33.90 -14.34 -12.03
C GLY E 418 -33.03 -15.40 -12.67
N ALA E 419 -31.72 -15.31 -12.46
CA ALA E 419 -30.83 -16.31 -13.01
C ALA E 419 -30.92 -17.62 -12.24
N ASP E 420 -31.17 -17.56 -10.94
CA ASP E 420 -31.30 -18.75 -10.12
C ASP E 420 -32.70 -19.34 -10.15
N ILE E 421 -33.64 -18.73 -10.89
CA ILE E 421 -34.91 -19.40 -11.15
C ILE E 421 -34.67 -20.67 -11.96
N ALA E 422 -33.78 -20.59 -12.95
CA ALA E 422 -33.43 -21.76 -13.72
C ALA E 422 -32.83 -22.83 -12.83
N SER E 423 -31.96 -22.43 -11.90
CA SER E 423 -31.40 -23.39 -10.96
C SER E 423 -32.49 -24.00 -10.10
N LEU E 424 -33.48 -23.21 -9.70
CA LEU E 424 -34.59 -23.75 -8.93
C LEU E 424 -35.34 -24.82 -9.71
N CYS E 425 -35.65 -24.53 -10.98
CA CYS E 425 -36.36 -25.50 -11.79
C CYS E 425 -35.54 -26.77 -11.98
N SER E 426 -34.24 -26.62 -12.25
CA SER E 426 -33.39 -27.77 -12.43
C SER E 426 -33.32 -28.60 -11.15
N GLU E 427 -33.23 -27.94 -9.99
CA GLU E 427 -33.19 -28.66 -8.73
C GLU E 427 -34.50 -29.40 -8.49
N ALA E 428 -35.63 -28.79 -8.83
CA ALA E 428 -36.91 -29.47 -8.66
C ALA E 428 -37.00 -30.70 -9.55
N ALA E 429 -36.55 -30.59 -10.81
CA ALA E 429 -36.56 -31.74 -11.69
C ALA E 429 -35.64 -32.83 -11.16
N MET E 430 -34.45 -32.46 -10.67
CA MET E 430 -33.53 -33.44 -10.12
C MET E 430 -34.15 -34.14 -8.92
N GLN E 431 -34.84 -33.39 -8.06
CA GLN E 431 -35.47 -33.99 -6.89
C GLN E 431 -36.56 -34.96 -7.31
N GLN E 432 -37.36 -34.61 -8.32
CA GLN E 432 -38.41 -35.53 -8.75
C GLN E 432 -37.79 -36.81 -9.31
N ILE E 433 -36.77 -36.68 -10.17
CA ILE E 433 -36.21 -37.89 -10.78
C ILE E 433 -35.52 -38.74 -9.71
N ARG E 434 -34.91 -38.11 -8.70
CA ARG E 434 -34.32 -38.88 -7.62
C ARG E 434 -35.38 -39.55 -6.76
N GLU E 435 -36.57 -38.95 -6.68
CA GLU E 435 -37.66 -39.53 -5.91
C GLU E 435 -38.29 -40.73 -6.61
N LYS E 436 -38.13 -40.85 -7.92
CA LYS E 436 -38.68 -41.95 -8.70
C LYS E 436 -37.57 -42.82 -9.28
N MET E 437 -36.49 -43.01 -8.51
CA MET E 437 -35.39 -43.86 -8.91
C MET E 437 -34.93 -44.81 -7.83
N ASP E 438 -35.37 -44.63 -6.58
CA ASP E 438 -34.95 -45.54 -5.52
C ASP E 438 -35.51 -46.94 -5.75
N LEU E 439 -36.76 -47.04 -6.18
CA LEU E 439 -37.41 -48.32 -6.41
C LEU E 439 -37.45 -48.71 -7.89
N ILE E 440 -37.44 -47.75 -8.80
CA ILE E 440 -37.35 -48.07 -10.22
C ILE E 440 -35.89 -48.25 -10.60
N ASP E 441 -35.62 -49.18 -11.51
CA ASP E 441 -34.26 -49.42 -11.96
C ASP E 441 -33.71 -48.19 -12.68
N LEU E 442 -32.38 -48.14 -12.78
CA LEU E 442 -31.68 -47.04 -13.44
C LEU E 442 -31.34 -47.35 -14.89
N ASP E 443 -32.17 -48.16 -15.55
CA ASP E 443 -31.95 -48.54 -16.94
C ASP E 443 -30.60 -49.24 -17.13
N GLU E 444 -30.20 -50.02 -16.13
CA GLU E 444 -28.93 -50.74 -16.20
C GLU E 444 -29.02 -51.97 -17.09
N ASP E 445 -30.23 -52.42 -17.41
CA ASP E 445 -30.44 -53.57 -18.29
C ASP E 445 -31.15 -53.19 -19.58
N GLU E 446 -32.28 -52.51 -19.48
CA GLU E 446 -33.03 -52.09 -20.67
C GLU E 446 -33.98 -50.97 -20.27
N ILE E 447 -34.29 -50.12 -21.25
CA ILE E 447 -35.21 -49.01 -21.03
C ILE E 447 -36.64 -49.55 -21.01
N ASP E 448 -37.50 -48.89 -20.23
CA ASP E 448 -38.89 -49.27 -20.08
C ASP E 448 -39.79 -48.20 -20.67
N ALA E 449 -41.02 -48.60 -20.99
CA ALA E 449 -42.01 -47.69 -21.56
C ALA E 449 -43.00 -47.17 -20.53
N GLU E 450 -43.25 -47.92 -19.46
CA GLU E 450 -44.14 -47.47 -18.40
C GLU E 450 -43.52 -46.40 -17.52
N VAL E 451 -42.21 -46.17 -17.65
CA VAL E 451 -41.57 -45.12 -16.87
C VAL E 451 -41.55 -43.79 -17.63
N LEU E 452 -41.53 -43.83 -18.96
CA LEU E 452 -41.48 -42.59 -19.73
C LEU E 452 -42.73 -41.75 -19.50
N ASP E 453 -43.89 -42.39 -19.45
CA ASP E 453 -45.14 -41.68 -19.22
C ASP E 453 -45.30 -41.34 -17.75
N SER E 454 -46.22 -40.41 -17.47
CA SER E 454 -46.54 -40.02 -16.10
C SER E 454 -45.35 -39.32 -15.43
N LEU E 455 -44.79 -38.35 -16.14
CA LEU E 455 -43.74 -37.49 -15.60
C LEU E 455 -44.26 -36.06 -15.47
N GLY E 456 -43.57 -35.29 -14.64
CA GLY E 456 -43.91 -33.89 -14.45
C GLY E 456 -43.77 -33.47 -13.01
N VAL E 457 -43.30 -32.24 -12.78
CA VAL E 457 -43.02 -31.77 -11.44
C VAL E 457 -44.32 -31.33 -10.77
N THR E 458 -44.40 -31.54 -9.47
CA THR E 458 -45.55 -31.15 -8.66
C THR E 458 -45.15 -30.05 -7.69
N MET E 459 -46.11 -29.63 -6.86
CA MET E 459 -45.85 -28.54 -5.94
C MET E 459 -44.84 -28.93 -4.87
N ASP E 460 -44.84 -30.20 -4.46
CA ASP E 460 -43.91 -30.62 -3.41
C ASP E 460 -42.46 -30.47 -3.85
N ASN E 461 -42.16 -30.84 -5.10
CA ASN E 461 -40.79 -30.72 -5.59
C ASN E 461 -40.34 -29.27 -5.62
N PHE E 462 -41.21 -28.36 -6.08
CA PHE E 462 -40.83 -26.95 -6.13
C PHE E 462 -40.70 -26.36 -4.74
N ARG E 463 -41.55 -26.79 -3.80
CA ARG E 463 -41.41 -26.33 -2.43
C ARG E 463 -40.10 -26.81 -1.82
N PHE E 464 -39.72 -28.06 -2.09
CA PHE E 464 -38.45 -28.57 -1.62
C PHE E 464 -37.28 -27.80 -2.23
N ALA E 465 -37.36 -27.51 -3.52
CA ALA E 465 -36.31 -26.72 -4.16
C ALA E 465 -36.20 -25.34 -3.54
N LEU E 466 -37.34 -24.70 -3.27
CA LEU E 466 -37.33 -23.41 -2.61
C LEU E 466 -36.71 -23.50 -1.23
N GLY E 467 -36.96 -24.61 -0.52
CA GLY E 467 -36.31 -24.81 0.76
C GLY E 467 -34.80 -24.87 0.63
N ASN E 468 -34.30 -25.45 -0.44
CA ASN E 468 -32.87 -25.52 -0.69
C ASN E 468 -32.33 -24.16 -1.12
N SER E 481 -38.21 -13.20 4.22
CA SER E 481 -37.38 -14.40 4.13
C SER E 481 -37.79 -15.43 5.18
N VAL E 482 -38.96 -15.23 5.78
CA VAL E 482 -39.48 -16.11 6.82
C VAL E 482 -40.88 -16.54 6.42
N ASN E 483 -41.29 -17.70 6.92
CA ASN E 483 -42.58 -18.29 6.60
C ASN E 483 -43.58 -17.97 7.70
N VAL E 484 -44.39 -16.94 7.47
CA VAL E 484 -45.50 -16.58 8.36
C VAL E 484 -46.71 -16.27 7.48
N THR E 485 -47.88 -16.72 7.91
CA THR E 485 -49.10 -16.60 7.11
C THR E 485 -50.24 -16.05 7.95
N TRP E 486 -49.97 -15.03 8.76
CA TRP E 486 -51.02 -14.30 9.47
C TRP E 486 -51.75 -15.19 10.47
N ASP E 487 -51.32 -16.44 10.62
CA ASP E 487 -52.02 -17.40 11.47
C ASP E 487 -51.40 -17.54 12.84
N ASP E 488 -50.06 -17.55 12.92
CA ASP E 488 -49.40 -17.66 14.21
C ASP E 488 -49.68 -16.46 15.10
N VAL E 489 -49.96 -15.30 14.49
CA VAL E 489 -50.21 -14.09 15.26
C VAL E 489 -51.56 -14.22 15.95
N GLY E 490 -51.58 -13.91 17.24
CA GLY E 490 -52.80 -13.99 18.04
C GLY E 490 -53.10 -12.64 18.67
N GLY E 491 -54.37 -12.27 18.67
CA GLY E 491 -54.77 -11.00 19.25
C GLY E 491 -54.38 -9.84 18.35
N LEU E 492 -54.51 -8.63 18.90
CA LEU E 492 -54.15 -7.40 18.20
C LEU E 492 -54.94 -7.30 16.89
N ASP E 493 -56.24 -7.49 16.98
CA ASP E 493 -57.06 -7.56 15.78
C ASP E 493 -57.09 -6.22 15.04
N GLU E 494 -57.36 -5.14 15.76
CA GLU E 494 -57.45 -3.83 15.10
C GLU E 494 -56.10 -3.41 14.52
N ILE E 495 -55.01 -3.68 15.24
CA ILE E 495 -53.69 -3.33 14.74
C ILE E 495 -53.38 -4.14 13.49
N LYS E 496 -53.73 -5.42 13.50
CA LYS E 496 -53.52 -6.25 12.32
C LYS E 496 -54.32 -5.70 11.13
N GLU E 497 -55.57 -5.31 11.37
CA GLU E 497 -56.40 -4.78 10.29
C GLU E 497 -55.79 -3.51 9.73
N GLU E 498 -55.35 -2.59 10.62
CA GLU E 498 -54.77 -1.35 10.14
C GLU E 498 -53.50 -1.61 9.35
N LEU E 499 -52.65 -2.52 9.83
CA LEU E 499 -51.40 -2.79 9.14
C LEU E 499 -51.64 -3.37 7.76
N LYS E 500 -52.52 -4.38 7.67
CA LYS E 500 -52.80 -4.97 6.37
C LYS E 500 -53.45 -3.94 5.45
N GLU E 501 -54.31 -3.09 6.00
CA GLU E 501 -54.93 -2.04 5.21
C GLU E 501 -53.87 -1.12 4.59
N THR E 502 -52.97 -0.62 5.42
CA THR E 502 -52.01 0.38 4.95
C THR E 502 -50.83 -0.21 4.21
N VAL E 503 -50.68 -1.53 4.21
CA VAL E 503 -49.58 -2.17 3.48
C VAL E 503 -50.06 -2.76 2.17
N GLU E 504 -51.31 -3.22 2.13
CA GLU E 504 -51.76 -4.01 0.99
C GLU E 504 -52.21 -3.12 -0.16
N TYR E 505 -53.01 -2.10 0.12
CA TYR E 505 -53.54 -1.25 -0.94
C TYR E 505 -52.46 -0.64 -1.82
N PRO E 506 -51.33 -0.16 -1.28
CA PRO E 506 -50.30 0.39 -2.17
C PRO E 506 -49.83 -0.57 -3.23
N VAL E 507 -49.91 -1.87 -3.00
CA VAL E 507 -49.41 -2.87 -3.93
C VAL E 507 -50.54 -3.70 -4.53
N LEU E 508 -51.55 -4.07 -3.73
CA LEU E 508 -52.66 -4.84 -4.25
C LEU E 508 -53.42 -4.07 -5.32
N HIS E 509 -53.92 -2.88 -4.97
CA HIS E 509 -54.76 -2.08 -5.86
C HIS E 509 -54.16 -0.68 -5.95
N PRO E 510 -53.07 -0.51 -6.71
CA PRO E 510 -52.50 0.84 -6.87
C PRO E 510 -53.26 1.69 -7.88
N ASP E 511 -54.07 1.07 -8.74
CA ASP E 511 -54.84 1.84 -9.71
C ASP E 511 -55.73 2.86 -8.99
N GLN E 512 -56.29 2.48 -7.85
CA GLN E 512 -57.14 3.41 -7.13
C GLN E 512 -56.35 4.62 -6.64
N TYR E 513 -55.16 4.38 -6.11
CA TYR E 513 -54.30 5.50 -5.71
C TYR E 513 -53.97 6.39 -6.89
N THR E 514 -53.53 5.80 -8.01
CA THR E 514 -53.06 6.62 -9.11
C THR E 514 -54.21 7.37 -9.78
N LYS E 515 -55.43 6.86 -9.70
CA LYS E 515 -56.56 7.66 -10.15
C LYS E 515 -56.96 8.73 -9.15
N PHE E 516 -56.79 8.45 -7.85
CA PHE E 516 -56.95 9.49 -6.84
C PHE E 516 -55.75 10.43 -6.76
N GLY E 517 -54.66 10.09 -7.44
CA GLY E 517 -53.50 10.96 -7.50
C GLY E 517 -52.97 11.37 -6.14
N LEU E 518 -52.55 10.39 -5.34
CA LEU E 518 -51.98 10.66 -4.03
C LEU E 518 -51.09 9.48 -3.64
N SER E 519 -49.99 9.78 -2.98
CA SER E 519 -49.06 8.74 -2.58
C SER E 519 -49.56 8.04 -1.31
N PRO E 520 -49.03 6.85 -1.02
CA PRO E 520 -49.44 6.14 0.19
C PRO E 520 -48.52 6.44 1.38
N SER E 521 -49.11 6.36 2.56
CA SER E 521 -48.32 6.44 3.78
C SER E 521 -47.38 5.25 3.88
N LYS E 522 -46.20 5.49 4.46
CA LYS E 522 -45.15 4.48 4.48
C LYS E 522 -44.69 4.11 5.88
N GLY E 523 -44.50 5.09 6.77
CA GLY E 523 -43.88 4.80 8.05
C GLY E 523 -44.86 4.29 9.08
N VAL E 524 -44.36 3.45 9.97
CA VAL E 524 -45.11 2.99 11.13
C VAL E 524 -44.14 2.86 12.30
N LEU E 525 -44.65 3.04 13.51
CA LEU E 525 -43.82 2.90 14.72
C LEU E 525 -44.61 2.24 15.83
N PHE E 526 -44.14 1.08 16.28
CA PHE E 526 -44.63 0.47 17.51
C PHE E 526 -43.76 0.90 18.69
N TYR E 527 -44.37 0.83 19.87
CA TYR E 527 -43.69 1.17 21.11
C TYR E 527 -44.48 0.59 22.28
N GLY E 528 -43.75 -0.02 23.21
CA GLY E 528 -44.36 -0.64 24.36
C GLY E 528 -43.38 -1.55 25.07
N PRO E 529 -43.88 -2.40 25.95
CA PRO E 529 -43.00 -3.37 26.62
C PRO E 529 -42.39 -4.34 25.63
N PRO E 530 -41.39 -5.09 26.04
CA PRO E 530 -40.70 -5.99 25.11
C PRO E 530 -41.42 -7.31 24.96
N GLY E 531 -40.93 -8.11 24.02
CA GLY E 531 -41.49 -9.45 23.84
C GLY E 531 -42.99 -9.44 23.66
N THR E 532 -43.51 -8.51 22.87
CA THR E 532 -44.94 -8.41 22.64
C THR E 532 -45.37 -8.95 21.29
N GLY E 533 -44.45 -9.01 20.33
CA GLY E 533 -44.73 -9.54 19.02
C GLY E 533 -44.54 -8.51 17.92
N LYS E 534 -43.75 -7.47 18.22
CA LYS E 534 -43.56 -6.41 17.25
C LYS E 534 -42.83 -6.93 16.02
N THR E 535 -41.68 -7.58 16.24
CA THR E 535 -40.94 -8.14 15.11
C THR E 535 -41.73 -9.26 14.45
N LEU E 536 -42.46 -10.05 15.25
CA LEU E 536 -43.30 -11.08 14.66
C LEU E 536 -44.40 -10.47 13.80
N LEU E 537 -45.00 -9.38 14.27
CA LEU E 537 -46.00 -8.69 13.46
C LEU E 537 -45.40 -8.16 12.16
N ALA E 538 -44.19 -7.60 12.25
CA ALA E 538 -43.53 -7.11 11.05
C ALA E 538 -43.28 -8.25 10.07
N LYS E 539 -42.80 -9.39 10.55
CA LYS E 539 -42.58 -10.53 9.68
C LYS E 539 -43.88 -11.00 9.06
N ALA E 540 -44.96 -11.03 9.84
CA ALA E 540 -46.24 -11.48 9.32
C ALA E 540 -46.73 -10.57 8.21
N VAL E 541 -46.61 -9.25 8.39
CA VAL E 541 -47.06 -8.33 7.35
C VAL E 541 -46.17 -8.41 6.13
N ALA E 542 -44.87 -8.65 6.33
CA ALA E 542 -43.98 -8.80 5.19
C ALA E 542 -44.32 -10.04 4.39
N THR E 543 -44.71 -11.12 5.08
CA THR E 543 -45.05 -12.36 4.38
C THR E 543 -46.42 -12.29 3.72
N GLU E 544 -47.37 -11.55 4.30
CA GLU E 544 -48.68 -11.45 3.68
C GLU E 544 -48.56 -10.85 2.29
N VAL E 545 -47.75 -9.82 2.13
CA VAL E 545 -47.44 -9.26 0.83
C VAL E 545 -46.27 -10.04 0.26
N SER E 546 -46.09 -9.93 -1.07
CA SER E 546 -44.98 -10.58 -1.75
C SER E 546 -43.73 -9.71 -1.79
N ALA E 547 -43.55 -8.83 -0.80
CA ALA E 547 -42.38 -7.96 -0.75
C ALA E 547 -41.25 -8.64 0.01
N ASN E 548 -40.11 -7.98 0.03
CA ASN E 548 -38.95 -8.48 0.75
C ASN E 548 -39.03 -8.03 2.20
N PHE E 549 -37.98 -8.28 2.97
CA PHE E 549 -37.98 -7.93 4.39
C PHE E 549 -36.53 -7.83 4.87
N ILE E 550 -36.12 -6.63 5.28
CA ILE E 550 -34.80 -6.39 5.81
C ILE E 550 -34.96 -5.97 7.27
N SER E 551 -34.59 -6.85 8.19
CA SER E 551 -34.67 -6.58 9.62
C SER E 551 -33.26 -6.36 10.14
N VAL E 552 -33.02 -5.22 10.76
CA VAL E 552 -31.73 -4.88 11.35
C VAL E 552 -31.95 -4.36 12.77
N LYS E 553 -30.94 -4.58 13.60
CA LYS E 553 -30.95 -4.10 14.97
C LYS E 553 -30.22 -2.76 15.04
N GLY E 554 -30.47 -2.03 16.11
CA GLY E 554 -29.90 -0.70 16.26
C GLY E 554 -28.39 -0.75 16.37
N PRO E 555 -27.88 -1.33 17.45
CA PRO E 555 -26.43 -1.36 17.63
C PRO E 555 -25.70 -2.15 16.55
N GLU E 556 -26.41 -2.99 15.79
CA GLU E 556 -25.74 -3.84 14.83
C GLU E 556 -25.09 -3.07 13.69
N LEU E 557 -25.41 -1.78 13.52
CA LEU E 557 -24.89 -0.99 12.42
C LEU E 557 -23.82 0.01 12.82
N LEU E 558 -23.75 0.36 14.11
CA LEU E 558 -22.76 1.32 14.56
C LEU E 558 -21.35 0.78 14.42
N SER E 559 -20.41 1.67 14.17
CA SER E 559 -19.00 1.33 14.07
C SER E 559 -18.19 2.37 14.82
N MET E 560 -17.00 1.98 15.26
CA MET E 560 -16.12 2.88 15.98
C MET E 560 -15.36 3.81 15.05
N TRP E 561 -15.45 3.59 13.75
CA TRP E 561 -14.72 4.38 12.77
C TRP E 561 -15.53 5.60 12.39
N TYR E 562 -14.93 6.47 11.58
CA TYR E 562 -15.54 7.73 11.17
C TYR E 562 -16.16 7.57 9.80
N GLY E 563 -17.47 7.75 9.74
CA GLY E 563 -18.20 7.66 8.49
C GLY E 563 -18.68 6.28 8.11
N GLU E 564 -18.58 5.32 9.02
CA GLU E 564 -18.93 3.93 8.70
C GLU E 564 -20.38 3.62 9.01
N SER E 565 -20.92 4.17 10.09
CA SER E 565 -22.32 3.95 10.42
C SER E 565 -23.22 4.54 9.33
N GLU E 566 -22.91 5.75 8.89
CA GLU E 566 -23.71 6.38 7.85
C GLU E 566 -23.59 5.61 6.55
N SER E 567 -22.40 5.08 6.26
CA SER E 567 -22.25 4.23 5.09
C SER E 567 -23.14 3.00 5.19
N ASN E 568 -23.22 2.39 6.38
CA ASN E 568 -24.09 1.23 6.56
C ASN E 568 -25.54 1.61 6.31
N ILE E 569 -25.98 2.75 6.85
CA ILE E 569 -27.37 3.18 6.67
C ILE E 569 -27.66 3.39 5.18
N ARG E 570 -26.75 4.08 4.49
CA ARG E 570 -26.95 4.32 3.07
C ARG E 570 -26.99 3.02 2.29
N ASP E 571 -26.12 2.07 2.62
CA ASP E 571 -26.11 0.79 1.91
C ASP E 571 -27.41 0.03 2.13
N ILE E 572 -27.90 -0.01 3.37
CA ILE E 572 -29.15 -0.73 3.63
C ILE E 572 -30.29 -0.10 2.83
N PHE E 573 -30.38 1.24 2.85
CA PHE E 573 -31.52 1.85 2.18
C PHE E 573 -31.39 1.76 0.66
N ASP E 574 -30.16 1.74 0.14
CA ASP E 574 -29.98 1.54 -1.29
C ASP E 574 -30.38 0.12 -1.69
N LYS E 575 -30.05 -0.87 -0.86
CA LYS E 575 -30.51 -2.22 -1.14
C LYS E 575 -32.03 -2.31 -1.06
N ALA E 576 -32.63 -1.61 -0.10
CA ALA E 576 -34.08 -1.64 0.03
C ALA E 576 -34.77 -1.02 -1.19
N ARG E 577 -34.26 0.12 -1.65
CA ARG E 577 -34.89 0.77 -2.80
C ARG E 577 -34.65 0.00 -4.09
N ALA E 578 -33.56 -0.77 -4.16
CA ALA E 578 -33.24 -1.50 -5.37
C ALA E 578 -34.14 -2.71 -5.58
N ALA E 579 -34.93 -3.11 -4.58
CA ALA E 579 -35.84 -4.24 -4.69
C ALA E 579 -37.16 -3.86 -4.04
N ALA E 580 -38.05 -3.29 -4.83
CA ALA E 580 -39.35 -2.84 -4.35
C ALA E 580 -40.43 -3.83 -4.76
N PRO E 581 -41.50 -3.98 -3.96
CA PRO E 581 -41.75 -3.32 -2.67
C PRO E 581 -40.89 -3.95 -1.59
N THR E 582 -40.66 -3.24 -0.49
CA THR E 582 -39.76 -3.74 0.55
C THR E 582 -40.21 -3.21 1.90
N VAL E 583 -40.15 -4.07 2.91
CA VAL E 583 -40.43 -3.68 4.29
C VAL E 583 -39.11 -3.68 5.04
N VAL E 584 -38.70 -2.51 5.52
CA VAL E 584 -37.51 -2.36 6.33
C VAL E 584 -37.95 -2.24 7.77
N PHE E 585 -37.32 -3.00 8.65
CA PHE E 585 -37.69 -3.05 10.06
C PHE E 585 -36.50 -2.62 10.90
N LEU E 586 -36.67 -1.53 11.64
CA LEU E 586 -35.64 -1.01 12.52
C LEU E 586 -36.05 -1.31 13.96
N ASP E 587 -35.32 -2.21 14.59
CA ASP E 587 -35.58 -2.58 15.98
C ASP E 587 -34.69 -1.75 16.91
N GLU E 588 -35.21 -1.47 18.09
CA GLU E 588 -34.52 -0.62 19.06
C GLU E 588 -34.14 0.71 18.43
N LEU E 589 -35.16 1.39 17.90
CA LEU E 589 -34.93 2.65 17.21
C LEU E 589 -34.34 3.70 18.14
N ASP E 590 -34.59 3.57 19.45
CA ASP E 590 -34.04 4.54 20.39
C ASP E 590 -32.52 4.52 20.36
N SER E 591 -31.92 3.33 20.21
CA SER E 591 -30.47 3.25 20.22
C SER E 591 -29.86 3.97 19.03
N ILE E 592 -30.50 3.88 17.87
CA ILE E 592 -29.95 4.45 16.65
C ILE E 592 -30.42 5.89 16.44
N ALA E 593 -31.73 6.14 16.56
CA ALA E 593 -32.29 7.47 16.33
C ALA E 593 -32.45 8.23 17.64
N LYS E 594 -31.34 8.39 18.36
CA LYS E 594 -31.41 9.09 19.63
C LYS E 594 -31.59 10.59 19.39
N ALA E 595 -32.13 11.27 20.40
CA ALA E 595 -32.35 12.70 20.27
C ALA E 595 -31.02 13.41 20.07
N ARG E 596 -30.96 14.25 19.03
CA ARG E 596 -29.71 14.96 18.74
C ARG E 596 -29.34 15.89 19.89
N GLY E 597 -30.27 16.76 20.28
CA GLY E 597 -30.13 17.57 21.48
C GLY E 597 -28.74 18.10 21.74
N GLY E 598 -28.22 17.81 22.94
CA GLY E 598 -26.86 18.17 23.29
C GLY E 598 -26.11 17.07 24.02
N SER E 599 -24.99 16.64 23.46
CA SER E 599 -24.18 15.59 24.06
C SER E 599 -22.71 15.95 24.21
N LEU E 600 -22.21 16.93 23.45
CA LEU E 600 -20.84 17.42 23.55
C LEU E 600 -19.84 16.28 23.72
N GLY E 601 -19.79 15.42 22.72
CA GLY E 601 -18.82 14.33 22.72
C GLY E 601 -18.71 13.72 21.34
N ASP E 602 -17.64 12.94 21.16
CA ASP E 602 -17.44 12.25 19.90
C ASP E 602 -18.58 11.27 19.63
N ALA E 603 -18.99 10.53 20.67
CA ALA E 603 -20.17 9.68 20.52
C ALA E 603 -21.41 10.52 20.21
N GLY E 604 -21.50 11.70 20.81
CA GLY E 604 -22.58 12.61 20.45
C GLY E 604 -22.54 13.02 18.99
N GLY E 605 -21.34 13.30 18.48
CA GLY E 605 -21.22 13.64 17.08
C GLY E 605 -21.62 12.49 16.18
N ALA E 606 -21.20 11.27 16.51
CA ALA E 606 -21.59 10.12 15.71
C ALA E 606 -23.09 9.91 15.74
N SER E 607 -23.71 10.04 16.92
CA SER E 607 -25.15 9.89 17.01
C SER E 607 -25.87 10.95 16.18
N ASP E 608 -25.40 12.18 16.24
CA ASP E 608 -26.02 13.24 15.44
C ASP E 608 -25.89 12.94 13.95
N ARG E 609 -24.71 12.49 13.53
CA ARG E 609 -24.50 12.21 12.11
C ARG E 609 -25.39 11.08 11.64
N VAL E 610 -25.50 10.00 12.42
CA VAL E 610 -26.34 8.88 11.99
C VAL E 610 -27.81 9.28 11.99
N VAL E 611 -28.23 10.10 12.97
CA VAL E 611 -29.60 10.57 12.98
C VAL E 611 -29.89 11.38 11.73
N ASN E 612 -28.97 12.28 11.36
CA ASN E 612 -29.19 13.09 10.18
C ASN E 612 -29.20 12.24 8.92
N GLN E 613 -28.36 11.21 8.87
CA GLN E 613 -28.39 10.30 7.73
C GLN E 613 -29.75 9.60 7.63
N LEU E 614 -30.30 9.17 8.76
CA LEU E 614 -31.63 8.58 8.73
C LEU E 614 -32.67 9.57 8.23
N LEU E 615 -32.61 10.81 8.74
CA LEU E 615 -33.57 11.82 8.33
C LEU E 615 -33.53 12.02 6.81
N THR E 616 -32.34 12.14 6.25
CA THR E 616 -32.22 12.44 4.83
C THR E 616 -32.43 11.21 3.96
N GLU E 617 -32.33 10.01 4.52
CA GLU E 617 -32.55 8.81 3.73
C GLU E 617 -33.99 8.35 3.73
N MET E 618 -34.70 8.58 4.83
CA MET E 618 -36.12 8.23 4.87
C MET E 618 -36.97 9.22 4.07
N ASP E 619 -36.64 10.50 4.12
CA ASP E 619 -37.37 11.52 3.37
C ASP E 619 -36.40 12.63 3.02
N GLY E 620 -35.87 12.59 1.81
CA GLY E 620 -34.94 13.61 1.33
C GLY E 620 -35.09 13.84 -0.14
N MET E 621 -33.97 13.97 -0.84
CA MET E 621 -33.96 14.17 -2.29
C MET E 621 -33.99 12.81 -3.01
N ASN E 622 -35.05 12.07 -2.75
CA ASN E 622 -35.21 10.72 -3.27
C ASN E 622 -36.54 10.62 -4.01
N ALA E 623 -36.74 9.48 -4.66
CA ALA E 623 -37.99 9.21 -5.37
C ALA E 623 -39.02 8.51 -4.50
N LYS E 624 -38.57 7.78 -3.48
CA LYS E 624 -39.46 7.08 -2.57
C LYS E 624 -40.47 6.23 -3.32
N LYS E 625 -39.94 5.35 -4.18
CA LYS E 625 -40.82 4.58 -5.06
C LYS E 625 -41.71 3.65 -4.26
N ASN E 626 -41.13 2.73 -3.49
CA ASN E 626 -41.94 1.86 -2.62
C ASN E 626 -41.01 1.30 -1.54
N VAL E 627 -41.09 1.87 -0.34
CA VAL E 627 -40.37 1.35 0.81
C VAL E 627 -41.20 1.63 2.05
N PHE E 628 -41.43 0.60 2.86
CA PHE E 628 -42.24 0.72 4.07
C PHE E 628 -41.32 0.57 5.28
N VAL E 629 -41.09 1.68 5.97
CA VAL E 629 -40.24 1.68 7.15
C VAL E 629 -41.11 1.42 8.38
N ILE E 630 -40.70 0.46 9.19
CA ILE E 630 -41.41 0.10 10.41
C ILE E 630 -40.40 0.12 11.54
N GLY E 631 -40.66 0.94 12.54
CA GLY E 631 -39.80 1.08 13.70
C GLY E 631 -40.44 0.39 14.88
N ALA E 632 -39.60 -0.20 15.73
CA ALA E 632 -40.05 -0.80 16.97
C ALA E 632 -39.13 -0.33 18.08
N THR E 633 -39.69 0.34 19.09
CA THR E 633 -38.85 0.89 20.14
C THR E 633 -39.40 0.49 21.50
N ASN E 634 -38.60 0.79 22.53
CA ASN E 634 -38.99 0.54 23.92
C ASN E 634 -38.98 1.79 24.77
N ARG E 635 -38.43 2.89 24.28
CA ARG E 635 -38.42 4.17 24.99
C ARG E 635 -38.86 5.23 24.00
N PRO E 636 -40.17 5.48 23.90
CA PRO E 636 -40.63 6.43 22.87
C PRO E 636 -40.25 7.87 23.15
N ASP E 637 -39.74 8.16 24.35
CA ASP E 637 -39.39 9.53 24.74
C ASP E 637 -37.98 9.92 24.33
N GLN E 638 -37.14 8.95 23.95
CA GLN E 638 -35.74 9.21 23.64
C GLN E 638 -35.50 9.38 22.15
N ILE E 639 -36.54 9.70 21.38
CA ILE E 639 -36.42 9.90 19.93
C ILE E 639 -36.73 11.36 19.63
N ASP E 640 -35.94 11.96 18.74
CA ASP E 640 -36.10 13.36 18.44
C ASP E 640 -37.43 13.60 17.73
N PRO E 641 -37.94 14.82 17.78
CA PRO E 641 -39.22 15.15 17.10
C PRO E 641 -39.02 15.49 15.63
N ALA E 642 -38.22 14.70 14.94
CA ALA E 642 -38.05 14.81 13.50
C ALA E 642 -38.15 13.47 12.79
N ILE E 643 -37.91 12.37 13.48
CA ILE E 643 -38.21 11.05 12.91
C ILE E 643 -39.70 10.76 13.00
N LEU E 644 -40.38 11.31 14.01
CA LEU E 644 -41.81 11.10 14.19
C LEU E 644 -42.65 12.04 13.35
N ARG E 645 -42.03 12.91 12.57
CA ARG E 645 -42.78 13.79 11.69
C ARG E 645 -43.59 12.97 10.69
N PRO E 646 -44.84 13.34 10.41
CA PRO E 646 -45.58 12.65 9.35
C PRO E 646 -44.83 12.73 8.03
N GLY E 647 -44.86 11.64 7.29
CA GLY E 647 -44.04 11.48 6.11
C GLY E 647 -42.79 10.64 6.35
N ARG E 648 -42.41 10.44 7.60
CA ARG E 648 -41.34 9.53 7.96
C ARG E 648 -41.84 8.35 8.77
N LEU E 649 -42.47 8.61 9.92
CA LEU E 649 -43.07 7.58 10.76
C LEU E 649 -44.44 8.05 11.23
N ASP E 650 -45.27 8.47 10.29
CA ASP E 650 -46.53 9.14 10.63
C ASP E 650 -47.36 8.33 11.61
N GLN E 651 -47.46 7.02 11.40
CA GLN E 651 -48.28 6.18 12.26
C GLN E 651 -47.54 5.82 13.54
N LEU E 652 -48.15 6.10 14.69
CA LEU E 652 -47.64 5.71 16.00
C LEU E 652 -48.70 4.86 16.67
N ILE E 653 -48.45 3.56 16.78
CA ILE E 653 -49.46 2.62 17.28
C ILE E 653 -48.89 1.83 18.45
N TYR E 654 -49.44 2.04 19.63
CA TYR E 654 -49.01 1.38 20.86
C TYR E 654 -49.51 -0.05 20.90
N VAL E 655 -48.59 -1.00 21.03
CA VAL E 655 -48.94 -2.42 21.14
C VAL E 655 -49.10 -2.75 22.61
N PRO E 656 -50.30 -3.08 23.09
CA PRO E 656 -50.49 -3.33 24.52
C PRO E 656 -50.31 -4.79 24.89
N LEU E 657 -50.44 -5.11 26.18
CA LEU E 657 -50.36 -6.49 26.63
C LEU E 657 -51.63 -7.24 26.24
N PRO E 658 -51.57 -8.57 26.17
CA PRO E 658 -52.74 -9.34 25.75
C PRO E 658 -53.73 -9.53 26.89
N ASP E 659 -55.01 -9.49 26.53
CA ASP E 659 -56.09 -9.71 27.48
C ASP E 659 -56.47 -11.20 27.49
N GLU E 660 -57.46 -11.55 28.32
CA GLU E 660 -57.86 -12.94 28.46
C GLU E 660 -58.20 -13.55 27.11
N ASN E 661 -59.06 -12.89 26.33
CA ASN E 661 -59.35 -13.36 24.99
C ASN E 661 -58.10 -13.41 24.14
N ALA E 662 -57.18 -12.45 24.34
CA ALA E 662 -55.93 -12.49 23.61
C ALA E 662 -55.08 -13.67 24.05
N ARG E 663 -55.15 -14.06 25.32
CA ARG E 663 -54.44 -15.26 25.75
C ARG E 663 -55.07 -16.51 25.13
N LEU E 664 -56.39 -16.54 25.01
CA LEU E 664 -57.03 -17.64 24.30
C LEU E 664 -56.50 -17.72 22.87
N SER E 665 -56.44 -16.57 22.20
CA SER E 665 -56.00 -16.55 20.81
C SER E 665 -54.55 -16.98 20.70
N ILE E 666 -53.69 -16.53 21.62
CA ILE E 666 -52.27 -16.86 21.52
C ILE E 666 -52.05 -18.33 21.82
N LEU E 667 -52.79 -18.89 22.79
CA LEU E 667 -52.67 -20.32 23.04
C LEU E 667 -53.16 -21.13 21.84
N ASN E 668 -54.25 -20.69 21.21
CA ASN E 668 -54.76 -21.43 20.06
C ASN E 668 -53.82 -21.34 18.86
N ALA E 669 -53.16 -20.19 18.68
CA ALA E 669 -52.30 -20.01 17.52
C ALA E 669 -50.91 -20.59 17.73
N GLN E 670 -50.46 -20.66 18.99
CA GLN E 670 -49.16 -21.26 19.26
C GLN E 670 -49.21 -22.76 19.06
N LEU E 671 -50.27 -23.41 19.51
CA LEU E 671 -50.41 -24.86 19.40
C LEU E 671 -51.30 -25.20 18.20
N ARG E 672 -50.72 -25.04 17.01
CA ARG E 672 -51.37 -25.45 15.77
C ARG E 672 -50.95 -26.85 15.38
N LYS E 673 -49.64 -27.06 15.17
CA LYS E 673 -49.10 -28.38 14.86
C LYS E 673 -48.55 -28.96 16.16
N THR E 674 -49.45 -29.43 17.01
CA THR E 674 -49.10 -30.03 18.28
C THR E 674 -50.19 -31.00 18.68
N PRO E 675 -49.86 -32.10 19.37
CA PRO E 675 -50.88 -33.06 19.77
C PRO E 675 -51.71 -32.59 20.95
N LEU E 682 -57.53 -24.96 28.05
CA LEU E 682 -56.60 -23.88 27.76
C LEU E 682 -57.02 -22.61 28.49
N THR E 683 -58.32 -22.47 28.74
CA THR E 683 -58.84 -21.30 29.44
C THR E 683 -58.28 -21.23 30.86
N ALA E 684 -58.11 -22.38 31.51
CA ALA E 684 -57.59 -22.38 32.87
C ALA E 684 -56.20 -21.77 32.94
N ILE E 685 -55.34 -22.12 31.99
CA ILE E 685 -53.99 -21.55 31.96
C ILE E 685 -54.00 -20.15 31.36
N ALA E 686 -55.03 -19.79 30.60
CA ALA E 686 -55.12 -18.45 30.06
C ALA E 686 -55.46 -17.44 31.16
N LYS E 687 -56.31 -17.83 32.10
CA LYS E 687 -56.65 -16.96 33.22
C LYS E 687 -55.57 -16.92 34.29
N ALA E 688 -54.55 -17.78 34.18
CA ALA E 688 -53.48 -17.85 35.17
C ALA E 688 -52.25 -17.08 34.74
N THR E 689 -52.38 -16.17 33.77
CA THR E 689 -51.25 -15.38 33.31
C THR E 689 -51.17 -14.05 34.04
N GLN E 690 -52.26 -13.27 34.00
CA GLN E 690 -52.34 -12.00 34.72
C GLN E 690 -51.23 -11.05 34.28
N GLY E 691 -51.24 -10.71 32.99
CA GLY E 691 -50.34 -9.71 32.48
C GLY E 691 -48.96 -10.20 32.11
N PHE E 692 -48.87 -11.35 31.46
CA PHE E 692 -47.60 -11.84 30.93
C PHE E 692 -47.44 -11.42 29.47
N SER E 693 -46.25 -11.65 28.95
CA SER E 693 -45.93 -11.35 27.56
C SER E 693 -45.93 -12.64 26.75
N GLY E 694 -46.00 -12.49 25.43
CA GLY E 694 -46.02 -13.66 24.57
C GLY E 694 -44.76 -14.49 24.70
N ALA E 695 -43.64 -13.87 25.02
CA ALA E 695 -42.40 -14.61 25.19
C ALA E 695 -42.52 -15.61 26.34
N ASP E 696 -43.19 -15.22 27.42
CA ASP E 696 -43.38 -16.14 28.53
C ASP E 696 -44.20 -17.35 28.10
N LEU E 697 -45.26 -17.12 27.32
CA LEU E 697 -46.07 -18.24 26.84
C LEU E 697 -45.28 -19.13 25.89
N LEU E 698 -44.44 -18.54 25.05
CA LEU E 698 -43.57 -19.35 24.21
C LEU E 698 -42.63 -20.19 25.05
N TYR E 699 -42.10 -19.61 26.13
CA TYR E 699 -41.22 -20.36 27.01
C TYR E 699 -41.95 -21.53 27.65
N ILE E 700 -43.19 -21.30 28.09
CA ILE E 700 -43.99 -22.38 28.66
C ILE E 700 -44.20 -23.49 27.64
N VAL E 701 -44.57 -23.11 26.41
CA VAL E 701 -44.83 -24.11 25.38
C VAL E 701 -43.57 -24.90 25.04
N GLN E 702 -42.44 -24.22 24.91
CA GLN E 702 -41.20 -24.94 24.59
C GLN E 702 -40.81 -25.88 25.73
N ARG E 703 -40.98 -25.44 26.98
CA ARG E 703 -40.67 -26.34 28.10
C ARG E 703 -41.57 -27.57 28.08
N ALA E 704 -42.87 -27.37 27.81
CA ALA E 704 -43.77 -28.51 27.72
C ALA E 704 -43.35 -29.46 26.59
N ALA E 705 -42.97 -28.91 25.44
CA ALA E 705 -42.53 -29.75 24.33
C ALA E 705 -41.26 -30.51 24.69
N LYS E 706 -40.33 -29.85 25.38
CA LYS E 706 -39.10 -30.51 25.78
C LYS E 706 -39.39 -31.66 26.73
N TYR E 707 -40.30 -31.46 27.67
CA TYR E 707 -40.64 -32.55 28.58
C TYR E 707 -41.38 -33.67 27.86
N ALA E 708 -42.19 -33.34 26.85
CA ALA E 708 -42.84 -34.37 26.05
C ALA E 708 -41.81 -35.19 25.29
N ILE E 709 -40.80 -34.54 24.73
CA ILE E 709 -39.72 -35.28 24.07
C ILE E 709 -38.98 -36.16 25.06
N LYS E 710 -38.70 -35.62 26.25
CA LYS E 710 -37.99 -36.41 27.26
C LYS E 710 -38.81 -37.63 27.67
N ASP E 711 -40.11 -37.46 27.86
CA ASP E 711 -40.98 -38.56 28.24
C ASP E 711 -41.16 -39.54 27.08
N TYR E 752 -48.90 -37.81 23.15
CA TYR E 752 -49.47 -36.47 23.07
C TYR E 752 -49.06 -35.62 24.26
N ILE E 753 -49.37 -34.33 24.21
CA ILE E 753 -49.02 -33.43 25.30
C ILE E 753 -49.97 -33.68 26.47
N THR E 754 -49.41 -34.03 27.62
CA THR E 754 -50.20 -34.39 28.79
C THR E 754 -50.52 -33.16 29.62
N LYS E 755 -51.55 -33.29 30.47
CA LYS E 755 -51.93 -32.20 31.34
C LYS E 755 -50.92 -31.99 32.46
N GLU E 756 -50.25 -33.07 32.90
CA GLU E 756 -49.28 -32.95 33.97
C GLU E 756 -48.12 -32.02 33.59
N HIS E 757 -47.73 -32.02 32.32
CA HIS E 757 -46.67 -31.11 31.88
C HIS E 757 -47.07 -29.66 32.09
N PHE E 758 -48.30 -29.31 31.72
CA PHE E 758 -48.78 -27.95 31.93
C PHE E 758 -48.93 -27.66 33.42
N ALA E 759 -49.36 -28.66 34.20
CA ALA E 759 -49.53 -28.45 35.63
C ALA E 759 -48.19 -28.14 36.31
N GLU E 760 -47.15 -28.89 35.94
CA GLU E 760 -45.83 -28.67 36.52
C GLU E 760 -45.08 -27.50 35.90
N ALA E 761 -45.51 -27.04 34.72
CA ALA E 761 -44.85 -25.93 34.06
C ALA E 761 -45.36 -24.58 34.53
N MET E 762 -46.58 -24.52 35.07
CA MET E 762 -47.12 -23.25 35.52
C MET E 762 -46.33 -22.68 36.69
N LYS E 763 -45.72 -23.55 37.50
CA LYS E 763 -44.96 -23.08 38.65
C LYS E 763 -43.68 -22.36 38.20
N THR E 764 -43.05 -22.86 37.15
CA THR E 764 -41.82 -22.25 36.65
C THR E 764 -42.13 -21.21 35.58
N VAL E 769 -42.28 -8.70 33.67
CA VAL E 769 -42.39 -7.31 33.28
C VAL E 769 -42.64 -6.45 34.52
N SER E 770 -41.76 -5.48 34.74
CA SER E 770 -41.87 -4.61 35.89
C SER E 770 -43.06 -3.66 35.76
N ASP E 771 -43.64 -3.31 36.91
CA ASP E 771 -44.77 -2.38 36.92
C ASP E 771 -44.36 -0.99 36.48
N ALA E 772 -43.13 -0.58 36.79
CA ALA E 772 -42.67 0.74 36.39
C ALA E 772 -42.72 0.91 34.88
N GLU E 773 -42.28 -0.12 34.14
CA GLU E 773 -42.36 -0.05 32.68
C GLU E 773 -43.80 0.16 32.25
N LEU E 774 -44.74 -0.61 32.83
CA LEU E 774 -46.15 -0.45 32.50
C LEU E 774 -46.59 0.99 32.73
N ARG E 775 -46.21 1.56 33.87
CA ARG E 775 -46.58 2.93 34.18
C ARG E 775 -46.06 3.88 33.11
N ARG E 776 -44.78 3.77 32.78
CA ARG E 776 -44.19 4.67 31.80
C ARG E 776 -44.92 4.56 30.47
N TYR E 777 -45.16 3.33 30.02
CA TYR E 777 -45.80 3.11 28.73
C TYR E 777 -47.19 3.74 28.72
N GLU E 778 -47.98 3.51 29.78
CA GLU E 778 -49.31 4.10 29.81
C GLU E 778 -49.22 5.62 29.86
N ALA E 779 -48.21 6.14 30.56
CA ALA E 779 -48.05 7.58 30.64
C ALA E 779 -47.83 8.17 29.25
N TYR E 780 -46.97 7.52 28.46
CA TYR E 780 -46.69 8.04 27.13
C TYR E 780 -47.89 7.85 26.21
N SER E 781 -48.68 6.80 26.44
CA SER E 781 -49.82 6.56 25.57
C SER E 781 -50.89 7.61 25.84
N GLN E 782 -51.11 7.94 27.11
CA GLN E 782 -52.14 8.90 27.45
C GLN E 782 -51.70 10.31 27.06
N GLN E 783 -50.46 10.68 27.40
CA GLN E 783 -49.95 11.99 27.00
C GLN E 783 -49.99 12.16 25.49
N MET E 784 -49.68 11.10 24.73
CA MET E 784 -49.73 11.19 23.29
C MET E 784 -51.15 11.50 22.81
N LYS E 785 -52.15 10.84 23.39
CA LYS E 785 -53.54 11.06 23.01
C LYS E 785 -53.95 12.49 23.37
N CYS F 219 -17.48 -45.89 1.73
CA CYS F 219 -18.07 -44.85 0.89
C CYS F 219 -19.32 -45.38 0.19
N ARG F 220 -20.23 -45.97 0.98
CA ARG F 220 -21.43 -46.56 0.40
C ARG F 220 -22.31 -45.50 -0.25
N LYS F 221 -22.61 -44.43 0.49
CA LYS F 221 -23.51 -43.40 -0.04
C LYS F 221 -22.88 -42.68 -1.22
N GLN F 222 -21.59 -42.32 -1.11
CA GLN F 222 -20.92 -41.64 -2.20
C GLN F 222 -20.80 -42.56 -3.41
N MET F 223 -20.52 -43.84 -3.18
CA MET F 223 -20.41 -44.77 -4.30
C MET F 223 -21.76 -44.94 -5.00
N ALA F 224 -22.84 -45.01 -4.22
CA ALA F 224 -24.17 -45.12 -4.83
C ALA F 224 -24.52 -43.86 -5.61
N GLN F 225 -24.18 -42.68 -5.07
CA GLN F 225 -24.45 -41.44 -5.77
C GLN F 225 -23.68 -41.37 -7.09
N ILE F 226 -22.41 -41.77 -7.07
CA ILE F 226 -21.60 -41.71 -8.28
C ILE F 226 -22.10 -42.73 -9.29
N ARG F 227 -22.53 -43.90 -8.82
CA ARG F 227 -23.06 -44.91 -9.73
C ARG F 227 -24.35 -44.43 -10.38
N GLU F 228 -25.22 -43.77 -9.62
CA GLU F 228 -26.44 -43.21 -10.19
C GLU F 228 -26.09 -42.13 -11.22
N MET F 229 -25.16 -41.24 -10.86
CA MET F 229 -24.82 -40.13 -11.75
C MET F 229 -24.08 -40.61 -13.00
N VAL F 230 -23.50 -41.81 -12.97
CA VAL F 230 -22.82 -42.35 -14.14
C VAL F 230 -23.69 -43.33 -14.92
N GLU F 231 -24.79 -43.81 -14.35
CA GLU F 231 -25.70 -44.71 -15.03
C GLU F 231 -26.88 -43.99 -15.64
N LEU F 232 -27.57 -43.16 -14.87
CA LEU F 232 -28.76 -42.50 -15.40
C LEU F 232 -28.44 -41.59 -16.58
N PRO F 233 -27.39 -40.78 -16.55
CA PRO F 233 -27.06 -39.96 -17.72
C PRO F 233 -26.24 -40.70 -18.77
N LEU F 234 -25.92 -41.97 -18.56
CA LEU F 234 -25.16 -42.76 -19.51
C LEU F 234 -25.88 -44.03 -19.95
N ARG F 235 -26.85 -44.52 -19.19
CA ARG F 235 -27.59 -45.73 -19.53
C ARG F 235 -28.99 -45.46 -20.03
N HIS F 236 -29.63 -44.40 -19.55
CA HIS F 236 -30.99 -44.04 -19.97
C HIS F 236 -31.02 -42.58 -20.42
N PRO F 237 -30.28 -42.24 -21.47
CA PRO F 237 -30.37 -40.87 -22.01
C PRO F 237 -31.77 -40.53 -22.48
N GLN F 238 -32.51 -41.50 -23.02
CA GLN F 238 -33.87 -41.24 -23.46
C GLN F 238 -34.75 -40.82 -22.29
N LEU F 239 -34.61 -41.50 -21.14
CA LEU F 239 -35.39 -41.13 -19.98
C LEU F 239 -35.04 -39.72 -19.51
N PHE F 240 -33.74 -39.37 -19.51
CA PHE F 240 -33.35 -38.02 -19.12
C PHE F 240 -33.93 -36.98 -20.05
N LYS F 241 -33.90 -37.24 -21.36
CA LYS F 241 -34.49 -36.31 -22.31
C LYS F 241 -35.99 -36.18 -22.10
N ALA F 242 -36.67 -37.30 -21.84
CA ALA F 242 -38.10 -37.26 -21.60
C ALA F 242 -38.42 -36.44 -20.35
N ILE F 243 -37.60 -36.56 -19.31
CA ILE F 243 -37.80 -35.77 -18.10
C ILE F 243 -37.74 -34.28 -18.42
N GLY F 244 -36.83 -33.90 -19.30
CA GLY F 244 -36.70 -32.51 -19.72
C GLY F 244 -35.61 -31.73 -19.01
N ILE F 245 -34.76 -32.39 -18.23
CA ILE F 245 -33.64 -31.75 -17.56
C ILE F 245 -32.36 -32.47 -17.98
N LYS F 246 -31.39 -31.69 -18.48
CA LYS F 246 -30.09 -32.23 -18.86
C LYS F 246 -28.98 -31.43 -18.18
N PRO F 247 -29.05 -31.27 -16.87
CA PRO F 247 -28.03 -30.48 -16.16
C PRO F 247 -26.80 -31.31 -15.85
N PRO F 248 -26.95 -32.62 -15.66
CA PRO F 248 -25.78 -33.44 -15.29
C PRO F 248 -24.79 -33.59 -16.42
N ARG F 249 -23.66 -32.88 -16.34
CA ARG F 249 -22.58 -33.04 -17.31
C ARG F 249 -21.19 -33.05 -16.70
N GLY F 250 -21.01 -32.62 -15.45
CA GLY F 250 -19.71 -32.60 -14.83
C GLY F 250 -19.75 -32.98 -13.37
N VAL F 251 -18.82 -33.84 -12.95
CA VAL F 251 -18.74 -34.31 -11.57
C VAL F 251 -17.33 -34.04 -11.06
N LEU F 252 -17.23 -33.47 -9.87
CA LEU F 252 -15.96 -33.21 -9.20
C LEU F 252 -15.84 -34.11 -7.97
N MET F 253 -14.62 -34.51 -7.66
CA MET F 253 -14.34 -35.36 -6.51
C MET F 253 -13.22 -34.73 -5.70
N TYR F 254 -13.56 -34.20 -4.52
CA TYR F 254 -12.59 -33.58 -3.63
C TYR F 254 -12.57 -34.32 -2.30
N GLY F 255 -11.58 -33.99 -1.48
CA GLY F 255 -11.42 -34.62 -0.18
C GLY F 255 -9.96 -34.77 0.19
N PRO F 256 -9.70 -35.36 1.36
CA PRO F 256 -8.31 -35.58 1.76
C PRO F 256 -7.64 -36.59 0.85
N PRO F 257 -6.32 -36.50 0.69
CA PRO F 257 -5.63 -37.44 -0.18
C PRO F 257 -5.64 -38.85 0.40
N GLY F 258 -5.66 -39.84 -0.49
CA GLY F 258 -5.70 -41.22 -0.08
C GLY F 258 -7.06 -41.61 0.45
N THR F 259 -8.08 -41.52 -0.41
CA THR F 259 -9.44 -41.89 -0.04
C THR F 259 -10.01 -42.88 -1.04
N GLY F 260 -9.52 -42.83 -2.27
CA GLY F 260 -9.94 -43.78 -3.30
C GLY F 260 -10.56 -43.11 -4.50
N LYS F 261 -10.18 -41.85 -4.75
CA LYS F 261 -10.71 -41.15 -5.92
C LYS F 261 -10.20 -41.80 -7.21
N THR F 262 -8.90 -42.10 -7.27
CA THR F 262 -8.38 -42.81 -8.43
C THR F 262 -8.93 -44.23 -8.48
N LEU F 263 -9.12 -44.86 -7.33
CA LEU F 263 -9.72 -46.18 -7.29
C LEU F 263 -11.17 -46.14 -7.77
N MET F 264 -11.91 -45.10 -7.36
CA MET F 264 -13.29 -44.96 -7.83
C MET F 264 -13.33 -44.71 -9.33
N ALA F 265 -12.40 -43.90 -9.84
CA ALA F 265 -12.36 -43.67 -11.28
C ALA F 265 -12.05 -44.95 -12.04
N ARG F 266 -11.11 -45.75 -11.54
CA ARG F 266 -10.79 -47.01 -12.20
C ARG F 266 -11.96 -47.98 -12.13
N ALA F 267 -12.67 -48.00 -11.01
CA ALA F 267 -13.83 -48.88 -10.90
C ALA F 267 -14.94 -48.46 -11.86
N VAL F 268 -15.14 -47.14 -12.02
CA VAL F 268 -16.13 -46.66 -12.97
C VAL F 268 -15.71 -47.03 -14.39
N ALA F 269 -14.43 -46.87 -14.70
CA ALA F 269 -13.95 -47.18 -16.06
C ALA F 269 -14.01 -48.66 -16.35
N ASN F 270 -13.87 -49.52 -15.33
CA ASN F 270 -13.90 -50.96 -15.51
C ASN F 270 -15.28 -51.56 -15.24
N GLU F 271 -16.26 -50.73 -14.88
CA GLU F 271 -17.64 -51.19 -14.71
C GLU F 271 -18.51 -50.85 -15.92
N THR F 272 -18.01 -50.07 -16.87
CA THR F 272 -18.74 -49.69 -18.07
C THR F 272 -17.87 -49.93 -19.28
N GLY F 273 -18.48 -50.40 -20.36
CA GLY F 273 -17.79 -50.62 -21.62
C GLY F 273 -17.61 -49.40 -22.48
N ALA F 274 -17.98 -48.22 -21.98
CA ALA F 274 -17.81 -46.99 -22.74
C ALA F 274 -16.35 -46.58 -22.78
N PHE F 275 -16.07 -45.53 -23.54
CA PHE F 275 -14.71 -45.04 -23.68
C PHE F 275 -14.24 -44.36 -22.40
N PHE F 276 -12.92 -44.33 -22.22
CA PHE F 276 -12.29 -43.73 -21.04
C PHE F 276 -11.04 -43.00 -21.53
N PHE F 277 -11.20 -41.71 -21.81
CA PHE F 277 -10.10 -40.87 -22.29
C PHE F 277 -9.59 -40.07 -21.08
N LEU F 278 -8.68 -40.68 -20.34
CA LEU F 278 -8.09 -40.01 -19.18
C LEU F 278 -7.08 -38.97 -19.63
N ILE F 279 -7.19 -37.77 -19.06
CA ILE F 279 -6.28 -36.67 -19.34
C ILE F 279 -5.80 -36.11 -18.00
N ASN F 280 -4.51 -36.16 -17.75
CA ASN F 280 -3.95 -35.65 -16.51
C ASN F 280 -3.86 -34.13 -16.55
N GLY F 281 -3.46 -33.55 -15.42
CA GLY F 281 -3.39 -32.12 -15.27
C GLY F 281 -2.28 -31.54 -16.12
N PRO F 282 -1.03 -31.86 -15.76
CA PRO F 282 0.13 -31.33 -16.48
C PRO F 282 0.48 -32.07 -17.75
N GLU F 283 -0.37 -33.00 -18.21
CA GLU F 283 -0.13 -33.75 -19.44
C GLU F 283 -0.71 -33.06 -20.66
N VAL F 284 -1.03 -31.77 -20.55
CA VAL F 284 -1.55 -31.00 -21.67
C VAL F 284 -0.52 -30.01 -22.21
N MET F 285 0.48 -29.64 -21.42
CA MET F 285 1.49 -28.69 -21.83
C MET F 285 2.48 -29.36 -22.79
N SER F 286 2.74 -28.68 -23.91
CA SER F 286 3.66 -29.19 -24.93
C SER F 286 4.81 -28.21 -25.17
N LYS F 287 4.51 -26.96 -25.51
CA LYS F 287 5.46 -25.89 -25.81
C LYS F 287 5.16 -25.28 -27.17
N MET F 288 4.34 -25.97 -27.96
CA MET F 288 4.00 -25.47 -29.29
C MET F 288 2.87 -24.45 -29.18
N ALA F 289 2.76 -23.60 -30.19
CA ALA F 289 1.72 -22.58 -30.20
C ALA F 289 0.35 -23.23 -30.03
N GLY F 290 -0.37 -22.81 -29.00
CA GLY F 290 -1.69 -23.35 -28.73
C GLY F 290 -1.75 -24.87 -28.82
N GLU F 291 -0.79 -25.55 -28.20
CA GLU F 291 -0.74 -27.00 -28.24
C GLU F 291 -1.60 -27.67 -27.17
N SER F 292 -2.07 -26.91 -26.17
CA SER F 292 -2.89 -27.49 -25.11
C SER F 292 -4.38 -27.38 -25.44
N GLU F 293 -4.78 -26.28 -26.07
CA GLU F 293 -6.18 -26.12 -26.44
C GLU F 293 -6.54 -27.04 -27.60
N SER F 294 -5.64 -27.18 -28.57
CA SER F 294 -5.91 -28.10 -29.68
C SER F 294 -5.99 -29.53 -29.18
N ASN F 295 -5.11 -29.90 -28.23
CA ASN F 295 -5.15 -31.24 -27.67
C ASN F 295 -6.44 -31.47 -26.89
N LEU F 296 -6.88 -30.48 -26.11
CA LEU F 296 -8.12 -30.61 -25.37
C LEU F 296 -9.30 -30.76 -26.33
N ARG F 297 -9.32 -29.96 -27.39
CA ARG F 297 -10.40 -30.06 -28.38
C ARG F 297 -10.39 -31.42 -29.06
N LYS F 298 -9.21 -31.94 -29.39
CA LYS F 298 -9.12 -33.26 -30.02
C LYS F 298 -9.63 -34.34 -29.07
N ALA F 299 -9.25 -34.26 -27.79
CA ALA F 299 -9.71 -35.25 -26.83
C ALA F 299 -11.24 -35.20 -26.67
N PHE F 300 -11.79 -33.98 -26.60
CA PHE F 300 -13.24 -33.85 -26.46
C PHE F 300 -13.95 -34.37 -27.70
N GLU F 301 -13.40 -34.08 -28.89
CA GLU F 301 -14.04 -34.54 -30.11
C GLU F 301 -13.96 -36.06 -30.24
N GLU F 302 -12.86 -36.66 -29.78
CA GLU F 302 -12.76 -38.12 -29.80
C GLU F 302 -13.74 -38.73 -28.82
N ALA F 303 -13.89 -38.14 -27.63
CA ALA F 303 -14.82 -38.68 -26.64
C ALA F 303 -16.27 -38.51 -27.08
N GLU F 304 -16.54 -37.49 -27.89
CA GLU F 304 -17.90 -37.29 -28.40
C GLU F 304 -18.16 -38.15 -29.64
N LYS F 305 -17.13 -38.46 -30.42
CA LYS F 305 -17.32 -39.22 -31.65
C LYS F 305 -17.37 -40.72 -31.38
N ASN F 306 -16.60 -41.20 -30.40
CA ASN F 306 -16.50 -42.63 -30.19
C ASN F 306 -17.83 -43.20 -29.68
N ALA F 307 -18.26 -42.75 -28.51
CA ALA F 307 -19.52 -43.20 -27.92
C ALA F 307 -19.89 -42.28 -26.75
N PRO F 308 -21.12 -42.35 -26.25
CA PRO F 308 -21.40 -41.66 -24.99
C PRO F 308 -20.57 -42.24 -23.86
N ALA F 309 -19.62 -41.45 -23.36
CA ALA F 309 -18.57 -41.98 -22.49
C ALA F 309 -18.29 -40.96 -21.40
N ILE F 310 -17.19 -41.16 -20.68
CA ILE F 310 -16.79 -40.31 -19.57
C ILE F 310 -15.31 -39.99 -19.71
N ILE F 311 -14.97 -38.72 -19.49
CA ILE F 311 -13.60 -38.24 -19.56
C ILE F 311 -13.11 -37.99 -18.14
N PHE F 312 -11.97 -38.58 -17.79
CA PHE F 312 -11.43 -38.52 -16.44
C PHE F 312 -10.26 -37.54 -16.40
N ILE F 313 -10.41 -36.49 -15.61
CA ILE F 313 -9.41 -35.44 -15.48
C ILE F 313 -8.78 -35.58 -14.09
N ASP F 314 -7.62 -36.23 -14.03
CA ASP F 314 -6.90 -36.39 -12.79
C ASP F 314 -5.99 -35.18 -12.54
N GLU F 315 -5.92 -34.77 -11.27
CA GLU F 315 -5.10 -33.63 -10.87
C GLU F 315 -5.51 -32.36 -11.62
N ILE F 316 -6.76 -31.96 -11.38
CA ILE F 316 -7.30 -30.76 -12.03
C ILE F 316 -6.69 -29.48 -11.50
N ASP F 317 -5.97 -29.54 -10.38
CA ASP F 317 -5.34 -28.36 -9.78
C ASP F 317 -4.15 -27.83 -10.58
N SER F 318 -3.89 -28.28 -11.81
CA SER F 318 -2.70 -27.89 -12.56
C SER F 318 -3.02 -27.05 -13.79
N ILE F 319 -4.18 -27.24 -14.39
CA ILE F 319 -4.54 -26.54 -15.62
C ILE F 319 -5.74 -25.64 -15.35
N ALA F 320 -5.81 -25.06 -14.16
CA ALA F 320 -6.86 -24.11 -13.80
C ALA F 320 -6.33 -23.14 -12.76
N PRO F 321 -5.38 -22.28 -13.14
CA PRO F 321 -4.75 -21.37 -12.17
C PRO F 321 -5.59 -20.16 -11.81
N LYS F 322 -6.89 -20.16 -12.13
CA LYS F 322 -7.88 -19.17 -11.75
C LYS F 322 -7.82 -17.93 -12.63
N ARG F 323 -6.85 -17.81 -13.54
CA ARG F 323 -6.76 -16.73 -14.51
C ARG F 323 -6.69 -15.35 -13.84
N ASP F 324 -6.44 -15.30 -12.55
CA ASP F 324 -6.38 -14.03 -11.81
C ASP F 324 -5.10 -13.86 -11.02
N LYS F 325 -4.60 -14.95 -10.42
CA LYS F 325 -3.29 -14.91 -9.76
C LYS F 325 -2.16 -15.36 -10.68
N THR F 326 -2.46 -16.11 -11.73
CA THR F 326 -1.44 -16.53 -12.67
C THR F 326 -0.95 -15.35 -13.50
N ASN F 327 0.28 -15.50 -14.02
CA ASN F 327 0.88 -14.48 -14.88
C ASN F 327 1.37 -15.04 -16.20
N GLY F 328 1.16 -16.33 -16.48
CA GLY F 328 1.55 -16.91 -17.74
C GLY F 328 0.58 -16.57 -18.86
N GLU F 329 0.84 -17.16 -20.02
CA GLU F 329 -0.01 -16.98 -21.20
C GLU F 329 -0.68 -18.26 -21.62
N VAL F 330 0.09 -19.33 -21.86
CA VAL F 330 -0.49 -20.59 -22.29
C VAL F 330 -1.51 -21.10 -21.27
N GLU F 331 -1.20 -20.93 -19.99
CA GLU F 331 -2.13 -21.38 -18.95
C GLU F 331 -3.46 -20.65 -19.05
N ARG F 332 -3.41 -19.33 -19.21
CA ARG F 332 -4.64 -18.55 -19.26
C ARG F 332 -5.44 -18.81 -20.54
N ARG F 333 -4.80 -19.35 -21.58
CA ARG F 333 -5.49 -19.77 -22.78
C ARG F 333 -6.06 -21.18 -22.68
N VAL F 334 -5.40 -22.07 -21.92
CA VAL F 334 -5.89 -23.43 -21.78
C VAL F 334 -7.15 -23.47 -20.93
N VAL F 335 -7.09 -22.91 -19.71
CA VAL F 335 -8.27 -22.85 -18.86
C VAL F 335 -9.48 -22.36 -19.65
N SER F 336 -9.28 -21.35 -20.50
CA SER F 336 -10.38 -20.86 -21.33
C SER F 336 -10.82 -21.94 -22.31
N GLN F 337 -9.87 -22.68 -22.88
CA GLN F 337 -10.21 -23.75 -23.80
C GLN F 337 -11.00 -24.84 -23.10
N LEU F 338 -10.59 -25.22 -21.89
CA LEU F 338 -11.32 -26.24 -21.14
C LEU F 338 -12.72 -25.76 -20.80
N LEU F 339 -12.87 -24.48 -20.44
CA LEU F 339 -14.19 -23.94 -20.14
C LEU F 339 -15.08 -23.94 -21.38
N THR F 340 -14.54 -23.53 -22.52
CA THR F 340 -15.34 -23.48 -23.74
C THR F 340 -15.59 -24.86 -24.32
N LEU F 341 -14.82 -25.86 -23.91
CA LEU F 341 -15.09 -27.24 -24.32
C LEU F 341 -16.09 -27.92 -23.41
N MET F 342 -16.08 -27.59 -22.12
CA MET F 342 -17.09 -28.13 -21.21
C MET F 342 -18.44 -27.46 -21.43
N ASP F 343 -18.45 -26.19 -21.82
CA ASP F 343 -19.69 -25.50 -22.11
C ASP F 343 -20.27 -25.93 -23.45
N GLY F 344 -19.43 -26.36 -24.37
CA GLY F 344 -19.88 -26.75 -25.70
C GLY F 344 -20.27 -28.21 -25.80
N MET F 345 -21.07 -28.68 -24.85
CA MET F 345 -21.57 -30.05 -24.85
C MET F 345 -23.08 -30.00 -25.06
N LYS F 346 -23.55 -30.59 -26.17
CA LYS F 346 -24.94 -30.55 -26.53
C LYS F 346 -25.65 -31.79 -25.97
N ALA F 347 -26.94 -31.96 -26.33
CA ALA F 347 -27.69 -33.10 -25.86
C ALA F 347 -27.32 -34.38 -26.59
N ARG F 348 -26.91 -34.28 -27.86
CA ARG F 348 -26.56 -35.46 -28.63
C ARG F 348 -25.15 -35.96 -28.35
N SER F 349 -24.37 -35.22 -27.56
CA SER F 349 -23.03 -35.70 -27.22
C SER F 349 -23.09 -36.88 -26.27
N ASN F 350 -23.90 -36.77 -25.22
CA ASN F 350 -24.08 -37.85 -24.25
C ASN F 350 -22.77 -38.24 -23.59
N VAL F 351 -21.86 -37.27 -23.45
CA VAL F 351 -20.56 -37.48 -22.82
C VAL F 351 -20.59 -36.81 -21.45
N VAL F 352 -19.91 -37.44 -20.49
CA VAL F 352 -19.81 -36.91 -19.14
C VAL F 352 -18.34 -36.65 -18.81
N VAL F 353 -18.12 -35.85 -17.77
CA VAL F 353 -16.79 -35.53 -17.29
C VAL F 353 -16.74 -35.80 -15.80
N ILE F 354 -15.67 -36.47 -15.36
CA ILE F 354 -15.35 -36.65 -13.95
C ILE F 354 -13.96 -36.11 -13.73
N ALA F 355 -13.79 -35.32 -12.66
CA ALA F 355 -12.53 -34.64 -12.40
C ALA F 355 -12.17 -34.80 -10.93
N ALA F 356 -10.94 -35.20 -10.68
CA ALA F 356 -10.44 -35.41 -9.33
C ALA F 356 -9.45 -34.31 -8.96
N THR F 357 -9.48 -33.89 -7.69
CA THR F 357 -8.60 -32.85 -7.21
C THR F 357 -8.25 -33.15 -5.75
N ASN F 358 -7.16 -32.55 -5.30
CA ASN F 358 -6.69 -32.74 -3.92
C ASN F 358 -7.27 -31.68 -2.99
N ARG F 359 -7.07 -30.41 -3.32
CA ARG F 359 -7.59 -29.32 -2.49
C ARG F 359 -8.88 -28.78 -3.07
N PRO F 360 -9.88 -28.54 -2.22
CA PRO F 360 -11.17 -28.03 -2.70
C PRO F 360 -11.28 -26.52 -2.76
N ASN F 361 -10.16 -25.79 -2.63
CA ASN F 361 -10.16 -24.33 -2.62
C ASN F 361 -9.44 -23.73 -3.81
N SER F 362 -8.49 -24.44 -4.41
CA SER F 362 -7.73 -23.93 -5.54
C SER F 362 -8.39 -24.29 -6.86
N ILE F 363 -9.67 -23.95 -7.00
CA ILE F 363 -10.44 -24.18 -8.22
C ILE F 363 -11.08 -22.87 -8.64
N ASP F 364 -11.07 -22.60 -9.93
CA ASP F 364 -11.70 -21.39 -10.45
C ASP F 364 -13.21 -21.47 -10.24
N PRO F 365 -13.83 -20.40 -9.71
CA PRO F 365 -15.30 -20.42 -9.59
C PRO F 365 -16.02 -20.49 -10.92
N ALA F 366 -15.39 -20.05 -12.02
CA ALA F 366 -16.02 -20.16 -13.33
C ALA F 366 -16.15 -21.60 -13.78
N LEU F 367 -15.24 -22.47 -13.34
CA LEU F 367 -15.34 -23.89 -13.65
C LEU F 367 -16.40 -24.59 -12.82
N ARG F 368 -16.66 -24.09 -11.61
CA ARG F 368 -17.69 -24.65 -10.73
C ARG F 368 -19.05 -24.03 -10.96
N ARG F 369 -19.22 -23.23 -12.01
CA ARG F 369 -20.50 -22.60 -12.27
C ARG F 369 -21.50 -23.64 -12.77
N PHE F 370 -22.78 -23.26 -12.75
CA PHE F 370 -23.84 -24.16 -13.19
C PHE F 370 -23.72 -24.37 -14.70
N GLY F 371 -23.43 -25.60 -15.10
CA GLY F 371 -23.28 -25.92 -16.51
C GLY F 371 -22.04 -26.75 -16.78
N ARG F 372 -21.00 -26.55 -15.97
CA ARG F 372 -19.73 -27.27 -16.13
C ARG F 372 -19.46 -28.17 -14.94
N PHE F 373 -19.46 -27.62 -13.72
CA PHE F 373 -19.17 -28.37 -12.51
C PHE F 373 -20.15 -27.94 -11.43
N ASP F 374 -21.11 -28.80 -11.11
CA ASP F 374 -22.12 -28.49 -10.10
C ASP F 374 -22.25 -29.61 -9.09
N ARG F 375 -21.88 -30.82 -9.47
CA ARG F 375 -22.03 -32.00 -8.63
C ARG F 375 -20.66 -32.35 -8.05
N GLU F 376 -20.41 -31.90 -6.83
CA GLU F 376 -19.17 -32.21 -6.12
C GLU F 376 -19.41 -33.29 -5.07
N VAL F 377 -18.45 -34.21 -4.95
CA VAL F 377 -18.49 -35.27 -3.96
C VAL F 377 -17.29 -35.09 -3.04
N ASP F 378 -17.48 -35.48 -1.78
CA ASP F 378 -16.47 -35.36 -0.74
C ASP F 378 -16.17 -36.77 -0.21
N ILE F 379 -15.20 -37.43 -0.83
CA ILE F 379 -14.82 -38.79 -0.45
C ILE F 379 -13.93 -38.74 0.77
N GLY F 380 -14.51 -38.84 1.96
CA GLY F 380 -13.77 -38.73 3.20
C GLY F 380 -13.38 -40.08 3.76
N ASP F 383 -11.13 -48.58 2.00
CA ASP F 383 -11.38 -49.21 3.30
C ASP F 383 -10.52 -50.46 3.48
N ALA F 384 -10.85 -51.26 4.48
CA ALA F 384 -10.08 -52.47 4.73
C ALA F 384 -10.22 -53.48 3.60
N THR F 385 -11.42 -53.61 3.05
CA THR F 385 -11.63 -54.55 1.95
C THR F 385 -10.86 -54.14 0.71
N GLY F 386 -10.91 -52.85 0.36
CA GLY F 386 -10.13 -52.37 -0.77
C GLY F 386 -8.65 -52.50 -0.55
N ARG F 387 -8.21 -52.28 0.70
CA ARG F 387 -6.79 -52.44 1.02
C ARG F 387 -6.36 -53.89 0.87
N LEU F 388 -7.18 -54.82 1.33
CA LEU F 388 -6.85 -56.23 1.17
C LEU F 388 -6.84 -56.63 -0.30
N GLU F 389 -7.79 -56.12 -1.08
CA GLU F 389 -7.80 -56.42 -2.51
C GLU F 389 -6.55 -55.88 -3.20
N VAL F 390 -6.14 -54.65 -2.86
CA VAL F 390 -4.94 -54.08 -3.46
C VAL F 390 -3.71 -54.87 -3.03
N LEU F 391 -3.66 -55.29 -1.77
CA LEU F 391 -2.53 -56.08 -1.29
C LEU F 391 -2.44 -57.40 -2.02
N ARG F 392 -3.57 -58.09 -2.20
CA ARG F 392 -3.54 -59.37 -2.90
C ARG F 392 -3.23 -59.19 -4.38
N ILE F 393 -3.60 -58.03 -4.95
CA ILE F 393 -3.28 -57.76 -6.34
C ILE F 393 -1.79 -57.53 -6.49
N HIS F 394 -1.19 -56.81 -5.54
CA HIS F 394 0.22 -56.50 -5.65
C HIS F 394 1.05 -57.75 -5.39
N THR F 395 0.77 -58.44 -4.29
CA THR F 395 1.58 -59.57 -3.84
C THR F 395 1.19 -60.89 -4.49
N LYS F 396 0.27 -60.88 -5.46
CA LYS F 396 -0.09 -62.13 -6.12
C LYS F 396 0.89 -62.52 -7.23
N ASN F 397 1.91 -61.72 -7.48
CA ASN F 397 2.92 -62.01 -8.49
C ASN F 397 4.29 -62.20 -7.85
N MET F 398 4.32 -62.81 -6.67
CA MET F 398 5.58 -63.07 -5.97
C MET F 398 5.41 -64.28 -5.07
N LYS F 399 6.51 -65.02 -4.91
CA LYS F 399 6.57 -66.14 -3.97
C LYS F 399 6.80 -65.56 -2.57
N LEU F 400 5.70 -65.26 -1.89
CA LEU F 400 5.78 -64.48 -0.65
C LEU F 400 6.17 -65.37 0.52
N ALA F 401 5.31 -66.32 0.87
CA ALA F 401 5.50 -67.16 2.05
C ALA F 401 4.44 -68.25 2.03
N ASP F 402 4.39 -69.04 3.10
CA ASP F 402 3.35 -70.03 3.28
C ASP F 402 2.60 -69.87 4.60
N ASP F 403 2.96 -68.90 5.42
CA ASP F 403 2.33 -68.65 6.72
C ASP F 403 2.04 -67.16 6.88
N VAL F 404 1.46 -66.57 5.84
CA VAL F 404 1.14 -65.15 5.80
C VAL F 404 -0.36 -64.99 5.74
N ASP F 405 -0.88 -63.97 6.41
CA ASP F 405 -2.32 -63.67 6.43
C ASP F 405 -2.50 -62.20 6.03
N LEU F 406 -2.95 -61.98 4.80
CA LEU F 406 -3.13 -60.61 4.31
C LEU F 406 -4.32 -59.91 4.93
N GLU F 407 -5.20 -60.65 5.61
CA GLU F 407 -6.32 -59.99 6.30
C GLU F 407 -5.81 -59.10 7.42
N ALA F 408 -4.80 -59.55 8.17
CA ALA F 408 -4.24 -58.73 9.23
C ALA F 408 -3.56 -57.50 8.67
N LEU F 409 -2.89 -57.64 7.52
CA LEU F 409 -2.24 -56.49 6.90
C LEU F 409 -3.27 -55.50 6.35
N ALA F 410 -4.41 -55.99 5.86
CA ALA F 410 -5.44 -55.09 5.38
C ALA F 410 -6.19 -54.42 6.51
N ALA F 411 -6.29 -55.08 7.66
CA ALA F 411 -6.98 -54.48 8.81
C ALA F 411 -6.10 -53.46 9.52
N GLU F 412 -4.83 -53.82 9.75
CA GLU F 412 -3.93 -52.93 10.47
C GLU F 412 -3.54 -51.71 9.65
N THR F 413 -3.63 -51.78 8.33
CA THR F 413 -3.33 -50.64 7.47
C THR F 413 -4.55 -49.72 7.40
N HIS F 414 -4.38 -48.48 7.85
CA HIS F 414 -5.47 -47.51 7.94
C HIS F 414 -5.38 -46.43 6.89
N GLY F 415 -4.26 -45.73 6.80
CA GLY F 415 -4.12 -44.57 5.93
C GLY F 415 -3.40 -44.82 4.63
N TYR F 416 -3.06 -46.06 4.31
CA TYR F 416 -2.41 -46.36 3.04
C TYR F 416 -3.42 -46.30 1.91
N VAL F 417 -2.96 -45.84 0.74
CA VAL F 417 -3.82 -45.77 -0.43
C VAL F 417 -2.98 -45.95 -1.69
N GLY F 418 -3.26 -47.02 -2.44
CA GLY F 418 -2.70 -47.18 -3.77
C GLY F 418 -1.23 -47.52 -3.79
N ALA F 419 -0.39 -46.56 -3.39
CA ALA F 419 1.05 -46.72 -3.46
C ALA F 419 1.69 -47.19 -2.16
N ASP F 420 1.03 -46.95 -1.01
CA ASP F 420 1.63 -47.35 0.26
C ASP F 420 1.73 -48.85 0.39
N ILE F 421 0.77 -49.59 -0.18
CA ILE F 421 0.85 -51.05 -0.15
C ILE F 421 2.00 -51.54 -1.03
N ALA F 422 2.18 -50.90 -2.19
CA ALA F 422 3.31 -51.26 -3.06
C ALA F 422 4.64 -50.96 -2.37
N SER F 423 4.73 -49.82 -1.69
CA SER F 423 5.96 -49.50 -0.97
C SER F 423 6.21 -50.49 0.17
N LEU F 424 5.14 -50.90 0.86
CA LEU F 424 5.29 -51.88 1.92
C LEU F 424 5.78 -53.21 1.37
N CYS F 425 5.23 -53.64 0.24
CA CYS F 425 5.67 -54.88 -0.38
C CYS F 425 7.12 -54.78 -0.84
N SER F 426 7.50 -53.63 -1.41
CA SER F 426 8.88 -53.46 -1.84
C SER F 426 9.84 -53.49 -0.65
N GLU F 427 9.47 -52.86 0.46
CA GLU F 427 10.32 -52.88 1.64
C GLU F 427 10.40 -54.28 2.23
N ALA F 428 9.30 -55.03 2.19
CA ALA F 428 9.34 -56.41 2.66
C ALA F 428 10.26 -57.25 1.80
N ALA F 429 10.21 -57.06 0.48
CA ALA F 429 11.10 -57.80 -0.41
C ALA F 429 12.56 -57.42 -0.15
N MET F 430 12.83 -56.13 0.07
CA MET F 430 14.19 -55.69 0.34
C MET F 430 14.70 -56.28 1.65
N GLN F 431 13.84 -56.31 2.67
CA GLN F 431 14.26 -56.88 3.95
C GLN F 431 14.47 -58.38 3.85
N GLN F 432 13.66 -59.06 3.04
CA GLN F 432 13.87 -60.49 2.80
C GLN F 432 15.20 -60.73 2.07
N ILE F 433 15.51 -59.89 1.08
CA ILE F 433 16.77 -60.05 0.36
C ILE F 433 17.95 -59.79 1.28
N ARG F 434 17.84 -58.77 2.14
CA ARG F 434 18.92 -58.49 3.09
C ARG F 434 19.05 -59.58 4.14
N GLU F 435 17.94 -60.23 4.51
CA GLU F 435 18.00 -61.28 5.51
C GLU F 435 18.77 -62.50 5.00
N LYS F 436 18.61 -62.83 3.72
CA LYS F 436 19.25 -64.01 3.12
C LYS F 436 20.46 -63.61 2.29
N MET F 437 21.22 -62.64 2.75
CA MET F 437 22.47 -62.23 2.11
C MET F 437 23.67 -62.27 3.03
N ASP F 438 23.49 -61.89 4.29
CA ASP F 438 24.58 -61.92 5.27
C ASP F 438 24.77 -63.29 5.90
N LEU F 439 23.93 -64.27 5.57
CA LEU F 439 24.04 -65.60 6.13
C LEU F 439 24.35 -66.62 5.04
N VAL F 451 20.33 -70.45 -3.97
CA VAL F 451 19.82 -69.42 -3.07
C VAL F 451 18.76 -68.58 -3.77
N LEU F 452 18.57 -68.81 -5.07
CA LEU F 452 17.58 -68.06 -5.83
C LEU F 452 16.18 -68.60 -5.59
N ASP F 453 16.02 -69.93 -5.63
CA ASP F 453 14.71 -70.53 -5.43
C ASP F 453 14.28 -70.46 -3.98
N SER F 454 15.23 -70.44 -3.04
CA SER F 454 14.92 -70.36 -1.62
C SER F 454 14.83 -68.89 -1.22
N LEU F 455 13.72 -68.27 -1.60
CA LEU F 455 13.47 -66.86 -1.30
C LEU F 455 11.99 -66.70 -0.99
N GLY F 456 11.68 -66.21 0.21
CA GLY F 456 10.31 -65.99 0.62
C GLY F 456 10.16 -64.84 1.59
N VAL F 457 9.27 -63.90 1.27
CA VAL F 457 8.99 -62.77 2.16
C VAL F 457 8.01 -63.26 3.22
N THR F 458 8.51 -63.53 4.42
CA THR F 458 7.71 -64.10 5.48
C THR F 458 6.82 -63.03 6.11
N MET F 459 6.04 -63.44 7.11
CA MET F 459 5.14 -62.50 7.77
C MET F 459 5.93 -61.47 8.58
N ASP F 460 7.05 -61.86 9.16
CA ASP F 460 7.83 -60.92 9.96
C ASP F 460 8.43 -59.82 9.10
N ASN F 461 8.77 -60.12 7.85
CA ASN F 461 9.30 -59.09 6.96
C ASN F 461 8.26 -57.99 6.73
N PHE F 462 7.03 -58.40 6.39
CA PHE F 462 5.96 -57.42 6.22
C PHE F 462 5.63 -56.71 7.53
N ARG F 463 5.71 -57.43 8.66
CA ARG F 463 5.42 -56.82 9.95
C ARG F 463 6.40 -55.70 10.26
N PHE F 464 7.70 -55.97 10.07
CA PHE F 464 8.72 -54.96 10.34
C PHE F 464 8.81 -53.92 9.24
N ALA F 465 8.24 -54.17 8.07
CA ALA F 465 8.11 -53.13 7.06
C ALA F 465 6.96 -52.17 7.42
N LEU F 466 5.87 -52.71 7.95
CA LEU F 466 4.76 -51.87 8.38
C LEU F 466 5.12 -51.10 9.65
N GLY F 467 5.85 -51.73 10.58
CA GLY F 467 6.26 -51.05 11.78
C GLY F 467 7.32 -50.00 11.56
N ASN F 468 8.05 -50.08 10.44
CA ASN F 468 9.08 -49.12 10.08
C ASN F 468 8.65 -48.29 8.88
N SER F 469 7.36 -47.95 8.82
CA SER F 469 6.80 -47.18 7.73
C SER F 469 5.58 -46.43 8.24
N ASN F 470 4.99 -45.62 7.37
CA ASN F 470 3.83 -44.81 7.74
C ASN F 470 3.02 -44.43 6.50
N TRP F 486 -13.31 -41.50 25.74
CA TRP F 486 -14.28 -41.36 26.82
C TRP F 486 -13.76 -41.98 28.11
N ASP F 487 -12.84 -42.94 27.97
CA ASP F 487 -12.24 -43.59 29.12
C ASP F 487 -11.08 -42.80 29.71
N ASP F 488 -10.65 -41.73 29.05
CA ASP F 488 -9.54 -40.90 29.53
C ASP F 488 -10.00 -39.78 30.46
N VAL F 489 -11.27 -39.72 30.79
CA VAL F 489 -11.81 -38.69 31.69
C VAL F 489 -12.29 -39.41 32.94
N GLY F 490 -11.44 -39.46 33.96
CA GLY F 490 -11.82 -40.10 35.20
C GLY F 490 -12.84 -39.29 35.98
N GLY F 491 -13.72 -40.00 36.68
CA GLY F 491 -14.75 -39.36 37.45
C GLY F 491 -15.83 -38.75 36.57
N LEU F 492 -16.80 -38.11 37.23
CA LEU F 492 -17.92 -37.48 36.53
C LEU F 492 -18.61 -38.47 35.61
N ASP F 493 -18.84 -39.68 36.13
CA ASP F 493 -19.40 -40.74 35.29
C ASP F 493 -20.84 -40.42 34.91
N GLU F 494 -21.67 -40.03 35.89
CA GLU F 494 -23.05 -39.72 35.58
C GLU F 494 -23.18 -38.45 34.75
N ILE F 495 -22.30 -37.48 34.98
CA ILE F 495 -22.35 -36.25 34.19
C ILE F 495 -22.03 -36.54 32.73
N LYS F 496 -20.97 -37.31 32.49
CA LYS F 496 -20.60 -37.64 31.12
C LYS F 496 -21.64 -38.55 30.47
N GLU F 497 -22.26 -39.43 31.25
CA GLU F 497 -23.32 -40.28 30.70
C GLU F 497 -24.52 -39.44 30.27
N GLU F 498 -24.93 -38.49 31.12
CA GLU F 498 -26.04 -37.62 30.76
C GLU F 498 -25.70 -36.77 29.54
N LEU F 499 -24.47 -36.26 29.48
CA LEU F 499 -24.06 -35.46 28.33
C LEU F 499 -24.11 -36.29 27.04
N LYS F 500 -23.58 -37.52 27.10
CA LYS F 500 -23.59 -38.37 25.91
C LYS F 500 -25.02 -38.70 25.50
N GLU F 501 -25.88 -39.00 26.47
CA GLU F 501 -27.27 -39.33 26.15
C GLU F 501 -27.97 -38.13 25.51
N THR F 502 -27.75 -36.93 26.05
CA THR F 502 -28.37 -35.74 25.47
C THR F 502 -27.86 -35.50 24.06
N VAL F 503 -26.55 -35.67 23.84
CA VAL F 503 -26.00 -35.48 22.50
C VAL F 503 -26.60 -36.48 21.52
N GLU F 504 -26.70 -37.75 21.94
CA GLU F 504 -27.24 -38.78 21.06
C GLU F 504 -28.70 -38.52 20.74
N TYR F 505 -29.50 -38.18 21.74
CA TYR F 505 -30.92 -37.93 21.50
C TYR F 505 -31.14 -36.75 20.57
N PRO F 506 -30.47 -35.61 20.74
CA PRO F 506 -30.69 -34.50 19.81
C PRO F 506 -30.33 -34.85 18.37
N VAL F 507 -29.29 -35.67 18.17
CA VAL F 507 -28.86 -36.05 16.83
C VAL F 507 -29.56 -37.30 16.33
N LEU F 508 -30.45 -37.90 17.13
CA LEU F 508 -31.17 -39.10 16.72
C LEU F 508 -32.34 -38.75 15.81
N LYS F 522 -30.18 -24.84 20.98
CA LYS F 522 -29.21 -25.93 21.03
C LYS F 522 -27.85 -25.43 21.51
N GLY F 523 -27.25 -26.17 22.42
CA GLY F 523 -25.95 -25.81 22.95
C GLY F 523 -25.80 -26.29 24.37
N VAL F 524 -24.66 -25.95 24.96
CA VAL F 524 -24.36 -26.33 26.34
C VAL F 524 -23.16 -25.51 26.82
N LEU F 525 -23.06 -25.33 28.13
CA LEU F 525 -21.98 -24.55 28.72
C LEU F 525 -21.54 -25.22 30.02
N PHE F 526 -20.22 -25.29 30.20
CA PHE F 526 -19.62 -25.87 31.41
C PHE F 526 -19.05 -24.76 32.28
N TYR F 527 -19.18 -24.92 33.59
CA TYR F 527 -18.65 -23.96 34.54
C TYR F 527 -18.21 -24.69 35.80
N GLY F 528 -17.12 -24.21 36.39
CA GLY F 528 -16.59 -24.81 37.59
C GLY F 528 -15.18 -24.33 37.89
N PRO F 529 -14.52 -24.98 38.87
CA PRO F 529 -13.15 -24.64 39.25
C PRO F 529 -12.11 -25.16 38.26
N THR F 532 -10.44 -28.25 36.35
CA THR F 532 -11.41 -29.30 36.66
C THR F 532 -11.46 -30.35 35.56
N GLY F 533 -11.16 -29.91 34.33
CA GLY F 533 -11.09 -30.82 33.20
C GLY F 533 -12.12 -30.51 32.14
N LYS F 534 -12.49 -29.23 32.02
CA LYS F 534 -13.47 -28.83 31.02
C LYS F 534 -12.93 -29.03 29.60
N THR F 535 -11.69 -28.59 29.37
CA THR F 535 -11.06 -28.83 28.07
C THR F 535 -10.84 -30.31 27.83
N LEU F 536 -10.55 -31.08 28.89
CA LEU F 536 -10.44 -32.52 28.72
C LEU F 536 -11.77 -33.14 28.29
N LEU F 537 -12.87 -32.67 28.89
CA LEU F 537 -14.18 -33.18 28.49
C LEU F 537 -14.52 -32.78 27.07
N ALA F 538 -14.15 -31.56 26.67
CA ALA F 538 -14.40 -31.14 25.28
C ALA F 538 -13.58 -31.98 24.30
N LYS F 539 -12.33 -32.28 24.65
CA LYS F 539 -11.50 -33.12 23.79
C LYS F 539 -12.08 -34.53 23.70
N ALA F 540 -12.55 -35.07 24.83
CA ALA F 540 -13.14 -36.41 24.82
C ALA F 540 -14.42 -36.44 23.98
N VAL F 541 -15.21 -35.37 24.03
CA VAL F 541 -16.40 -35.30 23.19
C VAL F 541 -16.01 -35.24 21.72
N ALA F 542 -15.01 -34.41 21.39
CA ALA F 542 -14.56 -34.29 20.01
C ALA F 542 -13.92 -35.58 19.51
N THR F 543 -13.43 -36.42 20.42
CA THR F 543 -12.75 -37.66 20.05
C THR F 543 -13.71 -38.84 19.97
N GLU F 544 -14.66 -38.93 20.90
CA GLU F 544 -15.48 -40.14 21.04
C GLU F 544 -16.96 -39.79 20.94
N VAL F 545 -17.32 -39.02 19.91
CA VAL F 545 -18.70 -38.70 19.63
C VAL F 545 -19.14 -39.15 18.24
N SER F 546 -18.21 -39.58 17.39
CA SER F 546 -18.53 -39.98 16.02
C SER F 546 -19.22 -38.84 15.26
N ALA F 547 -18.61 -37.65 15.33
CA ALA F 547 -19.12 -36.48 14.64
C ALA F 547 -17.97 -35.51 14.44
N ASN F 548 -18.23 -34.46 13.67
CA ASN F 548 -17.23 -33.44 13.41
C ASN F 548 -17.00 -32.59 14.66
N PHE F 549 -15.90 -31.85 14.67
CA PHE F 549 -15.53 -31.05 15.82
C PHE F 549 -14.65 -29.90 15.36
N ILE F 550 -15.01 -28.69 15.78
CA ILE F 550 -14.23 -27.49 15.50
C ILE F 550 -14.13 -26.69 16.78
N SER F 551 -12.90 -26.32 17.16
CA SER F 551 -12.65 -25.61 18.42
C SER F 551 -11.87 -24.34 18.12
N VAL F 552 -12.26 -23.26 18.81
CA VAL F 552 -11.59 -21.98 18.72
C VAL F 552 -11.40 -21.43 20.12
N LYS F 553 -10.42 -20.56 20.26
CA LYS F 553 -10.15 -19.93 21.55
C LYS F 553 -11.16 -18.83 21.84
N GLY F 554 -11.01 -18.18 22.99
CA GLY F 554 -11.90 -17.14 23.41
C GLY F 554 -11.71 -15.88 22.58
N PRO F 555 -10.56 -15.23 22.75
CA PRO F 555 -10.29 -14.01 21.97
C PRO F 555 -9.66 -14.30 20.63
N GLU F 556 -9.73 -15.55 20.17
CA GLU F 556 -9.18 -15.96 18.89
C GLU F 556 -10.17 -15.85 17.75
N LEU F 557 -11.46 -15.66 18.05
CA LEU F 557 -12.49 -15.54 17.03
C LEU F 557 -12.64 -14.11 16.53
N LEU F 558 -12.08 -13.13 17.25
CA LEU F 558 -12.13 -11.73 16.89
C LEU F 558 -10.75 -11.17 16.55
N SER F 559 -9.80 -12.04 16.21
CA SER F 559 -8.44 -11.65 15.89
C SER F 559 -8.15 -11.69 14.40
N MET F 560 -9.17 -11.77 13.56
CA MET F 560 -9.00 -11.81 12.12
C MET F 560 -8.96 -10.42 11.50
N TRP F 561 -9.38 -9.40 12.25
CA TRP F 561 -9.38 -8.02 11.78
C TRP F 561 -10.45 -7.83 10.71
N TYR F 562 -10.40 -6.71 9.99
CA TYR F 562 -11.39 -6.40 8.96
C TYR F 562 -12.79 -6.69 9.47
N GLY F 563 -13.12 -6.06 10.60
CA GLY F 563 -14.41 -6.28 11.23
C GLY F 563 -14.56 -7.75 11.62
N GLU F 564 -13.56 -8.28 12.33
CA GLU F 564 -13.59 -9.68 12.73
C GLU F 564 -14.84 -10.03 13.53
N SER F 565 -15.41 -9.04 14.23
CA SER F 565 -16.63 -9.20 15.01
C SER F 565 -17.63 -10.15 14.35
N GLU F 566 -18.11 -9.78 13.17
CA GLU F 566 -19.06 -10.60 12.43
C GLU F 566 -18.49 -11.02 11.09
N SER F 567 -17.15 -11.16 11.06
CA SER F 567 -16.43 -11.62 9.88
C SER F 567 -15.75 -12.95 10.18
N ASN F 568 -14.89 -13.00 11.19
CA ASN F 568 -14.27 -14.27 11.58
C ASN F 568 -15.31 -15.22 12.16
N ILE F 569 -16.14 -14.72 13.07
CA ILE F 569 -17.19 -15.55 13.63
C ILE F 569 -18.21 -15.92 12.57
N ARG F 570 -18.50 -15.00 11.66
CA ARG F 570 -19.44 -15.28 10.58
C ARG F 570 -18.93 -16.42 9.70
N ASP F 571 -17.65 -16.39 9.33
CA ASP F 571 -17.11 -17.45 8.49
C ASP F 571 -16.94 -18.74 9.25
N ILE F 572 -16.69 -18.66 10.56
CA ILE F 572 -16.66 -19.86 11.39
C ILE F 572 -18.03 -20.52 11.41
N PHE F 573 -19.08 -19.73 11.57
CA PHE F 573 -20.43 -20.28 11.58
C PHE F 573 -20.83 -20.80 10.19
N ASP F 574 -20.33 -20.16 9.13
CA ASP F 574 -20.61 -20.68 7.79
C ASP F 574 -19.93 -22.02 7.57
N LYS F 575 -18.67 -22.15 8.00
CA LYS F 575 -17.99 -23.44 7.89
C LYS F 575 -18.64 -24.49 8.77
N ALA F 576 -19.16 -24.09 9.93
CA ALA F 576 -19.85 -25.04 10.81
C ALA F 576 -21.15 -25.53 10.17
N ARG F 577 -21.95 -24.61 9.63
CA ARG F 577 -23.21 -25.01 9.00
C ARG F 577 -22.99 -25.76 7.70
N ALA F 578 -21.83 -25.57 7.05
CA ALA F 578 -21.55 -26.32 5.82
C ALA F 578 -21.31 -27.79 6.13
N ALA F 579 -20.53 -28.07 7.18
CA ALA F 579 -20.23 -29.46 7.58
C ALA F 579 -21.15 -29.88 8.72
N ALA F 580 -22.45 -29.91 8.43
CA ALA F 580 -23.43 -30.33 9.42
C ALA F 580 -23.48 -31.85 9.48
N PRO F 581 -23.51 -32.46 10.69
CA PRO F 581 -23.46 -31.88 12.04
C PRO F 581 -22.05 -31.53 12.48
N THR F 582 -21.91 -30.66 13.48
CA THR F 582 -20.59 -30.26 13.96
C THR F 582 -20.71 -29.84 15.42
N VAL F 583 -19.54 -29.67 16.06
CA VAL F 583 -19.46 -29.24 17.44
C VAL F 583 -18.53 -28.03 17.51
N VAL F 584 -19.05 -26.92 18.02
CA VAL F 584 -18.31 -25.68 18.12
C VAL F 584 -17.84 -25.54 19.58
N PHE F 585 -16.58 -25.85 19.82
CA PHE F 585 -16.02 -25.76 21.17
C PHE F 585 -15.55 -24.32 21.39
N LEU F 586 -16.40 -23.53 22.05
CA LEU F 586 -16.10 -22.13 22.35
C LEU F 586 -15.37 -22.07 23.69
N ASP F 587 -14.04 -21.94 23.63
CA ASP F 587 -13.24 -21.85 24.83
C ASP F 587 -13.24 -20.43 25.38
N GLU F 588 -13.34 -20.31 26.71
CA GLU F 588 -13.33 -19.01 27.38
C GLU F 588 -14.48 -18.13 26.89
N LEU F 589 -15.71 -18.58 27.16
CA LEU F 589 -16.87 -17.83 26.73
C LEU F 589 -16.96 -16.49 27.43
N ASP F 590 -16.52 -16.41 28.69
CA ASP F 590 -16.56 -15.14 29.41
C ASP F 590 -15.66 -14.10 28.74
N SER F 591 -14.46 -14.52 28.32
CA SER F 591 -13.54 -13.60 27.66
C SER F 591 -14.13 -13.03 26.38
N ILE F 592 -14.99 -13.80 25.70
CA ILE F 592 -15.58 -13.34 24.45
C ILE F 592 -16.77 -12.44 24.73
N ALA F 593 -17.70 -12.91 25.57
CA ALA F 593 -18.90 -12.12 25.88
C ALA F 593 -18.59 -11.02 26.88
N LYS F 594 -18.14 -11.38 28.07
CA LYS F 594 -17.71 -10.45 29.10
C LYS F 594 -18.81 -9.52 29.57
N ALA F 595 -20.08 -9.82 29.26
CA ALA F 595 -21.22 -9.01 29.67
C ALA F 595 -21.06 -7.57 29.16
N ARG F 596 -21.11 -7.45 27.83
CA ARG F 596 -20.73 -6.22 27.17
C ARG F 596 -21.35 -5.00 27.82
N GLY F 597 -22.67 -5.04 28.05
CA GLY F 597 -23.35 -3.97 28.74
C GLY F 597 -23.08 -2.59 28.17
N GLY F 598 -22.38 -1.76 28.93
CA GLY F 598 -21.98 -0.45 28.46
C GLY F 598 -20.57 -0.07 28.86
N SER F 599 -19.73 0.27 27.88
CA SER F 599 -18.35 0.65 28.13
C SER F 599 -17.99 2.02 27.57
N LEU F 600 -18.58 2.43 26.45
CA LEU F 600 -18.34 3.75 25.87
C LEU F 600 -16.87 3.93 25.51
N GLY F 601 -16.40 3.09 24.59
CA GLY F 601 -15.04 3.20 24.09
C GLY F 601 -14.87 2.36 22.85
N ASP F 602 -13.64 2.35 22.34
CA ASP F 602 -13.33 1.53 21.18
C ASP F 602 -13.38 0.05 21.53
N ALA F 603 -12.81 -0.32 22.68
CA ALA F 603 -12.89 -1.71 23.12
C ALA F 603 -14.33 -2.10 23.43
N GLY F 604 -15.10 -1.20 24.03
CA GLY F 604 -16.50 -1.48 24.27
C GLY F 604 -17.28 -1.65 22.99
N GLY F 605 -17.00 -0.82 21.99
CA GLY F 605 -17.67 -0.97 20.71
C GLY F 605 -17.32 -2.27 20.02
N ALA F 606 -16.04 -2.65 20.07
CA ALA F 606 -15.63 -3.92 19.49
C ALA F 606 -16.29 -5.10 20.20
N SER F 607 -16.36 -5.05 21.53
CA SER F 607 -17.00 -6.10 22.28
C SER F 607 -18.49 -6.18 21.96
N ASP F 608 -19.15 -5.02 21.82
CA ASP F 608 -20.57 -5.02 21.47
C ASP F 608 -20.78 -5.60 20.08
N ARG F 609 -19.90 -5.26 19.13
CA ARG F 609 -20.02 -5.81 17.79
C ARG F 609 -19.80 -7.32 17.78
N VAL F 610 -18.84 -7.80 18.56
CA VAL F 610 -18.61 -9.25 18.65
C VAL F 610 -19.81 -9.94 19.27
N VAL F 611 -20.39 -9.35 20.32
CA VAL F 611 -21.54 -9.95 20.97
C VAL F 611 -22.73 -9.98 20.02
N ASN F 612 -22.93 -8.91 19.25
CA ASN F 612 -24.02 -8.89 18.30
C ASN F 612 -23.83 -9.92 17.19
N GLN F 613 -22.58 -10.08 16.71
CA GLN F 613 -22.31 -11.10 15.71
C GLN F 613 -22.57 -12.49 16.27
N LEU F 614 -22.15 -12.74 17.51
CA LEU F 614 -22.38 -14.06 18.10
C LEU F 614 -23.88 -14.32 18.27
N LEU F 615 -24.63 -13.31 18.71
CA LEU F 615 -26.06 -13.48 18.90
C LEU F 615 -26.77 -13.72 17.56
N THR F 616 -26.35 -13.01 16.52
CA THR F 616 -27.00 -13.16 15.21
C THR F 616 -26.54 -14.39 14.44
N GLU F 617 -25.42 -15.00 14.84
CA GLU F 617 -24.97 -16.24 14.22
C GLU F 617 -25.21 -17.47 15.08
N MET F 618 -25.73 -17.28 16.29
CA MET F 618 -26.12 -18.39 17.16
C MET F 618 -27.63 -18.53 17.30
N ASP F 619 -28.37 -17.42 17.31
CA ASP F 619 -29.82 -17.49 17.41
C ASP F 619 -30.49 -17.84 16.10
N GLY F 620 -29.76 -17.80 14.99
CA GLY F 620 -30.30 -18.13 13.69
C GLY F 620 -30.15 -19.58 13.31
N MET F 621 -29.83 -20.45 14.26
CA MET F 621 -29.68 -21.88 14.00
C MET F 621 -31.00 -22.57 14.32
N ASN F 622 -31.68 -23.06 13.29
CA ASN F 622 -32.93 -23.76 13.46
C ASN F 622 -32.66 -25.24 13.70
N ALA F 623 -33.71 -26.07 13.62
CA ALA F 623 -33.52 -27.51 13.74
C ALA F 623 -32.66 -28.06 12.61
N LYS F 624 -32.62 -27.38 11.46
CA LYS F 624 -31.74 -27.80 10.38
C LYS F 624 -30.29 -27.49 10.73
N LYS F 625 -29.39 -28.25 10.11
CA LYS F 625 -27.94 -28.14 10.22
C LYS F 625 -27.43 -28.73 11.53
N ASN F 626 -28.30 -29.12 12.45
CA ASN F 626 -27.92 -29.86 13.67
C ASN F 626 -26.69 -29.25 14.32
N VAL F 627 -26.72 -27.93 14.50
CA VAL F 627 -25.60 -27.23 15.11
C VAL F 627 -25.62 -27.46 16.62
N PHE F 628 -24.45 -27.31 17.23
CA PHE F 628 -24.31 -27.51 18.67
C PHE F 628 -23.11 -26.71 19.15
N VAL F 629 -23.35 -25.71 19.99
CA VAL F 629 -22.29 -24.85 20.51
C VAL F 629 -21.95 -25.32 21.93
N ILE F 630 -20.67 -25.58 22.17
CA ILE F 630 -20.18 -26.00 23.47
C ILE F 630 -19.28 -24.90 24.01
N GLY F 631 -19.65 -24.37 25.18
CA GLY F 631 -18.88 -23.33 25.82
C GLY F 631 -18.30 -23.79 27.14
N ALA F 632 -17.24 -23.13 27.62
CA ALA F 632 -16.65 -23.47 28.90
C ALA F 632 -16.10 -22.22 29.54
N THR F 633 -16.24 -22.13 30.86
CA THR F 633 -15.76 -20.99 31.61
C THR F 633 -15.45 -21.42 33.04
N ASN F 634 -14.64 -20.60 33.72
CA ASN F 634 -14.36 -20.79 35.13
C ASN F 634 -15.21 -19.88 36.01
N ARG F 635 -15.28 -18.60 35.68
CA ARG F 635 -16.11 -17.65 36.40
C ARG F 635 -17.35 -17.36 35.58
N PRO F 636 -18.54 -17.81 36.01
CA PRO F 636 -19.76 -17.50 35.26
C PRO F 636 -20.34 -16.13 35.53
N ASP F 637 -19.71 -15.33 36.39
CA ASP F 637 -20.24 -14.00 36.69
C ASP F 637 -20.07 -13.05 35.51
N GLN F 638 -19.00 -13.20 34.74
CA GLN F 638 -18.67 -12.28 33.66
C GLN F 638 -19.27 -12.71 32.33
N ILE F 639 -20.10 -13.75 32.31
CA ILE F 639 -20.77 -14.18 31.10
C ILE F 639 -21.98 -13.29 30.86
N ASP F 640 -22.30 -13.06 29.59
CA ASP F 640 -23.40 -12.17 29.25
C ASP F 640 -24.73 -12.87 29.52
N PRO F 641 -25.63 -12.26 30.30
CA PRO F 641 -26.96 -12.87 30.49
C PRO F 641 -27.77 -12.96 29.21
N ALA F 642 -27.47 -12.15 28.21
CA ALA F 642 -28.18 -12.24 26.94
C ALA F 642 -27.87 -13.52 26.19
N ILE F 643 -26.75 -14.18 26.52
CA ILE F 643 -26.41 -15.45 25.88
C ILE F 643 -26.79 -16.65 26.74
N LEU F 644 -27.04 -16.46 28.03
CA LEU F 644 -27.48 -17.53 28.91
C LEU F 644 -28.99 -17.64 28.98
N ARG F 645 -29.72 -16.92 28.14
CA ARG F 645 -31.17 -16.96 28.16
C ARG F 645 -31.66 -18.27 27.57
N PRO F 646 -32.88 -18.69 27.92
CA PRO F 646 -33.44 -19.90 27.30
C PRO F 646 -33.70 -19.70 25.81
N GLY F 647 -33.63 -20.82 25.08
CA GLY F 647 -33.83 -20.81 23.65
C GLY F 647 -32.56 -20.67 22.83
N ARG F 648 -31.48 -20.18 23.44
CA ARG F 648 -30.18 -20.09 22.79
C ARG F 648 -29.15 -21.00 23.44
N LEU F 649 -28.95 -20.85 24.75
CA LEU F 649 -28.00 -21.68 25.48
C LEU F 649 -28.49 -21.75 26.93
N ASP F 650 -29.16 -22.84 27.28
CA ASP F 650 -29.79 -22.98 28.58
C ASP F 650 -29.11 -23.98 29.49
N GLN F 651 -28.34 -24.92 28.95
CA GLN F 651 -27.70 -25.93 29.79
C GLN F 651 -26.59 -25.31 30.63
N LEU F 652 -26.39 -25.87 31.82
CA LEU F 652 -25.38 -25.39 32.76
C LEU F 652 -24.79 -26.62 33.47
N ILE F 653 -23.68 -27.12 32.93
CA ILE F 653 -22.99 -28.27 33.50
C ILE F 653 -21.99 -27.77 34.53
N TYR F 654 -22.24 -28.09 35.79
CA TYR F 654 -21.31 -27.75 36.86
C TYR F 654 -20.26 -28.84 37.00
N VAL F 655 -19.00 -28.44 37.02
CA VAL F 655 -17.88 -29.37 37.11
C VAL F 655 -17.21 -29.25 38.48
N ASP F 659 -12.26 -34.85 41.24
CA ASP F 659 -12.24 -35.37 42.61
C ASP F 659 -11.00 -36.23 42.84
N GLU F 660 -11.01 -36.99 43.93
CA GLU F 660 -9.86 -37.84 44.24
C GLU F 660 -9.70 -38.94 43.19
N ASN F 661 -10.80 -39.60 42.84
CA ASN F 661 -10.72 -40.67 41.84
C ASN F 661 -10.39 -40.09 40.47
N ALA F 662 -10.98 -38.95 40.12
CA ALA F 662 -10.67 -38.31 38.85
C ALA F 662 -9.21 -37.87 38.82
N ARG F 663 -8.70 -37.36 39.94
CA ARG F 663 -7.30 -36.97 40.00
C ARG F 663 -6.38 -38.18 39.84
N LEU F 664 -6.73 -39.30 40.50
CA LEU F 664 -5.92 -40.50 40.35
C LEU F 664 -5.94 -41.01 38.92
N SER F 665 -7.11 -40.98 38.27
CA SER F 665 -7.19 -41.43 36.88
C SER F 665 -6.39 -40.51 35.96
N ILE F 666 -6.42 -39.20 36.21
CA ILE F 666 -5.65 -38.27 35.40
C ILE F 666 -4.16 -38.51 35.59
N LEU F 667 -3.74 -38.74 36.83
CA LEU F 667 -2.32 -39.02 37.09
C LEU F 667 -1.88 -40.34 36.46
N ASN F 668 -2.77 -41.33 36.42
CA ASN F 668 -2.41 -42.60 35.81
C ASN F 668 -2.41 -42.53 34.28
N ALA F 669 -3.25 -41.66 33.70
CA ALA F 669 -3.25 -41.50 32.27
C ALA F 669 -2.11 -40.61 31.79
N GLN F 670 -1.67 -39.67 32.63
CA GLN F 670 -0.55 -38.82 32.25
C GLN F 670 0.77 -39.57 32.32
N LEU F 671 0.87 -40.57 33.20
CA LEU F 671 2.08 -41.38 33.34
C LEU F 671 1.96 -42.71 32.61
N ARG F 672 1.25 -42.74 31.49
CA ARG F 672 1.09 -43.97 30.74
C ARG F 672 2.39 -44.33 30.02
N LYS F 673 2.85 -43.47 29.12
CA LYS F 673 4.10 -43.69 28.40
C LYS F 673 5.26 -42.99 29.13
N THR F 674 5.43 -43.36 30.39
CA THR F 674 6.46 -42.77 31.23
C THR F 674 7.08 -43.90 32.07
N PRO F 675 8.41 -44.02 32.09
CA PRO F 675 9.04 -45.05 32.94
C PRO F 675 9.07 -44.68 34.41
N LEU F 676 7.95 -44.93 35.09
CA LEU F 676 7.83 -44.65 36.50
C LEU F 676 8.52 -45.73 37.33
N GLU F 677 8.98 -45.35 38.52
CA GLU F 677 9.58 -46.32 39.42
C GLU F 677 8.51 -47.29 39.91
N PRO F 678 8.82 -48.60 39.95
CA PRO F 678 7.80 -49.56 40.40
C PRO F 678 7.35 -49.34 41.83
N GLY F 679 8.25 -48.90 42.71
CA GLY F 679 7.89 -48.65 44.09
C GLY F 679 7.33 -47.25 44.29
N LEU F 680 6.16 -46.98 43.71
CA LEU F 680 5.54 -45.66 43.80
C LEU F 680 4.04 -45.82 43.66
N GLU F 681 3.29 -45.15 44.53
CA GLU F 681 1.84 -45.14 44.48
C GLU F 681 1.34 -43.72 44.26
N LEU F 682 0.34 -43.58 43.40
CA LEU F 682 -0.22 -42.27 43.07
C LEU F 682 -1.44 -41.93 43.91
N THR F 683 -1.87 -42.82 44.81
CA THR F 683 -3.02 -42.52 45.65
C THR F 683 -2.68 -41.45 46.68
N ALA F 684 -1.42 -41.37 47.12
CA ALA F 684 -1.03 -40.34 48.06
C ALA F 684 -1.13 -38.96 47.43
N ILE F 685 -0.71 -38.83 46.17
CA ILE F 685 -0.83 -37.53 45.49
C ILE F 685 -2.29 -37.17 45.26
N ALA F 686 -3.13 -38.17 44.98
CA ALA F 686 -4.55 -37.91 44.78
C ALA F 686 -5.22 -37.46 46.07
N LYS F 687 -4.84 -38.06 47.20
CA LYS F 687 -5.44 -37.71 48.47
C LYS F 687 -4.90 -36.39 49.00
N ALA F 688 -3.64 -36.08 48.74
CA ALA F 688 -3.07 -34.82 49.23
C ALA F 688 -3.62 -33.63 48.44
N THR F 689 -3.80 -33.79 47.13
CA THR F 689 -4.31 -32.72 46.29
C THR F 689 -5.83 -32.85 46.18
N GLN F 690 -6.54 -31.84 46.65
CA GLN F 690 -7.99 -31.82 46.68
C GLN F 690 -8.57 -30.81 45.70
N GLY F 691 -8.16 -29.55 45.80
CA GLY F 691 -8.68 -28.52 44.92
C GLY F 691 -7.74 -28.23 43.77
N PHE F 692 -7.06 -29.27 43.30
CA PHE F 692 -6.10 -29.14 42.21
C PHE F 692 -6.83 -29.33 40.88
N SER F 693 -6.07 -29.48 39.80
CA SER F 693 -6.65 -29.64 38.47
C SER F 693 -5.66 -30.41 37.61
N GLY F 694 -6.10 -30.78 36.41
CA GLY F 694 -5.24 -31.53 35.52
C GLY F 694 -4.00 -30.76 35.10
N ALA F 695 -4.15 -29.44 34.96
CA ALA F 695 -2.99 -28.61 34.62
C ALA F 695 -1.95 -28.64 35.74
N ASP F 696 -2.39 -28.59 37.00
CA ASP F 696 -1.44 -28.62 38.11
C ASP F 696 -0.81 -30.01 38.25
N LEU F 697 -1.55 -31.07 37.97
CA LEU F 697 -0.97 -32.40 37.95
C LEU F 697 0.09 -32.53 36.86
N LEU F 698 -0.21 -31.98 35.68
CA LEU F 698 0.77 -32.00 34.60
C LEU F 698 2.01 -31.20 34.97
N TYR F 699 1.83 -30.06 35.63
CA TYR F 699 2.97 -29.25 36.05
C TYR F 699 3.81 -30.00 37.08
N ILE F 700 3.16 -30.69 38.02
CA ILE F 700 3.90 -31.46 39.02
C ILE F 700 4.67 -32.59 38.35
N VAL F 701 4.03 -33.28 37.40
CA VAL F 701 4.72 -34.36 36.69
C VAL F 701 5.89 -33.83 35.90
N GLN F 702 5.74 -32.64 35.29
CA GLN F 702 6.82 -32.06 34.52
C GLN F 702 7.97 -31.63 35.42
N ARG F 703 7.66 -31.13 36.62
CA ARG F 703 8.72 -30.78 37.55
C ARG F 703 9.46 -32.02 38.03
N ALA F 704 8.73 -33.11 38.28
CA ALA F 704 9.38 -34.36 38.65
C ALA F 704 10.27 -34.87 37.53
N ALA F 705 9.79 -34.79 36.29
CA ALA F 705 10.60 -35.21 35.15
C ALA F 705 11.84 -34.34 35.01
N LYS F 706 11.71 -33.03 35.24
CA LYS F 706 12.86 -32.14 35.17
C LYS F 706 13.88 -32.49 36.25
N TYR F 707 13.41 -32.79 37.46
CA TYR F 707 14.33 -33.19 38.53
C TYR F 707 15.03 -34.49 38.18
N ALA F 708 14.29 -35.44 37.61
CA ALA F 708 14.89 -36.71 37.22
C ALA F 708 15.92 -36.51 36.12
N ILE F 709 15.63 -35.63 35.16
CA ILE F 709 16.58 -35.36 34.08
C ILE F 709 17.82 -34.68 34.61
N LYS F 710 17.65 -33.75 35.57
CA LYS F 710 18.82 -33.11 36.17
C LYS F 710 19.68 -34.12 36.92
N ASP F 711 19.04 -35.02 37.67
CA ASP F 711 19.80 -36.05 38.37
C ASP F 711 20.52 -36.97 37.39
N SER F 712 19.85 -37.33 36.29
CA SER F 712 20.48 -38.20 35.29
C SER F 712 21.67 -37.51 34.65
N ILE F 713 21.55 -36.22 34.34
CA ILE F 713 22.65 -35.49 33.72
C ILE F 713 23.80 -35.35 34.71
N GLU F 714 23.50 -35.15 35.99
CA GLU F 714 24.56 -35.07 37.00
C GLU F 714 25.28 -36.41 37.12
N ALA F 715 24.53 -37.52 37.12
CA ALA F 715 25.16 -38.83 37.20
C ALA F 715 26.00 -39.11 35.96
N HIS F 716 25.51 -38.68 34.78
CA HIS F 716 26.27 -38.89 33.56
C HIS F 716 27.56 -38.08 33.57
N ARG F 717 27.51 -36.84 34.06
CA ARG F 717 28.72 -36.03 34.15
C ARG F 717 29.70 -36.61 35.16
N GLN F 718 29.19 -37.14 36.27
CA GLN F 718 30.06 -37.79 37.24
C GLN F 718 30.72 -39.02 36.65
N HIS F 719 29.98 -39.82 35.89
CA HIS F 719 30.55 -41.00 35.27
C HIS F 719 31.58 -40.61 34.22
N GLU F 720 31.31 -39.56 33.45
CA GLU F 720 32.29 -39.10 32.46
C GLU F 720 33.56 -38.61 33.14
N ALA F 721 33.43 -37.88 34.25
CA ALA F 721 34.60 -37.41 34.98
C ALA F 721 35.39 -38.57 35.55
N GLU F 722 34.70 -39.60 36.07
CA GLU F 722 35.39 -40.76 36.60
C GLU F 722 36.10 -41.54 35.49
N LYS F 723 35.49 -41.60 34.31
CA LYS F 723 36.14 -42.27 33.18
C LYS F 723 37.36 -41.49 32.72
N GLU F 724 37.29 -40.16 32.74
CA GLU F 724 38.41 -39.34 32.30
C GLU F 724 39.54 -39.32 33.31
N VAL F 725 39.25 -39.61 34.58
CA VAL F 725 40.27 -39.64 35.61
C VAL F 725 40.87 -41.04 35.71
N GLU F 744 31.73 -48.80 34.83
CA GLU F 744 30.72 -48.17 33.98
C GLU F 744 29.32 -48.45 34.49
N PRO F 745 28.49 -47.42 34.59
CA PRO F 745 27.10 -47.61 35.02
C PRO F 745 26.25 -48.23 33.92
N GLU F 746 24.94 -48.34 34.19
CA GLU F 746 24.02 -48.91 33.21
C GLU F 746 23.70 -47.87 32.14
N VAL F 747 22.68 -48.14 31.33
CA VAL F 747 22.29 -47.20 30.29
C VAL F 747 21.82 -45.89 30.90
N ASP F 748 21.08 -45.97 32.01
CA ASP F 748 20.65 -44.80 32.75
C ASP F 748 20.89 -45.04 34.23
N PRO F 749 21.63 -44.16 34.92
CA PRO F 749 21.78 -44.34 36.37
C PRO F 749 20.47 -44.27 37.13
N VAL F 750 19.49 -43.53 36.61
CA VAL F 750 18.15 -43.48 37.19
C VAL F 750 17.15 -43.76 36.07
N PRO F 751 16.96 -45.01 35.67
CA PRO F 751 16.04 -45.28 34.55
C PRO F 751 14.59 -44.98 34.85
N TYR F 752 14.19 -44.99 36.12
CA TYR F 752 12.82 -44.71 36.52
C TYR F 752 12.79 -43.55 37.50
N ILE F 753 11.67 -42.84 37.53
CA ILE F 753 11.50 -41.70 38.43
C ILE F 753 11.13 -42.23 39.80
N THR F 754 12.01 -42.01 40.78
CA THR F 754 11.79 -42.49 42.13
C THR F 754 10.78 -41.58 42.84
N LYS F 755 10.43 -41.95 44.08
CA LYS F 755 9.51 -41.15 44.87
C LYS F 755 10.14 -39.84 45.32
N GLU F 756 11.47 -39.78 45.43
CA GLU F 756 12.11 -38.54 45.86
C GLU F 756 11.92 -37.44 44.82
N HIS F 757 11.95 -37.80 43.53
CA HIS F 757 11.73 -36.79 42.51
C HIS F 757 10.33 -36.19 42.60
N PHE F 758 9.33 -37.04 42.83
CA PHE F 758 7.96 -36.54 42.99
C PHE F 758 7.83 -35.71 44.25
N ALA F 759 8.45 -36.15 45.35
CA ALA F 759 8.37 -35.41 46.60
C ALA F 759 9.07 -34.06 46.51
N GLU F 760 10.07 -33.94 45.64
CA GLU F 760 10.74 -32.67 45.44
C GLU F 760 10.04 -31.79 44.40
N ALA F 761 9.31 -32.40 43.47
CA ALA F 761 8.54 -31.62 42.52
C ALA F 761 7.25 -31.09 43.12
N MET F 762 6.68 -31.80 44.09
CA MET F 762 5.47 -31.36 44.76
C MET F 762 5.74 -30.30 45.81
N LYS F 763 7.01 -29.99 46.09
CA LYS F 763 7.31 -28.96 47.08
C LYS F 763 6.90 -27.58 46.57
N THR F 764 7.08 -27.32 45.28
CA THR F 764 6.76 -26.03 44.67
C THR F 764 5.54 -26.13 43.78
N ALA F 765 4.54 -26.90 44.21
CA ALA F 765 3.30 -27.07 43.47
C ALA F 765 2.20 -26.24 44.11
N LYS F 766 1.49 -25.47 43.29
CA LYS F 766 0.43 -24.59 43.74
C LYS F 766 -0.91 -25.06 43.17
N ARG F 767 -1.95 -24.27 43.44
CA ARG F 767 -3.28 -24.55 42.90
C ARG F 767 -3.64 -23.55 41.82
N ALA G 1 20.58 -22.11 -36.79
CA ALA G 1 20.96 -22.03 -35.35
C ALA G 1 19.87 -21.34 -34.54
N ALA G 2 19.80 -21.65 -33.25
CA ALA G 2 18.79 -21.09 -32.36
C ALA G 2 19.33 -19.83 -31.69
N ALA G 3 18.47 -19.17 -30.92
CA ALA G 3 18.85 -17.96 -30.21
C ALA G 3 18.00 -17.83 -28.96
N ALA G 4 18.52 -17.08 -27.99
CA ALA G 4 17.85 -16.83 -26.72
C ALA G 4 17.32 -15.40 -26.72
N ALA G 5 16.59 -15.06 -25.66
CA ALA G 5 16.04 -13.72 -25.54
C ALA G 5 15.76 -13.41 -24.08
N ALA G 6 15.98 -12.15 -23.69
CA ALA G 6 15.77 -11.70 -22.33
C ALA G 6 14.48 -10.89 -22.25
N ALA G 7 13.84 -10.94 -21.08
CA ALA G 7 12.60 -10.22 -20.85
C ALA G 7 12.44 -9.93 -19.38
N ALA G 8 12.17 -8.68 -19.03
CA ALA G 8 11.93 -8.26 -17.66
C ALA G 8 10.80 -7.24 -17.68
N ALA G 9 9.62 -7.64 -17.21
CA ALA G 9 8.42 -6.83 -17.43
C ALA G 9 8.12 -5.90 -16.25
N ALA G 10 7.82 -6.47 -15.08
CA ALA G 10 7.36 -5.69 -13.94
C ALA G 10 7.25 -6.64 -12.74
N ALA G 11 6.73 -6.12 -11.64
CA ALA G 11 6.51 -6.90 -10.42
C ALA G 11 5.25 -6.36 -9.74
N ALA G 12 5.05 -6.76 -8.48
CA ALA G 12 3.88 -6.35 -7.71
C ALA G 12 4.31 -5.87 -6.35
N ALA G 13 3.85 -4.68 -5.96
CA ALA G 13 4.24 -4.03 -4.72
C ALA G 13 3.05 -3.98 -3.76
N VAL G 14 3.33 -3.59 -2.52
CA VAL G 14 2.32 -3.49 -1.47
C VAL G 14 2.38 -2.11 -0.85
N ALA G 15 1.24 -1.47 -0.71
CA ALA G 15 1.13 -0.14 -0.12
C ALA G 15 0.55 -0.23 1.29
N VAL G 16 0.66 0.88 2.01
CA VAL G 16 0.17 0.98 3.38
C VAL G 16 -0.69 2.24 3.49
N ALA G 17 -1.87 2.10 4.10
CA ALA G 17 -2.83 3.19 4.19
C ALA G 17 -3.06 3.58 5.64
N VAL G 18 -3.60 4.78 5.83
CA VAL G 18 -3.90 5.33 7.15
C VAL G 18 -5.40 5.48 7.27
N ALA G 19 -5.91 5.28 8.48
CA ALA G 19 -7.34 5.39 8.76
C ALA G 19 -7.57 6.41 9.87
N VAL G 20 -8.83 6.83 10.00
CA VAL G 20 -9.23 7.81 11.00
C VAL G 20 -10.37 7.21 11.81
N ALA G 21 -10.09 6.91 13.08
CA ALA G 21 -11.08 6.30 13.96
C ALA G 21 -11.87 7.39 14.67
N ALA G 22 -13.19 7.26 14.68
CA ALA G 22 -14.04 8.22 15.37
C ALA G 22 -14.04 7.96 16.87
N ARG H 125 53.12 -13.19 -19.35
CA ARG H 125 52.06 -13.80 -20.20
C ARG H 125 50.68 -13.41 -19.70
N PHE H 126 49.95 -12.63 -20.50
CA PHE H 126 48.62 -12.19 -20.14
C PHE H 126 47.73 -12.18 -21.37
N MET H 127 46.44 -12.45 -21.14
CA MET H 127 45.45 -12.44 -22.20
C MET H 127 44.10 -12.18 -21.54
N SER H 128 43.26 -11.39 -22.19
CA SER H 128 41.93 -11.09 -21.68
C SER H 128 40.87 -11.86 -22.45
N PHE H 129 39.74 -12.10 -21.77
CA PHE H 129 38.68 -12.91 -22.35
C PHE H 129 38.17 -12.31 -23.66
N SER H 130 37.92 -11.00 -23.67
CA SER H 130 37.44 -10.36 -24.89
C SER H 130 38.42 -10.56 -26.02
N ASP H 131 39.73 -10.52 -25.72
CA ASP H 131 40.73 -10.75 -26.75
C ASP H 131 40.60 -12.15 -27.34
N MET H 132 40.43 -13.16 -26.48
CA MET H 132 40.33 -14.53 -26.98
C MET H 132 39.04 -14.72 -27.77
N VAL H 133 37.97 -13.99 -27.40
CA VAL H 133 36.73 -14.08 -28.16
C VAL H 133 36.91 -13.46 -29.54
N ARG H 134 37.56 -12.29 -29.60
CA ARG H 134 37.80 -11.66 -30.90
C ARG H 134 38.67 -12.55 -31.78
N GLY H 135 39.73 -13.14 -31.19
CA GLY H 135 40.57 -14.04 -31.95
C GLY H 135 39.82 -15.25 -32.47
N GLN H 136 38.97 -15.85 -31.64
CA GLN H 136 38.18 -17.00 -32.09
C GLN H 136 37.22 -16.59 -33.19
N ALA H 137 36.61 -15.40 -33.08
CA ALA H 137 35.72 -14.93 -34.14
C ALA H 137 36.48 -14.74 -35.44
N ASP H 138 37.69 -14.19 -35.39
CA ASP H 138 38.48 -14.01 -36.60
C ASP H 138 38.80 -15.34 -37.25
N ASP H 139 39.14 -16.34 -36.45
CA ASP H 139 39.43 -17.67 -36.97
C ASP H 139 38.25 -18.24 -37.75
N ARG I 125 35.48 15.39 -35.97
CA ARG I 125 35.16 13.95 -35.74
C ARG I 125 34.05 13.81 -34.70
N PHE I 126 32.93 13.26 -35.13
CA PHE I 126 31.77 13.07 -34.27
C PHE I 126 31.09 11.78 -34.66
N MET I 127 30.42 11.14 -33.69
CA MET I 127 29.70 9.91 -33.96
C MET I 127 28.65 9.70 -32.89
N SER I 128 27.54 9.11 -33.29
CA SER I 128 26.45 8.76 -32.38
C SER I 128 26.29 7.25 -32.34
N PHE I 129 25.77 6.75 -31.22
CA PHE I 129 25.65 5.31 -31.04
C PHE I 129 24.82 4.68 -32.17
N SER I 130 23.74 5.34 -32.57
CA SER I 130 22.89 4.77 -33.62
C SER I 130 23.67 4.65 -34.93
N ASP I 131 24.47 5.67 -35.26
CA ASP I 131 25.29 5.59 -36.46
C ASP I 131 26.18 4.35 -36.43
N MET I 132 26.85 4.11 -35.30
CA MET I 132 27.74 2.97 -35.18
C MET I 132 26.96 1.65 -35.31
N VAL I 133 25.80 1.56 -34.66
CA VAL I 133 24.99 0.36 -34.74
C VAL I 133 24.60 0.09 -36.19
N ARG I 134 24.16 1.13 -36.90
CA ARG I 134 23.76 0.94 -38.30
C ARG I 134 24.94 0.55 -39.16
N GLY I 135 26.11 1.17 -38.95
CA GLY I 135 27.29 0.80 -39.69
C GLY I 135 27.65 -0.66 -39.51
N GLN I 136 27.69 -1.12 -38.26
CA GLN I 136 27.99 -2.53 -38.00
C GLN I 136 26.91 -3.45 -38.56
N ALA I 137 25.64 -3.01 -38.53
CA ALA I 137 24.58 -3.82 -39.11
C ALA I 137 24.72 -3.94 -40.62
N ASP I 138 25.32 -2.93 -41.27
CA ASP I 138 25.50 -3.01 -42.71
C ASP I 138 26.35 -4.22 -43.10
N ASP I 139 27.41 -4.48 -42.36
CA ASP I 139 28.27 -5.63 -42.64
C ASP I 139 27.68 -6.90 -42.05
N ARG J 125 0.11 11.05 -47.69
CA ARG J 125 1.04 11.55 -46.63
C ARG J 125 0.42 11.39 -45.24
N PHE J 126 0.23 10.14 -44.83
CA PHE J 126 -0.32 9.82 -43.52
C PHE J 126 0.12 8.42 -43.14
N MET J 127 0.51 8.26 -41.87
CA MET J 127 0.90 6.95 -41.38
C MET J 127 0.50 6.82 -39.92
N SER J 128 0.34 5.59 -39.47
CA SER J 128 0.07 5.28 -38.08
C SER J 128 1.09 4.28 -37.59
N PHE J 129 1.27 4.22 -36.26
CA PHE J 129 2.30 3.37 -35.68
C PHE J 129 2.08 1.91 -36.04
N SER J 130 0.85 1.41 -35.84
CA SER J 130 0.59 0.01 -36.09
C SER J 130 0.74 -0.33 -37.57
N ASP J 131 0.46 0.62 -38.45
CA ASP J 131 0.68 0.40 -39.88
C ASP J 131 2.15 0.11 -40.16
N MET J 132 3.05 0.95 -39.65
CA MET J 132 4.47 0.73 -39.85
C MET J 132 4.91 -0.57 -39.22
N VAL J 133 4.41 -0.88 -38.02
CA VAL J 133 4.81 -2.13 -37.38
C VAL J 133 4.39 -3.32 -38.21
N ARG J 134 3.19 -3.27 -38.82
CA ARG J 134 2.75 -4.36 -39.68
C ARG J 134 3.61 -4.44 -40.93
N GLY J 135 3.91 -3.30 -41.54
CA GLY J 135 4.73 -3.28 -42.74
C GLY J 135 6.06 -3.98 -42.57
N GLN J 136 6.87 -3.50 -41.64
CA GLN J 136 8.17 -4.11 -41.37
C GLN J 136 8.01 -5.55 -40.91
PA 08T K . 31.72 -32.82 -2.71
PB 08T K . 28.84 -32.11 -2.79
BE 08T K . 27.30 -30.17 -3.90
C5' 08T K . 34.01 -31.85 -1.84
O5' 08T K . 32.66 -32.29 -1.56
C4' 08T K . 34.79 -32.08 -0.57
O4' 08T K . 33.88 -32.43 0.49
C3' 08T K . 35.78 -33.26 -0.70
O3' 08T K . 37.01 -32.90 -0.08
C2' 08T K . 35.07 -34.37 0.07
O2' 08T K . 36.01 -35.29 0.62
C1' 08T K . 34.39 -33.56 1.16
N1 08T K . 32.78 -37.73 3.74
O1A 08T K . 31.38 -34.23 -2.47
O1B 08T K . 28.31 -32.81 -1.54
F1 08T K . 27.70 -30.73 -5.27
C2 08T K . 33.99 -37.35 3.32
O2A 08T K . 32.29 -32.52 -4.09
O2B 08T K . 28.58 -32.83 -4.06
F2 08T K . 25.86 -30.61 -3.51
N3 08T K . 34.34 -36.26 2.65
O3A 08T K . 30.40 -31.97 -2.54
O3B 08T K . 28.33 -30.69 -2.80
F3 08T K . 27.29 -28.63 -3.97
C4 08T K . 33.28 -35.47 2.41
C5 08T K . 31.97 -35.72 2.79
C6 08T K . 31.73 -36.92 3.48
N6 08T K . 30.53 -37.30 3.91
N7 08T K . 31.13 -34.70 2.37
C8 08T K . 31.95 -33.86 1.77
N9 08T K . 33.25 -34.27 1.76
H1 08T K . 34.41 -32.35 -2.75
H2 08T K . 34.00 -30.78 -2.19
H3 08T K . 35.36 -31.15 -0.31
H4 08T K . 35.94 -33.56 -1.76
H5 08T K . 37.71 -33.06 -0.70
H6 08T K . 34.30 -34.89 -0.55
H7 08T K . 36.46 -35.93 0.08
H8 08T K . 35.11 -33.28 1.95
H10 08T K . 34.81 -38.05 3.55
H12 08T K . 29.89 -38.00 3.51
H13 08T K . 30.17 -36.83 4.75
H14 08T K . 31.61 -32.93 1.31
MG MG L . 28.67 -31.88 -6.48
PA 08T M . 21.00 -4.23 27.41
PB 08T M . 18.11 -4.53 27.96
BE 08T M . 16.41 -3.15 26.34
C5' 08T M . 22.68 -2.22 27.55
O5' 08T M . 21.97 -3.28 28.21
C4' 08T M . 23.99 -2.01 28.29
O4' 08T M . 23.71 -1.76 29.68
C3' 08T M . 24.87 -3.24 28.26
O3' 08T M . 25.71 -3.19 27.12
C2' 08T M . 25.68 -3.08 29.56
O2' 08T M . 26.82 -2.25 29.33
C1' 08T M . 24.66 -2.43 30.50
N1 08T M . 24.94 -6.47 33.68
O1A 08T M . 20.90 -3.79 26.01
O1B 08T M . 17.75 -5.00 29.37
F1 08T M . 17.05 -3.99 25.23
C2 08T M . 25.89 -5.73 33.09
O2A 08T M . 21.37 -5.69 27.57
O2B 08T M . 18.00 -5.55 26.90
F2 08T M . 14.95 -3.62 26.63
N3 08T M . 25.76 -4.69 32.27
O3A 08T M . 19.59 -4.00 28.08
O3B 08T M . 17.29 -3.29 27.66
F3 08T M . 16.31 -1.68 25.88
C4 08T M . 24.46 -4.42 32.07
C5 08T M . 23.37 -5.08 32.61
C6 08T M . 23.65 -6.17 33.46
N6 08T M . 22.71 -6.90 34.06
N7 08T M . 22.19 -4.51 32.17
C8 08T M . 22.58 -3.53 31.39
N9 08T M . 23.94 -3.41 31.29
H1 08T M . 22.05 -1.31 27.47
H2 08T M . 22.82 -2.46 26.47
H3 08T M . 24.52 -1.15 27.83
H4 08T M . 24.28 -4.18 28.29
H6 08T M . 25.99 -4.08 29.95
H7 08T M . 27.68 -2.47 29.67
H8 08T M . 25.18 -1.71 31.18
H10 08T M . 26.93 -6.03 33.31
H12 08T M . 21.80 -6.60 34.42
H13 08T M . 22.93 -7.89 34.16
H14 08T M . 21.87 -2.87 30.87
MG MG N . 17.87 -4.98 23.87
PA 08T O . 40.13 0.23 -7.02
PB 08T O . 37.78 -1.16 -5.88
BE 08T O . 35.34 -1.17 -7.07
C5' 08T O . 40.76 2.71 -7.60
O5' 08T O . 40.60 1.67 -6.61
C4' 08T O . 41.90 3.58 -7.15
O4' 08T O . 41.79 3.85 -5.75
C3' 08T O . 43.25 2.89 -7.29
O3' 08T O . 43.74 3.06 -8.61
C2' 08T O . 44.10 3.66 -6.27
O2' 08T O . 44.61 4.85 -6.87
C1' 08T O . 43.08 3.98 -5.17
N1 08T O . 46.05 1.79 -1.58
O1A 08T O . 39.80 0.19 -8.46
O1B 08T O . 37.97 -1.42 -4.39
F1 08T O . 36.06 -2.11 -8.05
C2 08T O . 46.33 2.67 -2.55
O2A 08T O . 41.12 -0.84 -6.58
O2B 08T O . 38.03 -2.32 -6.76
F2 08T O . 34.24 -1.91 -6.25
N3 08T O . 45.50 3.20 -3.45
O3A 08T O . 38.81 0.00 -6.21
O3B 08T O . 36.43 -0.53 -6.09
F3 08T O . 34.62 -0.05 -7.85
C4 08T O . 44.25 2.74 -3.31
C5 08T O . 43.81 1.84 -2.36
C6 08T O . 44.78 1.34 -1.45
N6 08T O . 44.51 0.47 -0.48
N7 08T O . 42.46 1.59 -2.49
C8 08T O . 42.12 2.35 -3.51
N9 08T O . 43.16 3.06 -4.05
H1 08T O . 39.81 3.26 -7.75
H2 08T O . 40.90 2.27 -8.61
H3 08T O . 41.91 4.53 -7.75
H4 08T O . 43.19 1.81 -7.02
H5 08T O . 44.27 2.31 -8.84
H6 08T O . 44.91 3.01 -5.87
H7 08T O . 45.50 4.90 -7.20
H8 08T O . 43.23 5.03 -4.81
H10 08T O . 47.38 3.00 -2.60
H12 08T O . 44.13 0.66 0.45
H13 08T O . 44.70 -0.51 -0.70
H14 08T O . 41.09 2.39 -3.90
MG MG P . 37.13 -2.93 -9.32
PA 08T Q . 16.79 27.90 16.80
PB 08T Q . 15.05 25.95 18.18
BE 08T Q . 12.61 24.90 17.55
C5' 08T Q . 15.91 30.33 16.34
O5' 08T Q . 16.67 29.42 17.17
C4' 08T Q . 16.85 31.39 15.82
O4' 08T Q . 17.08 32.36 16.86
C3' 08T Q . 18.23 30.85 15.46
O3' 08T Q . 18.25 30.54 14.07
C2' 08T Q . 19.14 32.03 15.77
O2' 08T Q . 19.19 32.93 14.66
C1' 08T Q . 18.45 32.67 16.97
N1 08T Q . 22.29 32.47 20.40
O1A 08T Q . 16.75 27.71 15.34
O1B 08T Q . 15.56 26.13 19.61
F1 08T Q . 13.48 23.87 16.83
C2 08T Q . 22.18 33.11 19.23
O2A 08T Q . 17.98 27.24 17.47
O2B 08T Q . 15.57 24.75 17.48
F2 08T Q . 11.72 24.23 18.63
N3 08T Q . 21.14 33.12 18.38
O3A 08T Q . 15.50 27.26 17.42
O3B 08T Q . 13.54 26.02 18.20
F3 08T Q . 11.64 25.54 16.53
C4 08T Q . 20.14 32.37 18.84
C5 08T Q . 20.11 31.65 20.02
C6 08T Q . 21.26 31.72 20.83
N6 08T Q . 21.38 31.09 22.00
N7 08T Q . 18.90 30.99 20.16
C8 08T Q . 18.24 31.31 19.09
N9 08T Q . 18.92 32.14 18.24
H1 08T Q . 15.36 29.77 15.55
H2 08T Q . 15.05 30.73 16.92
H3 08T Q . 16.39 31.87 14.93
H4 08T Q . 18.53 29.96 16.07
H6 08T Q . 20.16 31.70 16.06
H7 08T Q . 20.01 33.17 14.24
H8 08T Q . 18.61 33.78 16.95
H10 08T Q . 23.05 33.70 18.92
H12 08T Q . 20.76 31.10 22.80
H13 08T Q . 22.22 30.51 22.10
H14 08T Q . 17.22 30.95 18.87
MG MG R . 14.98 24.07 15.84
PA 08T S . 19.12 22.35 -22.55
PB 08T S . 18.81 20.74 -20.10
BE 08T S . 17.24 18.65 -19.37
C5' 08T S . 17.41 23.77 -23.95
O5' 08T S . 18.30 23.67 -22.83
C4' 08T S . 17.24 25.22 -24.28
O4' 08T S . 17.53 26.01 -23.10
C3' 08T S . 18.20 25.69 -25.36
O3' 08T S . 17.51 26.49 -26.32
C2' 08T S . 19.24 26.52 -24.60
O2' 08T S . 19.71 27.60 -25.41
C1' 08T S . 18.40 27.06 -23.43
N1 08T S . 22.35 29.71 -21.46
O1A 08T S . 18.93 21.40 -23.66
O1B 08T S . 19.37 21.63 -18.99
F1 08T S . 18.06 17.83 -20.38
C2 08T S . 21.82 29.69 -22.69
O2A 08T S . 20.58 22.64 -22.22
O2B 08T S . 19.72 19.68 -20.58
F2 08T S . 17.63 18.30 -17.91
N3 08T S . 20.77 28.97 -23.13
O3A 08T S . 18.46 21.74 -21.27
O3B 08T S . 17.47 20.20 -19.65
F3 08T S . 15.74 18.29 -19.52
C4 08T S . 20.28 28.20 -22.17
C5 08T S . 20.73 28.10 -20.87
C6 08T S . 21.83 28.91 -20.51
N6 08T S . 22.38 28.93 -19.29
N7 08T S . 19.97 27.19 -20.15
C8 08T S . 19.09 26.77 -21.02
N9 08T S . 19.22 27.33 -22.27
H1 08T S . 16.46 23.24 -23.71
H2 08T S . 17.76 23.14 -24.80
H3 08T S . 16.18 25.40 -24.61
H4 08T S . 18.71 24.83 -25.86
H5 08T S . 17.66 26.12 -27.18
H6 08T S . 20.07 25.89 -24.21
H7 08T S . 20.50 27.52 -25.92
H8 08T S . 17.84 27.97 -23.73
H10 08T S . 22.29 30.36 -23.42
H12 08T S . 22.19 29.57 -18.52
H13 08T S . 23.07 28.21 -19.10
H14 08T S . 18.32 26.01 -20.78
MG MG T . 19.38 17.80 -21.70
PA 08T U . -12.50 38.11 2.72
PB 08T U . -11.84 36.65 5.21
BE 08T U . -12.82 34.37 6.31
C5' 08T U . -14.99 38.76 2.18
O5' 08T U . -13.72 39.12 2.74
C4' 08T U . -15.32 39.75 1.10
O4' 08T U . -15.71 40.99 1.71
C3' 08T U . -14.13 40.12 0.23
O3' 08T U . -14.09 39.23 -0.89
C2' 08T U . -14.46 41.54 -0.23
O2' 08T U . -15.33 41.52 -1.35
C1' 08T U . -15.17 42.10 1.01
N1 08T U . -12.05 46.13 1.74
O1A 08T U . -12.62 37.19 1.57
O1B 08T U . -11.29 37.86 5.98
F1 08T U . -11.79 33.77 5.34
C2 08T U . -12.80 45.76 0.70
O2A 08T U . -11.15 38.81 2.81
O2B 08T U . -10.81 35.74 4.66
F2 08T U . -12.50 34.02 7.79
N3 08T U . -13.60 44.69 0.58
O3A 08T U . -12.70 37.29 4.04
O3B 08T U . -12.85 35.95 6.09
F3 08T U . -14.22 33.78 6.02
C4 08T U . -13.58 43.95 1.68
C5 08T U . -12.84 44.20 2.84
C6 08T U . -12.05 45.36 2.85
N6 08T U . -11.29 45.73 3.88
N7 08T U . -13.07 43.20 3.77
C8 08T U . -13.91 42.39 3.19
N9 08T U . -14.26 42.78 1.92
H1 08T U . -14.99 37.70 1.84
H2 08T U . -15.76 38.71 3.00
H3 08T U . -16.14 39.35 0.46
H4 08T U . -13.16 40.10 0.78
H6 08T U . -13.53 42.13 -0.43
H7 08T U . -15.14 42.02 -2.14
H8 08T U . -15.98 42.80 0.69
H10 08T U . -12.77 46.43 -0.17
H12 08T U . -10.32 46.04 3.88
H13 08T U . -11.74 45.69 4.79
H14 08T U . -14.30 41.48 3.66
MG MG V . -10.66 34.06 3.86
PA 08T W . -13.52 14.12 -29.54
PB 08T W . -11.81 14.51 -27.17
BE 08T W . -11.24 12.83 -25.11
C5' 08T W . -16.08 13.50 -29.59
O5' 08T W . -15.05 14.51 -29.56
C4' 08T W . -17.16 14.01 -30.50
O4' 08T W . -17.57 15.31 -30.04
C3' 08T W . -16.69 14.17 -31.94
O3' 08T W . -17.50 13.37 -32.79
C2' 08T W . -16.86 15.65 -32.27
O2' 08T W . -17.57 15.80 -33.50
C1' 08T W . -17.69 16.22 -31.11
N1 08T W . -16.87 21.18 -32.19
O1A 08T W . -12.75 15.00 -30.43
O1B 08T W . -11.63 16.00 -26.92
F1 08T W . -10.33 12.13 -26.13
C2 08T W . -17.44 20.20 -32.89
O2A 08T W . -13.30 12.64 -29.80
O2B 08T W . -10.66 13.86 -27.85
F2 08T W . -10.40 13.60 -24.04
N3 08T W . -17.62 18.92 -32.55
O3A 08T W . -13.11 14.42 -28.06
O3B 08T W . -12.19 13.84 -25.88
F3 08T W . -12.06 11.78 -24.34
C4 08T W . -17.13 18.68 -31.33
C5 08T W . -16.51 19.59 -30.48
C6 08T W . -16.39 20.91 -30.95
N6 08T W . -15.81 21.89 -30.25
N7 08T W . -16.15 18.97 -29.30
C8 08T W . -16.55 17.74 -29.45
N9 08T W . -17.15 17.48 -30.65
H1 08T W . -15.66 12.51 -29.87
H2 08T W . -16.42 13.30 -28.55
H3 08T W . -18.03 13.31 -30.47
H4 08T W . -15.61 13.88 -32.04
H5 08T W . -16.95 12.69 -33.17
H6 08T W . -15.87 16.17 -32.30
H7 08T W . -17.13 16.06 -34.30
H8 08T W . -18.75 16.35 -31.41
H10 08T W . -17.81 20.49 -33.88
H12 08T W . -14.82 22.13 -30.17
H13 08T W . -16.45 22.50 -29.74
H14 08T W . -16.40 16.97 -28.67
MG MG X . -9.50 12.29 -27.79
PA 08T Y . -40.51 18.54 3.45
PB 08T Y . -38.84 19.69 5.61
BE 08T Y . -37.62 18.09 7.43
C5' 08T Y . -42.64 16.99 3.57
O5' 08T Y . -42.07 18.32 3.56
C4' 08T Y . -43.86 16.99 2.70
O4' 08T Y . -44.92 17.74 3.33
C3' 08T Y . -43.66 17.66 1.35
O3' 08T Y . -43.10 16.73 0.44
C2' 08T Y . -45.09 18.04 0.98
O2' 08T Y . -45.78 16.91 0.46
C1' 08T Y . -45.64 18.47 2.35
N1 08T Y . -46.51 23.32 0.81
O1A 08T Y . -40.20 19.46 2.35
O1B 08T Y . -39.10 21.15 5.96
F1 08T Y . -36.54 18.05 6.34
C2 08T Y . -46.86 22.14 0.29
O2A 08T Y . -39.74 17.23 3.39
O2B 08T Y . -37.62 19.44 4.82
F2 08T Y . -37.08 18.75 8.73
N3 08T Y . -46.61 20.91 0.75
O3A 08T Y . -40.13 19.24 4.81
O3B 08T Y . -38.89 18.89 6.89
F3 08T Y . -38.01 16.64 7.82
C4 08T Y . -45.88 20.94 1.87
C5 08T Y . -45.43 22.08 2.52
C6 08T Y . -45.77 23.33 1.95
N6 08T Y . -45.43 24.51 2.47
N7 08T Y . -44.72 21.74 3.67
C8 08T Y . -44.75 20.44 3.66
N9 08T Y . -45.44 19.89 2.62
H1 08T Y . -42.83 16.69 4.63
H2 08T Y . -41.87 16.23 3.29
H3 08T Y . -44.19 15.93 2.54
H4 08T Y . -43.01 18.58 1.44
H6 08T Y . -45.11 18.91 0.27
H7 08T Y . -46.31 16.96 -0.33
H8 08T Y . -46.72 18.23 2.41
H10 08T Y . -47.45 22.19 -0.64
H12 08T Y . -44.54 25.00 2.38
H13 08T Y . -46.14 24.97 3.03
H14 08T Y . -44.26 19.82 4.45
MG MG Z . -36.23 18.16 4.52
PB ADP AA . -24.95 -12.62 -15.80
O1B ADP AA . -26.12 -11.64 -15.77
O2B ADP AA . -23.73 -12.06 -16.45
O3B ADP AA . -24.67 -13.15 -14.40
PA ADP AA . -26.78 -14.35 -17.39
O1A ADP AA . -27.43 -13.19 -18.03
O2A ADP AA . -26.36 -15.45 -18.36
O3A ADP AA . -25.49 -13.89 -16.61
O5' ADP AA . -27.67 -15.00 -16.25
C5' ADP AA . -27.47 -16.36 -15.83
C4' ADP AA . -28.77 -17.11 -16.02
O4' ADP AA . -29.83 -16.13 -15.91
C3' ADP AA . -28.90 -17.67 -17.44
O3' ADP AA . -29.21 -19.05 -17.29
C2' ADP AA . -30.15 -16.99 -18.00
O2' ADP AA . -30.93 -18.03 -18.60
C1' ADP AA . -30.88 -16.60 -16.73
N9 ADP AA . -31.78 -15.48 -16.93
C8 ADP AA . -31.68 -14.25 -16.33
N7 ADP AA . -32.62 -13.41 -16.68
C5 ADP AA . -33.40 -14.14 -17.57
C6 ADP AA . -34.56 -13.81 -18.30
N6 ADP AA . -35.16 -12.63 -18.25
N1 ADP AA . -35.09 -14.77 -19.10
C2 ADP AA . -34.48 -15.96 -19.15
N3 ADP AA . -33.39 -16.38 -18.51
C4 ADP AA . -32.90 -15.41 -17.73
H5'1 ADP AA . -27.09 -16.44 -14.79
H5'2 ADP AA . -26.60 -16.87 -16.29
H4' ADP AA . -28.87 -17.92 -15.26
H3' ADP AA . -27.99 -17.51 -18.06
HO3' ADP AA . -30.09 -19.19 -17.59
H2' ADP AA . -29.93 -16.13 -18.67
HO2' ADP AA . -31.83 -17.89 -18.87
H1' ADP AA . -31.41 -17.48 -16.28
H8 ADP AA . -30.88 -13.99 -15.62
HN61 ADP AA . -35.73 -12.23 -17.50
HN62 ADP AA . -35.04 -12.03 -19.07
H2 ADP AA . -34.96 -16.70 -19.82
PB ADP BA . -40.49 -7.76 20.47
O1B ADP BA . -41.62 -6.95 21.13
O2B ADP BA . -39.45 -8.20 21.45
O3B ADP BA . -39.92 -6.97 19.30
PA ADP BA . -41.02 -10.58 19.68
O1A ADP BA . -41.79 -11.13 18.55
O2A ADP BA . -39.52 -10.84 19.61
O3A ADP BA . -41.20 -9.01 19.82
O5' ADP BA . -41.54 -11.08 21.09
C5' ADP BA . -42.78 -11.80 21.23
C4' ADP BA . -42.46 -13.20 21.66
O4' ADP BA . -43.69 -13.80 22.07
C3' ADP BA . -42.02 -14.07 20.49
O3' ADP BA . -41.52 -15.26 21.07
C2' ADP BA . -43.35 -14.37 19.80
O2' ADP BA . -43.27 -15.68 19.25
C1' ADP BA . -44.33 -14.46 20.99
N9 ADP BA . -45.54 -13.71 20.71
C8 ADP BA . -45.95 -12.53 21.27
N7 ADP BA . -47.09 -12.08 20.83
C5 ADP BA . -47.46 -13.01 19.89
C6 ADP BA . -48.58 -13.11 19.03
N6 ADP BA . -49.57 -12.22 19.01
N1 ADP BA . -48.65 -14.17 18.20
C2 ADP BA . -47.66 -15.07 18.22
N3 ADP BA . -46.55 -15.08 18.98
C4 ADP BA . -46.51 -14.01 19.78
H5'1 ADP BA . -43.44 -11.74 20.33
H5'2 ADP BA . -43.50 -11.28 21.91
H4' ADP BA . -41.69 -13.19 22.47
H3' ADP BA . -41.28 -13.57 19.82
HO3' ADP BA . -41.98 -15.41 21.89
H2' ADP BA . -43.64 -13.60 19.05
HO2' ADP BA . -43.56 -16.45 19.73
H1' ADP BA . -44.57 -15.51 21.23
H8 ADP BA . -45.36 -12.02 22.07
HN61 ADP BA . -50.46 -12.24 19.51
HN62 ADP BA . -49.42 -11.40 18.42
H2 ADP BA . -47.76 -15.92 17.53
#